data_5XB6
#
_entry.id   5XB6
#
_cell.length_a   77.584
_cell.length_b   216.405
_cell.length_c   258.839
_cell.angle_alpha   90.00
_cell.angle_beta   90.00
_cell.angle_gamma   90.00
#
_symmetry.space_group_name_H-M   'P 21 21 21'
#
loop_
_entity.id
_entity.type
_entity.pdbx_description
1 polymer 'Uncharacterized protein YcjY'
2 water water
#
_entity_poly.entity_id   1
_entity_poly.type   'polypeptide(L)'
_entity_poly.pdbx_seq_one_letter_code
;MMNNKVSFTNSNNPTISLSAVIYFPPKFDETRQYQAIVLSHPGGGVKEQTAGTYAKKLAEKGFVTIAYDASYQGESGGEP
RQLENPYIRTEDISAVIDYLTTLSYVDNTRIGAMGICAGAGYTANAAIQDRRIKAIGTVSAVNIGSIFRNGWENNVKSID
ALPYVEAGSNARTSDISSGEYAIMPLAPMKESDAPNEELRQAWEYYHTPRAQYPTAPGYATLRSLNQIITYDAYHMAEVY
LTQPTQIVAGSQAGSKWMSDDLYDRASSQDKRYHIVEGANHMDLYDGKAYVAEAISVLAPFFEETL
;
_entity_poly.pdbx_strand_id   A,B,C,D,E,F,G,H,I,J,K,L
#
# COMPACT_ATOMS: atom_id res chain seq x y z
N MET A 1 -19.19 0.25 5.30
CA MET A 1 -17.98 0.93 4.87
C MET A 1 -17.37 0.27 3.65
N MET A 2 -17.17 1.04 2.59
CA MET A 2 -16.52 0.53 1.39
C MET A 2 -15.03 0.84 1.43
N ASN A 3 -14.69 2.07 1.79
CA ASN A 3 -13.31 2.47 1.94
C ASN A 3 -13.17 3.71 2.80
N ASN A 4 -11.94 4.01 3.21
CA ASN A 4 -11.66 5.19 4.03
C ASN A 4 -10.46 5.90 3.45
N LYS A 5 -10.55 7.21 3.29
CA LYS A 5 -9.38 7.98 2.91
C LYS A 5 -8.79 8.61 4.15
N VAL A 6 -7.51 8.34 4.41
CA VAL A 6 -6.85 8.88 5.58
C VAL A 6 -5.52 9.55 5.24
N SER A 7 -5.05 10.38 6.17
CA SER A 7 -3.67 10.81 6.18
C SER A 7 -3.13 10.43 7.55
N PHE A 8 -1.91 9.91 7.58
CA PHE A 8 -1.32 9.55 8.87
C PHE A 8 0.17 9.88 8.91
N THR A 9 0.71 10.05 10.11
CA THR A 9 2.12 10.40 10.21
C THR A 9 3.01 9.26 9.75
N ASN A 10 3.98 9.59 8.89
CA ASN A 10 5.02 8.63 8.49
C ASN A 10 5.98 8.41 9.64
N SER A 11 5.96 7.22 10.22
CA SER A 11 6.74 6.94 11.42
C SER A 11 8.25 7.06 11.19
N ASN A 12 8.69 6.97 9.92
CA ASN A 12 10.11 7.12 9.58
C ASN A 12 10.55 8.57 9.58
N ASN A 13 9.62 9.45 9.25
CA ASN A 13 9.89 10.87 9.13
C ASN A 13 8.64 11.64 9.54
N PRO A 14 8.49 11.89 10.84
CA PRO A 14 7.24 12.42 11.35
C PRO A 14 6.84 13.79 10.80
N THR A 15 7.69 14.41 9.97
CA THR A 15 7.31 15.67 9.34
C THR A 15 6.42 15.43 8.14
N ILE A 16 6.34 14.17 7.71
CA ILE A 16 5.58 13.81 6.52
C ILE A 16 4.34 13.01 6.92
N SER A 17 3.22 13.32 6.27
CA SER A 17 2.00 12.52 6.35
C SER A 17 1.79 11.78 5.04
N LEU A 18 1.52 10.49 5.15
CA LEU A 18 1.17 9.71 3.96
C LEU A 18 -0.35 9.78 3.76
N SER A 19 -0.76 9.93 2.50
CA SER A 19 -2.16 9.85 2.10
C SER A 19 -2.40 8.42 1.68
N ALA A 20 -3.54 7.84 2.06
CA ALA A 20 -3.86 6.48 1.64
C ALA A 20 -5.36 6.18 1.63
N VAL A 21 -5.75 5.16 0.88
CA VAL A 21 -7.11 4.66 0.91
C VAL A 21 -7.10 3.21 1.38
N ILE A 22 -7.87 2.96 2.44
CA ILE A 22 -8.09 1.61 2.94
C ILE A 22 -9.38 1.06 2.33
N TYR A 23 -9.30 -0.08 1.65
CA TYR A 23 -10.49 -0.74 1.15
C TYR A 23 -10.88 -1.90 2.08
N PHE A 24 -12.18 -1.98 2.39
CA PHE A 24 -12.71 -2.98 3.30
C PHE A 24 -13.42 -4.09 2.55
N PRO A 25 -13.31 -5.32 3.06
CA PRO A 25 -13.92 -6.48 2.41
C PRO A 25 -15.45 -6.47 2.56
N PRO A 26 -16.14 -7.32 1.79
CA PRO A 26 -17.60 -7.30 1.91
C PRO A 26 -18.05 -7.84 3.27
N LYS A 27 -19.12 -7.27 3.83
CA LYS A 27 -19.59 -7.62 5.18
C LYS A 27 -18.49 -7.39 6.21
N PHE A 28 -17.75 -6.30 6.00
CA PHE A 28 -16.70 -5.90 6.92
C PHE A 28 -17.25 -5.77 8.34
N ASP A 29 -16.53 -6.36 9.27
CA ASP A 29 -16.94 -6.40 10.67
C ASP A 29 -15.73 -6.02 11.51
N GLU A 30 -15.79 -4.82 12.09
CA GLU A 30 -14.65 -4.23 12.77
C GLU A 30 -14.23 -5.02 14.02
N THR A 31 -15.13 -5.85 14.52
CA THR A 31 -14.81 -6.70 15.67
C THR A 31 -13.85 -7.82 15.25
N ARG A 32 -13.74 -8.05 13.95
CA ARG A 32 -12.85 -9.09 13.43
C ARG A 32 -11.46 -8.53 13.16
N GLN A 33 -10.49 -9.43 13.04
CA GLN A 33 -9.11 -9.06 12.73
C GLN A 33 -8.68 -9.72 11.43
N TYR A 34 -8.57 -8.93 10.36
CA TYR A 34 -8.42 -9.48 9.01
C TYR A 34 -6.96 -9.64 8.56
N GLN A 35 -6.75 -10.51 7.58
CA GLN A 35 -5.53 -10.46 6.78
C GLN A 35 -5.52 -9.10 6.07
N ALA A 36 -4.34 -8.52 5.90
CA ALA A 36 -4.23 -7.20 5.23
C ALA A 36 -3.11 -7.15 4.18
N ILE A 37 -3.33 -6.39 3.11
CA ILE A 37 -2.33 -6.27 2.05
C ILE A 37 -1.95 -4.82 1.74
N VAL A 38 -0.65 -4.52 1.76
CA VAL A 38 -0.15 -3.20 1.41
C VAL A 38 0.19 -3.14 -0.08
N LEU A 39 -0.39 -2.17 -0.78
CA LEU A 39 -0.15 -2.03 -2.22
C LEU A 39 0.77 -0.85 -2.55
N SER A 40 1.88 -1.14 -3.20
CA SER A 40 2.80 -0.11 -3.61
C SER A 40 2.66 0.17 -5.11
N HIS A 41 2.67 1.45 -5.46
CA HIS A 41 2.43 1.89 -6.84
C HIS A 41 3.69 1.96 -7.70
N PRO A 42 3.53 1.91 -9.05
CA PRO A 42 4.65 2.05 -10.00
C PRO A 42 5.47 3.32 -9.78
N GLY A 43 6.60 3.39 -10.46
CA GLY A 43 7.41 4.60 -10.43
C GLY A 43 6.67 5.72 -11.12
N GLY A 44 6.34 6.77 -10.37
CA GLY A 44 5.61 7.89 -10.92
C GLY A 44 4.11 7.75 -10.79
N GLY A 45 3.66 6.63 -10.23
CA GLY A 45 2.24 6.36 -10.13
C GLY A 45 1.68 6.79 -8.78
N VAL A 46 0.36 6.80 -8.67
CA VAL A 46 -0.28 7.19 -7.42
C VAL A 46 -1.36 6.18 -7.01
N LYS A 47 -1.92 6.37 -5.83
CA LYS A 47 -2.90 5.41 -5.29
C LYS A 47 -4.21 5.36 -6.08
N GLU A 48 -4.47 6.36 -6.91
CA GLU A 48 -5.72 6.38 -7.69
C GLU A 48 -5.60 5.57 -8.95
N GLN A 49 -4.39 5.20 -9.31
CA GLN A 49 -4.19 4.49 -10.55
C GLN A 49 -4.21 2.98 -10.34
N THR A 50 -3.34 2.25 -11.05
CA THR A 50 -3.44 0.80 -11.05
C THR A 50 -3.37 0.18 -9.64
N ALA A 51 -2.57 0.79 -8.77
CA ALA A 51 -2.41 0.25 -7.41
C ALA A 51 -3.75 0.28 -6.66
N GLY A 52 -4.53 1.32 -6.93
CA GLY A 52 -5.85 1.43 -6.33
C GLY A 52 -6.77 0.36 -6.88
N THR A 53 -6.63 0.07 -8.17
CA THR A 53 -7.43 -0.95 -8.82
C THR A 53 -7.18 -2.29 -8.15
N TYR A 54 -5.91 -2.65 -8.01
CA TYR A 54 -5.56 -3.92 -7.38
C TYR A 54 -5.97 -3.94 -5.91
N ALA A 55 -5.87 -2.78 -5.25
CA ALA A 55 -6.27 -2.70 -3.85
C ALA A 55 -7.75 -3.06 -3.72
N LYS A 56 -8.58 -2.37 -4.49
CA LYS A 56 -10.02 -2.59 -4.48
C LYS A 56 -10.38 -4.04 -4.82
N LYS A 57 -9.79 -4.55 -5.90
CA LYS A 57 -10.10 -5.92 -6.33
C LYS A 57 -9.74 -6.92 -5.24
N LEU A 58 -8.55 -6.76 -4.65
CA LEU A 58 -8.13 -7.62 -3.54
C LEU A 58 -9.10 -7.55 -2.36
N ALA A 59 -9.51 -6.34 -1.98
CA ALA A 59 -10.42 -6.19 -0.86
C ALA A 59 -11.76 -6.87 -1.15
N GLU A 60 -12.13 -6.92 -2.42
CA GLU A 60 -13.32 -7.69 -2.79
C GLU A 60 -13.16 -9.17 -2.46
N LYS A 61 -11.92 -9.63 -2.33
CA LYS A 61 -11.66 -11.05 -2.10
C LYS A 61 -11.47 -11.41 -0.62
N GLY A 62 -11.88 -10.51 0.27
CA GLY A 62 -11.88 -10.84 1.69
C GLY A 62 -10.75 -10.25 2.51
N PHE A 63 -9.92 -9.41 1.90
CA PHE A 63 -8.85 -8.75 2.64
C PHE A 63 -9.16 -7.29 2.97
N VAL A 64 -8.51 -6.76 4.01
CA VAL A 64 -8.42 -5.32 4.20
C VAL A 64 -7.20 -4.90 3.39
N THR A 65 -7.33 -3.90 2.54
CA THR A 65 -6.17 -3.50 1.73
C THR A 65 -5.91 -2.02 1.86
N ILE A 66 -4.70 -1.60 1.50
CA ILE A 66 -4.35 -0.19 1.59
C ILE A 66 -3.47 0.22 0.42
N ALA A 67 -3.89 1.28 -0.25
CA ALA A 67 -3.11 1.87 -1.34
C ALA A 67 -2.68 3.26 -0.91
N TYR A 68 -1.37 3.48 -0.80
CA TYR A 68 -0.82 4.74 -0.28
C TYR A 68 -0.02 5.46 -1.38
N ASP A 69 0.06 6.78 -1.27
CA ASP A 69 1.03 7.51 -2.08
C ASP A 69 2.36 7.56 -1.35
N ALA A 70 3.44 7.21 -2.04
CA ALA A 70 4.79 7.31 -1.47
C ALA A 70 5.09 8.72 -0.93
N SER A 71 6.00 8.77 0.03
CA SER A 71 6.55 10.03 0.50
C SER A 71 7.03 10.83 -0.71
N TYR A 72 6.81 12.14 -0.66
CA TYR A 72 7.22 13.09 -1.70
C TYR A 72 6.36 13.00 -2.96
N GLN A 73 5.30 12.20 -2.90
CA GLN A 73 4.57 11.88 -4.12
C GLN A 73 3.07 11.92 -3.90
N GLY A 74 2.29 11.95 -4.99
CA GLY A 74 0.83 11.96 -4.89
C GLY A 74 0.33 13.03 -3.95
N GLU A 75 -0.52 12.62 -3.01
CA GLU A 75 -1.08 13.54 -2.02
C GLU A 75 -0.31 13.50 -0.70
N SER A 76 0.70 12.64 -0.64
CA SER A 76 1.57 12.57 0.53
C SER A 76 2.46 13.81 0.67
N GLY A 77 2.88 14.10 1.90
CA GLY A 77 3.72 15.25 2.16
C GLY A 77 5.17 15.02 1.78
N GLY A 78 6.03 16.00 2.04
CA GLY A 78 7.45 15.87 1.76
C GLY A 78 7.94 16.77 0.64
N GLU A 79 9.13 17.30 0.83
CA GLU A 79 9.80 18.10 -0.19
C GLU A 79 11.24 17.64 -0.19
N PRO A 80 11.88 17.56 -1.38
CA PRO A 80 11.37 17.97 -2.69
C PRO A 80 10.33 17.01 -3.29
N ARG A 81 9.31 17.58 -3.92
CA ARG A 81 8.28 16.79 -4.61
C ARG A 81 8.89 15.86 -5.66
N GLN A 82 8.31 14.68 -5.79
CA GLN A 82 8.71 13.68 -6.79
C GLN A 82 10.10 13.08 -6.56
N LEU A 83 10.62 13.22 -5.34
CA LEU A 83 11.87 12.55 -4.99
C LEU A 83 11.71 11.03 -5.19
N GLU A 84 12.71 10.41 -5.80
CA GLU A 84 12.68 8.95 -5.98
C GLU A 84 13.88 8.34 -5.28
N ASN A 85 13.92 8.53 -3.97
CA ASN A 85 14.88 7.86 -3.12
C ASN A 85 14.40 6.43 -2.88
N PRO A 86 15.08 5.46 -3.48
CA PRO A 86 14.61 4.07 -3.44
C PRO A 86 14.59 3.49 -2.01
N TYR A 87 15.51 3.95 -1.17
CA TYR A 87 15.53 3.52 0.23
C TYR A 87 14.32 4.06 0.99
N ILE A 88 13.90 5.28 0.64
CA ILE A 88 12.71 5.87 1.24
C ILE A 88 11.44 5.20 0.72
N ARG A 89 11.38 4.98 -0.59
CA ARG A 89 10.23 4.28 -1.19
C ARG A 89 10.06 2.92 -0.53
N THR A 90 11.19 2.27 -0.25
CA THR A 90 11.15 0.99 0.44
C THR A 90 10.67 1.15 1.87
N GLU A 91 11.26 2.08 2.63
CA GLU A 91 10.86 2.23 4.04
C GLU A 91 9.41 2.68 4.25
N ASP A 92 8.87 3.35 3.23
CA ASP A 92 7.49 3.82 3.26
C ASP A 92 6.59 2.66 3.61
N ILE A 93 6.90 1.51 3.05
CA ILE A 93 6.06 0.32 3.22
C ILE A 93 5.99 -0.04 4.72
N SER A 94 7.14 0.04 5.39
CA SER A 94 7.20 -0.22 6.83
C SER A 94 6.39 0.82 7.61
N ALA A 95 6.40 2.06 7.13
CA ALA A 95 5.53 3.06 7.77
C ALA A 95 4.01 2.75 7.63
N VAL A 96 3.63 2.32 6.43
CA VAL A 96 2.25 1.94 6.20
C VAL A 96 1.86 0.76 7.10
N ILE A 97 2.79 -0.20 7.23
CA ILE A 97 2.56 -1.35 8.11
C ILE A 97 2.38 -0.93 9.56
N ASP A 98 3.23 -0.03 10.06
CA ASP A 98 3.02 0.53 11.40
C ASP A 98 1.59 1.08 11.55
N TYR A 99 1.20 1.87 10.55
CA TYR A 99 -0.17 2.40 10.55
C TYR A 99 -1.21 1.27 10.70
N LEU A 100 -1.08 0.24 9.85
CA LEU A 100 -1.97 -0.91 9.90
C LEU A 100 -2.02 -1.54 11.31
N THR A 101 -0.87 -1.68 11.95
CA THR A 101 -0.84 -2.24 13.31
C THR A 101 -1.59 -1.34 14.26
N THR A 102 -1.73 -0.05 13.94
CA THR A 102 -2.63 0.73 14.82
C THR A 102 -4.14 0.44 14.68
N LEU A 103 -4.53 -0.44 13.75
CA LEU A 103 -5.95 -0.68 13.47
C LEU A 103 -6.42 -2.00 14.06
N SER A 104 -7.41 -1.95 14.95
CA SER A 104 -7.82 -3.15 15.68
C SER A 104 -8.39 -4.26 14.78
N TYR A 105 -8.81 -3.89 13.57
CA TYR A 105 -9.39 -4.86 12.64
C TYR A 105 -8.38 -5.55 11.71
N VAL A 106 -7.10 -5.27 11.97
CA VAL A 106 -6.03 -5.93 11.23
C VAL A 106 -5.29 -6.87 12.17
N ASP A 107 -4.99 -8.08 11.69
CA ASP A 107 -4.12 -9.01 12.39
C ASP A 107 -2.65 -8.76 12.03
N ASN A 108 -1.89 -8.20 12.97
CA ASN A 108 -0.47 -7.87 12.77
C ASN A 108 0.33 -9.05 12.24
N THR A 109 -0.18 -10.25 12.47
CA THR A 109 0.52 -11.48 12.13
C THR A 109 0.11 -11.99 10.76
N ARG A 110 -0.82 -11.28 10.12
CA ARG A 110 -1.32 -11.70 8.82
C ARG A 110 -1.26 -10.55 7.79
N ILE A 111 -0.13 -9.87 7.73
CA ILE A 111 0.03 -8.73 6.84
C ILE A 111 0.93 -9.08 5.67
N GLY A 112 0.45 -8.83 4.45
CA GLY A 112 1.24 -9.08 3.26
C GLY A 112 1.40 -7.81 2.43
N ALA A 113 2.06 -7.94 1.28
CA ALA A 113 2.35 -6.76 0.47
C ALA A 113 2.51 -7.11 -0.99
N MET A 114 1.97 -6.29 -1.88
CA MET A 114 2.27 -6.44 -3.28
C MET A 114 2.52 -5.08 -3.91
N GLY A 115 3.21 -5.07 -5.04
CA GLY A 115 3.43 -3.84 -5.77
C GLY A 115 3.41 -4.06 -7.26
N ILE A 116 3.29 -2.96 -8.00
CA ILE A 116 3.27 -3.02 -9.45
C ILE A 116 4.42 -2.18 -9.97
N CYS A 117 5.12 -2.69 -10.97
CA CYS A 117 6.23 -1.97 -11.59
C CYS A 117 7.30 -1.74 -10.51
N ALA A 118 7.77 -0.51 -10.38
CA ALA A 118 8.78 -0.19 -9.37
C ALA A 118 8.32 -0.61 -7.99
N GLY A 119 7.02 -0.46 -7.76
CA GLY A 119 6.41 -0.81 -6.48
C GLY A 119 6.64 -2.25 -6.08
N ALA A 120 6.76 -3.13 -7.07
CA ALA A 120 7.08 -4.53 -6.77
C ALA A 120 8.49 -4.62 -6.25
N GLY A 121 9.43 -3.97 -6.93
CA GLY A 121 10.82 -4.03 -6.53
C GLY A 121 10.94 -3.60 -5.09
N TYR A 122 10.30 -2.48 -4.78
CA TYR A 122 10.32 -1.94 -3.44
C TYR A 122 9.69 -2.93 -2.48
N THR A 123 8.58 -3.54 -2.90
CA THR A 123 7.91 -4.54 -2.05
C THR A 123 8.93 -5.61 -1.72
N ALA A 124 9.69 -6.03 -2.73
CA ALA A 124 10.66 -7.09 -2.50
C ALA A 124 11.66 -6.63 -1.44
N ASN A 125 12.02 -5.43 -1.63
CA ASN A 125 13.07 -4.92 -0.76
C ASN A 125 12.47 -4.80 0.65
N ALA A 126 11.24 -4.46 0.75
CA ALA A 126 10.58 -4.31 2.04
C ALA A 126 10.57 -5.66 2.73
N ALA A 127 10.25 -6.69 1.94
CA ALA A 127 10.07 -8.00 2.53
C ALA A 127 11.40 -8.45 3.12
N ILE A 128 12.48 -7.98 2.49
CA ILE A 128 13.80 -8.39 2.94
C ILE A 128 14.08 -7.80 4.30
N GLN A 129 13.69 -6.55 4.54
CA GLN A 129 14.10 -5.89 5.77
C GLN A 129 13.00 -5.83 6.82
N ASP A 130 11.75 -5.99 6.40
CA ASP A 130 10.66 -5.89 7.35
C ASP A 130 9.99 -7.25 7.49
N ARG A 131 10.33 -7.94 8.58
CA ARG A 131 9.89 -9.32 8.80
C ARG A 131 8.43 -9.44 9.16
N ARG A 132 7.75 -8.30 9.31
CA ARG A 132 6.30 -8.32 9.54
C ARG A 132 5.54 -8.64 8.26
N ILE A 133 6.24 -8.56 7.13
CA ILE A 133 5.64 -8.91 5.84
C ILE A 133 5.69 -10.42 5.70
N LYS A 134 4.52 -11.03 5.57
CA LYS A 134 4.39 -12.48 5.64
C LYS A 134 4.46 -13.13 4.26
N ALA A 135 4.09 -12.36 3.25
CA ALA A 135 4.06 -12.83 1.87
C ALA A 135 3.98 -11.65 0.90
N ILE A 136 4.57 -11.82 -0.27
CA ILE A 136 4.55 -10.74 -1.27
C ILE A 136 4.05 -11.19 -2.63
N GLY A 137 3.44 -10.26 -3.36
CA GLY A 137 3.05 -10.51 -4.74
C GLY A 137 3.60 -9.41 -5.64
N THR A 138 3.92 -9.76 -6.88
CA THR A 138 4.40 -8.75 -7.82
C THR A 138 3.62 -8.80 -9.14
N VAL A 139 3.36 -7.63 -9.71
CA VAL A 139 2.73 -7.50 -11.02
C VAL A 139 3.63 -6.61 -11.87
N SER A 140 4.04 -7.12 -13.04
CA SER A 140 4.98 -6.43 -13.91
C SER A 140 6.16 -5.84 -13.12
N ALA A 141 6.83 -6.69 -12.36
CA ALA A 141 7.88 -6.26 -11.42
C ALA A 141 9.00 -5.47 -12.08
N VAL A 142 9.33 -4.31 -11.50
CA VAL A 142 10.52 -3.56 -11.90
C VAL A 142 11.46 -3.35 -10.72
N ASN A 143 12.70 -3.78 -10.87
CA ASN A 143 13.78 -3.41 -9.96
C ASN A 143 14.35 -2.12 -10.53
N ILE A 144 13.92 -0.99 -9.96
CA ILE A 144 14.24 0.33 -10.52
C ILE A 144 15.75 0.50 -10.80
N GLY A 145 16.56 -0.05 -9.89
CA GLY A 145 17.99 -0.03 -10.03
C GLY A 145 18.43 -0.72 -11.31
N SER A 146 17.88 -1.91 -11.52
CA SER A 146 18.20 -2.69 -12.72
C SER A 146 17.79 -1.95 -13.99
N ILE A 147 16.60 -1.38 -14.00
CA ILE A 147 16.10 -0.76 -15.22
C ILE A 147 16.91 0.50 -15.57
N PHE A 148 17.33 1.26 -14.57
CA PHE A 148 18.08 2.48 -14.88
C PHE A 148 19.56 2.22 -15.15
N ARG A 149 20.12 1.23 -14.47
CA ARG A 149 21.54 0.91 -14.59
C ARG A 149 21.86 0.03 -15.79
N ASN A 150 21.05 -0.99 -16.01
CA ASN A 150 21.34 -1.96 -17.06
C ASN A 150 20.41 -1.88 -18.27
N GLY A 151 19.44 -0.97 -18.19
CA GLY A 151 18.54 -0.72 -19.30
C GLY A 151 17.27 -1.56 -19.30
N TRP A 152 16.25 -1.06 -19.99
CA TRP A 152 14.97 -1.76 -20.15
C TRP A 152 15.18 -3.19 -20.61
N GLU A 153 16.10 -3.40 -21.54
CA GLU A 153 16.34 -4.75 -22.06
C GLU A 153 17.61 -5.39 -21.50
N ASN A 154 18.10 -4.86 -20.38
CA ASN A 154 19.23 -5.44 -19.66
C ASN A 154 20.47 -5.63 -20.54
N ASN A 155 20.72 -4.65 -21.41
CA ASN A 155 21.83 -4.77 -22.35
C ASN A 155 22.92 -3.71 -22.14
N VAL A 156 22.89 -3.05 -20.99
CA VAL A 156 23.94 -2.07 -20.64
C VAL A 156 24.74 -2.57 -19.44
N LYS A 157 26.06 -2.59 -19.58
CA LYS A 157 26.94 -3.02 -18.50
C LYS A 157 26.95 -1.95 -17.42
N SER A 158 26.97 -2.39 -16.16
CA SER A 158 26.86 -1.46 -15.04
C SER A 158 27.88 -0.33 -15.09
N ILE A 159 29.14 -0.65 -15.41
CA ILE A 159 30.17 0.38 -15.49
C ILE A 159 29.78 1.46 -16.51
N ASP A 160 29.11 1.06 -17.58
CA ASP A 160 28.76 2.01 -18.64
C ASP A 160 27.65 2.96 -18.20
N ALA A 161 27.09 2.69 -17.02
CA ALA A 161 26.04 3.55 -16.46
C ALA A 161 26.67 4.64 -15.58
N LEU A 162 27.99 4.58 -15.41
CA LEU A 162 28.69 5.60 -14.63
C LEU A 162 28.25 7.05 -14.96
N PRO A 163 28.11 7.41 -16.25
CA PRO A 163 27.66 8.79 -16.52
C PRO A 163 26.33 9.15 -15.86
N TYR A 164 25.51 8.16 -15.53
CA TYR A 164 24.26 8.45 -14.84
C TYR A 164 24.47 8.76 -13.36
N VAL A 165 25.43 8.08 -12.75
CA VAL A 165 25.76 8.39 -11.36
C VAL A 165 26.33 9.80 -11.32
N GLU A 166 27.14 10.11 -12.33
CA GLU A 166 27.72 11.46 -12.42
C GLU A 166 26.64 12.52 -12.57
N ALA A 167 25.65 12.25 -13.42
CA ALA A 167 24.60 13.23 -13.66
C ALA A 167 23.77 13.48 -12.41
N GLY A 168 23.47 12.41 -11.68
CA GLY A 168 22.71 12.54 -10.44
C GLY A 168 23.52 13.32 -9.41
N SER A 169 24.83 13.12 -9.40
CA SER A 169 25.71 13.80 -8.45
C SER A 169 25.78 15.30 -8.77
N ASN A 170 26.01 15.61 -10.04
CA ASN A 170 26.10 17.00 -10.46
C ASN A 170 24.78 17.75 -10.31
N ALA A 171 23.66 17.03 -10.39
CA ALA A 171 22.34 17.64 -10.20
C ALA A 171 22.20 18.18 -8.77
N ARG A 172 22.86 17.53 -7.83
CA ARG A 172 22.77 17.98 -6.46
C ARG A 172 23.47 19.33 -6.33
N THR A 173 24.55 19.50 -7.09
CA THR A 173 25.24 20.76 -7.13
C THR A 173 24.32 21.86 -7.75
N SER A 174 23.68 21.54 -8.86
CA SER A 174 22.81 22.52 -9.53
C SER A 174 21.58 22.82 -8.68
N ASP A 175 21.10 21.82 -7.98
CA ASP A 175 19.92 22.01 -7.16
C ASP A 175 20.18 23.05 -6.06
N ILE A 176 21.33 22.96 -5.42
CA ILE A 176 21.58 23.89 -4.32
C ILE A 176 21.94 25.25 -4.88
N SER A 177 22.61 25.26 -6.03
CA SER A 177 22.99 26.50 -6.69
C SER A 177 21.77 27.31 -7.13
N SER A 178 20.81 26.64 -7.77
CA SER A 178 19.68 27.33 -8.35
C SER A 178 18.48 27.47 -7.42
N GLY A 179 18.33 26.56 -6.46
CA GLY A 179 17.16 26.58 -5.59
C GLY A 179 15.99 25.86 -6.24
N GLU A 180 16.25 25.26 -7.39
CA GLU A 180 15.25 24.49 -8.14
C GLU A 180 15.63 23.02 -8.04
N TYR A 181 14.72 22.13 -8.40
CA TYR A 181 15.05 20.72 -8.44
C TYR A 181 15.02 20.19 -9.88
N ALA A 182 16.16 19.76 -10.38
CA ALA A 182 16.24 19.23 -11.74
C ALA A 182 15.41 17.96 -11.81
N ILE A 183 14.72 17.78 -12.92
CA ILE A 183 13.84 16.63 -13.08
C ILE A 183 14.25 15.71 -14.22
N MET A 184 13.74 14.48 -14.19
CA MET A 184 14.05 13.47 -15.19
C MET A 184 12.83 12.60 -15.41
N PRO A 185 12.68 12.07 -16.62
CA PRO A 185 11.54 11.20 -16.92
C PRO A 185 11.53 9.93 -16.08
N LEU A 186 10.33 9.46 -15.75
CA LEU A 186 10.16 8.09 -15.28
C LEU A 186 9.64 7.30 -16.48
N ALA A 187 8.33 7.20 -16.63
CA ALA A 187 7.77 6.85 -17.94
C ALA A 187 8.19 7.98 -18.89
N PRO A 188 8.33 7.69 -20.21
CA PRO A 188 8.69 8.75 -21.15
C PRO A 188 7.75 9.95 -21.01
N MET A 189 8.31 11.16 -21.06
CA MET A 189 7.53 12.37 -20.82
C MET A 189 6.90 12.91 -22.10
N LYS A 190 7.26 12.27 -23.21
CA LYS A 190 6.78 12.67 -24.52
C LYS A 190 6.59 11.40 -25.34
N GLU A 191 5.47 11.30 -26.08
CA GLU A 191 5.21 10.05 -26.79
C GLU A 191 6.36 9.60 -27.68
N SER A 192 6.96 10.54 -28.39
CA SER A 192 8.04 10.20 -29.33
C SER A 192 9.34 9.79 -28.65
N ASP A 193 9.49 10.06 -27.35
CA ASP A 193 10.70 9.66 -26.64
C ASP A 193 10.75 8.15 -26.41
N ALA A 194 9.58 7.52 -26.40
CA ALA A 194 9.53 6.07 -26.20
C ALA A 194 10.23 5.32 -27.32
N PRO A 195 11.17 4.43 -26.95
CA PRO A 195 11.94 3.65 -27.93
C PRO A 195 11.23 2.38 -28.42
N ASN A 196 10.20 1.93 -27.70
CA ASN A 196 9.39 0.79 -28.13
C ASN A 196 7.93 1.02 -27.81
N GLU A 197 7.06 0.12 -28.29
CA GLU A 197 5.63 0.26 -28.07
C GLU A 197 5.21 0.12 -26.60
N GLU A 198 5.95 -0.70 -25.82
CA GLU A 198 5.61 -0.86 -24.40
C GLU A 198 5.81 0.47 -23.65
N LEU A 199 6.98 1.05 -23.82
CA LEU A 199 7.29 2.34 -23.22
C LEU A 199 6.34 3.45 -23.72
N ARG A 200 5.93 3.36 -25.00
CA ARG A 200 4.94 4.29 -25.54
C ARG A 200 3.62 4.12 -24.79
N GLN A 201 3.29 2.88 -24.47
CA GLN A 201 2.10 2.61 -23.66
C GLN A 201 2.24 3.17 -22.26
N ALA A 202 3.47 3.20 -21.73
CA ALA A 202 3.69 3.82 -20.41
C ALA A 202 3.44 5.34 -20.46
N TRP A 203 4.03 5.98 -21.48
CA TRP A 203 3.75 7.40 -21.73
C TRP A 203 2.25 7.62 -21.80
N GLU A 204 1.59 6.72 -22.52
CA GLU A 204 0.17 6.82 -22.79
C GLU A 204 -0.61 6.73 -21.47
N TYR A 205 -0.22 5.80 -20.61
CA TYR A 205 -0.86 5.63 -19.31
C TYR A 205 -0.78 6.92 -18.51
N TYR A 206 0.41 7.51 -18.46
CA TYR A 206 0.56 8.72 -17.64
C TYR A 206 0.14 10.09 -18.22
N HIS A 207 0.09 10.19 -19.54
CA HIS A 207 -0.17 11.44 -20.23
C HIS A 207 -1.38 11.55 -21.23
N THR A 208 -2.33 10.66 -21.08
CA THR A 208 -3.54 10.67 -21.83
C THR A 208 -4.67 10.20 -20.92
N PRO A 209 -5.94 10.41 -21.39
CA PRO A 209 -7.01 9.93 -20.50
C PRO A 209 -7.00 8.40 -20.16
N ARG A 210 -6.07 7.64 -20.67
CA ARG A 210 -6.01 6.23 -20.30
C ARG A 210 -5.92 6.09 -18.78
N ALA A 211 -5.04 6.87 -18.14
CA ALA A 211 -5.04 6.92 -16.67
C ALA A 211 -4.43 8.17 -16.04
N GLN A 212 -4.23 9.22 -16.82
CA GLN A 212 -3.55 10.42 -16.30
C GLN A 212 -4.23 10.97 -15.04
N TYR A 213 -3.43 11.41 -14.07
CA TYR A 213 -3.94 11.95 -12.82
C TYR A 213 -3.06 13.12 -12.38
N PRO A 214 -3.68 14.21 -11.89
CA PRO A 214 -2.94 15.45 -11.64
C PRO A 214 -1.81 15.39 -10.62
N THR A 215 -1.83 14.42 -9.71
CA THR A 215 -0.76 14.30 -8.72
C THR A 215 0.31 13.30 -9.16
N ALA A 216 0.21 12.84 -10.41
CA ALA A 216 1.18 11.95 -11.03
C ALA A 216 1.78 12.52 -12.34
N PRO A 217 2.67 13.53 -12.22
CA PRO A 217 3.29 14.20 -13.37
C PRO A 217 4.22 13.31 -14.19
N GLY A 218 4.70 12.20 -13.64
CA GLY A 218 5.47 11.28 -14.45
C GLY A 218 6.94 11.63 -14.57
N TYR A 219 7.41 12.53 -13.70
CA TYR A 219 8.84 12.76 -13.56
C TYR A 219 9.32 12.63 -12.11
N ALA A 220 10.63 12.46 -11.95
CA ALA A 220 11.26 12.39 -10.63
C ALA A 220 12.35 13.44 -10.54
N THR A 221 12.84 13.70 -9.34
CA THR A 221 13.99 14.61 -9.19
C THR A 221 15.25 13.93 -9.70
N LEU A 222 15.99 14.62 -10.57
CA LEU A 222 17.22 14.06 -11.13
C LEU A 222 18.26 13.69 -10.06
N ARG A 223 18.26 14.42 -8.95
CA ARG A 223 19.21 14.17 -7.84
C ARG A 223 19.17 12.72 -7.33
N SER A 224 18.05 12.02 -7.55
CA SER A 224 17.85 10.64 -7.09
C SER A 224 18.60 9.63 -7.94
N LEU A 225 18.93 10.05 -9.16
CA LEU A 225 19.49 9.13 -10.16
C LEU A 225 20.72 8.39 -9.66
N ASN A 226 21.60 9.10 -8.97
CA ASN A 226 22.85 8.47 -8.55
C ASN A 226 22.59 7.37 -7.52
N GLN A 227 21.56 7.54 -6.68
CA GLN A 227 21.18 6.48 -5.75
C GLN A 227 20.46 5.37 -6.49
N ILE A 228 19.72 5.71 -7.54
CA ILE A 228 18.93 4.68 -8.23
C ILE A 228 19.86 3.72 -8.96
N ILE A 229 20.86 4.27 -9.63
CA ILE A 229 21.79 3.47 -10.41
C ILE A 229 22.53 2.49 -9.53
N THR A 230 22.83 2.92 -8.30
CA THR A 230 23.60 2.10 -7.38
C THR A 230 22.65 1.35 -6.43
N TYR A 231 21.38 1.24 -6.83
CA TYR A 231 20.37 0.54 -6.03
C TYR A 231 20.06 -0.86 -6.60
N ASP A 232 19.81 -1.82 -5.72
CA ASP A 232 19.34 -3.14 -6.11
C ASP A 232 18.17 -3.54 -5.23
N ALA A 233 16.97 -3.59 -5.82
CA ALA A 233 15.75 -3.86 -5.06
C ALA A 233 15.75 -5.25 -4.39
N TYR A 234 16.54 -6.17 -4.94
CA TYR A 234 16.58 -7.54 -4.46
C TYR A 234 17.83 -7.82 -3.62
N HIS A 235 18.52 -6.76 -3.21
CA HIS A 235 19.77 -6.88 -2.46
C HIS A 235 19.63 -7.84 -1.27
N MET A 236 20.41 -8.92 -1.28
CA MET A 236 20.40 -9.97 -0.25
C MET A 236 19.15 -10.88 -0.27
N ALA A 237 18.43 -10.93 -1.39
CA ALA A 237 17.26 -11.81 -1.51
C ALA A 237 17.61 -13.28 -1.25
N GLU A 238 18.81 -13.68 -1.65
CA GLU A 238 19.27 -15.06 -1.51
C GLU A 238 19.34 -15.49 -0.05
N VAL A 239 19.49 -14.52 0.85
CA VAL A 239 19.58 -14.82 2.27
C VAL A 239 18.26 -14.57 2.99
N TYR A 240 17.70 -13.38 2.78
CA TYR A 240 16.59 -12.93 3.63
C TYR A 240 15.20 -13.00 3.00
N LEU A 241 15.14 -12.99 1.67
CA LEU A 241 13.83 -13.10 1.02
C LEU A 241 13.35 -14.54 1.11
N THR A 242 12.70 -14.85 2.24
CA THR A 242 12.26 -16.21 2.52
C THR A 242 10.75 -16.33 2.46
N GLN A 243 10.05 -15.20 2.59
CA GLN A 243 8.59 -15.23 2.64
C GLN A 243 8.03 -15.78 1.33
N PRO A 244 6.83 -16.37 1.38
CA PRO A 244 6.18 -16.82 0.15
C PRO A 244 6.04 -15.67 -0.84
N THR A 245 6.37 -15.94 -2.10
CA THR A 245 6.43 -14.93 -3.15
C THR A 245 5.63 -15.37 -4.38
N GLN A 246 4.66 -14.56 -4.80
CA GLN A 246 3.90 -14.84 -6.01
C GLN A 246 4.20 -13.81 -7.09
N ILE A 247 4.82 -14.27 -8.16
CA ILE A 247 5.17 -13.41 -9.28
C ILE A 247 4.12 -13.51 -10.40
N VAL A 248 3.76 -12.36 -10.96
CA VAL A 248 2.81 -12.30 -12.07
C VAL A 248 3.40 -11.40 -13.15
N ALA A 249 3.74 -12.01 -14.28
CA ALA A 249 4.31 -11.26 -15.41
C ALA A 249 3.66 -11.65 -16.73
N GLY A 250 3.52 -10.69 -17.64
CA GLY A 250 2.96 -10.94 -18.95
C GLY A 250 3.93 -11.69 -19.85
N SER A 251 3.39 -12.50 -20.77
CA SER A 251 4.23 -13.26 -21.70
C SER A 251 5.02 -12.34 -22.65
N GLN A 252 4.45 -11.18 -22.98
CA GLN A 252 5.08 -10.26 -23.93
C GLN A 252 5.76 -9.08 -23.23
N ALA A 253 5.95 -9.18 -21.92
CA ALA A 253 6.54 -8.08 -21.17
C ALA A 253 8.05 -7.98 -21.38
N GLY A 254 8.51 -6.82 -21.84
CA GLY A 254 9.93 -6.59 -22.03
C GLY A 254 10.68 -6.45 -20.71
N SER A 255 9.93 -6.41 -19.61
CA SER A 255 10.48 -6.31 -18.27
C SER A 255 10.52 -7.65 -17.53
N LYS A 256 10.04 -8.70 -18.19
CA LYS A 256 9.91 -10.02 -17.57
C LYS A 256 11.21 -10.54 -16.94
N TRP A 257 12.36 -10.18 -17.50
CA TRP A 257 13.66 -10.60 -16.96
C TRP A 257 13.88 -10.20 -15.49
N MET A 258 13.20 -9.16 -15.04
CA MET A 258 13.31 -8.72 -13.66
C MET A 258 12.46 -9.59 -12.71
N SER A 259 11.33 -10.06 -13.23
CA SER A 259 10.53 -11.04 -12.51
C SER A 259 11.29 -12.36 -12.44
N ASP A 260 11.97 -12.69 -13.54
CA ASP A 260 12.82 -13.87 -13.58
C ASP A 260 13.92 -13.73 -12.53
N ASP A 261 14.50 -12.54 -12.46
CA ASP A 261 15.61 -12.27 -11.52
C ASP A 261 15.15 -12.43 -10.08
N LEU A 262 14.01 -11.83 -9.76
CA LEU A 262 13.42 -11.97 -8.42
C LEU A 262 13.14 -13.43 -8.09
N TYR A 263 12.53 -14.15 -9.03
CA TYR A 263 12.21 -15.56 -8.84
C TYR A 263 13.46 -16.39 -8.56
N ASP A 264 14.51 -16.16 -9.35
CA ASP A 264 15.73 -16.96 -9.23
C ASP A 264 16.52 -16.64 -7.97
N ARG A 265 16.47 -15.38 -7.55
CA ARG A 265 17.27 -14.96 -6.39
C ARG A 265 16.58 -15.21 -5.05
N ALA A 266 15.24 -15.21 -5.08
CA ALA A 266 14.46 -15.45 -3.87
C ALA A 266 14.89 -16.74 -3.19
N SER A 267 14.99 -16.70 -1.87
CA SER A 267 15.38 -17.88 -1.11
C SER A 267 14.14 -18.70 -0.80
N SER A 268 12.98 -18.08 -1.02
CA SER A 268 11.68 -18.64 -0.63
C SER A 268 11.50 -20.10 -1.01
N GLN A 269 11.02 -20.89 -0.06
CA GLN A 269 10.62 -22.27 -0.34
C GLN A 269 9.38 -22.26 -1.20
N ASP A 270 8.44 -21.39 -0.84
CA ASP A 270 7.21 -21.23 -1.62
C ASP A 270 7.30 -19.98 -2.51
N LYS A 271 7.94 -20.11 -3.65
CA LYS A 271 7.92 -19.04 -4.64
C LYS A 271 7.19 -19.49 -5.90
N ARG A 272 6.32 -18.64 -6.41
CA ARG A 272 5.46 -19.00 -7.53
C ARG A 272 5.59 -18.01 -8.67
N TYR A 273 5.29 -18.47 -9.88
CA TYR A 273 5.41 -17.62 -11.07
C TYR A 273 4.24 -17.84 -12.02
N HIS A 274 3.36 -16.85 -12.15
CA HIS A 274 2.25 -16.95 -13.08
C HIS A 274 2.46 -16.09 -14.33
N ILE A 275 2.57 -16.74 -15.47
CA ILE A 275 2.69 -16.06 -16.76
C ILE A 275 1.31 -15.69 -17.31
N VAL A 276 1.11 -14.42 -17.62
CA VAL A 276 -0.12 -14.00 -18.27
C VAL A 276 0.07 -14.03 -19.78
N GLU A 277 -0.57 -14.97 -20.45
CA GLU A 277 -0.37 -15.13 -21.89
C GLU A 277 -0.86 -13.95 -22.72
N GLY A 278 -0.01 -13.49 -23.62
CA GLY A 278 -0.36 -12.42 -24.54
C GLY A 278 -0.18 -11.02 -24.00
N ALA A 279 0.02 -10.89 -22.69
CA ALA A 279 0.12 -9.57 -22.09
C ALA A 279 1.55 -9.02 -22.11
N ASN A 280 1.68 -7.71 -22.34
CA ASN A 280 2.95 -7.03 -22.13
C ASN A 280 2.95 -6.35 -20.76
N HIS A 281 4.01 -5.58 -20.48
CA HIS A 281 4.17 -4.89 -19.20
C HIS A 281 2.95 -4.04 -18.78
N MET A 282 2.49 -3.17 -19.67
CA MET A 282 1.41 -2.23 -19.35
C MET A 282 0.04 -2.89 -19.33
N ASP A 283 -0.09 -4.00 -20.07
CA ASP A 283 -1.33 -4.77 -20.12
C ASP A 283 -1.89 -5.11 -18.72
N LEU A 284 -0.99 -5.34 -17.76
CA LEU A 284 -1.41 -5.78 -16.44
C LEU A 284 -1.87 -4.61 -15.55
N TYR A 285 -1.62 -3.38 -15.99
CA TYR A 285 -2.06 -2.22 -15.22
C TYR A 285 -3.57 -2.07 -15.24
N ASP A 286 -4.19 -2.31 -16.39
CA ASP A 286 -5.58 -1.89 -16.57
C ASP A 286 -6.43 -2.70 -17.57
N GLY A 287 -5.85 -3.69 -18.23
CA GLY A 287 -6.64 -4.54 -19.11
C GLY A 287 -7.56 -5.42 -18.26
N LYS A 288 -8.88 -5.19 -18.38
CA LYS A 288 -9.88 -5.82 -17.50
C LYS A 288 -9.66 -7.30 -17.28
N ALA A 289 -9.60 -8.05 -18.39
CA ALA A 289 -9.39 -9.49 -18.31
C ALA A 289 -8.03 -9.82 -17.68
N TYR A 290 -7.01 -9.06 -18.05
CA TYR A 290 -5.67 -9.28 -17.51
C TYR A 290 -5.64 -9.06 -15.98
N VAL A 291 -6.18 -7.95 -15.54
CA VAL A 291 -6.24 -7.60 -14.13
C VAL A 291 -7.02 -8.66 -13.38
N ALA A 292 -8.11 -9.12 -14.01
CA ALA A 292 -8.93 -10.17 -13.43
C ALA A 292 -8.14 -11.47 -13.25
N GLU A 293 -7.33 -11.82 -14.25
CA GLU A 293 -6.53 -13.04 -14.16
C GLU A 293 -5.49 -12.91 -13.04
N ALA A 294 -4.82 -11.77 -13.01
CA ALA A 294 -3.82 -11.51 -11.96
C ALA A 294 -4.45 -11.62 -10.58
N ILE A 295 -5.64 -11.06 -10.41
CA ILE A 295 -6.32 -11.13 -9.13
C ILE A 295 -6.69 -12.58 -8.79
N SER A 296 -7.13 -13.31 -9.81
CA SER A 296 -7.55 -14.69 -9.64
C SER A 296 -6.37 -15.55 -9.20
N VAL A 297 -5.14 -15.13 -9.54
CA VAL A 297 -3.96 -15.83 -9.01
C VAL A 297 -3.51 -15.31 -7.63
N LEU A 298 -3.54 -14.00 -7.44
CA LEU A 298 -3.00 -13.38 -6.24
C LEU A 298 -3.83 -13.63 -4.99
N ALA A 299 -5.15 -13.51 -5.12
CA ALA A 299 -6.01 -13.62 -3.95
C ALA A 299 -5.95 -14.98 -3.24
N PRO A 300 -6.04 -16.09 -4.00
CA PRO A 300 -5.90 -17.39 -3.32
C PRO A 300 -4.49 -17.56 -2.75
N PHE A 301 -3.50 -16.93 -3.38
CA PHE A 301 -2.13 -16.95 -2.85
C PHE A 301 -2.09 -16.31 -1.47
N PHE A 302 -2.59 -15.09 -1.38
CA PHE A 302 -2.60 -14.37 -0.11
C PHE A 302 -3.52 -15.04 0.90
N GLU A 303 -4.62 -15.61 0.43
CA GLU A 303 -5.55 -16.28 1.33
C GLU A 303 -4.86 -17.42 2.07
N GLU A 304 -4.01 -18.18 1.35
CA GLU A 304 -3.35 -19.32 1.96
C GLU A 304 -2.05 -18.98 2.71
N THR A 305 -1.43 -17.84 2.38
CA THR A 305 -0.16 -17.47 3.01
C THR A 305 -0.28 -16.49 4.17
N LEU A 306 -1.42 -15.82 4.29
CA LEU A 306 -1.60 -14.86 5.38
C LEU A 306 -2.47 -15.45 6.49
N MET B 1 41.50 32.75 9.12
CA MET B 1 40.79 32.37 10.33
C MET B 1 41.43 31.16 10.99
N MET B 2 40.58 30.27 11.52
CA MET B 2 41.05 29.05 12.16
C MET B 2 39.95 27.98 12.23
N ASN B 3 38.78 28.40 12.70
CA ASN B 3 37.78 27.47 13.20
C ASN B 3 36.42 28.15 13.22
N ASN B 4 35.47 27.63 12.43
CA ASN B 4 34.13 28.23 12.37
C ASN B 4 32.99 27.22 12.46
N LYS B 5 32.12 27.37 13.47
CA LYS B 5 30.97 26.47 13.60
C LYS B 5 29.77 27.01 12.81
N VAL B 6 29.15 26.14 12.04
CA VAL B 6 28.06 26.54 11.17
C VAL B 6 26.89 25.58 11.27
N SER B 7 25.77 26.00 10.72
CA SER B 7 24.62 25.13 10.56
C SER B 7 24.01 25.42 9.20
N PHE B 8 23.54 24.37 8.53
CA PHE B 8 22.98 24.57 7.21
C PHE B 8 21.90 23.54 6.89
N THR B 9 20.93 23.95 6.09
CA THR B 9 19.84 23.08 5.64
C THR B 9 20.40 21.83 4.95
N ASN B 10 19.94 20.66 5.38
CA ASN B 10 20.26 19.40 4.69
C ASN B 10 19.46 19.39 3.41
N SER B 11 20.14 19.48 2.28
CA SER B 11 19.46 19.49 1.00
C SER B 11 18.65 18.24 0.70
N ASN B 12 18.98 17.10 1.33
CA ASN B 12 18.20 15.87 1.10
C ASN B 12 16.90 15.89 1.90
N ASN B 13 16.89 16.64 2.99
CA ASN B 13 15.72 16.76 3.86
C ASN B 13 15.77 18.13 4.51
N PRO B 14 15.20 19.14 3.83
CA PRO B 14 15.28 20.54 4.25
C PRO B 14 14.66 20.86 5.60
N THR B 15 13.92 19.92 6.21
CA THR B 15 13.42 20.15 7.56
C THR B 15 14.53 20.00 8.59
N ILE B 16 15.66 19.43 8.15
CA ILE B 16 16.77 19.15 9.05
C ILE B 16 17.94 20.08 8.74
N SER B 17 18.53 20.68 9.79
CA SER B 17 19.78 21.42 9.66
C SER B 17 20.94 20.63 10.23
N LEU B 18 22.03 20.55 9.48
CA LEU B 18 23.24 19.92 9.96
C LEU B 18 24.10 20.93 10.72
N SER B 19 24.72 20.47 11.81
CA SER B 19 25.68 21.27 12.57
C SER B 19 27.06 20.78 12.15
N ALA B 20 27.98 21.71 11.90
CA ALA B 20 29.31 21.32 11.47
C ALA B 20 30.35 22.33 11.93
N VAL B 21 31.62 21.93 11.88
CA VAL B 21 32.73 22.85 12.14
C VAL B 21 33.69 22.81 10.96
N ILE B 22 33.91 23.97 10.37
CA ILE B 22 34.88 24.14 9.28
C ILE B 22 36.24 24.53 9.88
N TYR B 23 37.28 23.80 9.47
CA TYR B 23 38.65 24.08 9.87
C TYR B 23 39.42 24.66 8.68
N PHE B 24 40.11 25.77 8.92
CA PHE B 24 40.83 26.48 7.88
C PHE B 24 42.33 26.19 7.98
N PRO B 25 43.00 26.03 6.84
CA PRO B 25 44.44 25.72 6.84
C PRO B 25 45.32 26.93 7.19
N PRO B 26 46.62 26.71 7.43
CA PRO B 26 47.56 27.82 7.63
C PRO B 26 47.52 28.85 6.51
N LYS B 27 47.47 30.13 6.87
CA LYS B 27 47.53 31.24 5.91
C LYS B 27 46.36 31.18 4.94
N PHE B 28 45.21 30.80 5.46
CA PHE B 28 44.00 30.69 4.66
C PHE B 28 43.60 32.00 4.02
N ASP B 29 43.43 31.95 2.69
CA ASP B 29 43.05 33.10 1.89
C ASP B 29 41.72 32.79 1.20
N GLU B 30 40.66 33.50 1.60
CA GLU B 30 39.33 33.16 1.10
C GLU B 30 39.13 33.49 -0.38
N THR B 31 40.07 34.22 -0.96
CA THR B 31 40.02 34.54 -2.39
C THR B 31 40.57 33.36 -3.19
N ARG B 32 41.22 32.44 -2.49
CA ARG B 32 41.76 31.25 -3.15
C ARG B 32 40.78 30.08 -3.07
N GLN B 33 40.99 29.08 -3.92
CA GLN B 33 40.19 27.86 -3.94
C GLN B 33 40.98 26.72 -3.32
N TYR B 34 40.43 26.10 -2.28
CA TYR B 34 41.16 25.04 -1.60
C TYR B 34 40.62 23.64 -1.86
N GLN B 35 41.50 22.66 -1.74
CA GLN B 35 41.14 21.26 -1.59
C GLN B 35 40.36 21.11 -0.28
N ALA B 36 39.34 20.26 -0.27
CA ALA B 36 38.47 20.13 0.89
C ALA B 36 38.19 18.67 1.23
N ILE B 37 38.06 18.37 2.51
CA ILE B 37 37.81 16.99 2.94
C ILE B 37 36.66 16.97 3.93
N VAL B 38 35.68 16.11 3.65
CA VAL B 38 34.55 15.91 4.55
C VAL B 38 34.84 14.79 5.53
N LEU B 39 34.79 15.12 6.82
CA LEU B 39 35.04 14.13 7.88
C LEU B 39 33.75 13.55 8.44
N SER B 40 33.58 12.24 8.32
CA SER B 40 32.40 11.56 8.88
C SER B 40 32.75 10.77 10.14
N HIS B 41 31.89 10.87 11.15
CA HIS B 41 32.19 10.35 12.49
C HIS B 41 31.79 8.88 12.71
N PRO B 42 32.38 8.22 13.71
CA PRO B 42 32.01 6.87 14.12
C PRO B 42 30.52 6.70 14.40
N GLY B 43 30.05 5.46 14.49
CA GLY B 43 28.68 5.22 14.88
C GLY B 43 28.51 5.60 16.34
N GLY B 44 27.56 6.49 16.62
CA GLY B 44 27.37 7.02 17.96
C GLY B 44 28.29 8.18 18.28
N GLY B 45 29.13 8.55 17.33
CA GLY B 45 30.08 9.62 17.55
C GLY B 45 29.60 10.98 17.07
N VAL B 46 30.34 12.03 17.43
CA VAL B 46 30.00 13.39 17.01
C VAL B 46 31.25 14.15 16.57
N LYS B 47 31.03 15.35 16.01
CA LYS B 47 32.11 16.14 15.41
C LYS B 47 33.15 16.65 16.41
N GLU B 48 32.79 16.68 17.69
CA GLU B 48 33.71 17.13 18.73
C GLU B 48 34.67 16.04 19.15
N GLN B 49 34.41 14.81 18.74
CA GLN B 49 35.28 13.69 19.13
C GLN B 49 36.34 13.44 18.06
N THR B 50 36.70 12.17 17.83
CA THR B 50 37.84 11.86 16.96
C THR B 50 37.76 12.47 15.55
N ALA B 51 36.53 12.60 15.03
CA ALA B 51 36.37 13.17 13.69
C ALA B 51 36.88 14.62 13.62
N GLY B 52 36.59 15.40 14.67
CA GLY B 52 37.07 16.77 14.72
C GLY B 52 38.58 16.84 14.91
N THR B 53 39.14 15.83 15.56
CA THR B 53 40.58 15.75 15.74
C THR B 53 41.24 15.55 14.38
N TYR B 54 40.76 14.56 13.63
CA TYR B 54 41.31 14.36 12.29
C TYR B 54 41.08 15.56 11.37
N ALA B 55 39.92 16.20 11.50
CA ALA B 55 39.61 17.36 10.66
C ALA B 55 40.61 18.50 10.96
N LYS B 56 40.77 18.80 12.24
CA LYS B 56 41.73 19.81 12.66
C LYS B 56 43.13 19.52 12.12
N LYS B 57 43.61 18.30 12.37
CA LYS B 57 44.99 18.00 11.97
C LYS B 57 45.20 17.99 10.45
N LEU B 58 44.19 17.55 9.71
CA LEU B 58 44.28 17.57 8.24
C LEU B 58 44.30 19.02 7.77
N ALA B 59 43.50 19.87 8.42
CA ALA B 59 43.49 21.28 8.06
C ALA B 59 44.87 21.88 8.29
N GLU B 60 45.57 21.43 9.34
CA GLU B 60 46.95 21.88 9.55
C GLU B 60 47.83 21.65 8.32
N LYS B 61 47.52 20.60 7.56
CA LYS B 61 48.34 20.20 6.42
C LYS B 61 47.93 20.89 5.11
N GLY B 62 47.02 21.84 5.19
CA GLY B 62 46.73 22.69 4.03
C GLY B 62 45.34 22.60 3.44
N PHE B 63 44.47 21.80 4.04
CA PHE B 63 43.11 21.60 3.51
C PHE B 63 42.07 22.40 4.28
N VAL B 64 40.99 22.77 3.59
CA VAL B 64 39.78 23.18 4.27
C VAL B 64 39.11 21.87 4.66
N THR B 65 38.75 21.69 5.94
CA THR B 65 38.07 20.45 6.31
C THR B 65 36.75 20.75 7.01
N ILE B 66 35.83 19.79 6.98
CA ILE B 66 34.56 19.98 7.66
C ILE B 66 34.16 18.71 8.41
N ALA B 67 33.92 18.88 9.71
CA ALA B 67 33.43 17.78 10.55
C ALA B 67 31.99 18.07 10.93
N TYR B 68 31.06 17.18 10.56
CA TYR B 68 29.63 17.46 10.72
C TYR B 68 28.99 16.42 11.65
N ASP B 69 27.86 16.77 12.25
CA ASP B 69 27.06 15.79 12.98
C ASP B 69 26.03 15.20 12.03
N ALA B 70 25.95 13.88 11.99
CA ALA B 70 24.95 13.19 11.16
C ALA B 70 23.53 13.67 11.48
N SER B 71 22.64 13.65 10.47
CA SER B 71 21.22 13.93 10.70
C SER B 71 20.79 13.06 11.86
N TYR B 72 19.89 13.59 12.70
CA TYR B 72 19.30 12.90 13.85
C TYR B 72 20.28 12.77 15.02
N GLN B 73 21.51 13.27 14.85
CA GLN B 73 22.56 13.06 15.85
C GLN B 73 23.35 14.33 16.16
N GLY B 74 24.17 14.28 17.21
CA GLY B 74 24.95 15.43 17.62
C GLY B 74 24.07 16.65 17.84
N GLU B 75 24.48 17.78 17.24
CA GLU B 75 23.69 18.99 17.29
C GLU B 75 22.89 19.21 16.01
N SER B 76 22.87 18.21 15.12
CA SER B 76 22.08 18.32 13.89
C SER B 76 20.62 18.06 14.22
N GLY B 77 19.72 18.54 13.38
CA GLY B 77 18.29 18.36 13.63
C GLY B 77 17.79 16.96 13.30
N GLY B 78 16.48 16.77 13.43
CA GLY B 78 15.87 15.52 13.03
C GLY B 78 15.35 14.69 14.18
N GLU B 79 14.15 14.15 14.00
CA GLU B 79 13.54 13.23 14.94
C GLU B 79 13.13 11.98 14.18
N PRO B 80 13.26 10.80 14.80
CA PRO B 80 13.71 10.52 16.17
C PRO B 80 15.21 10.65 16.35
N ARG B 81 15.62 11.08 17.53
CA ARG B 81 17.05 11.21 17.83
C ARG B 81 17.73 9.84 17.81
N GLN B 82 18.96 9.84 17.33
CA GLN B 82 19.85 8.67 17.30
C GLN B 82 19.41 7.64 16.27
N LEU B 83 18.56 8.04 15.32
CA LEU B 83 18.32 7.21 14.15
C LEU B 83 19.66 6.86 13.52
N GLU B 84 19.82 5.60 13.17
CA GLU B 84 21.00 5.17 12.42
C GLU B 84 20.51 4.52 11.13
N ASN B 85 19.86 5.30 10.29
CA ASN B 85 19.50 4.85 8.96
C ASN B 85 20.75 4.97 8.10
N PRO B 86 21.31 3.83 7.64
CA PRO B 86 22.62 3.84 6.98
C PRO B 86 22.58 4.54 5.63
N TYR B 87 21.41 4.55 5.01
CA TYR B 87 21.21 5.26 3.74
C TYR B 87 21.21 6.78 3.94
N ILE B 88 20.69 7.21 5.07
CA ILE B 88 20.69 8.61 5.42
C ILE B 88 22.09 9.02 5.86
N ARG B 89 22.74 8.20 6.70
CA ARG B 89 24.12 8.50 7.09
C ARG B 89 25.00 8.64 5.84
N THR B 90 24.76 7.79 4.85
CA THR B 90 25.53 7.90 3.61
C THR B 90 25.19 9.19 2.85
N GLU B 91 23.90 9.46 2.66
CA GLU B 91 23.48 10.65 1.88
C GLU B 91 23.86 12.00 2.51
N ASP B 92 23.95 12.01 3.84
CA ASP B 92 24.39 13.20 4.59
C ASP B 92 25.69 13.74 4.01
N ILE B 93 26.59 12.84 3.60
CA ILE B 93 27.88 13.28 3.05
C ILE B 93 27.65 14.10 1.79
N SER B 94 26.69 13.68 0.98
CA SER B 94 26.33 14.45 -0.22
C SER B 94 25.74 15.78 0.15
N ALA B 95 24.97 15.81 1.23
CA ALA B 95 24.41 17.11 1.67
C ALA B 95 25.52 18.09 2.12
N VAL B 96 26.51 17.54 2.81
CA VAL B 96 27.67 18.30 3.25
C VAL B 96 28.43 18.84 2.02
N ILE B 97 28.67 17.97 1.03
CA ILE B 97 29.33 18.40 -0.21
C ILE B 97 28.53 19.49 -0.91
N ASP B 98 27.21 19.35 -0.94
CA ASP B 98 26.35 20.39 -1.49
C ASP B 98 26.66 21.71 -0.81
N TYR B 99 26.71 21.69 0.53
CA TYR B 99 27.06 22.91 1.27
C TYR B 99 28.44 23.45 0.87
N LEU B 100 29.43 22.56 0.75
CA LEU B 100 30.77 23.00 0.35
C LEU B 100 30.75 23.69 -1.02
N THR B 101 29.88 23.25 -1.93
CA THR B 101 29.89 23.87 -3.26
C THR B 101 29.41 25.32 -3.24
N THR B 102 28.79 25.74 -2.15
CA THR B 102 28.30 27.10 -2.06
C THR B 102 29.35 28.02 -1.49
N LEU B 103 30.46 27.44 -1.05
CA LEU B 103 31.53 28.21 -0.43
C LEU B 103 32.61 28.52 -1.48
N SER B 104 32.79 29.80 -1.79
CA SER B 104 33.69 30.22 -2.87
C SER B 104 35.13 29.77 -2.67
N TYR B 105 35.54 29.60 -1.42
CA TYR B 105 36.93 29.25 -1.15
C TYR B 105 37.21 27.75 -1.24
N VAL B 106 36.20 26.94 -1.59
CA VAL B 106 36.51 25.54 -1.89
C VAL B 106 36.37 25.23 -3.38
N ASP B 107 37.32 24.46 -3.90
CA ASP B 107 37.32 24.04 -5.28
C ASP B 107 36.42 22.82 -5.43
N ASN B 108 35.31 22.98 -6.16
CA ASN B 108 34.36 21.89 -6.35
C ASN B 108 34.99 20.62 -6.93
N THR B 109 36.09 20.79 -7.67
CA THR B 109 36.73 19.68 -8.35
C THR B 109 37.77 18.97 -7.50
N ARG B 110 37.99 19.46 -6.28
CA ARG B 110 39.01 18.89 -5.41
C ARG B 110 38.50 18.54 -4.01
N ILE B 111 37.37 17.83 -3.96
CA ILE B 111 36.76 17.46 -2.67
C ILE B 111 36.99 15.99 -2.42
N GLY B 112 37.49 15.68 -1.25
CA GLY B 112 37.68 14.31 -0.87
C GLY B 112 36.90 14.05 0.42
N ALA B 113 36.94 12.81 0.85
CA ALA B 113 36.30 12.42 2.08
C ALA B 113 36.95 11.32 2.86
N MET B 114 36.87 11.44 4.17
CA MET B 114 37.35 10.38 5.05
C MET B 114 36.41 10.13 6.26
N GLY B 115 36.49 8.93 6.83
CA GLY B 115 35.64 8.63 7.96
C GLY B 115 36.39 7.73 8.92
N ILE B 116 35.94 7.68 10.16
CA ILE B 116 36.48 6.76 11.15
C ILE B 116 35.36 5.83 11.57
N CYS B 117 35.67 4.55 11.78
CA CYS B 117 34.69 3.57 12.25
C CYS B 117 33.53 3.50 11.24
N ALA B 118 32.29 3.49 11.70
CA ALA B 118 31.16 3.40 10.75
C ALA B 118 31.17 4.50 9.68
N GLY B 119 31.61 5.68 10.07
CA GLY B 119 31.65 6.81 9.16
C GLY B 119 32.60 6.57 7.99
N ALA B 120 33.50 5.61 8.16
CA ALA B 120 34.38 5.19 7.08
C ALA B 120 33.58 4.39 6.07
N GLY B 121 32.80 3.44 6.58
CA GLY B 121 31.91 2.67 5.73
C GLY B 121 31.00 3.59 4.93
N TYR B 122 30.38 4.53 5.64
CA TYR B 122 29.50 5.48 4.96
C TYR B 122 30.28 6.23 3.87
N THR B 123 31.52 6.57 4.18
CA THR B 123 32.34 7.32 3.21
C THR B 123 32.50 6.49 1.96
N ALA B 124 32.73 5.19 2.16
CA ALA B 124 32.92 4.33 1.01
C ALA B 124 31.63 4.40 0.19
N ASN B 125 30.51 4.24 0.88
CA ASN B 125 29.23 4.20 0.21
C ASN B 125 29.08 5.51 -0.55
N ALA B 126 29.46 6.60 0.11
CA ALA B 126 29.25 7.91 -0.50
C ALA B 126 30.07 7.96 -1.79
N ALA B 127 31.31 7.49 -1.73
CA ALA B 127 32.16 7.57 -2.91
C ALA B 127 31.55 6.80 -4.08
N ILE B 128 30.82 5.73 -3.75
CA ILE B 128 30.24 4.89 -4.78
C ILE B 128 29.16 5.69 -5.51
N GLN B 129 28.35 6.44 -4.75
CA GLN B 129 27.16 7.04 -5.37
C GLN B 129 27.31 8.54 -5.66
N ASP B 130 28.33 9.15 -5.07
CA ASP B 130 28.52 10.58 -5.27
C ASP B 130 29.85 10.84 -5.93
N ARG B 131 29.81 11.04 -7.25
CA ARG B 131 31.02 11.14 -8.06
C ARG B 131 31.80 12.45 -7.88
N ARG B 132 31.26 13.36 -7.07
CA ARG B 132 32.00 14.57 -6.73
C ARG B 132 33.12 14.27 -5.74
N ILE B 133 33.08 13.08 -5.11
CA ILE B 133 34.15 12.67 -4.19
C ILE B 133 35.32 12.11 -5.01
N LYS B 134 36.48 12.77 -4.90
N LYS B 134 36.48 12.77 -4.94
CA LYS B 134 37.62 12.53 -5.77
CA LYS B 134 37.59 12.42 -5.84
C LYS B 134 38.57 11.46 -5.23
C LYS B 134 38.56 11.41 -5.24
N ALA B 135 38.55 11.27 -3.92
CA ALA B 135 39.43 10.33 -3.25
C ALA B 135 38.87 10.11 -1.86
N ILE B 136 39.09 8.93 -1.29
CA ILE B 136 38.63 8.67 0.07
C ILE B 136 39.74 8.12 0.97
N GLY B 137 39.57 8.28 2.28
CA GLY B 137 40.46 7.68 3.28
C GLY B 137 39.63 7.09 4.41
N THR B 138 40.15 6.04 5.05
CA THR B 138 39.41 5.41 6.15
C THR B 138 40.37 5.12 7.31
N VAL B 139 39.87 5.30 8.53
CA VAL B 139 40.62 4.98 9.75
C VAL B 139 39.73 4.05 10.58
N SER B 140 40.30 2.94 11.06
CA SER B 140 39.52 1.91 11.75
C SER B 140 38.16 1.66 11.11
N ALA B 141 38.18 1.53 9.78
CA ALA B 141 36.96 1.38 9.00
C ALA B 141 36.02 0.31 9.55
N VAL B 142 34.74 0.69 9.66
CA VAL B 142 33.65 -0.25 9.96
C VAL B 142 32.59 -0.16 8.85
N ASN B 143 32.19 -1.32 8.32
CA ASN B 143 31.01 -1.43 7.48
C ASN B 143 29.92 -1.84 8.44
N ILE B 144 29.08 -0.88 8.86
CA ILE B 144 28.12 -1.13 9.95
C ILE B 144 27.20 -2.33 9.70
N GLY B 145 26.84 -2.53 8.44
CA GLY B 145 26.03 -3.67 8.08
C GLY B 145 26.77 -4.93 8.47
N SER B 146 28.03 -5.01 8.05
CA SER B 146 28.83 -6.22 8.26
C SER B 146 28.98 -6.50 9.74
N ILE B 147 29.23 -5.45 10.51
CA ILE B 147 29.50 -5.63 11.92
C ILE B 147 28.24 -6.08 12.66
N PHE B 148 27.08 -5.56 12.29
CA PHE B 148 25.85 -6.04 12.95
C PHE B 148 25.36 -7.41 12.46
N ARG B 149 25.60 -7.74 11.19
CA ARG B 149 25.09 -8.98 10.59
C ARG B 149 25.99 -10.19 10.88
N ASN B 150 27.30 -9.99 10.72
CA ASN B 150 28.26 -11.09 10.85
C ASN B 150 29.14 -11.03 12.08
N GLY B 151 28.94 -9.99 12.90
CA GLY B 151 29.64 -9.89 14.16
C GLY B 151 30.92 -9.07 14.12
N TRP B 152 31.40 -8.66 15.29
CA TRP B 152 32.66 -7.92 15.41
C TRP B 152 33.81 -8.73 14.83
N GLU B 153 33.70 -10.05 14.92
CA GLU B 153 34.77 -10.95 14.47
C GLU B 153 34.47 -11.61 13.12
N ASN B 154 33.39 -11.18 12.47
CA ASN B 154 32.98 -11.80 11.21
C ASN B 154 32.84 -13.33 11.34
N ASN B 155 32.14 -13.75 12.39
CA ASN B 155 31.92 -15.18 12.61
C ASN B 155 30.45 -15.56 12.77
N VAL B 156 29.54 -14.67 12.39
CA VAL B 156 28.12 -15.00 12.39
C VAL B 156 27.63 -15.11 10.95
N LYS B 157 27.08 -16.26 10.60
CA LYS B 157 26.45 -16.43 9.28
C LYS B 157 25.30 -15.44 9.16
N SER B 158 25.16 -14.81 7.98
CA SER B 158 24.17 -13.76 7.78
C SER B 158 22.76 -14.21 8.11
N ILE B 159 22.39 -15.40 7.67
CA ILE B 159 21.03 -15.90 7.92
C ILE B 159 20.78 -15.99 9.43
N ASP B 160 21.83 -16.30 10.20
CA ASP B 160 21.70 -16.40 11.65
C ASP B 160 21.42 -15.06 12.31
N ALA B 161 21.57 -13.99 11.55
CA ALA B 161 21.26 -12.65 12.05
C ALA B 161 19.78 -12.31 11.84
N LEU B 162 19.00 -13.23 11.29
CA LEU B 162 17.56 -12.97 11.11
C LEU B 162 16.79 -12.47 12.36
N PRO B 163 17.06 -13.02 13.57
CA PRO B 163 16.32 -12.51 14.73
C PRO B 163 16.57 -11.02 15.00
N TYR B 164 17.70 -10.51 14.53
CA TYR B 164 18.01 -9.09 14.63
C TYR B 164 17.18 -8.28 13.63
N VAL B 165 16.99 -8.82 12.44
CA VAL B 165 16.12 -8.17 11.48
C VAL B 165 14.72 -8.15 12.05
N GLU B 166 14.29 -9.29 12.61
CA GLU B 166 12.99 -9.36 13.28
C GLU B 166 12.88 -8.33 14.39
N ALA B 167 13.94 -8.21 15.19
CA ALA B 167 13.94 -7.26 16.30
C ALA B 167 13.77 -5.82 15.84
N GLY B 168 14.40 -5.47 14.72
CA GLY B 168 14.25 -4.11 14.20
C GLY B 168 12.85 -3.90 13.66
N SER B 169 12.28 -4.95 13.09
CA SER B 169 10.92 -4.87 12.55
C SER B 169 9.91 -4.69 13.67
N ASN B 170 10.06 -5.46 14.74
CA ASN B 170 9.08 -5.39 15.83
C ASN B 170 9.21 -4.10 16.61
N ALA B 171 10.40 -3.51 16.58
CA ALA B 171 10.64 -2.23 17.24
C ALA B 171 9.75 -1.16 16.62
N ARG B 172 9.53 -1.27 15.32
CA ARG B 172 8.67 -0.34 14.61
C ARG B 172 7.24 -0.46 15.12
N THR B 173 6.79 -1.67 15.39
CA THR B 173 5.46 -1.90 15.95
C THR B 173 5.34 -1.29 17.35
N SER B 174 6.35 -1.53 18.19
CA SER B 174 6.29 -1.04 19.56
C SER B 174 6.51 0.47 19.64
N ASP B 175 7.31 1.01 18.72
CA ASP B 175 7.53 2.46 18.65
C ASP B 175 6.21 3.20 18.40
N ILE B 176 5.43 2.72 17.43
CA ILE B 176 4.22 3.45 17.05
C ILE B 176 3.13 3.28 18.10
N SER B 177 3.14 2.12 18.76
CA SER B 177 2.16 1.86 19.81
C SER B 177 2.42 2.72 21.04
N SER B 178 3.70 2.85 21.42
CA SER B 178 4.07 3.48 22.68
C SER B 178 4.36 4.97 22.59
N GLY B 179 4.51 5.49 21.37
CA GLY B 179 4.87 6.88 21.17
C GLY B 179 6.32 7.17 21.54
N GLU B 180 7.09 6.10 21.76
CA GLU B 180 8.51 6.20 22.14
C GLU B 180 9.40 5.49 21.12
N TYR B 181 10.71 5.45 21.39
CA TYR B 181 11.65 4.72 20.55
C TYR B 181 12.53 3.75 21.34
N ALA B 182 12.45 2.48 20.99
CA ALA B 182 13.36 1.49 21.56
C ALA B 182 14.78 1.78 21.08
N ILE B 183 15.76 1.45 21.92
CA ILE B 183 17.16 1.77 21.62
C ILE B 183 18.05 0.54 21.69
N MET B 184 19.24 0.66 21.13
CA MET B 184 20.24 -0.39 21.21
C MET B 184 21.61 0.24 21.35
N PRO B 185 22.50 -0.42 22.09
CA PRO B 185 23.84 0.15 22.25
C PRO B 185 24.61 0.12 20.94
N LEU B 186 25.50 1.09 20.76
CA LEU B 186 26.45 1.02 19.67
C LEU B 186 27.74 0.47 20.26
N ALA B 187 28.48 1.32 20.95
CA ALA B 187 29.55 0.83 21.83
C ALA B 187 28.89 0.34 23.12
N PRO B 188 29.59 -0.51 23.91
CA PRO B 188 28.95 -0.98 25.14
C PRO B 188 28.54 0.17 26.04
N MET B 189 27.31 0.13 26.56
CA MET B 189 26.80 1.19 27.43
C MET B 189 27.41 1.06 28.82
N LYS B 190 27.83 -0.16 29.15
CA LYS B 190 28.45 -0.46 30.44
C LYS B 190 29.80 -1.14 30.28
N GLU B 191 30.77 -0.75 31.09
CA GLU B 191 32.10 -1.36 31.08
C GLU B 191 32.00 -2.89 31.14
N SER B 192 31.10 -3.38 31.98
CA SER B 192 30.90 -4.81 32.16
C SER B 192 30.35 -5.49 30.90
N ASP B 193 29.58 -4.75 30.09
CA ASP B 193 28.99 -5.30 28.86
C ASP B 193 30.04 -5.62 27.82
N ALA B 194 31.23 -5.04 27.96
CA ALA B 194 32.27 -5.24 26.97
C ALA B 194 32.88 -6.64 27.04
N PRO B 195 32.72 -7.42 25.95
CA PRO B 195 33.22 -8.80 25.93
C PRO B 195 34.73 -8.88 25.75
N ASN B 196 35.37 -7.79 25.35
CA ASN B 196 36.84 -7.73 25.35
C ASN B 196 37.41 -6.34 25.60
N GLU B 197 38.74 -6.26 25.64
CA GLU B 197 39.42 -5.02 25.99
C GLU B 197 39.20 -3.90 24.96
N GLU B 198 39.19 -4.22 23.68
CA GLU B 198 38.98 -3.21 22.63
C GLU B 198 37.59 -2.58 22.76
N LEU B 199 36.58 -3.42 23.01
CA LEU B 199 35.22 -2.93 23.17
C LEU B 199 35.04 -2.21 24.51
N ARG B 200 35.84 -2.60 25.50
CA ARG B 200 35.84 -1.91 26.79
C ARG B 200 36.43 -0.53 26.60
N GLN B 201 37.38 -0.44 25.69
CA GLN B 201 38.01 0.83 25.38
C GLN B 201 37.01 1.68 24.61
N ALA B 202 36.17 1.05 23.79
CA ALA B 202 35.07 1.79 23.16
C ALA B 202 34.14 2.38 24.24
N TRP B 203 33.73 1.54 25.19
CA TRP B 203 32.91 2.01 26.32
C TRP B 203 33.57 3.20 27.01
N GLU B 204 34.85 3.06 27.31
CA GLU B 204 35.62 4.09 27.99
C GLU B 204 35.70 5.40 27.19
N TYR B 205 35.86 5.26 25.88
CA TYR B 205 35.89 6.40 24.99
C TYR B 205 34.58 7.15 25.08
N TYR B 206 33.46 6.42 24.99
CA TYR B 206 32.17 7.12 24.93
C TYR B 206 31.50 7.49 26.25
N HIS B 207 31.95 6.91 27.36
CA HIS B 207 31.18 7.07 28.61
C HIS B 207 32.00 7.50 29.83
N THR B 208 33.28 7.82 29.60
CA THR B 208 34.14 8.45 30.59
C THR B 208 34.75 9.70 29.96
N PRO B 209 35.32 10.60 30.78
CA PRO B 209 35.93 11.84 30.27
C PRO B 209 37.04 11.64 29.24
N ARG B 210 37.40 10.40 28.91
CA ARG B 210 38.36 10.15 27.84
C ARG B 210 37.89 10.87 26.58
N ALA B 211 36.62 10.69 26.22
CA ALA B 211 36.04 11.45 25.12
C ALA B 211 34.52 11.59 25.15
N GLN B 212 33.89 11.31 26.30
CA GLN B 212 32.46 11.51 26.45
C GLN B 212 32.03 12.89 25.96
N TYR B 213 30.96 12.96 25.18
CA TYR B 213 30.38 14.23 24.80
C TYR B 213 28.87 14.09 24.89
N PRO B 214 28.20 15.09 25.49
CA PRO B 214 26.80 14.90 25.89
C PRO B 214 25.81 14.75 24.73
N THR B 215 26.16 15.22 23.54
CA THR B 215 25.27 15.03 22.38
C THR B 215 25.46 13.64 21.76
N ALA B 216 26.37 12.86 22.35
CA ALA B 216 26.70 11.53 21.87
C ALA B 216 26.37 10.48 22.94
N PRO B 217 25.09 10.08 23.02
CA PRO B 217 24.67 9.19 24.10
C PRO B 217 25.17 7.75 23.94
N GLY B 218 25.48 7.35 22.71
CA GLY B 218 26.12 6.06 22.50
C GLY B 218 25.16 4.92 22.21
N TYR B 219 23.92 5.28 21.92
CA TYR B 219 22.96 4.29 21.46
C TYR B 219 22.28 4.76 20.17
N ALA B 220 21.63 3.83 19.48
CA ALA B 220 20.87 4.13 18.26
C ALA B 220 19.43 3.66 18.47
N THR B 221 18.53 4.08 17.59
CA THR B 221 17.15 3.61 17.65
C THR B 221 17.07 2.17 17.16
N LEU B 222 16.45 1.30 17.95
CA LEU B 222 16.38 -0.12 17.60
C LEU B 222 15.74 -0.34 16.22
N ARG B 223 14.82 0.55 15.85
CA ARG B 223 14.12 0.45 14.57
C ARG B 223 15.06 0.41 13.37
N SER B 224 16.28 0.93 13.53
CA SER B 224 17.24 0.98 12.42
C SER B 224 17.91 -0.37 12.19
N LEU B 225 17.79 -1.25 13.18
CA LEU B 225 18.55 -2.50 13.16
C LEU B 225 18.22 -3.30 11.91
N ASN B 226 16.94 -3.38 11.56
CA ASN B 226 16.58 -4.15 10.36
C ASN B 226 17.22 -3.58 9.08
N GLN B 227 17.33 -2.25 8.97
CA GLN B 227 18.00 -1.71 7.79
C GLN B 227 19.50 -1.99 7.88
N ILE B 228 20.03 -1.94 9.10
CA ILE B 228 21.48 -2.09 9.23
C ILE B 228 21.93 -3.50 8.87
N ILE B 229 21.20 -4.50 9.36
CA ILE B 229 21.54 -5.90 9.03
C ILE B 229 21.57 -6.14 7.53
N THR B 230 20.61 -5.55 6.81
CA THR B 230 20.47 -5.79 5.38
C THR B 230 21.25 -4.76 4.55
N TYR B 231 22.23 -4.11 5.17
CA TYR B 231 23.01 -3.04 4.54
C TYR B 231 24.43 -3.52 4.25
N ASP B 232 25.00 -3.02 3.16
CA ASP B 232 26.42 -3.24 2.84
C ASP B 232 27.01 -1.92 2.41
N ALA B 233 27.91 -1.37 3.21
CA ALA B 233 28.51 -0.06 2.91
C ALA B 233 29.31 -0.06 1.62
N TYR B 234 29.70 -1.24 1.16
CA TYR B 234 30.59 -1.36 0.01
C TYR B 234 29.81 -1.90 -1.18
N HIS B 235 28.49 -1.81 -1.12
CA HIS B 235 27.63 -2.36 -2.16
C HIS B 235 28.04 -1.81 -3.53
N MET B 236 28.43 -2.71 -4.43
CA MET B 236 28.87 -2.39 -5.81
C MET B 236 30.27 -1.76 -5.92
N ALA B 237 31.05 -1.84 -4.85
CA ALA B 237 32.42 -1.32 -4.84
C ALA B 237 33.24 -1.83 -6.03
N GLU B 238 33.04 -3.09 -6.39
CA GLU B 238 33.78 -3.70 -7.49
C GLU B 238 33.50 -3.01 -8.82
N VAL B 239 32.40 -2.26 -8.89
CA VAL B 239 32.06 -1.53 -10.11
C VAL B 239 32.37 -0.05 -10.01
N TYR B 240 31.84 0.61 -8.98
CA TYR B 240 31.84 2.09 -8.94
C TYR B 240 32.87 2.74 -8.02
N LEU B 241 33.42 1.99 -7.07
CA LEU B 241 34.45 2.56 -6.22
C LEU B 241 35.77 2.58 -6.99
N THR B 242 35.94 3.61 -7.82
CA THR B 242 37.11 3.71 -8.68
C THR B 242 38.09 4.76 -8.17
N GLN B 243 37.66 5.60 -7.24
CA GLN B 243 38.49 6.70 -6.76
C GLN B 243 39.68 6.19 -5.94
N PRO B 244 40.78 6.96 -5.94
CA PRO B 244 41.89 6.61 -5.05
C PRO B 244 41.39 6.43 -3.62
N THR B 245 41.87 5.38 -2.97
CA THR B 245 41.37 4.99 -1.66
C THR B 245 42.57 4.71 -0.75
N GLN B 246 42.62 5.41 0.39
CA GLN B 246 43.68 5.18 1.36
C GLN B 246 43.13 4.60 2.65
N ILE B 247 43.53 3.36 2.93
CA ILE B 247 43.07 2.65 4.11
C ILE B 247 44.13 2.68 5.22
N VAL B 248 43.67 2.94 6.44
CA VAL B 248 44.56 2.99 7.60
C VAL B 248 43.89 2.16 8.69
N ALA B 249 44.61 1.17 9.22
CA ALA B 249 44.06 0.28 10.25
C ALA B 249 45.18 -0.17 11.18
N GLY B 250 44.85 -0.47 12.43
CA GLY B 250 45.84 -0.94 13.38
C GLY B 250 46.09 -2.44 13.24
N SER B 251 47.35 -2.86 13.40
CA SER B 251 47.71 -4.28 13.29
C SER B 251 46.93 -5.12 14.29
N GLN B 252 46.57 -4.52 15.43
CA GLN B 252 45.85 -5.23 16.49
C GLN B 252 44.34 -5.07 16.42
N ALA B 253 43.84 -4.29 15.46
CA ALA B 253 42.41 -4.01 15.37
C ALA B 253 41.58 -5.26 15.08
N GLY B 254 40.59 -5.54 15.92
CA GLY B 254 39.67 -6.64 15.67
C GLY B 254 38.74 -6.36 14.51
N SER B 255 38.75 -5.12 14.06
CA SER B 255 37.89 -4.67 12.97
C SER B 255 38.65 -4.60 11.64
N LYS B 256 39.92 -5.00 11.66
CA LYS B 256 40.82 -4.91 10.49
C LYS B 256 40.25 -5.59 9.26
N TRP B 257 39.52 -6.68 9.47
CA TRP B 257 38.94 -7.44 8.37
C TRP B 257 38.02 -6.63 7.47
N MET B 258 37.41 -5.57 7.99
CA MET B 258 36.51 -4.76 7.16
C MET B 258 37.30 -3.80 6.27
N SER B 259 38.51 -3.48 6.70
CA SER B 259 39.44 -2.72 5.89
C SER B 259 40.02 -3.62 4.81
N ASP B 260 40.34 -4.86 5.19
CA ASP B 260 40.69 -5.88 4.21
C ASP B 260 39.59 -6.04 3.16
N ASP B 261 38.34 -6.09 3.62
CA ASP B 261 37.21 -6.24 2.71
C ASP B 261 37.09 -5.06 1.75
N LEU B 262 37.16 -3.84 2.28
CA LEU B 262 37.15 -2.65 1.42
C LEU B 262 38.28 -2.66 0.37
N TYR B 263 39.49 -2.95 0.83
CA TYR B 263 40.65 -2.94 -0.06
C TYR B 263 40.44 -3.94 -1.17
N ASP B 264 40.05 -5.16 -0.81
CA ASP B 264 39.87 -6.21 -1.81
C ASP B 264 38.73 -5.92 -2.80
N ARG B 265 37.63 -5.37 -2.31
CA ARG B 265 36.47 -5.15 -3.18
C ARG B 265 36.59 -3.95 -4.11
N ALA B 266 37.30 -2.91 -3.67
CA ALA B 266 37.41 -1.67 -4.44
C ALA B 266 38.01 -1.89 -5.82
N SER B 267 37.37 -1.33 -6.83
CA SER B 267 37.86 -1.38 -8.20
C SER B 267 39.08 -0.49 -8.39
N SER B 268 39.23 0.52 -7.52
CA SER B 268 40.26 1.55 -7.60
C SER B 268 41.62 1.05 -8.07
N GLN B 269 42.20 1.73 -9.06
CA GLN B 269 43.54 1.40 -9.52
C GLN B 269 44.55 1.87 -8.50
N ASP B 270 44.23 2.97 -7.83
CA ASP B 270 45.09 3.52 -6.78
C ASP B 270 44.48 3.27 -5.42
N LYS B 271 44.67 2.06 -4.90
CA LYS B 271 44.23 1.77 -3.54
C LYS B 271 45.44 1.42 -2.69
N ARG B 272 45.45 1.94 -1.47
CA ARG B 272 46.59 1.81 -0.58
C ARG B 272 46.11 1.29 0.74
N TYR B 273 47.02 0.68 1.49
CA TYR B 273 46.71 0.13 2.80
C TYR B 273 47.91 0.36 3.71
N HIS B 274 47.72 1.20 4.72
CA HIS B 274 48.76 1.44 5.69
C HIS B 274 48.41 0.85 7.04
N ILE B 275 49.23 -0.08 7.51
CA ILE B 275 49.01 -0.65 8.83
C ILE B 275 49.74 0.18 9.87
N VAL B 276 49.05 0.55 10.94
CA VAL B 276 49.72 1.18 12.07
C VAL B 276 50.08 0.08 13.07
N GLU B 277 51.38 -0.26 13.14
CA GLU B 277 51.82 -1.37 13.98
C GLU B 277 51.60 -1.14 15.48
N GLY B 278 50.97 -2.10 16.12
CA GLY B 278 50.80 -2.04 17.56
C GLY B 278 49.52 -1.34 18.02
N ALA B 279 48.75 -0.81 17.06
CA ALA B 279 47.50 -0.11 17.36
C ALA B 279 46.29 -1.02 17.26
N ASN B 280 45.30 -0.84 18.15
CA ASN B 280 44.01 -1.50 17.99
C ASN B 280 43.00 -0.55 17.36
N HIS B 281 41.73 -0.95 17.33
CA HIS B 281 40.68 -0.13 16.70
C HIS B 281 40.60 1.25 17.33
N MET B 282 40.54 1.28 18.66
CA MET B 282 40.31 2.50 19.42
C MET B 282 41.53 3.40 19.52
N ASP B 283 42.72 2.80 19.47
CA ASP B 283 43.98 3.55 19.54
C ASP B 283 44.07 4.64 18.47
N LEU B 284 43.50 4.39 17.29
CA LEU B 284 43.56 5.35 16.20
C LEU B 284 42.60 6.52 16.38
N TYR B 285 41.73 6.46 17.40
CA TYR B 285 40.81 7.57 17.68
C TYR B 285 41.55 8.72 18.35
N ASP B 286 42.42 8.40 19.32
CA ASP B 286 42.97 9.45 20.19
C ASP B 286 44.42 9.25 20.73
N GLY B 287 45.12 8.21 20.32
CA GLY B 287 46.51 8.07 20.69
C GLY B 287 47.36 9.05 19.88
N LYS B 288 48.07 9.93 20.57
CA LYS B 288 48.86 11.00 19.93
C LYS B 288 49.70 10.50 18.77
N ALA B 289 50.61 9.58 19.05
CA ALA B 289 51.51 9.05 18.02
C ALA B 289 50.74 8.33 16.91
N TYR B 290 49.70 7.59 17.28
CA TYR B 290 48.95 6.79 16.31
C TYR B 290 48.21 7.72 15.35
N VAL B 291 47.52 8.72 15.91
CA VAL B 291 46.84 9.73 15.12
C VAL B 291 47.85 10.44 14.24
N ALA B 292 48.99 10.82 14.82
CA ALA B 292 50.02 11.53 14.06
C ALA B 292 50.47 10.72 12.85
N GLU B 293 50.65 9.43 13.04
CA GLU B 293 51.04 8.53 11.95
C GLU B 293 49.95 8.49 10.88
N ALA B 294 48.72 8.27 11.33
CA ALA B 294 47.57 8.23 10.41
C ALA B 294 47.58 9.47 9.55
N ILE B 295 47.65 10.63 10.18
CA ILE B 295 47.74 11.91 9.47
C ILE B 295 48.95 11.95 8.51
N SER B 296 50.07 11.38 8.92
CA SER B 296 51.27 11.39 8.08
C SER B 296 51.07 10.54 6.83
N VAL B 297 50.12 9.60 6.86
CA VAL B 297 49.78 8.88 5.62
C VAL B 297 48.66 9.58 4.82
N LEU B 298 47.65 10.07 5.54
CA LEU B 298 46.45 10.62 4.93
C LEU B 298 46.68 11.96 4.24
N ALA B 299 47.42 12.85 4.88
CA ALA B 299 47.65 14.18 4.30
C ALA B 299 48.36 14.13 2.92
N PRO B 300 49.49 13.39 2.82
CA PRO B 300 50.13 13.40 1.50
C PRO B 300 49.29 12.66 0.45
N PHE B 301 48.52 11.67 0.90
CA PHE B 301 47.58 10.99 0.00
C PHE B 301 46.59 11.96 -0.61
N PHE B 302 45.86 12.67 0.24
CA PHE B 302 44.92 13.67 -0.25
C PHE B 302 45.65 14.75 -1.05
N GLU B 303 46.88 15.03 -0.67
CA GLU B 303 47.68 16.02 -1.39
C GLU B 303 47.92 15.59 -2.83
N GLU B 304 48.13 14.30 -3.02
CA GLU B 304 48.38 13.75 -4.35
C GLU B 304 47.12 13.61 -5.19
N THR B 305 46.00 13.35 -4.54
CA THR B 305 44.82 12.89 -5.28
C THR B 305 43.71 13.93 -5.43
N LEU B 306 43.79 15.01 -4.66
CA LEU B 306 42.79 16.07 -4.75
C LEU B 306 43.26 17.24 -5.63
N MET C 1 -8.48 10.91 9.47
CA MET C 1 -9.59 10.49 8.59
C MET C 1 -10.03 11.63 7.67
N MET C 2 -9.91 11.40 6.37
CA MET C 2 -10.28 12.40 5.36
C MET C 2 -11.70 12.19 4.87
N ASN C 3 -12.00 10.98 4.39
CA ASN C 3 -13.39 10.66 4.04
C ASN C 3 -13.73 9.18 4.15
N ASN C 4 -15.02 8.90 4.15
CA ASN C 4 -15.53 7.54 4.26
C ASN C 4 -16.47 7.27 3.10
N LYS C 5 -16.18 6.27 2.27
CA LYS C 5 -17.18 5.83 1.31
C LYS C 5 -18.00 4.72 1.97
N VAL C 6 -19.32 4.93 2.05
CA VAL C 6 -20.21 3.97 2.68
C VAL C 6 -21.33 3.57 1.73
N SER C 7 -22.00 2.51 2.14
CA SER C 7 -23.23 2.05 1.52
C SER C 7 -24.13 1.74 2.70
N PHE C 8 -25.35 2.27 2.69
CA PHE C 8 -26.26 2.00 3.81
C PHE C 8 -27.68 1.75 3.32
N THR C 9 -28.45 1.02 4.11
CA THR C 9 -29.84 0.72 3.75
C THR C 9 -30.67 1.99 3.71
N ASN C 10 -31.45 2.14 2.64
CA ASN C 10 -32.38 3.24 2.53
C ASN C 10 -33.60 2.95 3.40
N SER C 11 -33.78 3.73 4.46
CA SER C 11 -34.84 3.44 5.43
C SER C 11 -36.27 3.58 4.86
N ASN C 12 -36.42 4.35 3.78
CA ASN C 12 -37.72 4.54 3.10
C ASN C 12 -38.09 3.34 2.23
N ASN C 13 -37.06 2.65 1.77
CA ASN C 13 -37.20 1.50 0.89
C ASN C 13 -36.03 0.57 1.13
N PRO C 14 -36.17 -0.34 2.10
CA PRO C 14 -35.02 -1.13 2.57
C PRO C 14 -34.44 -2.07 1.52
N THR C 15 -35.12 -2.29 0.38
CA THR C 15 -34.53 -3.10 -0.68
C THR C 15 -33.40 -2.36 -1.40
N ILE C 16 -33.27 -1.05 -1.15
CA ILE C 16 -32.28 -0.21 -1.83
C ILE C 16 -31.18 0.21 -0.85
N SER C 17 -29.93 0.17 -1.33
CA SER C 17 -28.80 0.74 -0.60
C SER C 17 -28.36 2.04 -1.26
N LEU C 18 -28.09 3.05 -0.45
CA LEU C 18 -27.55 4.30 -0.97
C LEU C 18 -26.02 4.28 -0.85
N SER C 19 -25.36 4.76 -1.90
CA SER C 19 -23.90 4.91 -1.92
C SER C 19 -23.62 6.36 -1.51
N ALA C 20 -22.66 6.57 -0.61
CA ALA C 20 -22.37 7.94 -0.17
C ALA C 20 -20.91 8.09 0.22
N VAL C 21 -20.45 9.33 0.32
CA VAL C 21 -19.11 9.64 0.85
C VAL C 21 -19.29 10.73 1.89
N ILE C 22 -18.79 10.45 3.09
CA ILE C 22 -18.80 11.38 4.21
C ILE C 22 -17.45 12.06 4.27
N TYR C 23 -17.45 13.39 4.27
CA TYR C 23 -16.24 14.17 4.37
C TYR C 23 -16.09 14.73 5.78
N PHE C 24 -14.89 14.57 6.33
CA PHE C 24 -14.59 14.94 7.70
C PHE C 24 -13.89 16.28 7.81
N PRO C 25 -14.23 17.06 8.84
CA PRO C 25 -13.64 18.38 9.01
C PRO C 25 -12.18 18.25 9.45
N PRO C 26 -11.40 19.36 9.39
CA PRO C 26 -10.00 19.29 9.84
C PRO C 26 -9.92 18.87 11.31
N LYS C 27 -8.91 18.08 11.66
CA LYS C 27 -8.75 17.62 13.04
C LYS C 27 -10.01 16.92 13.57
N PHE C 28 -10.71 16.23 12.66
CA PHE C 28 -11.88 15.43 13.02
C PHE C 28 -11.62 14.61 14.26
N ASP C 29 -12.54 14.71 15.21
CA ASP C 29 -12.40 14.01 16.48
C ASP C 29 -13.67 13.23 16.76
N GLU C 30 -13.62 11.92 16.53
CA GLU C 30 -14.80 11.07 16.62
C GLU C 30 -15.49 11.05 17.99
N THR C 31 -14.85 11.62 19.00
CA THR C 31 -15.42 11.62 20.35
C THR C 31 -16.34 12.80 20.55
N ARG C 32 -16.39 13.69 19.56
CA ARG C 32 -17.28 14.84 19.71
C ARG C 32 -18.40 14.81 18.68
N GLN C 33 -19.36 15.75 18.78
CA GLN C 33 -20.55 15.73 17.92
C GLN C 33 -20.66 16.97 17.04
N TYR C 34 -20.47 16.80 15.73
CA TYR C 34 -20.40 17.92 14.80
C TYR C 34 -21.72 18.35 14.17
N GLN C 35 -21.73 19.58 13.67
CA GLN C 35 -22.75 20.04 12.74
C GLN C 35 -22.56 19.29 11.42
N ALA C 36 -23.66 18.99 10.74
CA ALA C 36 -23.59 18.14 9.55
C ALA C 36 -24.42 18.71 8.40
N ILE C 37 -24.01 18.40 7.17
CA ILE C 37 -24.70 18.94 6.00
C ILE C 37 -24.86 17.87 4.91
N VAL C 38 -26.11 17.64 4.50
CA VAL C 38 -26.42 16.69 3.43
C VAL C 38 -26.35 17.40 2.08
N LEU C 39 -25.58 16.83 1.15
CA LEU C 39 -25.48 17.42 -0.18
C LEU C 39 -26.21 16.62 -1.26
N SER C 40 -27.19 17.27 -1.90
CA SER C 40 -27.94 16.62 -2.96
C SER C 40 -27.49 17.11 -4.32
N HIS C 41 -27.38 16.16 -5.26
CA HIS C 41 -26.81 16.42 -6.58
C HIS C 41 -27.83 16.92 -7.62
N PRO C 42 -27.34 17.57 -8.69
CA PRO C 42 -28.19 18.02 -9.81
C PRO C 42 -28.99 16.87 -10.44
N GLY C 43 -29.92 17.20 -11.32
CA GLY C 43 -30.61 16.19 -12.09
C GLY C 43 -29.64 15.48 -13.03
N GLY C 44 -29.53 14.16 -12.86
CA GLY C 44 -28.61 13.39 -13.68
C GLY C 44 -27.22 13.39 -13.09
N GLY C 45 -27.01 14.15 -12.01
CA GLY C 45 -25.70 14.25 -11.38
C GLY C 45 -25.43 13.14 -10.40
N VAL C 46 -24.18 13.07 -9.91
CA VAL C 46 -23.76 12.08 -8.93
C VAL C 46 -22.79 12.69 -7.89
N LYS C 47 -22.52 11.93 -6.83
CA LYS C 47 -21.70 12.44 -5.72
C LYS C 47 -20.28 12.83 -6.11
N GLU C 48 -19.72 12.16 -7.13
CA GLU C 48 -18.38 12.46 -7.63
C GLU C 48 -18.22 13.80 -8.33
N GLN C 49 -19.34 14.44 -8.65
CA GLN C 49 -19.31 15.68 -9.38
C GLN C 49 -19.47 16.90 -8.47
N THR C 50 -20.13 17.94 -8.96
CA THR C 50 -20.12 19.20 -8.22
C THR C 50 -20.56 19.04 -6.75
N ALA C 51 -21.51 18.14 -6.52
CA ALA C 51 -22.04 17.88 -5.18
C ALA C 51 -20.94 17.50 -4.19
N GLY C 52 -20.07 16.59 -4.61
CA GLY C 52 -18.91 16.19 -3.82
C GLY C 52 -17.90 17.30 -3.63
N THR C 53 -17.77 18.17 -4.63
CA THR C 53 -16.90 19.34 -4.52
C THR C 53 -17.37 20.22 -3.37
N TYR C 54 -18.64 20.61 -3.43
CA TYR C 54 -19.22 21.44 -2.38
C TYR C 54 -19.18 20.77 -1.00
N ALA C 55 -19.40 19.46 -0.98
CA ALA C 55 -19.33 18.71 0.28
C ALA C 55 -17.91 18.79 0.87
N LYS C 56 -16.92 18.55 0.01
CA LYS C 56 -15.52 18.51 0.44
C LYS C 56 -15.09 19.88 0.99
N LYS C 57 -15.44 20.94 0.25
CA LYS C 57 -15.16 22.30 0.67
C LYS C 57 -15.78 22.60 2.03
N LEU C 58 -17.10 22.37 2.12
CA LEU C 58 -17.81 22.67 3.34
C LEU C 58 -17.19 21.93 4.52
N ALA C 59 -16.76 20.69 4.27
CA ALA C 59 -16.15 19.90 5.31
C ALA C 59 -14.85 20.56 5.77
N GLU C 60 -14.06 21.07 4.81
CA GLU C 60 -12.85 21.82 5.15
C GLU C 60 -13.20 23.00 6.06
N LYS C 61 -14.42 23.50 5.98
CA LYS C 61 -14.81 24.59 6.87
C LYS C 61 -15.28 24.13 8.28
N GLY C 62 -15.08 22.85 8.59
CA GLY C 62 -15.37 22.36 9.92
C GLY C 62 -16.72 21.67 10.12
N PHE C 63 -17.29 21.15 9.04
CA PHE C 63 -18.52 20.37 9.15
C PHE C 63 -18.26 18.91 8.76
N VAL C 64 -19.13 18.01 9.22
CA VAL C 64 -19.19 16.67 8.66
C VAL C 64 -20.18 16.81 7.52
N THR C 65 -19.81 16.39 6.32
CA THR C 65 -20.75 16.51 5.21
C THR C 65 -20.94 15.17 4.53
N ILE C 66 -22.04 15.01 3.81
CA ILE C 66 -22.26 13.74 3.14
C ILE C 66 -22.83 13.97 1.74
N ALA C 67 -22.17 13.40 0.74
CA ALA C 67 -22.64 13.46 -0.64
C ALA C 67 -23.07 12.06 -1.04
N TYR C 68 -24.33 11.91 -1.44
CA TYR C 68 -24.91 10.59 -1.70
C TYR C 68 -25.43 10.56 -3.13
N ASP C 69 -25.54 9.37 -3.71
CA ASP C 69 -26.22 9.21 -4.99
C ASP C 69 -27.67 8.87 -4.71
N ALA C 70 -28.58 9.53 -5.41
CA ALA C 70 -30.02 9.30 -5.19
C ALA C 70 -30.37 7.85 -5.48
N SER C 71 -31.50 7.37 -4.92
CA SER C 71 -32.03 6.06 -5.27
C SER C 71 -32.13 5.98 -6.79
N TYR C 72 -31.88 4.79 -7.34
CA TYR C 72 -31.97 4.50 -8.79
C TYR C 72 -30.86 5.15 -9.60
N GLN C 73 -29.87 5.74 -8.92
CA GLN C 73 -28.91 6.58 -9.62
C GLN C 73 -27.52 6.37 -9.08
N GLY C 74 -26.51 6.78 -9.85
CA GLY C 74 -25.13 6.64 -9.41
C GLY C 74 -24.82 5.20 -9.06
N GLU C 75 -24.17 5.01 -7.92
CA GLU C 75 -23.88 3.66 -7.45
C GLU C 75 -24.92 3.19 -6.42
N SER C 76 -25.97 3.96 -6.20
CA SER C 76 -27.05 3.50 -5.31
C SER C 76 -27.91 2.46 -6.03
N GLY C 77 -28.60 1.64 -5.26
CA GLY C 77 -29.38 0.56 -5.85
C GLY C 77 -30.75 1.02 -6.33
N GLY C 78 -31.58 0.09 -6.78
CA GLY C 78 -32.92 0.41 -7.25
C GLY C 78 -33.09 0.19 -8.73
N GLU C 79 -34.25 -0.35 -9.11
CA GLU C 79 -34.64 -0.46 -10.51
C GLU C 79 -36.05 0.10 -10.63
N PRO C 80 -36.37 0.73 -11.78
CA PRO C 80 -35.55 0.94 -12.97
C PRO C 80 -34.45 1.99 -12.76
N ARG C 81 -33.30 1.80 -13.40
CA ARG C 81 -32.20 2.76 -13.28
C ARG C 81 -32.58 4.13 -13.83
N GLN C 82 -32.03 5.19 -13.23
CA GLN C 82 -32.25 6.57 -13.69
C GLN C 82 -33.68 7.07 -13.53
N LEU C 83 -34.46 6.39 -12.69
CA LEU C 83 -35.78 6.89 -12.33
C LEU C 83 -35.64 8.27 -11.71
N GLU C 84 -36.50 9.19 -12.11
CA GLU C 84 -36.50 10.54 -11.54
C GLU C 84 -37.87 10.83 -10.92
N ASN C 85 -38.21 10.06 -9.90
CA ASN C 85 -39.39 10.33 -9.10
C ASN C 85 -39.08 11.46 -8.11
N PRO C 86 -39.70 12.63 -8.30
CA PRO C 86 -39.29 13.78 -7.50
C PRO C 86 -39.61 13.56 -6.03
N TYR C 87 -40.66 12.80 -5.75
CA TYR C 87 -41.02 12.48 -4.37
C TYR C 87 -39.98 11.59 -3.71
N ILE C 88 -39.45 10.66 -4.49
CA ILE C 88 -38.41 9.79 -4.00
C ILE C 88 -37.10 10.57 -3.85
N ARG C 89 -36.79 11.43 -4.82
CA ARG C 89 -35.57 12.24 -4.74
C ARG C 89 -35.63 13.07 -3.48
N THR C 90 -36.81 13.57 -3.16
CA THR C 90 -36.96 14.33 -1.93
C THR C 90 -36.79 13.42 -0.71
N GLU C 91 -37.52 12.32 -0.63
CA GLU C 91 -37.49 11.49 0.58
C GLU C 91 -36.12 10.86 0.86
N ASP C 92 -35.32 10.70 -0.21
CA ASP C 92 -33.95 10.20 -0.10
C ASP C 92 -33.15 10.99 0.94
N ILE C 93 -33.37 12.31 0.96
CA ILE C 93 -32.64 13.20 1.87
C ILE C 93 -32.95 12.83 3.32
N SER C 94 -34.21 12.52 3.61
CA SER C 94 -34.57 12.05 4.94
C SER C 94 -33.91 10.71 5.27
N ALA C 95 -33.72 9.89 4.25
CA ALA C 95 -33.01 8.62 4.49
C ALA C 95 -31.53 8.88 4.86
N VAL C 96 -30.92 9.84 4.17
CA VAL C 96 -29.54 10.19 4.49
C VAL C 96 -29.46 10.76 5.90
N ILE C 97 -30.42 11.61 6.26
CA ILE C 97 -30.47 12.13 7.63
C ILE C 97 -30.58 11.01 8.66
N ASP C 98 -31.47 10.05 8.42
CA ASP C 98 -31.56 8.88 9.28
C ASP C 98 -30.17 8.26 9.51
N TYR C 99 -29.49 8.03 8.38
CA TYR C 99 -28.14 7.45 8.47
C TYR C 99 -27.20 8.30 9.32
N LEU C 100 -27.24 9.61 9.14
CA LEU C 100 -26.42 10.50 9.98
C LEU C 100 -26.74 10.33 11.47
N THR C 101 -28.04 10.27 11.81
CA THR C 101 -28.42 10.09 13.21
C THR C 101 -27.85 8.82 13.78
N THR C 102 -27.52 7.85 12.92
CA THR C 102 -26.79 6.70 13.45
C THR C 102 -25.31 6.95 13.80
N LEU C 103 -24.78 8.13 13.49
CA LEU C 103 -23.34 8.36 13.69
C LEU C 103 -23.11 9.15 14.96
N SER C 104 -22.31 8.62 15.88
CA SER C 104 -22.17 9.27 17.19
C SER C 104 -21.47 10.62 17.12
N TYR C 105 -20.73 10.86 16.05
CA TYR C 105 -20.06 12.15 15.88
C TYR C 105 -20.88 13.25 15.20
N VAL C 106 -22.16 12.99 14.94
CA VAL C 106 -23.00 14.07 14.46
C VAL C 106 -24.04 14.41 15.52
N ASP C 107 -24.27 15.71 15.70
CA ASP C 107 -25.31 16.18 16.60
C ASP C 107 -26.61 16.16 15.81
N ASN C 108 -27.55 15.28 16.21
CA ASN C 108 -28.84 15.14 15.53
C ASN C 108 -29.59 16.46 15.41
N THR C 109 -29.31 17.38 16.32
CA THR C 109 -30.02 18.66 16.35
C THR C 109 -29.35 19.75 15.52
N ARG C 110 -28.21 19.46 14.91
CA ARG C 110 -27.47 20.48 14.14
C ARG C 110 -27.21 20.03 12.73
N ILE C 111 -28.26 19.56 12.06
CA ILE C 111 -28.15 19.04 10.71
C ILE C 111 -28.84 19.97 9.73
N GLY C 112 -28.14 20.31 8.65
CA GLY C 112 -28.70 21.11 7.59
C GLY C 112 -28.50 20.42 6.24
N ALA C 113 -28.99 21.04 5.18
CA ALA C 113 -28.87 20.44 3.86
C ALA C 113 -28.68 21.52 2.81
N MET C 114 -27.96 21.17 1.75
CA MET C 114 -27.90 22.04 0.59
C MET C 114 -27.88 21.22 -0.69
N GLY C 115 -28.32 21.82 -1.79
CA GLY C 115 -28.33 21.11 -3.05
C GLY C 115 -27.86 21.98 -4.21
N ILE C 116 -27.55 21.32 -5.32
CA ILE C 116 -27.19 22.04 -6.53
C ILE C 116 -28.20 21.70 -7.62
N CYS C 117 -28.62 22.70 -8.39
CA CYS C 117 -29.53 22.47 -9.52
C CYS C 117 -30.80 21.83 -8.94
N ALA C 118 -31.25 20.72 -9.54
CA ALA C 118 -32.48 20.06 -9.09
C ALA C 118 -32.42 19.62 -7.63
N GLY C 119 -31.24 19.21 -7.20
CA GLY C 119 -31.01 18.84 -5.81
C GLY C 119 -31.47 19.94 -4.86
N ALA C 120 -31.17 21.18 -5.24
CA ALA C 120 -31.57 22.34 -4.45
C ALA C 120 -33.08 22.34 -4.27
N GLY C 121 -33.78 22.13 -5.37
CA GLY C 121 -35.24 22.04 -5.31
C GLY C 121 -35.64 20.98 -4.30
N TYR C 122 -35.03 19.80 -4.45
CA TYR C 122 -35.41 18.69 -3.59
C TYR C 122 -35.07 19.06 -2.14
N THR C 123 -33.98 19.79 -1.97
CA THR C 123 -33.54 20.14 -0.63
C THR C 123 -34.61 20.98 0.02
N ALA C 124 -35.11 21.94 -0.76
CA ALA C 124 -36.16 22.82 -0.27
C ALA C 124 -37.35 21.97 0.12
N ASN C 125 -37.68 21.01 -0.75
CA ASN C 125 -38.85 20.16 -0.49
C ASN C 125 -38.61 19.40 0.80
N ALA C 126 -37.39 18.90 0.98
CA ALA C 126 -37.10 18.10 2.15
C ALA C 126 -37.29 18.96 3.39
N ALA C 127 -36.88 20.21 3.30
CA ALA C 127 -36.97 21.11 4.45
C ALA C 127 -38.42 21.28 4.86
N ILE C 128 -39.29 21.31 3.86
CA ILE C 128 -40.70 21.55 4.14
C ILE C 128 -41.23 20.38 4.97
N GLN C 129 -40.81 19.15 4.65
CA GLN C 129 -41.45 18.01 5.30
C GLN C 129 -40.59 17.39 6.38
N ASP C 130 -39.29 17.64 6.37
CA ASP C 130 -38.41 17.01 7.35
C ASP C 130 -37.84 18.05 8.31
N ARG C 131 -38.44 18.13 9.49
CA ARG C 131 -38.13 19.20 10.43
C ARG C 131 -36.81 19.01 11.16
N ARG C 132 -36.10 17.94 10.84
CA ARG C 132 -34.77 17.73 11.38
C ARG C 132 -33.76 18.59 10.61
N ILE C 133 -34.18 19.09 9.46
CA ILE C 133 -33.35 20.00 8.67
C ILE C 133 -33.45 21.41 9.25
N LYS C 134 -32.34 21.91 9.81
CA LYS C 134 -32.38 23.17 10.54
C LYS C 134 -32.12 24.40 9.68
N ALA C 135 -31.49 24.20 8.53
CA ALA C 135 -31.18 25.30 7.63
C ALA C 135 -30.85 24.75 6.25
N ILE C 136 -31.20 25.48 5.20
CA ILE C 136 -30.87 25.03 3.85
C ILE C 136 -30.10 26.06 3.00
N GLY C 137 -29.29 25.55 2.08
CA GLY C 137 -28.62 26.40 1.10
C GLY C 137 -28.87 25.89 -0.30
N THR C 138 -28.92 26.80 -1.27
CA THR C 138 -29.10 26.43 -2.67
C THR C 138 -28.03 27.08 -3.56
N VAL C 139 -27.53 26.31 -4.52
CA VAL C 139 -26.64 26.85 -5.54
C VAL C 139 -27.27 26.58 -6.91
N SER C 140 -27.47 27.64 -7.70
CA SER C 140 -28.07 27.51 -9.03
C SER C 140 -29.35 26.67 -8.96
N ALA C 141 -30.20 26.96 -7.98
CA ALA C 141 -31.39 26.16 -7.68
C ALA C 141 -32.23 25.84 -8.91
N VAL C 142 -32.68 24.59 -9.03
CA VAL C 142 -33.74 24.25 -9.97
C VAL C 142 -34.89 23.57 -9.24
N ASN C 143 -36.11 24.07 -9.46
CA ASN C 143 -37.34 23.36 -9.12
C ASN C 143 -37.72 22.54 -10.35
N ILE C 144 -37.34 21.26 -10.37
CA ILE C 144 -37.47 20.42 -11.57
C ILE C 144 -38.89 20.49 -12.17
N GLY C 145 -39.88 20.54 -11.29
CA GLY C 145 -41.25 20.72 -11.72
C GLY C 145 -41.42 21.98 -12.56
N SER C 146 -40.89 23.09 -12.06
CA SER C 146 -41.04 24.36 -12.78
C SER C 146 -40.32 24.34 -14.12
N ILE C 147 -39.14 23.73 -14.16
CA ILE C 147 -38.32 23.78 -15.37
C ILE C 147 -38.93 22.92 -16.47
N PHE C 148 -39.47 21.77 -16.10
CA PHE C 148 -40.12 20.93 -17.11
C PHE C 148 -41.51 21.44 -17.51
N ARG C 149 -42.25 22.01 -16.56
CA ARG C 149 -43.62 22.44 -16.82
C ARG C 149 -43.70 23.79 -17.52
N ASN C 150 -42.97 24.78 -17.00
CA ASN C 150 -43.10 26.15 -17.45
C ASN C 150 -41.91 26.60 -18.33
N GLY C 151 -40.95 25.70 -18.54
CA GLY C 151 -39.84 25.95 -19.42
C GLY C 151 -38.62 26.55 -18.75
N TRP C 152 -37.46 26.43 -19.40
CA TRP C 152 -36.21 26.97 -18.90
C TRP C 152 -36.29 28.48 -18.64
N GLU C 153 -37.04 29.20 -19.47
CA GLU C 153 -37.18 30.64 -19.34
C GLU C 153 -38.49 31.02 -18.69
N ASN C 154 -39.19 30.04 -18.15
CA ASN C 154 -40.50 30.28 -17.55
C ASN C 154 -41.47 30.95 -18.52
N ASN C 155 -41.48 30.48 -19.75
CA ASN C 155 -42.33 31.07 -20.78
C ASN C 155 -43.43 30.13 -21.28
N VAL C 156 -43.59 28.99 -20.62
CA VAL C 156 -44.65 28.05 -20.97
C VAL C 156 -45.74 28.01 -19.90
N LYS C 157 -46.98 28.25 -20.32
CA LYS C 157 -48.10 28.23 -19.38
C LYS C 157 -48.43 26.77 -19.03
N SER C 158 -48.63 26.51 -17.74
CA SER C 158 -48.77 25.15 -17.23
C SER C 158 -49.72 24.26 -18.02
N ILE C 159 -50.90 24.77 -18.40
CA ILE C 159 -51.84 23.95 -19.16
C ILE C 159 -51.23 23.47 -20.47
N ASP C 160 -50.44 24.32 -21.12
CA ASP C 160 -49.81 23.96 -22.37
C ASP C 160 -48.74 22.87 -22.20
N ALA C 161 -48.42 22.53 -20.96
CA ALA C 161 -47.47 21.45 -20.70
C ALA C 161 -48.18 20.09 -20.61
N LEU C 162 -49.50 20.10 -20.70
CA LEU C 162 -50.29 18.86 -20.72
C LEU C 162 -49.76 17.71 -21.64
N PRO C 163 -49.24 18.04 -22.85
CA PRO C 163 -48.75 16.92 -23.66
C PRO C 163 -47.61 16.15 -22.99
N TYR C 164 -46.86 16.82 -22.12
CA TYR C 164 -45.78 16.11 -21.43
C TYR C 164 -46.33 15.16 -20.36
N VAL C 165 -47.46 15.52 -19.76
CA VAL C 165 -48.06 14.64 -18.75
C VAL C 165 -48.55 13.41 -19.50
N GLU C 166 -49.15 13.66 -20.66
CA GLU C 166 -49.60 12.59 -21.54
C GLU C 166 -48.43 11.73 -21.99
N ALA C 167 -47.32 12.34 -22.35
CA ALA C 167 -46.13 11.57 -22.74
C ALA C 167 -45.65 10.67 -21.61
N GLY C 168 -45.58 11.21 -20.39
CA GLY C 168 -45.13 10.42 -19.25
C GLY C 168 -46.09 9.28 -18.97
N SER C 169 -47.38 9.55 -19.11
CA SER C 169 -48.40 8.55 -18.88
C SER C 169 -48.28 7.42 -19.89
N ASN C 170 -48.14 7.79 -21.17
CA ASN C 170 -48.08 6.78 -22.22
C ASN C 170 -46.77 5.99 -22.16
N ALA C 171 -45.73 6.60 -21.63
CA ALA C 171 -44.47 5.87 -21.40
C ALA C 171 -44.69 4.66 -20.48
N ARG C 172 -45.59 4.78 -19.50
CA ARG C 172 -45.77 3.68 -18.57
C ARG C 172 -46.41 2.51 -19.32
N THR C 173 -47.33 2.82 -20.23
CA THR C 173 -47.94 1.79 -21.08
C THR C 173 -46.87 1.12 -21.95
N SER C 174 -46.02 1.95 -22.59
CA SER C 174 -44.91 1.41 -23.40
C SER C 174 -43.97 0.56 -22.54
N ASP C 175 -43.65 1.05 -21.35
CA ASP C 175 -42.70 0.34 -20.49
C ASP C 175 -43.13 -1.09 -20.15
N ILE C 176 -44.39 -1.28 -19.81
CA ILE C 176 -44.81 -2.62 -19.38
C ILE C 176 -45.01 -3.51 -20.61
N SER C 177 -45.39 -2.88 -21.72
CA SER C 177 -45.60 -3.63 -22.96
C SER C 177 -44.27 -4.19 -23.47
N SER C 178 -43.24 -3.35 -23.51
CA SER C 178 -41.97 -3.71 -24.17
C SER C 178 -40.99 -4.35 -23.21
N GLY C 179 -41.19 -4.16 -21.91
CA GLY C 179 -40.25 -4.67 -20.93
C GLY C 179 -39.00 -3.82 -20.81
N GLU C 180 -38.96 -2.71 -21.54
CA GLU C 180 -37.84 -1.78 -21.47
C GLU C 180 -38.28 -0.56 -20.69
N TYR C 181 -37.39 0.41 -20.56
CA TYR C 181 -37.77 1.69 -19.98
C TYR C 181 -37.41 2.81 -20.94
N ALA C 182 -38.41 3.52 -21.41
CA ALA C 182 -38.18 4.66 -22.28
C ALA C 182 -37.38 5.71 -21.52
N ILE C 183 -36.51 6.42 -22.24
CA ILE C 183 -35.67 7.44 -21.61
C ILE C 183 -35.86 8.82 -22.20
N MET C 184 -35.45 9.84 -21.45
CA MET C 184 -35.56 11.24 -21.87
C MET C 184 -34.37 12.00 -21.34
N PRO C 185 -33.95 13.06 -22.06
CA PRO C 185 -32.78 13.85 -21.63
C PRO C 185 -33.03 14.56 -20.31
N LEU C 186 -31.97 14.75 -19.52
CA LEU C 186 -31.99 15.70 -18.42
C LEU C 186 -31.25 16.93 -18.94
N ALA C 187 -29.93 16.99 -18.72
CA ALA C 187 -29.10 17.87 -19.53
C ALA C 187 -29.29 17.42 -20.98
N PRO C 188 -29.05 18.32 -21.95
CA PRO C 188 -29.18 17.88 -23.35
C PRO C 188 -28.23 16.71 -23.62
N MET C 189 -28.65 15.77 -24.46
CA MET C 189 -27.89 14.54 -24.65
C MET C 189 -27.03 14.60 -25.88
N LYS C 190 -27.09 15.73 -26.57
CA LYS C 190 -26.25 15.98 -27.73
C LYS C 190 -25.95 17.46 -27.74
N GLU C 191 -24.73 17.84 -28.04
CA GLU C 191 -24.39 19.26 -27.99
C GLU C 191 -25.34 20.15 -28.81
N SER C 192 -25.67 19.73 -30.03
CA SER C 192 -26.52 20.57 -30.89
C SER C 192 -27.95 20.74 -30.41
N ASP C 193 -28.39 19.89 -29.47
CA ASP C 193 -29.76 19.97 -28.95
C ASP C 193 -29.97 21.15 -27.99
N ALA C 194 -28.87 21.71 -27.49
CA ALA C 194 -28.97 22.82 -26.56
C ALA C 194 -29.45 24.10 -27.26
N PRO C 195 -30.56 24.67 -26.79
CA PRO C 195 -31.09 25.89 -27.39
C PRO C 195 -30.22 27.11 -27.08
N ASN C 196 -29.53 27.10 -25.93
CA ASN C 196 -28.64 28.20 -25.56
C ASN C 196 -27.30 27.71 -25.03
N GLU C 197 -26.33 28.62 -24.93
CA GLU C 197 -24.98 28.27 -24.49
C GLU C 197 -24.92 27.75 -23.05
N GLU C 198 -25.84 28.19 -22.20
CA GLU C 198 -25.87 27.73 -20.80
C GLU C 198 -26.19 26.23 -20.78
N LEU C 199 -27.26 25.87 -21.48
CA LEU C 199 -27.61 24.46 -21.64
C LEU C 199 -26.55 23.67 -22.39
N ARG C 200 -25.87 24.31 -23.35
CA ARG C 200 -24.76 23.67 -24.06
C ARG C 200 -23.66 23.32 -23.07
N GLN C 201 -23.46 24.19 -22.10
CA GLN C 201 -22.49 23.95 -21.05
C GLN C 201 -22.94 22.82 -20.14
N ALA C 202 -24.25 22.72 -19.92
CA ALA C 202 -24.77 21.56 -19.19
C ALA C 202 -24.39 20.27 -19.93
N TRP C 203 -24.67 20.25 -21.23
CA TRP C 203 -24.31 19.09 -22.04
C TRP C 203 -22.81 18.80 -21.91
N GLU C 204 -22.03 19.86 -21.93
CA GLU C 204 -20.58 19.78 -21.87
C GLU C 204 -20.12 19.20 -20.52
N TYR C 205 -20.84 19.56 -19.47
CA TYR C 205 -20.50 19.08 -18.13
C TYR C 205 -20.67 17.59 -18.12
N TYR C 206 -21.80 17.11 -18.66
CA TYR C 206 -22.08 15.68 -18.54
C TYR C 206 -21.48 14.74 -19.58
N HIS C 207 -21.10 15.27 -20.74
CA HIS C 207 -20.65 14.44 -21.85
C HIS C 207 -19.26 14.78 -22.43
N THR C 208 -18.44 15.47 -21.66
CA THR C 208 -17.05 15.74 -22.05
C THR C 208 -16.23 15.65 -20.77
N PRO C 209 -14.89 15.66 -20.88
CA PRO C 209 -14.08 15.62 -19.65
C PRO C 209 -14.22 16.83 -18.73
N ARG C 210 -15.08 17.80 -19.05
CA ARG C 210 -15.35 18.84 -18.05
C ARG C 210 -15.65 18.06 -16.75
N ALA C 211 -16.71 17.25 -16.75
CA ALA C 211 -17.06 16.46 -15.57
C ALA C 211 -17.75 15.11 -15.78
N GLN C 212 -17.71 14.56 -17.00
CA GLN C 212 -18.45 13.32 -17.26
C GLN C 212 -18.02 12.19 -16.35
N TYR C 213 -18.97 11.33 -15.97
CA TYR C 213 -18.70 10.19 -15.08
C TYR C 213 -19.62 9.03 -15.46
N PRO C 214 -19.07 7.81 -15.50
CA PRO C 214 -19.79 6.65 -16.05
C PRO C 214 -21.13 6.33 -15.40
N THR C 215 -21.30 6.69 -14.13
CA THR C 215 -22.56 6.41 -13.43
C THR C 215 -23.54 7.55 -13.60
N ALA C 216 -23.16 8.54 -14.42
CA ALA C 216 -24.04 9.68 -14.70
C ALA C 216 -24.29 9.83 -16.21
N PRO C 217 -25.14 8.97 -16.78
CA PRO C 217 -25.44 8.96 -18.22
C PRO C 217 -26.19 10.21 -18.71
N GLY C 218 -26.86 10.91 -17.80
CA GLY C 218 -27.50 12.17 -18.18
C GLY C 218 -28.87 12.01 -18.84
N TYR C 219 -29.51 10.86 -18.64
CA TYR C 219 -30.90 10.68 -19.02
C TYR C 219 -31.69 10.09 -17.85
N ALA C 220 -33.01 10.30 -17.88
CA ALA C 220 -33.94 9.83 -16.84
C ALA C 220 -34.97 8.93 -17.52
N THR C 221 -35.69 8.13 -16.74
CA THR C 221 -36.78 7.34 -17.30
C THR C 221 -37.93 8.27 -17.69
N LEU C 222 -38.46 8.09 -18.90
CA LEU C 222 -39.52 8.95 -19.40
C LEU C 222 -40.79 8.82 -18.54
N ARG C 223 -40.97 7.68 -17.91
CA ARG C 223 -42.18 7.45 -17.08
C ARG C 223 -42.30 8.48 -15.96
N SER C 224 -41.19 9.11 -15.60
CA SER C 224 -41.16 10.03 -14.48
C SER C 224 -41.76 11.38 -14.87
N LEU C 225 -41.83 11.62 -16.17
CA LEU C 225 -42.20 12.94 -16.67
C LEU C 225 -43.57 13.43 -16.17
N ASN C 226 -44.55 12.53 -16.12
CA ASN C 226 -45.89 12.97 -15.76
C ASN C 226 -45.92 13.41 -14.28
N GLN C 227 -45.07 12.78 -13.48
CA GLN C 227 -44.95 13.19 -12.09
C GLN C 227 -44.18 14.49 -12.03
N ILE C 228 -43.14 14.60 -12.86
CA ILE C 228 -42.30 15.78 -12.80
C ILE C 228 -43.08 17.04 -13.18
N ILE C 229 -43.93 16.94 -14.19
CA ILE C 229 -44.69 18.10 -14.65
C ILE C 229 -45.67 18.61 -13.60
N THR C 230 -46.24 17.68 -12.83
CA THR C 230 -47.22 18.02 -11.81
C THR C 230 -46.56 18.11 -10.44
N TYR C 231 -45.25 18.35 -10.44
CA TYR C 231 -44.47 18.50 -9.21
C TYR C 231 -44.10 19.97 -8.97
N ASP C 232 -44.04 20.36 -7.70
CA ASP C 232 -43.55 21.68 -7.29
C ASP C 232 -42.64 21.53 -6.09
N ALA C 233 -41.34 21.72 -6.30
CA ALA C 233 -40.37 21.53 -5.22
C ALA C 233 -40.66 22.42 -4.02
N TYR C 234 -41.39 23.50 -4.23
CA TYR C 234 -41.62 24.49 -3.18
C TYR C 234 -43.02 24.43 -2.61
N HIS C 235 -43.72 23.33 -2.86
CA HIS C 235 -45.10 23.18 -2.42
C HIS C 235 -45.23 23.46 -0.91
N MET C 236 -46.11 24.41 -0.58
CA MET C 236 -46.40 24.82 0.80
C MET C 236 -45.28 25.59 1.49
N ALA C 237 -44.34 26.11 0.72
CA ALA C 237 -43.22 26.88 1.27
C ALA C 237 -43.70 28.09 2.09
N GLU C 238 -44.79 28.71 1.65
CA GLU C 238 -45.36 29.86 2.35
C GLU C 238 -45.84 29.50 3.73
N VAL C 239 -46.14 28.22 3.94
CA VAL C 239 -46.52 27.75 5.27
C VAL C 239 -45.34 27.15 6.03
N TYR C 240 -44.70 26.12 5.45
CA TYR C 240 -43.77 25.28 6.21
C TYR C 240 -42.26 25.55 6.04
N LEU C 241 -41.89 26.29 5.00
CA LEU C 241 -40.48 26.61 4.82
C LEU C 241 -40.14 27.84 5.67
N THR C 242 -39.74 27.57 6.90
CA THR C 242 -39.55 28.60 7.90
C THR C 242 -38.10 28.65 8.33
N GLN C 243 -37.35 27.58 8.02
CA GLN C 243 -35.95 27.52 8.41
C GLN C 243 -35.10 28.54 7.65
N PRO C 244 -33.97 28.96 8.25
CA PRO C 244 -33.02 29.83 7.56
C PRO C 244 -32.60 29.25 6.20
N THR C 245 -32.66 30.11 5.18
CA THR C 245 -32.41 29.73 3.81
C THR C 245 -31.38 30.67 3.16
N GLN C 246 -30.24 30.10 2.77
CA GLN C 246 -29.23 30.85 2.00
C GLN C 246 -29.35 30.50 0.53
N ILE C 247 -29.78 31.46 -0.28
CA ILE C 247 -29.87 31.24 -1.73
C ILE C 247 -28.66 31.83 -2.43
N VAL C 248 -28.11 31.08 -3.38
CA VAL C 248 -26.93 31.50 -4.12
C VAL C 248 -27.15 31.29 -5.63
N ALA C 249 -27.08 32.37 -6.40
CA ALA C 249 -27.29 32.29 -7.86
C ALA C 249 -26.35 33.23 -8.62
N GLY C 250 -25.98 32.84 -9.84
CA GLY C 250 -25.07 33.65 -10.65
C GLY C 250 -25.83 34.75 -11.35
N SER C 251 -25.21 35.92 -11.50
CA SER C 251 -25.87 37.07 -12.11
C SER C 251 -26.45 36.78 -13.49
N GLN C 252 -25.76 35.93 -14.25
CA GLN C 252 -26.14 35.64 -15.63
C GLN C 252 -26.87 34.31 -15.75
N ALA C 253 -27.41 33.82 -14.65
CA ALA C 253 -28.09 32.52 -14.65
C ALA C 253 -29.47 32.62 -15.29
N GLY C 254 -29.71 31.74 -16.26
CA GLY C 254 -31.02 31.67 -16.91
C GLY C 254 -32.04 31.02 -16.00
N SER C 255 -31.57 30.34 -14.96
CA SER C 255 -32.43 29.66 -14.01
C SER C 255 -32.74 30.53 -12.77
N LYS C 256 -32.26 31.77 -12.78
CA LYS C 256 -32.32 32.62 -11.59
C LYS C 256 -33.73 32.82 -11.04
N TRP C 257 -34.72 32.80 -11.92
CA TRP C 257 -36.11 33.00 -11.52
C TRP C 257 -36.59 31.94 -10.53
N MET C 258 -35.92 30.79 -10.49
CA MET C 258 -36.30 29.71 -9.57
C MET C 258 -35.74 29.96 -8.17
N SER C 259 -34.57 30.57 -8.11
CA SER C 259 -34.04 31.06 -6.84
C SER C 259 -34.90 32.22 -6.36
N ASP C 260 -35.29 33.09 -7.29
CA ASP C 260 -36.16 34.22 -6.96
C ASP C 260 -37.46 33.69 -6.37
N ASP C 261 -37.98 32.63 -6.99
CA ASP C 261 -39.26 32.07 -6.60
C ASP C 261 -39.16 31.45 -5.21
N LEU C 262 -38.11 30.68 -4.98
CA LEU C 262 -37.85 30.13 -3.66
C LEU C 262 -37.75 31.22 -2.60
N TYR C 263 -37.04 32.30 -2.92
CA TYR C 263 -36.86 33.40 -1.97
C TYR C 263 -38.18 34.09 -1.67
N ASP C 264 -39.00 34.30 -2.69
CA ASP C 264 -40.26 35.02 -2.48
C ASP C 264 -41.30 34.16 -1.77
N ARG C 265 -41.21 32.85 -1.92
CA ARG C 265 -42.22 31.95 -1.36
C ARG C 265 -41.93 31.50 0.07
N ALA C 266 -40.66 31.33 0.40
CA ALA C 266 -40.26 30.88 1.73
C ALA C 266 -40.85 31.76 2.83
N SER C 267 -41.39 31.11 3.85
CA SER C 267 -41.96 31.81 5.00
C SER C 267 -40.83 32.28 5.89
N SER C 268 -39.65 31.70 5.69
CA SER C 268 -38.48 31.95 6.53
C SER C 268 -38.27 33.42 6.88
N GLN C 269 -38.00 33.67 8.15
CA GLN C 269 -37.66 35.01 8.60
C GLN C 269 -36.21 35.33 8.30
N ASP C 270 -35.36 34.30 8.32
CA ASP C 270 -33.96 34.47 7.94
C ASP C 270 -33.71 33.90 6.55
N LYS C 271 -34.13 34.64 5.53
CA LYS C 271 -33.93 34.22 4.14
C LYS C 271 -32.87 35.11 3.49
N ARG C 272 -31.87 34.49 2.88
CA ARG C 272 -30.77 35.26 2.31
C ARG C 272 -30.57 34.94 0.82
N TYR C 273 -30.06 35.91 0.08
CA TYR C 273 -29.90 35.76 -1.37
C TYR C 273 -28.58 36.41 -1.75
N HIS C 274 -27.60 35.59 -2.10
CA HIS C 274 -26.33 36.11 -2.57
C HIS C 274 -26.20 35.90 -4.07
N ILE C 275 -26.03 36.97 -4.82
CA ILE C 275 -25.80 36.85 -6.26
C ILE C 275 -24.31 36.87 -6.59
N VAL C 276 -23.87 35.88 -7.37
CA VAL C 276 -22.48 35.76 -7.77
C VAL C 276 -22.30 36.55 -9.05
N GLU C 277 -21.58 37.66 -8.97
CA GLU C 277 -21.42 38.53 -10.14
C GLU C 277 -20.69 37.85 -11.28
N GLY C 278 -21.30 37.89 -12.46
CA GLY C 278 -20.64 37.43 -13.68
C GLY C 278 -20.79 35.95 -13.96
N ALA C 279 -21.47 35.23 -13.08
CA ALA C 279 -21.60 33.78 -13.25
C ALA C 279 -22.95 33.40 -13.86
N ASN C 280 -22.95 32.36 -14.70
CA ASN C 280 -24.21 31.77 -15.14
C ASN C 280 -24.59 30.54 -14.30
N HIS C 281 -25.57 29.78 -14.76
CA HIS C 281 -26.02 28.58 -14.05
C HIS C 281 -24.88 27.59 -13.84
N MET C 282 -24.17 27.25 -14.92
CA MET C 282 -23.17 26.18 -14.87
C MET C 282 -21.86 26.61 -14.21
N ASP C 283 -21.59 27.91 -14.24
CA ASP C 283 -20.36 28.43 -13.66
C ASP C 283 -20.21 28.07 -12.19
N LEU C 284 -21.34 27.96 -11.50
CA LEU C 284 -21.33 27.67 -10.07
C LEU C 284 -21.04 26.20 -9.74
N TYR C 285 -21.00 25.33 -10.75
CA TYR C 285 -20.70 23.92 -10.51
C TYR C 285 -19.21 23.72 -10.25
N ASP C 286 -18.38 24.38 -11.05
CA ASP C 286 -16.95 24.05 -11.07
C ASP C 286 -15.97 25.19 -11.40
N GLY C 287 -16.44 26.43 -11.47
CA GLY C 287 -15.51 27.54 -11.61
C GLY C 287 -14.83 27.85 -10.29
N LYS C 288 -13.51 27.64 -10.20
CA LYS C 288 -12.77 27.73 -8.93
C LYS C 288 -13.14 28.93 -8.06
N ALA C 289 -13.07 30.12 -8.64
CA ALA C 289 -13.39 31.34 -7.91
C ALA C 289 -14.86 31.42 -7.55
N TYR C 290 -15.71 31.06 -8.49
CA TYR C 290 -17.15 31.04 -8.24
C TYR C 290 -17.54 30.09 -7.10
N VAL C 291 -16.99 28.87 -7.13
CA VAL C 291 -17.27 27.88 -6.10
C VAL C 291 -16.74 28.39 -4.76
N ALA C 292 -15.51 28.91 -4.76
CA ALA C 292 -14.89 29.37 -3.53
C ALA C 292 -15.71 30.52 -2.92
N GLU C 293 -16.28 31.36 -3.78
CA GLU C 293 -17.13 32.45 -3.31
C GLU C 293 -18.42 31.90 -2.68
N ALA C 294 -19.07 30.99 -3.41
CA ALA C 294 -20.29 30.34 -2.92
C ALA C 294 -20.05 29.76 -1.52
N ILE C 295 -18.98 29.00 -1.39
CA ILE C 295 -18.58 28.42 -0.12
C ILE C 295 -18.34 29.50 0.94
N SER C 296 -17.70 30.58 0.53
CA SER C 296 -17.41 31.69 1.44
C SER C 296 -18.71 32.32 1.95
N VAL C 297 -19.81 32.11 1.25
CA VAL C 297 -21.12 32.53 1.76
C VAL C 297 -21.82 31.43 2.58
N LEU C 298 -21.78 30.21 2.06
CA LEU C 298 -22.54 29.12 2.65
C LEU C 298 -21.99 28.66 4.00
N ALA C 299 -20.67 28.54 4.10
CA ALA C 299 -20.05 28.13 5.36
C ALA C 299 -20.41 29.00 6.58
N PRO C 300 -20.25 30.34 6.48
CA PRO C 300 -20.60 31.15 7.66
C PRO C 300 -22.10 31.15 7.93
N PHE C 301 -22.90 30.94 6.89
CA PHE C 301 -24.35 30.79 7.05
C PHE C 301 -24.66 29.58 7.90
N PHE C 302 -24.10 28.44 7.51
CA PHE C 302 -24.37 27.19 8.20
C PHE C 302 -23.74 27.18 9.59
N GLU C 303 -22.58 27.81 9.71
CA GLU C 303 -21.91 27.89 11.00
C GLU C 303 -22.78 28.58 12.06
N GLU C 304 -23.54 29.59 11.62
CA GLU C 304 -24.36 30.35 12.56
C GLU C 304 -25.83 29.87 12.66
N THR C 305 -26.27 29.08 11.68
CA THR C 305 -27.64 28.55 11.70
C THR C 305 -27.71 27.12 12.20
N LEU C 306 -26.60 26.41 12.14
CA LEU C 306 -26.54 25.06 12.70
C LEU C 306 -25.87 25.06 14.07
N MET D 1 -66.98 -16.79 -16.59
CA MET D 1 -66.28 -16.57 -15.32
C MET D 1 -66.93 -15.47 -14.48
N MET D 2 -66.33 -15.17 -13.33
CA MET D 2 -66.98 -14.36 -12.29
C MET D 2 -66.08 -13.27 -11.69
N ASN D 3 -65.05 -13.70 -10.96
CA ASN D 3 -64.02 -12.80 -10.46
C ASN D 3 -62.70 -13.53 -10.26
N ASN D 4 -61.60 -12.87 -10.59
CA ASN D 4 -60.28 -13.48 -10.47
C ASN D 4 -59.39 -12.79 -9.47
N LYS D 5 -58.83 -13.57 -8.54
CA LYS D 5 -57.86 -13.04 -7.59
C LYS D 5 -56.47 -13.17 -8.20
N VAL D 6 -55.83 -12.04 -8.44
CA VAL D 6 -54.54 -12.02 -9.12
C VAL D 6 -53.47 -11.31 -8.30
N SER D 7 -52.21 -11.49 -8.70
CA SER D 7 -51.12 -10.65 -8.20
C SER D 7 -50.17 -10.33 -9.35
N PHE D 8 -49.64 -9.12 -9.36
CA PHE D 8 -48.80 -8.71 -10.49
C PHE D 8 -47.69 -7.77 -10.02
N THR D 9 -46.60 -7.73 -10.78
CA THR D 9 -45.49 -6.87 -10.45
C THR D 9 -45.91 -5.40 -10.49
N ASN D 10 -45.59 -4.67 -9.42
CA ASN D 10 -45.81 -3.23 -9.40
C ASN D 10 -44.77 -2.60 -10.32
N SER D 11 -45.19 -1.98 -11.41
CA SER D 11 -44.23 -1.44 -12.38
C SER D 11 -43.35 -0.34 -11.80
N ASN D 12 -43.87 0.40 -10.82
CA ASN D 12 -43.16 1.51 -10.19
C ASN D 12 -42.03 1.02 -9.28
N ASN D 13 -42.22 -0.18 -8.73
CA ASN D 13 -41.29 -0.78 -7.80
C ASN D 13 -41.44 -2.29 -7.92
N PRO D 14 -40.66 -2.89 -8.84
CA PRO D 14 -40.86 -4.28 -9.22
C PRO D 14 -40.55 -5.27 -8.12
N THR D 15 -40.02 -4.81 -6.99
CA THR D 15 -39.78 -5.70 -5.85
C THR D 15 -41.07 -5.97 -5.09
N ILE D 16 -42.13 -5.28 -5.47
CA ILE D 16 -43.42 -5.40 -4.81
C ILE D 16 -44.45 -5.98 -5.76
N SER D 17 -45.21 -6.95 -5.27
CA SER D 17 -46.29 -7.55 -6.04
C SER D 17 -47.61 -7.07 -5.43
N LEU D 18 -48.51 -6.57 -6.27
CA LEU D 18 -49.81 -6.07 -5.84
C LEU D 18 -50.82 -7.19 -5.92
N SER D 19 -51.62 -7.30 -4.88
CA SER D 19 -52.71 -8.27 -4.84
C SER D 19 -53.98 -7.55 -5.23
N ALA D 20 -54.77 -8.16 -6.11
CA ALA D 20 -55.99 -7.52 -6.59
C ALA D 20 -57.08 -8.53 -6.96
N VAL D 21 -58.31 -8.06 -7.12
CA VAL D 21 -59.41 -8.88 -7.59
C VAL D 21 -60.06 -8.17 -8.77
N ILE D 22 -60.05 -8.86 -9.91
CA ILE D 22 -60.73 -8.38 -11.11
C ILE D 22 -62.15 -8.92 -11.09
N TYR D 23 -63.11 -8.05 -11.38
CA TYR D 23 -64.53 -8.42 -11.45
C TYR D 23 -65.02 -8.25 -12.89
N PHE D 24 -65.73 -9.27 -13.38
CA PHE D 24 -66.21 -9.30 -14.75
C PHE D 24 -67.70 -9.02 -14.87
N PRO D 25 -68.12 -8.29 -15.93
CA PRO D 25 -69.53 -7.96 -16.16
C PRO D 25 -70.35 -9.18 -16.58
N PRO D 26 -71.70 -9.05 -16.57
CA PRO D 26 -72.56 -10.12 -17.07
C PRO D 26 -72.25 -10.43 -18.53
N LYS D 27 -72.28 -11.71 -18.90
CA LYS D 27 -72.04 -12.13 -20.28
C LYS D 27 -70.64 -11.73 -20.75
N PHE D 28 -69.65 -11.88 -19.88
CA PHE D 28 -68.29 -11.48 -20.19
C PHE D 28 -67.72 -12.26 -21.37
N ASP D 29 -67.30 -11.53 -22.40
CA ASP D 29 -66.70 -12.13 -23.59
C ASP D 29 -65.27 -11.62 -23.75
N GLU D 30 -64.31 -12.46 -23.40
CA GLU D 30 -62.89 -12.09 -23.41
C GLU D 30 -62.37 -11.65 -24.79
N THR D 31 -63.18 -11.83 -25.83
CA THR D 31 -62.77 -11.43 -27.18
C THR D 31 -63.17 -9.99 -27.43
N ARG D 32 -63.87 -9.40 -26.46
CA ARG D 32 -64.26 -7.99 -26.58
C ARG D 32 -63.37 -7.07 -25.73
N GLN D 33 -63.44 -5.77 -26.02
CA GLN D 33 -62.71 -4.76 -25.28
C GLN D 33 -63.68 -4.03 -24.37
N TYR D 34 -63.46 -4.08 -23.07
CA TYR D 34 -64.40 -3.48 -22.13
C TYR D 34 -63.91 -2.17 -21.53
N GLN D 35 -64.87 -1.32 -21.15
CA GLN D 35 -64.60 -0.19 -20.26
C GLN D 35 -64.12 -0.77 -18.93
N ALA D 36 -63.20 -0.09 -18.26
CA ALA D 36 -62.61 -0.63 -17.02
C ALA D 36 -62.47 0.45 -15.96
N ILE D 37 -62.59 0.04 -14.70
CA ILE D 37 -62.59 0.99 -13.60
C ILE D 37 -61.68 0.51 -12.48
N VAL D 38 -60.75 1.36 -12.07
CA VAL D 38 -59.86 1.04 -10.95
C VAL D 38 -60.48 1.54 -9.66
N LEU D 39 -60.54 0.66 -8.66
CA LEU D 39 -61.13 0.98 -7.36
C LEU D 39 -60.07 1.14 -6.28
N SER D 40 -59.96 2.32 -5.70
CA SER D 40 -58.98 2.52 -4.62
C SER D 40 -59.63 2.56 -3.25
N HIS D 41 -58.99 1.94 -2.27
CA HIS D 41 -59.60 1.74 -0.95
C HIS D 41 -59.33 2.89 0.04
N PRO D 42 -60.17 3.00 1.10
CA PRO D 42 -59.97 3.99 2.16
C PRO D 42 -58.60 3.88 2.82
N GLY D 43 -58.25 4.87 3.63
CA GLY D 43 -57.00 4.83 4.36
C GLY D 43 -57.12 3.77 5.43
N GLY D 44 -56.24 2.78 5.41
CA GLY D 44 -56.34 1.66 6.34
C GLY D 44 -57.21 0.54 5.83
N GLY D 45 -57.88 0.75 4.69
CA GLY D 45 -58.75 -0.25 4.11
C GLY D 45 -58.06 -1.23 3.17
N VAL D 46 -58.80 -2.27 2.75
CA VAL D 46 -58.28 -3.23 1.79
C VAL D 46 -59.35 -3.61 0.77
N LYS D 47 -58.98 -4.45 -0.20
CA LYS D 47 -59.86 -4.73 -1.35
C LYS D 47 -61.10 -5.53 -0.94
N GLU D 48 -60.97 -6.29 0.16
CA GLU D 48 -62.08 -7.12 0.63
C GLU D 48 -63.19 -6.32 1.33
N GLN D 49 -62.91 -5.07 1.64
CA GLN D 49 -63.91 -4.22 2.30
C GLN D 49 -64.74 -3.42 1.30
N THR D 50 -65.11 -2.19 1.66
CA THR D 50 -66.01 -1.41 0.80
C THR D 50 -65.56 -1.26 -0.67
N ALA D 51 -64.25 -1.26 -0.90
CA ALA D 51 -63.77 -1.10 -2.29
C ALA D 51 -64.18 -2.29 -3.16
N GLY D 52 -64.10 -3.50 -2.61
CA GLY D 52 -64.59 -4.68 -3.31
C GLY D 52 -66.08 -4.66 -3.54
N THR D 53 -66.84 -4.16 -2.57
CA THR D 53 -68.29 -4.03 -2.73
C THR D 53 -68.58 -3.16 -3.93
N TYR D 54 -67.95 -1.99 -3.97
CA TYR D 54 -68.18 -1.11 -5.11
C TYR D 54 -67.69 -1.71 -6.44
N ALA D 55 -66.56 -2.41 -6.42
CA ALA D 55 -66.03 -3.00 -7.66
C ALA D 55 -67.01 -4.03 -8.22
N LYS D 56 -67.51 -4.88 -7.33
CA LYS D 56 -68.49 -5.89 -7.69
C LYS D 56 -69.76 -5.26 -8.26
N LYS D 57 -70.29 -4.26 -7.55
CA LYS D 57 -71.54 -3.66 -7.99
C LYS D 57 -71.41 -2.86 -9.29
N LEU D 58 -70.21 -2.35 -9.57
CA LEU D 58 -70.00 -1.70 -10.86
C LEU D 58 -69.82 -2.72 -11.98
N ALA D 59 -69.11 -3.80 -11.69
CA ALA D 59 -68.98 -4.89 -12.65
C ALA D 59 -70.36 -5.35 -13.07
N GLU D 60 -71.28 -5.47 -12.11
CA GLU D 60 -72.67 -5.81 -12.45
C GLU D 60 -73.27 -4.92 -13.52
N LYS D 61 -72.85 -3.65 -13.58
CA LYS D 61 -73.42 -2.72 -14.55
C LYS D 61 -72.72 -2.76 -15.91
N GLY D 62 -71.75 -3.65 -16.06
CA GLY D 62 -71.18 -3.89 -17.39
C GLY D 62 -69.71 -3.54 -17.53
N PHE D 63 -69.05 -3.22 -16.42
CA PHE D 63 -67.64 -2.83 -16.48
C PHE D 63 -66.75 -3.96 -16.02
N VAL D 64 -65.53 -4.02 -16.57
CA VAL D 64 -64.49 -4.80 -15.94
C VAL D 64 -63.98 -3.92 -14.81
N THR D 65 -63.84 -4.44 -13.60
CA THR D 65 -63.36 -3.58 -12.54
C THR D 65 -62.23 -4.26 -11.78
N ILE D 66 -61.45 -3.48 -11.03
CA ILE D 66 -60.37 -4.09 -10.27
C ILE D 66 -60.19 -3.39 -8.94
N ALA D 67 -60.23 -4.18 -7.87
CA ALA D 67 -59.98 -3.68 -6.53
C ALA D 67 -58.63 -4.23 -6.09
N TYR D 68 -57.70 -3.36 -5.69
CA TYR D 68 -56.35 -3.81 -5.37
C TYR D 68 -55.98 -3.37 -3.95
N ASP D 69 -55.03 -4.09 -3.35
CA ASP D 69 -54.43 -3.62 -2.11
C ASP D 69 -53.23 -2.72 -2.42
N ALA D 70 -53.18 -1.55 -1.79
CA ALA D 70 -52.05 -0.63 -1.95
C ALA D 70 -50.74 -1.29 -1.60
N SER D 71 -49.64 -0.83 -2.20
CA SER D 71 -48.30 -1.27 -1.80
C SER D 71 -48.19 -1.14 -0.29
N TYR D 72 -47.47 -2.06 0.33
CA TYR D 72 -47.19 -2.11 1.77
C TYR D 72 -48.44 -2.44 2.59
N GLN D 73 -49.54 -2.71 1.92
CA GLN D 73 -50.83 -2.91 2.59
C GLN D 73 -51.57 -4.17 2.10
N GLY D 74 -52.58 -4.59 2.88
CA GLY D 74 -53.37 -5.78 2.55
C GLY D 74 -52.53 -7.00 2.23
N GLU D 75 -52.79 -7.60 1.08
CA GLU D 75 -52.02 -8.78 0.66
C GLU D 75 -50.91 -8.40 -0.31
N SER D 76 -50.74 -7.10 -0.53
CA SER D 76 -49.67 -6.63 -1.42
C SER D 76 -48.31 -6.64 -0.72
N GLY D 77 -47.23 -6.73 -1.49
CA GLY D 77 -45.91 -6.75 -0.90
C GLY D 77 -45.43 -5.41 -0.38
N GLY D 78 -44.21 -5.38 0.15
CA GLY D 78 -43.60 -4.14 0.60
C GLY D 78 -43.39 -4.05 2.10
N GLU D 79 -42.19 -3.65 2.50
CA GLU D 79 -41.88 -3.33 3.88
C GLU D 79 -41.35 -1.90 3.93
N PRO D 80 -41.70 -1.15 4.98
CA PRO D 80 -42.48 -1.54 6.17
C PRO D 80 -43.98 -1.63 5.92
N ARG D 81 -44.63 -2.55 6.64
CA ARG D 81 -46.06 -2.72 6.50
C ARG D 81 -46.79 -1.46 6.96
N GLN D 82 -47.88 -1.14 6.27
CA GLN D 82 -48.77 -0.04 6.63
C GLN D 82 -48.18 1.35 6.34
N LEU D 83 -47.11 1.39 5.54
CA LEU D 83 -46.62 2.66 5.01
C LEU D 83 -47.76 3.37 4.33
N GLU D 84 -47.89 4.67 4.60
CA GLU D 84 -48.91 5.48 3.95
C GLU D 84 -48.22 6.65 3.29
N ASN D 85 -47.37 6.33 2.32
CA ASN D 85 -46.72 7.34 1.50
C ASN D 85 -47.73 7.76 0.44
N PRO D 86 -48.24 8.99 0.55
CA PRO D 86 -49.36 9.36 -0.33
C PRO D 86 -48.95 9.42 -1.81
N TYR D 87 -47.67 9.61 -2.08
CA TYR D 87 -47.20 9.64 -3.47
C TYR D 87 -47.17 8.24 -4.06
N ILE D 88 -46.87 7.26 -3.21
CA ILE D 88 -46.89 5.85 -3.57
C ILE D 88 -48.33 5.39 -3.68
N ARG D 89 -49.16 5.80 -2.73
CA ARG D 89 -50.60 5.50 -2.81
C ARG D 89 -51.16 6.01 -4.14
N THR D 90 -50.80 7.23 -4.53
CA THR D 90 -51.24 7.74 -5.83
C THR D 90 -50.65 6.93 -7.02
N GLU D 91 -49.35 6.65 -6.99
CA GLU D 91 -48.71 6.01 -8.15
C GLU D 91 -49.14 4.55 -8.37
N ASP D 92 -49.53 3.91 -7.27
CA ASP D 92 -50.07 2.55 -7.29
C ASP D 92 -51.17 2.44 -8.32
N ILE D 93 -51.96 3.51 -8.43
CA ILE D 93 -53.09 3.50 -9.37
C ILE D 93 -52.56 3.37 -10.80
N SER D 94 -51.46 4.08 -11.09
CA SER D 94 -50.86 3.98 -12.42
C SER D 94 -50.28 2.61 -12.64
N ALA D 95 -49.76 1.98 -11.59
CA ALA D 95 -49.28 0.60 -11.75
C ALA D 95 -50.41 -0.40 -12.07
N VAL D 96 -51.55 -0.20 -11.41
CA VAL D 96 -52.72 -1.03 -11.69
C VAL D 96 -53.20 -0.81 -13.13
N ILE D 97 -53.25 0.45 -13.56
CA ILE D 97 -53.58 0.73 -14.95
C ILE D 97 -52.57 0.06 -15.90
N ASP D 98 -51.29 0.10 -15.55
CA ASP D 98 -50.27 -0.54 -16.38
C ASP D 98 -50.70 -1.99 -16.56
N TYR D 99 -51.02 -2.64 -15.44
CA TYR D 99 -51.50 -4.03 -15.52
C TYR D 99 -52.72 -4.20 -16.42
N LEU D 100 -53.70 -3.30 -16.29
CA LEU D 100 -54.87 -3.36 -17.15
C LEU D 100 -54.52 -3.26 -18.65
N THR D 101 -53.49 -2.47 -18.99
CA THR D 101 -53.13 -2.35 -20.41
C THR D 101 -52.64 -3.68 -20.98
N THR D 102 -52.29 -4.63 -20.12
CA THR D 102 -51.81 -5.94 -20.58
C THR D 102 -52.94 -6.96 -20.72
N LEU D 103 -54.15 -6.54 -20.40
CA LEU D 103 -55.29 -7.44 -20.53
C LEU D 103 -55.95 -7.12 -21.86
N SER D 104 -56.05 -8.11 -22.74
CA SER D 104 -56.59 -7.87 -24.08
C SER D 104 -58.06 -7.48 -24.04
N TYR D 105 -58.75 -7.87 -22.98
CA TYR D 105 -60.18 -7.55 -22.87
C TYR D 105 -60.48 -6.17 -22.26
N VAL D 106 -59.42 -5.41 -21.99
CA VAL D 106 -59.58 -4.04 -21.52
C VAL D 106 -59.25 -3.08 -22.65
N ASP D 107 -60.10 -2.08 -22.87
CA ASP D 107 -59.85 -1.04 -23.86
C ASP D 107 -59.01 0.06 -23.21
N ASN D 108 -57.74 0.17 -23.59
CA ASN D 108 -56.82 1.14 -22.99
C ASN D 108 -57.36 2.56 -23.00
N THR D 109 -58.25 2.86 -23.94
CA THR D 109 -58.78 4.20 -24.09
C THR D 109 -60.09 4.42 -23.31
N ARG D 110 -60.52 3.43 -22.53
CA ARG D 110 -61.78 3.54 -21.77
C ARG D 110 -61.60 3.14 -20.30
N ILE D 111 -60.53 3.64 -19.69
CA ILE D 111 -60.23 3.32 -18.30
C ILE D 111 -60.59 4.51 -17.41
N GLY D 112 -61.34 4.22 -16.39
CA GLY D 112 -61.73 5.20 -15.41
C GLY D 112 -61.27 4.76 -14.01
N ALA D 113 -61.42 5.60 -13.01
CA ALA D 113 -61.08 5.24 -11.65
C ALA D 113 -61.97 5.83 -10.59
N MET D 114 -62.13 5.12 -9.50
CA MET D 114 -62.88 5.64 -8.38
C MET D 114 -62.29 5.21 -7.05
N GLY D 115 -62.48 6.04 -6.02
CA GLY D 115 -62.00 5.73 -4.69
C GLY D 115 -63.02 6.07 -3.63
N ILE D 116 -62.83 5.52 -2.43
CA ILE D 116 -63.67 5.85 -1.27
C ILE D 116 -62.73 6.37 -0.20
N CYS D 117 -63.15 7.40 0.54
CA CYS D 117 -62.34 7.94 1.62
C CYS D 117 -60.99 8.40 1.06
N ALA D 118 -59.88 8.06 1.70
CA ALA D 118 -58.58 8.56 1.23
C ALA D 118 -58.25 8.13 -0.22
N GLY D 119 -58.67 6.93 -0.59
CA GLY D 119 -58.46 6.46 -1.95
C GLY D 119 -59.15 7.31 -3.01
N ALA D 120 -60.16 8.06 -2.60
CA ALA D 120 -60.79 8.99 -3.54
C ALA D 120 -59.81 10.14 -3.79
N GLY D 121 -59.23 10.64 -2.71
CA GLY D 121 -58.23 11.69 -2.82
C GLY D 121 -57.12 11.25 -3.75
N TYR D 122 -56.57 10.07 -3.48
CA TYR D 122 -55.50 9.54 -4.32
C TYR D 122 -55.97 9.45 -5.78
N THR D 123 -57.23 9.05 -5.97
CA THR D 123 -57.79 8.91 -7.31
C THR D 123 -57.74 10.25 -8.02
N ALA D 124 -58.13 11.30 -7.30
CA ALA D 124 -58.15 12.61 -7.95
C ALA D 124 -56.72 12.89 -8.34
N ASN D 125 -55.79 12.62 -7.40
CA ASN D 125 -54.38 12.94 -7.64
C ASN D 125 -53.93 12.17 -8.88
N ALA D 126 -54.43 10.95 -9.00
CA ALA D 126 -53.94 10.09 -10.07
C ALA D 126 -54.44 10.65 -11.38
N ALA D 127 -55.69 11.11 -11.38
CA ALA D 127 -56.24 11.66 -12.63
C ALA D 127 -55.40 12.84 -13.05
N ILE D 128 -54.84 13.54 -12.06
CA ILE D 128 -54.10 14.74 -12.38
C ILE D 128 -52.85 14.36 -13.14
N GLN D 129 -52.20 13.27 -12.72
CA GLN D 129 -50.88 12.99 -13.30
C GLN D 129 -50.87 11.85 -14.31
N ASP D 130 -51.94 11.06 -14.33
CA ASP D 130 -52.01 9.93 -15.24
C ASP D 130 -53.11 10.17 -16.27
N ARG D 131 -52.73 10.57 -17.47
CA ARG D 131 -53.70 11.02 -18.46
C ARG D 131 -54.44 9.85 -19.07
N ARG D 132 -54.10 8.63 -18.68
CA ARG D 132 -54.84 7.48 -19.18
C ARG D 132 -56.17 7.36 -18.45
N ILE D 133 -56.32 8.09 -17.33
CA ILE D 133 -57.58 8.08 -16.58
C ILE D 133 -58.55 9.05 -17.24
N LYS D 134 -59.65 8.53 -17.76
N LYS D 134 -59.64 8.55 -17.79
CA LYS D 134 -60.56 9.28 -18.61
CA LYS D 134 -60.54 9.36 -18.61
C LYS D 134 -61.67 9.98 -17.83
C LYS D 134 -61.67 10.01 -17.82
N ALA D 135 -62.00 9.44 -16.67
CA ALA D 135 -63.04 10.00 -15.79
C ALA D 135 -62.86 9.41 -14.38
N ILE D 136 -63.27 10.16 -13.35
CA ILE D 136 -63.17 9.67 -11.98
C ILE D 136 -64.47 9.78 -11.19
N GLY D 137 -64.57 8.98 -10.14
CA GLY D 137 -65.69 9.01 -9.23
C GLY D 137 -65.17 8.95 -7.81
N THR D 138 -65.92 9.55 -6.88
CA THR D 138 -65.50 9.55 -5.48
C THR D 138 -66.70 9.33 -4.57
N VAL D 139 -66.48 8.58 -3.48
CA VAL D 139 -67.50 8.37 -2.48
C VAL D 139 -66.86 8.72 -1.14
N SER D 140 -67.51 9.61 -0.37
CA SER D 140 -66.99 10.01 0.94
C SER D 140 -65.53 10.38 0.82
N ALA D 141 -65.22 11.14 -0.22
CA ALA D 141 -63.86 11.53 -0.54
C ALA D 141 -63.12 12.09 0.67
N VAL D 142 -61.88 11.66 0.82
CA VAL D 142 -60.97 12.23 1.81
C VAL D 142 -59.69 12.61 1.09
N ASN D 143 -59.27 13.87 1.27
CA ASN D 143 -57.95 14.33 0.89
C ASN D 143 -57.09 14.15 2.13
N ILE D 144 -56.25 13.12 2.13
CA ILE D 144 -55.59 12.71 3.37
C ILE D 144 -54.74 13.84 3.99
N GLY D 145 -54.16 14.64 3.11
CA GLY D 145 -53.39 15.80 3.53
C GLY D 145 -54.30 16.74 4.29
N SER D 146 -55.43 17.11 3.68
CA SER D 146 -56.37 18.04 4.29
C SER D 146 -56.81 17.57 5.66
N ILE D 147 -57.10 16.27 5.76
CA ILE D 147 -57.69 15.75 6.98
C ILE D 147 -56.66 15.68 8.12
N PHE D 148 -55.43 15.28 7.83
CA PHE D 148 -54.43 15.29 8.90
C PHE D 148 -53.91 16.69 9.23
N ARG D 149 -53.93 17.60 8.27
CA ARG D 149 -53.34 18.93 8.46
C ARG D 149 -54.33 19.90 9.11
N ASN D 150 -55.53 19.94 8.57
CA ASN D 150 -56.55 20.91 8.99
C ASN D 150 -57.64 20.31 9.86
N GLY D 151 -57.56 18.99 10.08
CA GLY D 151 -58.44 18.29 10.99
C GLY D 151 -59.68 17.76 10.31
N TRP D 152 -60.32 16.80 10.96
CA TRP D 152 -61.52 16.15 10.44
C TRP D 152 -62.58 17.19 10.07
N GLU D 153 -62.65 18.27 10.85
CA GLU D 153 -63.66 19.32 10.64
C GLU D 153 -63.13 20.56 9.92
N ASN D 154 -61.91 20.50 9.40
CA ASN D 154 -61.30 21.65 8.77
C ASN D 154 -61.26 22.87 9.71
N ASN D 155 -60.89 22.63 10.96
CA ASN D 155 -60.87 23.70 11.97
C ASN D 155 -59.48 23.98 12.52
N VAL D 156 -58.46 23.38 11.91
CA VAL D 156 -57.08 23.59 12.33
C VAL D 156 -56.31 24.35 11.26
N LYS D 157 -55.61 25.41 11.67
CA LYS D 157 -54.79 26.18 10.75
C LYS D 157 -53.58 25.35 10.39
N SER D 158 -53.18 25.36 9.12
CA SER D 158 -52.06 24.54 8.65
C SER D 158 -50.78 24.69 9.49
N ILE D 159 -50.43 25.92 9.84
CA ILE D 159 -49.20 26.16 10.58
C ILE D 159 -49.24 25.44 11.93
N ASP D 160 -50.42 25.42 12.55
CA ASP D 160 -50.62 24.73 13.82
C ASP D 160 -50.37 23.21 13.70
N ALA D 161 -50.39 22.70 12.48
CA ALA D 161 -50.15 21.27 12.29
C ALA D 161 -48.65 20.94 12.26
N LEU D 162 -47.80 21.97 12.32
CA LEU D 162 -46.35 21.75 12.30
C LEU D 162 -45.83 20.70 13.32
N PRO D 163 -46.36 20.69 14.56
CA PRO D 163 -45.87 19.66 15.48
C PRO D 163 -46.10 18.23 14.98
N TYR D 164 -47.05 18.03 14.07
CA TYR D 164 -47.24 16.71 13.45
C TYR D 164 -46.18 16.41 12.39
N VAL D 165 -45.75 17.43 11.65
CA VAL D 165 -44.65 17.23 10.71
C VAL D 165 -43.43 16.83 11.51
N GLU D 166 -43.23 17.46 12.65
CA GLU D 166 -42.12 17.11 13.52
C GLU D 166 -42.21 15.67 14.03
N ALA D 167 -43.42 15.24 14.38
CA ALA D 167 -43.60 13.88 14.88
C ALA D 167 -43.25 12.87 13.79
N GLY D 168 -43.71 13.13 12.57
CA GLY D 168 -43.38 12.26 11.44
C GLY D 168 -41.88 12.23 11.23
N SER D 169 -41.24 13.39 11.30
CA SER D 169 -39.78 13.45 11.15
C SER D 169 -39.02 12.72 12.27
N ASN D 170 -39.44 12.91 13.52
CA ASN D 170 -38.74 12.25 14.64
C ASN D 170 -38.95 10.74 14.65
N ALA D 171 -40.11 10.32 14.15
CA ALA D 171 -40.37 8.90 13.98
C ALA D 171 -39.32 8.22 13.09
N ARG D 172 -38.84 8.94 12.09
CA ARG D 172 -37.78 8.40 11.24
C ARG D 172 -36.50 8.16 12.05
N THR D 173 -36.17 9.10 12.92
CA THR D 173 -35.00 8.94 13.79
C THR D 173 -35.18 7.73 14.69
N SER D 174 -36.35 7.62 15.34
CA SER D 174 -36.56 6.51 16.29
C SER D 174 -36.70 5.17 15.57
N ASP D 175 -37.29 5.18 14.37
CA ASP D 175 -37.41 3.97 13.55
C ASP D 175 -36.05 3.33 13.25
N ILE D 176 -35.11 4.12 12.75
CA ILE D 176 -33.78 3.59 12.44
C ILE D 176 -33.03 3.27 13.72
N SER D 177 -33.32 4.04 14.77
CA SER D 177 -32.67 3.84 16.05
C SER D 177 -33.11 2.53 16.68
N SER D 178 -34.37 2.16 16.50
CA SER D 178 -34.93 1.01 17.22
C SER D 178 -35.09 -0.24 16.34
N GLY D 179 -35.02 -0.07 15.03
CA GLY D 179 -35.27 -1.18 14.12
C GLY D 179 -36.73 -1.59 14.00
N GLU D 180 -37.60 -0.86 14.71
CA GLU D 180 -39.04 -1.07 14.60
C GLU D 180 -39.69 0.11 13.87
N TYR D 181 -41.01 0.10 13.77
CA TYR D 181 -41.75 1.19 13.12
C TYR D 181 -42.84 1.76 14.04
N ALA D 182 -42.69 3.03 14.39
CA ALA D 182 -43.70 3.74 15.15
C ALA D 182 -45.00 3.80 14.37
N ILE D 183 -46.13 3.76 15.06
CA ILE D 183 -47.41 3.75 14.37
C ILE D 183 -48.35 4.86 14.81
N MET D 184 -49.37 5.10 14.00
CA MET D 184 -50.41 6.04 14.32
C MET D 184 -51.72 5.50 13.78
N PRO D 185 -52.81 5.76 14.51
CA PRO D 185 -54.13 5.30 14.06
C PRO D 185 -54.60 6.01 12.81
N LEU D 186 -55.40 5.31 12.02
CA LEU D 186 -56.15 5.93 10.94
C LEU D 186 -57.58 6.15 11.46
N ALA D 187 -58.40 5.11 11.46
CA ALA D 187 -59.64 5.16 12.22
C ALA D 187 -59.29 4.99 13.70
N PRO D 188 -60.20 5.35 14.64
CA PRO D 188 -59.85 5.11 16.04
C PRO D 188 -59.53 3.63 16.30
N MET D 189 -58.52 3.35 17.12
CA MET D 189 -58.08 1.98 17.38
C MET D 189 -58.89 1.28 18.48
N LYS D 190 -59.60 2.06 19.29
CA LYS D 190 -60.51 1.52 20.31
C LYS D 190 -61.73 2.39 20.36
N GLU D 191 -62.88 1.81 20.71
CA GLU D 191 -64.13 2.56 20.70
C GLU D 191 -64.08 3.85 21.55
N SER D 192 -63.43 3.79 22.70
CA SER D 192 -63.35 4.96 23.58
C SER D 192 -62.48 6.07 23.00
N ASP D 193 -61.65 5.75 22.02
CA ASP D 193 -60.83 6.76 21.34
C ASP D 193 -61.63 7.64 20.37
N ALA D 194 -62.83 7.21 20.02
CA ALA D 194 -63.61 7.97 19.04
C ALA D 194 -64.15 9.29 19.60
N PRO D 195 -63.81 10.40 18.94
CA PRO D 195 -64.24 11.77 19.27
C PRO D 195 -65.74 12.01 19.07
N ASN D 196 -66.36 11.26 18.17
CA ASN D 196 -67.80 11.41 17.91
C ASN D 196 -68.39 10.13 17.34
N GLU D 197 -69.67 10.17 16.98
CA GLU D 197 -70.37 8.98 16.52
C GLU D 197 -69.93 8.48 15.16
N GLU D 198 -69.58 9.39 14.27
CA GLU D 198 -69.17 9.03 12.92
C GLU D 198 -67.84 8.29 12.95
N LEU D 199 -66.92 8.83 13.74
CA LEU D 199 -65.62 8.19 13.95
C LEU D 199 -65.72 6.91 14.78
N ARG D 200 -66.74 6.84 15.62
CA ARG D 200 -66.98 5.63 16.38
C ARG D 200 -67.42 4.57 15.40
N GLN D 201 -68.20 4.99 14.41
CA GLN D 201 -68.66 4.09 13.37
C GLN D 201 -67.47 3.64 12.54
N ALA D 202 -66.50 4.50 12.36
CA ALA D 202 -65.23 4.08 11.72
C ALA D 202 -64.54 2.99 12.55
N TRP D 203 -64.45 3.20 13.87
CA TRP D 203 -63.86 2.17 14.71
C TRP D 203 -64.59 0.87 14.53
N GLU D 204 -65.92 0.94 14.51
CA GLU D 204 -66.74 -0.24 14.43
C GLU D 204 -66.53 -0.98 13.11
N TYR D 205 -66.42 -0.21 12.03
CA TYR D 205 -66.16 -0.76 10.71
C TYR D 205 -64.86 -1.52 10.69
N TYR D 206 -63.79 -0.89 11.20
CA TYR D 206 -62.47 -1.52 11.07
C TYR D 206 -62.08 -2.54 12.15
N HIS D 207 -62.80 -2.55 13.27
CA HIS D 207 -62.35 -3.35 14.41
C HIS D 207 -63.40 -4.29 15.05
N THR D 208 -64.60 -4.35 14.46
CA THR D 208 -65.61 -5.36 14.84
C THR D 208 -66.03 -6.11 13.58
N PRO D 209 -66.76 -7.22 13.73
CA PRO D 209 -67.15 -7.98 12.54
C PRO D 209 -68.04 -7.22 11.55
N ARG D 210 -68.36 -5.95 11.83
CA ARG D 210 -69.06 -5.14 10.83
C ARG D 210 -68.27 -5.23 9.51
N ALA D 211 -67.00 -4.95 9.51
CA ALA D 211 -66.13 -5.20 8.36
C ALA D 211 -64.66 -5.38 8.63
N GLN D 212 -64.31 -5.77 9.85
CA GLN D 212 -62.91 -5.99 10.18
C GLN D 212 -62.31 -6.99 9.20
N TYR D 213 -61.10 -6.69 8.73
CA TYR D 213 -60.36 -7.63 7.90
C TYR D 213 -58.92 -7.73 8.39
N PRO D 214 -58.44 -8.97 8.58
CA PRO D 214 -57.19 -9.14 9.33
C PRO D 214 -55.96 -8.58 8.65
N THR D 215 -56.02 -8.32 7.35
CA THR D 215 -54.91 -7.67 6.66
C THR D 215 -54.99 -6.15 6.76
N ALA D 216 -56.03 -5.67 7.44
CA ALA D 216 -56.27 -4.24 7.62
C ALA D 216 -56.27 -3.88 9.10
N PRO D 217 -55.08 -3.71 9.67
CA PRO D 217 -54.95 -3.47 11.10
C PRO D 217 -55.45 -2.10 11.52
N GLY D 218 -55.57 -1.16 10.58
CA GLY D 218 -56.15 0.14 10.87
C GLY D 218 -55.19 1.18 11.41
N TYR D 219 -53.89 0.93 11.28
CA TYR D 219 -52.88 1.94 11.58
C TYR D 219 -51.92 2.14 10.41
N ALA D 220 -51.22 3.26 10.40
CA ALA D 220 -50.15 3.51 9.42
C ALA D 220 -48.85 3.78 10.16
N THR D 221 -47.72 3.69 9.46
CA THR D 221 -46.43 4.04 10.05
C THR D 221 -46.40 5.55 10.34
N LEU D 222 -46.05 5.93 11.55
CA LEU D 222 -45.97 7.33 11.94
C LEU D 222 -44.99 8.10 11.05
N ARG D 223 -43.99 7.41 10.53
CA ARG D 223 -43.01 8.06 9.65
C ARG D 223 -43.64 8.76 8.43
N SER D 224 -44.83 8.31 8.03
CA SER D 224 -45.50 8.88 6.85
C SER D 224 -46.14 10.22 7.15
N LEU D 225 -46.35 10.49 8.45
CA LEU D 225 -47.10 11.67 8.87
C LEU D 225 -46.56 12.96 8.27
N ASN D 226 -45.24 13.10 8.24
CA ASN D 226 -44.65 14.34 7.74
C ASN D 226 -44.95 14.54 6.27
N GLN D 227 -44.99 13.44 5.49
CA GLN D 227 -45.40 13.60 4.10
C GLN D 227 -46.91 13.83 3.98
N ILE D 228 -47.69 13.30 4.92
CA ILE D 228 -49.13 13.43 4.79
C ILE D 228 -49.54 14.87 5.06
N ILE D 229 -48.95 15.45 6.10
CA ILE D 229 -49.33 16.81 6.48
C ILE D 229 -49.02 17.75 5.34
N THR D 230 -47.90 17.52 4.67
CA THR D 230 -47.47 18.39 3.57
C THR D 230 -47.97 17.91 2.20
N TYR D 231 -49.06 17.16 2.21
CA TYR D 231 -49.61 16.59 0.97
C TYR D 231 -50.98 17.23 0.62
N ASP D 232 -51.26 17.37 -0.67
CA ASP D 232 -52.57 17.85 -1.14
C ASP D 232 -53.00 16.98 -2.31
N ALA D 233 -53.98 16.11 -2.08
CA ALA D 233 -54.42 15.18 -3.12
C ALA D 233 -54.91 15.88 -4.37
N TYR D 234 -55.26 17.15 -4.24
CA TYR D 234 -55.89 17.88 -5.34
C TYR D 234 -54.93 18.89 -5.92
N HIS D 235 -53.65 18.73 -5.61
CA HIS D 235 -52.60 19.62 -6.07
C HIS D 235 -52.68 19.80 -7.59
N MET D 236 -52.81 21.07 -8.02
CA MET D 236 -52.92 21.45 -9.44
C MET D 236 -54.21 21.02 -10.13
N ALA D 237 -55.25 20.69 -9.34
CA ALA D 237 -56.54 20.33 -9.92
C ALA D 237 -57.06 21.40 -10.89
N GLU D 238 -56.89 22.67 -10.52
CA GLU D 238 -57.40 23.79 -11.33
C GLU D 238 -56.81 23.83 -12.73
N VAL D 239 -55.61 23.29 -12.89
CA VAL D 239 -54.95 23.23 -14.19
C VAL D 239 -55.22 21.89 -14.87
N TYR D 240 -54.93 20.80 -14.16
CA TYR D 240 -54.86 19.47 -14.79
C TYR D 240 -56.03 18.50 -14.57
N LEU D 241 -56.84 18.71 -13.54
CA LEU D 241 -58.00 17.85 -13.34
C LEU D 241 -59.15 18.26 -14.26
N THR D 242 -59.09 17.79 -15.49
CA THR D 242 -60.01 18.21 -16.53
C THR D 242 -61.01 17.12 -16.87
N GLN D 243 -60.74 15.90 -16.42
CA GLN D 243 -61.59 14.77 -16.78
C GLN D 243 -62.97 14.88 -16.11
N PRO D 244 -63.99 14.23 -16.73
CA PRO D 244 -65.28 14.17 -16.03
C PRO D 244 -65.11 13.61 -14.61
N THR D 245 -65.76 14.25 -13.66
CA THR D 245 -65.65 13.91 -12.25
C THR D 245 -67.04 13.76 -11.60
N GLN D 246 -67.29 12.61 -10.98
CA GLN D 246 -68.56 12.42 -10.28
C GLN D 246 -68.30 12.26 -8.79
N ILE D 247 -68.80 13.23 -8.03
CA ILE D 247 -68.65 13.25 -6.59
C ILE D 247 -69.94 12.74 -5.92
N VAL D 248 -69.78 11.87 -4.94
CA VAL D 248 -70.89 11.35 -4.15
C VAL D 248 -70.54 11.53 -2.68
N ALA D 249 -71.39 12.23 -1.94
CA ALA D 249 -71.18 12.42 -0.50
C ALA D 249 -72.51 12.39 0.25
N GLY D 250 -72.47 12.03 1.53
CA GLY D 250 -73.69 11.99 2.31
C GLY D 250 -74.02 13.37 2.88
N SER D 251 -75.30 13.69 2.98
CA SER D 251 -75.72 14.98 3.52
C SER D 251 -75.19 15.22 4.93
N GLN D 252 -74.99 14.14 5.68
CA GLN D 252 -74.55 14.25 7.09
C GLN D 252 -73.07 14.01 7.31
N ALA D 253 -72.31 13.81 6.24
CA ALA D 253 -70.90 13.44 6.36
C ALA D 253 -70.03 14.55 6.93
N GLY D 254 -69.30 14.27 8.00
CA GLY D 254 -68.37 15.24 8.55
C GLY D 254 -67.25 15.57 7.57
N SER D 255 -67.09 14.72 6.56
CA SER D 255 -66.00 14.85 5.59
C SER D 255 -66.43 15.58 4.32
N LYS D 256 -67.66 16.08 4.30
CA LYS D 256 -68.26 16.58 3.06
C LYS D 256 -67.49 17.75 2.43
N TRP D 257 -66.83 18.54 3.28
CA TRP D 257 -66.08 19.70 2.80
C TRP D 257 -64.95 19.35 1.85
N MET D 258 -64.40 18.15 1.96
CA MET D 258 -63.34 17.72 1.05
C MET D 258 -63.90 17.38 -0.35
N SER D 259 -65.13 16.89 -0.38
CA SER D 259 -65.86 16.71 -1.65
C SER D 259 -66.21 18.07 -2.24
N ASP D 260 -66.70 18.98 -1.40
CA ASP D 260 -66.92 20.37 -1.82
C ASP D 260 -65.66 20.94 -2.47
N ASP D 261 -64.53 20.75 -1.79
CA ASP D 261 -63.24 21.28 -2.22
C ASP D 261 -62.87 20.69 -3.57
N LEU D 262 -63.02 19.37 -3.70
CA LEU D 262 -62.72 18.72 -4.97
C LEU D 262 -63.56 19.34 -6.09
N TYR D 263 -64.86 19.46 -5.84
CA TYR D 263 -65.78 20.01 -6.83
C TYR D 263 -65.36 21.41 -7.27
N ASP D 264 -65.16 22.30 -6.30
CA ASP D 264 -64.76 23.67 -6.59
C ASP D 264 -63.46 23.73 -7.39
N ARG D 265 -62.46 22.96 -6.96
CA ARG D 265 -61.11 23.16 -7.52
C ARG D 265 -60.92 22.55 -8.91
N ALA D 266 -61.61 21.46 -9.19
CA ALA D 266 -61.44 20.75 -10.46
C ALA D 266 -61.70 21.69 -11.64
N SER D 267 -60.86 21.60 -12.67
CA SER D 267 -61.06 22.41 -13.88
C SER D 267 -62.17 21.83 -14.74
N SER D 268 -62.48 20.55 -14.51
CA SER D 268 -63.41 19.77 -15.33
C SER D 268 -64.65 20.51 -15.82
N GLN D 269 -64.95 20.40 -17.10
CA GLN D 269 -66.18 20.94 -17.67
C GLN D 269 -67.37 20.09 -17.24
N ASP D 270 -67.16 18.78 -17.21
CA ASP D 270 -68.20 17.87 -16.74
C ASP D 270 -67.93 17.45 -15.29
N LYS D 271 -68.24 18.32 -14.32
CA LYS D 271 -68.16 17.92 -12.91
C LYS D 271 -69.53 17.85 -12.23
N ARG D 272 -69.77 16.73 -11.55
CA ARG D 272 -71.07 16.43 -10.98
C ARG D 272 -70.97 16.16 -9.48
N TYR D 273 -72.05 16.42 -8.77
CA TYR D 273 -72.04 16.26 -7.31
C TYR D 273 -73.40 15.69 -6.90
N HIS D 274 -73.38 14.45 -6.41
CA HIS D 274 -74.62 13.86 -5.91
C HIS D 274 -74.60 13.79 -4.38
N ILE D 275 -75.63 14.35 -3.76
CA ILE D 275 -75.81 14.26 -2.30
C ILE D 275 -76.62 13.02 -1.95
N VAL D 276 -76.09 12.18 -1.07
CA VAL D 276 -76.91 11.08 -0.57
C VAL D 276 -77.58 11.51 0.73
N GLU D 277 -78.86 11.85 0.63
CA GLU D 277 -79.61 12.38 1.77
C GLU D 277 -79.66 11.41 2.95
N GLY D 278 -79.26 11.90 4.12
CA GLY D 278 -79.40 11.14 5.35
C GLY D 278 -78.17 10.33 5.72
N ALA D 279 -77.20 10.24 4.81
CA ALA D 279 -76.02 9.41 5.05
C ALA D 279 -74.85 10.20 5.65
N ASN D 280 -74.10 9.56 6.57
CA ASN D 280 -72.84 10.14 7.01
C ASN D 280 -71.67 9.58 6.19
N HIS D 281 -70.44 9.76 6.68
CA HIS D 281 -69.27 9.28 5.95
C HIS D 281 -69.26 7.76 5.84
N MET D 282 -69.46 7.08 6.97
CA MET D 282 -69.40 5.63 7.03
C MET D 282 -70.59 4.93 6.35
N ASP D 283 -71.76 5.57 6.36
CA ASP D 283 -72.95 4.96 5.76
C ASP D 283 -72.76 4.54 4.30
N LEU D 284 -71.92 5.29 3.58
CA LEU D 284 -71.71 5.03 2.16
C LEU D 284 -70.73 3.88 1.92
N TYR D 285 -70.15 3.34 3.00
CA TYR D 285 -69.26 2.17 2.90
C TYR D 285 -70.07 0.89 2.73
N ASP D 286 -71.13 0.74 3.52
CA ASP D 286 -71.82 -0.55 3.58
C ASP D 286 -73.33 -0.49 3.82
N GLY D 287 -73.91 0.73 3.84
CA GLY D 287 -75.35 0.87 3.92
C GLY D 287 -75.95 0.44 2.60
N LYS D 288 -76.66 -0.69 2.61
CA LYS D 288 -77.21 -1.32 1.41
C LYS D 288 -77.91 -0.34 0.46
N ALA D 289 -78.83 0.44 0.99
CA ALA D 289 -79.56 1.40 0.16
C ALA D 289 -78.70 2.58 -0.25
N TYR D 290 -77.81 3.00 0.65
CA TYR D 290 -76.91 4.11 0.33
C TYR D 290 -75.92 3.69 -0.76
N VAL D 291 -75.39 2.48 -0.63
CA VAL D 291 -74.50 1.95 -1.66
C VAL D 291 -75.25 1.82 -2.99
N ALA D 292 -76.45 1.24 -2.94
CA ALA D 292 -77.31 1.12 -4.12
C ALA D 292 -77.48 2.46 -4.81
N GLU D 293 -77.76 3.51 -4.04
CA GLU D 293 -77.90 4.84 -4.61
C GLU D 293 -76.60 5.32 -5.26
N ALA D 294 -75.49 5.18 -4.53
CA ALA D 294 -74.18 5.58 -5.06
C ALA D 294 -73.95 4.93 -6.42
N ILE D 295 -74.15 3.63 -6.50
CA ILE D 295 -73.99 2.90 -7.75
C ILE D 295 -74.95 3.41 -8.82
N SER D 296 -76.18 3.71 -8.42
CA SER D 296 -77.19 4.18 -9.37
C SER D 296 -76.74 5.49 -9.99
N VAL D 297 -75.89 6.23 -9.27
CA VAL D 297 -75.36 7.47 -9.87
C VAL D 297 -74.04 7.25 -10.64
N LEU D 298 -73.11 6.53 -10.02
CA LEU D 298 -71.78 6.29 -10.57
C LEU D 298 -71.80 5.49 -11.87
N ALA D 299 -72.61 4.44 -11.92
CA ALA D 299 -72.63 3.56 -13.10
C ALA D 299 -73.06 4.25 -14.40
N PRO D 300 -74.20 4.98 -14.39
CA PRO D 300 -74.50 5.69 -15.64
C PRO D 300 -73.48 6.78 -15.95
N PHE D 301 -72.80 7.32 -14.94
CA PHE D 301 -71.78 8.34 -15.17
C PHE D 301 -70.59 7.78 -15.96
N PHE D 302 -70.08 6.64 -15.52
CA PHE D 302 -68.97 6.02 -16.22
C PHE D 302 -69.40 5.54 -17.60
N GLU D 303 -70.65 5.09 -17.69
CA GLU D 303 -71.20 4.67 -18.98
C GLU D 303 -71.18 5.80 -20.00
N GLU D 304 -71.51 7.01 -19.56
CA GLU D 304 -71.47 8.15 -20.46
C GLU D 304 -70.05 8.62 -20.75
N THR D 305 -69.13 8.41 -19.81
CA THR D 305 -67.81 9.04 -19.91
C THR D 305 -66.68 8.11 -20.33
N LEU D 306 -66.87 6.81 -20.15
CA LEU D 306 -65.88 5.83 -20.60
C LEU D 306 -66.27 5.22 -21.94
N MET E 1 -12.73 24.27 -45.75
CA MET E 1 -12.85 23.47 -46.96
C MET E 1 -11.59 22.69 -47.14
N MET E 2 -10.59 23.32 -47.71
CA MET E 2 -9.39 22.63 -47.94
C MET E 2 -8.18 23.05 -47.17
N ASN E 3 -7.45 22.01 -46.92
CA ASN E 3 -6.17 22.16 -46.35
C ASN E 3 -5.17 21.18 -46.86
N ASN E 4 -3.94 21.57 -46.67
CA ASN E 4 -2.79 20.79 -47.13
C ASN E 4 -1.68 20.73 -46.08
N LYS E 5 -1.29 19.54 -45.67
CA LYS E 5 -0.25 19.39 -44.64
C LYS E 5 1.06 19.17 -45.37
N VAL E 6 2.05 19.98 -45.03
CA VAL E 6 3.32 19.93 -45.75
C VAL E 6 4.49 19.94 -44.78
N SER E 7 5.68 19.77 -45.36
CA SER E 7 6.91 19.91 -44.62
C SER E 7 7.88 20.48 -45.63
N PHE E 8 8.69 21.44 -45.19
CA PHE E 8 9.60 22.08 -46.12
C PHE E 8 10.89 22.44 -45.43
N THR E 9 11.94 22.66 -46.21
CA THR E 9 13.23 23.03 -45.65
C THR E 9 13.19 24.39 -44.97
N ASN E 10 13.73 24.49 -43.76
CA ASN E 10 13.89 25.80 -43.11
C ASN E 10 15.07 26.52 -43.76
N SER E 11 14.78 27.60 -44.47
CA SER E 11 15.82 28.32 -45.22
C SER E 11 16.92 28.88 -44.31
N ASN E 12 16.59 29.13 -43.04
CA ASN E 12 17.59 29.61 -42.08
C ASN E 12 18.55 28.53 -41.62
N ASN E 13 18.11 27.28 -41.70
CA ASN E 13 18.89 26.16 -41.20
C ASN E 13 18.43 24.93 -41.95
N PRO E 14 19.01 24.70 -43.14
CA PRO E 14 18.47 23.68 -44.04
C PRO E 14 18.60 22.24 -43.55
N THR E 15 19.22 22.02 -42.39
CA THR E 15 19.20 20.70 -41.79
C THR E 15 17.83 20.42 -41.15
N ILE E 16 17.03 21.47 -40.98
CA ILE E 16 15.71 21.36 -40.36
C ILE E 16 14.57 21.53 -41.34
N SER E 17 13.59 20.63 -41.25
N SER E 17 13.59 20.62 -41.28
CA SER E 17 12.33 20.77 -41.96
CA SER E 17 12.33 20.79 -42.00
C SER E 17 11.24 21.25 -41.00
C SER E 17 11.22 21.22 -41.04
N LEU E 18 10.44 22.21 -41.45
CA LEU E 18 9.31 22.68 -40.66
C LEU E 18 8.08 21.91 -41.12
N SER E 19 7.25 21.56 -40.16
CA SER E 19 5.96 20.90 -40.41
C SER E 19 4.90 21.98 -40.39
N ALA E 20 3.95 21.92 -41.33
CA ALA E 20 2.94 22.97 -41.34
C ALA E 20 1.64 22.49 -41.99
N VAL E 21 0.56 23.23 -41.75
CA VAL E 21 -0.72 22.98 -42.44
C VAL E 21 -1.17 24.28 -43.06
N ILE E 22 -1.49 24.25 -44.35
CA ILE E 22 -1.98 25.42 -45.06
C ILE E 22 -3.50 25.29 -45.21
N TYR E 23 -4.22 26.33 -44.79
CA TYR E 23 -5.68 26.37 -44.87
C TYR E 23 -6.12 27.30 -45.98
N PHE E 24 -7.08 26.84 -46.78
CA PHE E 24 -7.53 27.58 -47.97
C PHE E 24 -8.95 28.13 -47.83
N PRO E 25 -9.20 29.32 -48.41
CA PRO E 25 -10.51 29.98 -48.32
C PRO E 25 -11.60 29.25 -49.12
N PRO E 26 -12.88 29.55 -48.86
CA PRO E 26 -13.95 28.99 -49.70
C PRO E 26 -13.81 29.55 -51.11
N LYS E 27 -14.29 28.85 -52.13
CA LYS E 27 -14.07 29.24 -53.53
C LYS E 27 -12.60 29.62 -53.85
N PHE E 28 -11.66 28.93 -53.20
CA PHE E 28 -10.25 29.07 -53.55
C PHE E 28 -10.01 28.77 -55.04
N ASP E 29 -9.41 29.74 -55.73
CA ASP E 29 -9.05 29.56 -57.13
C ASP E 29 -7.53 29.54 -57.26
N GLU E 30 -7.00 28.39 -57.65
CA GLU E 30 -5.55 28.17 -57.67
C GLU E 30 -4.85 29.03 -58.72
N THR E 31 -5.63 29.72 -59.55
CA THR E 31 -5.05 30.62 -60.54
C THR E 31 -5.02 32.06 -60.01
N ARG E 32 -5.57 32.27 -58.83
CA ARG E 32 -5.56 33.61 -58.24
C ARG E 32 -4.43 33.71 -57.22
N GLN E 33 -4.15 34.92 -56.77
CA GLN E 33 -3.16 35.14 -55.71
C GLN E 33 -3.83 35.78 -54.50
N TYR E 34 -3.62 35.18 -53.33
CA TYR E 34 -4.37 35.56 -52.14
C TYR E 34 -3.56 36.34 -51.11
N GLN E 35 -4.28 37.02 -50.21
CA GLN E 35 -3.65 37.56 -49.01
C GLN E 35 -3.33 36.35 -48.14
N ALA E 36 -2.21 36.40 -47.42
CA ALA E 36 -1.74 35.24 -46.65
C ALA E 36 -1.39 35.61 -45.23
N ILE E 37 -1.71 34.72 -44.30
CA ILE E 37 -1.43 34.94 -42.88
C ILE E 37 -0.65 33.77 -42.28
N VAL E 38 0.46 34.12 -41.63
CA VAL E 38 1.30 33.13 -40.96
C VAL E 38 0.93 33.09 -39.50
N LEU E 39 0.60 31.90 -39.02
CA LEU E 39 0.20 31.78 -37.62
C LEU E 39 1.24 31.12 -36.74
N SER E 40 1.67 31.85 -35.71
CA SER E 40 2.67 31.39 -34.74
C SER E 40 2.00 30.91 -33.45
N HIS E 41 2.48 29.78 -32.91
CA HIS E 41 1.85 29.14 -31.74
C HIS E 41 2.42 29.59 -30.40
N PRO E 42 1.62 29.43 -29.31
CA PRO E 42 2.07 29.78 -27.94
C PRO E 42 3.37 29.10 -27.54
N GLY E 43 3.94 29.52 -26.40
CA GLY E 43 5.11 28.85 -25.85
C GLY E 43 4.81 27.43 -25.45
N GLY E 44 5.38 26.46 -26.17
CA GLY E 44 5.13 25.06 -25.88
C GLY E 44 3.90 24.54 -26.61
N GLY E 45 3.34 25.35 -27.49
CA GLY E 45 2.18 24.93 -28.27
C GLY E 45 2.56 24.35 -29.62
N VAL E 46 1.55 23.89 -30.37
CA VAL E 46 1.78 23.32 -31.69
C VAL E 46 0.65 23.71 -32.65
N LYS E 47 0.87 23.50 -33.94
CA LYS E 47 -0.09 23.91 -34.97
C LYS E 47 -1.49 23.30 -34.81
N GLU E 48 -1.58 22.14 -34.17
CA GLU E 48 -2.88 21.46 -34.02
C GLU E 48 -3.75 22.06 -32.92
N GLN E 49 -3.17 22.88 -32.05
CA GLN E 49 -3.94 23.51 -30.97
C GLN E 49 -4.50 24.85 -31.43
N THR E 50 -4.49 25.83 -30.53
CA THR E 50 -5.15 27.11 -30.79
C THR E 50 -4.72 27.80 -32.09
N ALA E 51 -3.44 27.67 -32.44
CA ALA E 51 -2.91 28.34 -33.64
C ALA E 51 -3.63 27.86 -34.90
N GLY E 52 -3.88 26.55 -34.95
CA GLY E 52 -4.63 25.95 -36.04
C GLY E 52 -6.09 26.36 -36.04
N THR E 53 -6.67 26.52 -34.86
CA THR E 53 -8.02 27.05 -34.74
C THR E 53 -8.11 28.41 -35.41
N TYR E 54 -7.24 29.34 -35.02
CA TYR E 54 -7.24 30.66 -35.63
C TYR E 54 -6.91 30.64 -37.12
N ALA E 55 -5.99 29.76 -37.51
CA ALA E 55 -5.63 29.66 -38.94
C ALA E 55 -6.86 29.26 -39.74
N LYS E 56 -7.60 28.29 -39.20
CA LYS E 56 -8.78 27.76 -39.87
C LYS E 56 -9.85 28.83 -39.98
N LYS E 57 -10.13 29.50 -38.87
CA LYS E 57 -11.18 30.54 -38.88
C LYS E 57 -10.82 31.65 -39.87
N LEU E 58 -9.55 32.04 -39.85
CA LEU E 58 -9.08 33.10 -40.74
C LEU E 58 -9.26 32.69 -42.19
N ALA E 59 -8.83 31.47 -42.51
CA ALA E 59 -8.99 30.97 -43.87
C ALA E 59 -10.47 31.00 -44.27
N GLU E 60 -11.34 30.64 -43.33
CA GLU E 60 -12.77 30.76 -43.60
C GLU E 60 -13.15 32.20 -43.95
N LYS E 61 -12.50 33.19 -43.34
CA LYS E 61 -12.83 34.58 -43.72
C LYS E 61 -12.22 35.12 -45.04
N GLY E 62 -11.66 34.23 -45.88
CA GLY E 62 -11.15 34.62 -47.20
C GLY E 62 -9.64 34.56 -47.42
N PHE E 63 -8.90 33.99 -46.46
CA PHE E 63 -7.44 34.02 -46.55
C PHE E 63 -6.79 32.66 -46.81
N VAL E 64 -5.59 32.69 -47.36
CA VAL E 64 -4.73 31.52 -47.32
C VAL E 64 -3.99 31.69 -45.99
N THR E 65 -4.00 30.66 -45.15
CA THR E 65 -3.28 30.77 -43.88
C THR E 65 -2.35 29.59 -43.69
N ILE E 66 -1.34 29.77 -42.85
CA ILE E 66 -0.42 28.67 -42.59
C ILE E 66 -0.10 28.59 -41.09
N ALA E 67 -0.26 27.39 -40.56
CA ALA E 67 0.03 27.12 -39.15
C ALA E 67 1.19 26.13 -39.08
N TYR E 68 2.32 26.57 -38.53
CA TYR E 68 3.55 25.79 -38.60
C TYR E 68 4.02 25.45 -37.18
N ASP E 69 4.81 24.38 -37.05
CA ASP E 69 5.48 24.05 -35.78
C ASP E 69 6.88 24.65 -35.78
N ALA E 70 7.22 25.43 -34.76
CA ALA E 70 8.54 26.06 -34.64
C ALA E 70 9.67 25.02 -34.76
N SER E 71 10.85 25.47 -35.19
CA SER E 71 12.02 24.60 -35.19
C SER E 71 12.15 23.97 -33.81
N TYR E 72 12.62 22.72 -33.77
CA TYR E 72 12.89 21.98 -32.53
C TYR E 72 11.65 21.54 -31.77
N GLN E 73 10.48 21.70 -32.38
CA GLN E 73 9.19 21.58 -31.68
C GLN E 73 8.13 20.92 -32.56
N GLY E 74 7.01 20.52 -31.97
CA GLY E 74 5.95 19.86 -32.71
C GLY E 74 6.47 18.73 -33.57
N GLU E 75 6.12 18.75 -34.86
CA GLU E 75 6.61 17.74 -35.80
C GLU E 75 7.74 18.29 -36.65
N SER E 76 8.18 19.50 -36.35
CA SER E 76 9.32 20.08 -37.05
C SER E 76 10.63 19.46 -36.58
N GLY E 77 11.63 19.44 -37.44
CA GLY E 77 12.90 18.82 -37.11
C GLY E 77 13.76 19.64 -36.17
N GLY E 78 14.97 19.16 -35.90
CA GLY E 78 15.94 19.90 -35.11
C GLY E 78 16.20 19.32 -33.74
N GLU E 79 17.49 19.22 -33.39
CA GLU E 79 17.91 18.86 -32.03
C GLU E 79 18.73 20.02 -31.46
N PRO E 80 18.61 20.30 -30.15
CA PRO E 80 17.85 19.56 -29.13
C PRO E 80 16.36 19.82 -29.21
N ARG E 81 15.56 18.82 -28.86
CA ARG E 81 14.11 18.98 -28.91
C ARG E 81 13.63 19.96 -27.84
N GLN E 82 12.59 20.73 -28.18
CA GLN E 82 11.96 21.70 -27.28
C GLN E 82 12.83 22.92 -26.97
N LEU E 83 13.89 23.11 -27.76
CA LEU E 83 14.69 24.33 -27.62
C LEU E 83 13.76 25.55 -27.76
N GLU E 84 13.91 26.53 -26.87
CA GLU E 84 13.13 27.77 -26.98
C GLU E 84 14.09 28.94 -27.13
N ASN E 85 14.79 28.99 -28.25
CA ASN E 85 15.69 30.11 -28.53
C ASN E 85 14.80 31.18 -29.15
N PRO E 86 14.66 32.34 -28.49
CA PRO E 86 13.69 33.32 -28.98
C PRO E 86 14.05 33.90 -30.35
N TYR E 87 15.35 34.02 -30.64
CA TYR E 87 15.80 34.51 -31.94
C TYR E 87 15.49 33.51 -33.06
N ILE E 88 15.56 32.23 -32.73
CA ILE E 88 15.16 31.19 -33.69
C ILE E 88 13.63 31.15 -33.83
N ARG E 89 12.91 31.27 -32.73
CA ARG E 89 11.46 31.31 -32.83
C ARG E 89 11.01 32.47 -33.72
N THR E 90 11.67 33.62 -33.58
CA THR E 90 11.37 34.76 -34.44
C THR E 90 11.73 34.48 -35.90
N GLU E 91 12.93 33.97 -36.17
CA GLU E 91 13.35 33.78 -37.57
C GLU E 91 12.60 32.65 -38.30
N ASP E 92 12.03 31.74 -37.53
CA ASP E 92 11.19 30.67 -38.07
C ASP E 92 10.11 31.30 -38.94
N ILE E 93 9.61 32.46 -38.51
CA ILE E 93 8.52 33.12 -39.23
C ILE E 93 9.01 33.55 -40.61
N SER E 94 10.22 34.08 -40.69
CA SER E 94 10.80 34.49 -41.99
C SER E 94 10.98 33.28 -42.87
N ALA E 95 11.33 32.15 -42.27
CA ALA E 95 11.47 30.92 -43.08
C ALA E 95 10.11 30.51 -43.65
N VAL E 96 9.06 30.68 -42.84
CA VAL E 96 7.73 30.32 -43.29
C VAL E 96 7.31 31.22 -44.44
N ILE E 97 7.55 32.53 -44.28
CA ILE E 97 7.29 33.49 -45.34
C ILE E 97 8.06 33.13 -46.62
N ASP E 98 9.33 32.76 -46.47
CA ASP E 98 10.13 32.31 -47.61
C ASP E 98 9.38 31.21 -48.33
N TYR E 99 8.91 30.23 -47.56
CA TYR E 99 8.16 29.14 -48.16
C TYR E 99 6.92 29.67 -48.89
N LEU E 100 6.27 30.66 -48.29
CA LEU E 100 5.05 31.22 -48.91
C LEU E 100 5.36 31.85 -50.27
N THR E 101 6.51 32.52 -50.36
CA THR E 101 6.85 33.23 -51.61
C THR E 101 6.95 32.26 -52.77
N THR E 102 7.15 30.99 -52.47
CA THR E 102 7.31 29.98 -53.51
C THR E 102 5.98 29.38 -53.97
N LEU E 103 4.89 29.73 -53.29
CA LEU E 103 3.59 29.20 -53.65
C LEU E 103 2.92 30.13 -54.68
N SER E 104 2.44 29.54 -55.78
CA SER E 104 1.80 30.28 -56.87
C SER E 104 0.65 31.14 -56.38
N TYR E 105 -0.12 30.56 -55.46
CA TYR E 105 -1.40 31.11 -55.08
C TYR E 105 -1.36 32.15 -53.97
N VAL E 106 -0.17 32.52 -53.52
CA VAL E 106 -0.10 33.62 -52.56
C VAL E 106 0.57 34.86 -53.15
N ASP E 107 0.13 36.02 -52.70
CA ASP E 107 0.63 37.29 -53.19
C ASP E 107 1.73 37.79 -52.25
N ASN E 108 2.98 37.82 -52.73
CA ASN E 108 4.12 38.16 -51.89
C ASN E 108 3.99 39.54 -51.23
N THR E 109 3.22 40.41 -51.86
CA THR E 109 3.02 41.75 -51.32
C THR E 109 1.88 41.80 -50.32
N ARG E 110 1.19 40.68 -50.12
CA ARG E 110 0.04 40.67 -49.22
C ARG E 110 0.14 39.66 -48.07
N ILE E 111 1.31 39.62 -47.43
CA ILE E 111 1.52 38.70 -46.31
C ILE E 111 1.49 39.41 -44.96
N GLY E 112 0.69 38.85 -44.04
CA GLY E 112 0.68 39.31 -42.67
C GLY E 112 0.90 38.14 -41.71
N ALA E 113 0.90 38.44 -40.42
CA ALA E 113 1.21 37.39 -39.47
C ALA E 113 0.53 37.68 -38.16
N MET E 114 0.07 36.64 -37.48
CA MET E 114 -0.44 36.83 -36.11
C MET E 114 0.02 35.68 -35.24
N GLY E 115 0.07 35.94 -33.94
CA GLY E 115 0.51 34.95 -32.99
C GLY E 115 -0.40 34.90 -31.78
N ILE E 116 -0.35 33.79 -31.07
CA ILE E 116 -1.04 33.66 -29.79
C ILE E 116 0.01 33.46 -28.72
N CYS E 117 -0.19 34.07 -27.55
CA CYS E 117 0.71 33.90 -26.42
C CYS E 117 2.11 34.30 -26.87
N ALA E 118 3.12 33.49 -26.56
CA ALA E 118 4.51 33.84 -26.90
C ALA E 118 4.70 34.11 -28.39
N GLY E 119 3.98 33.36 -29.23
CA GLY E 119 4.00 33.57 -30.66
C GLY E 119 3.66 35.01 -31.07
N ALA E 120 2.75 35.61 -30.34
CA ALA E 120 2.42 37.02 -30.58
C ALA E 120 3.70 37.83 -30.46
N GLY E 121 4.40 37.62 -29.36
CA GLY E 121 5.64 38.34 -29.13
C GLY E 121 6.54 38.11 -30.31
N TYR E 122 6.62 36.84 -30.73
CA TYR E 122 7.56 36.51 -31.80
C TYR E 122 7.11 37.22 -33.08
N THR E 123 5.79 37.21 -33.31
CA THR E 123 5.22 37.87 -34.48
C THR E 123 5.66 39.33 -34.48
N ALA E 124 5.58 39.96 -33.31
CA ALA E 124 5.98 41.37 -33.26
C ALA E 124 7.45 41.47 -33.68
N ASN E 125 8.29 40.65 -33.05
CA ASN E 125 9.74 40.69 -33.33
C ASN E 125 9.92 40.54 -34.83
N ALA E 126 9.13 39.66 -35.43
CA ALA E 126 9.37 39.34 -36.82
C ALA E 126 9.02 40.54 -37.68
N ALA E 127 7.91 41.21 -37.35
CA ALA E 127 7.52 42.36 -38.15
C ALA E 127 8.63 43.39 -38.06
N ILE E 128 9.31 43.43 -36.92
CA ILE E 128 10.34 44.44 -36.75
C ILE E 128 11.49 44.17 -37.73
N GLN E 129 11.81 42.90 -37.97
CA GLN E 129 12.99 42.58 -38.77
C GLN E 129 12.70 42.07 -40.19
N ASP E 130 11.49 41.56 -40.42
CA ASP E 130 11.14 41.08 -41.76
C ASP E 130 10.10 42.00 -42.40
N ARG E 131 10.58 42.85 -43.32
CA ARG E 131 9.73 43.90 -43.86
C ARG E 131 8.71 43.35 -44.85
N ARG E 132 8.76 42.04 -45.08
CA ARG E 132 7.80 41.39 -45.94
C ARG E 132 6.47 41.17 -45.21
N ILE E 133 6.50 41.36 -43.89
CA ILE E 133 5.27 41.29 -43.09
C ILE E 133 4.56 42.64 -43.17
N LYS E 134 3.31 42.62 -43.64
CA LYS E 134 2.56 43.83 -43.96
C LYS E 134 1.68 44.33 -42.80
N ALA E 135 1.24 43.41 -41.96
CA ALA E 135 0.38 43.72 -40.84
C ALA E 135 0.42 42.58 -39.83
N ILE E 136 0.31 42.91 -38.55
CA ILE E 136 0.29 41.86 -37.54
C ILE E 136 -0.93 41.94 -36.63
N GLY E 137 -1.36 40.77 -36.16
CA GLY E 137 -2.36 40.67 -35.11
C GLY E 137 -1.79 39.92 -33.92
N THR E 138 -2.35 40.14 -32.74
CA THR E 138 -1.92 39.42 -31.54
C THR E 138 -3.12 39.05 -30.71
N VAL E 139 -3.08 37.85 -30.10
CA VAL E 139 -4.13 37.40 -29.20
C VAL E 139 -3.46 36.95 -27.91
N SER E 140 -3.94 37.44 -26.77
CA SER E 140 -3.35 37.14 -25.46
C SER E 140 -1.81 37.22 -25.52
N ALA E 141 -1.31 38.33 -26.05
CA ALA E 141 0.13 38.47 -26.37
C ALA E 141 1.08 38.18 -25.22
N VAL E 142 2.13 37.42 -25.51
CA VAL E 142 3.24 37.29 -24.57
C VAL E 142 4.60 37.63 -25.20
N ASN E 143 5.29 38.58 -24.60
CA ASN E 143 6.70 38.85 -24.83
C ASN E 143 7.42 37.90 -23.87
N ILE E 144 7.88 36.76 -24.38
CA ILE E 144 8.42 35.69 -23.52
C ILE E 144 9.53 36.22 -22.57
N GLY E 145 10.34 37.14 -23.09
CA GLY E 145 11.35 37.80 -22.27
C GLY E 145 10.72 38.47 -21.05
N SER E 146 9.65 39.23 -21.29
CA SER E 146 9.03 40.01 -20.21
C SER E 146 8.46 39.10 -19.14
N ILE E 147 7.77 38.05 -19.58
CA ILE E 147 7.10 37.17 -18.63
C ILE E 147 8.11 36.40 -17.80
N PHE E 148 9.24 36.01 -18.40
CA PHE E 148 10.24 35.29 -17.61
C PHE E 148 11.09 36.19 -16.70
N ARG E 149 11.45 37.36 -17.20
CA ARG E 149 12.35 38.26 -16.48
C ARG E 149 11.62 39.03 -15.38
N ASN E 150 10.45 39.56 -15.75
CA ASN E 150 9.72 40.47 -14.88
C ASN E 150 8.51 39.82 -14.19
N GLY E 151 8.24 38.58 -14.58
CA GLY E 151 7.24 37.81 -13.88
C GLY E 151 5.88 37.93 -14.54
N TRP E 152 5.03 36.97 -14.25
CA TRP E 152 3.71 36.91 -14.85
C TRP E 152 2.90 38.18 -14.55
N GLU E 153 3.15 38.76 -13.38
CA GLU E 153 2.44 39.98 -12.98
C GLU E 153 3.27 41.25 -13.16
N ASN E 154 4.42 41.11 -13.83
CA ASN E 154 5.33 42.25 -14.01
C ASN E 154 5.74 42.89 -12.68
N ASN E 155 6.05 42.06 -11.69
CA ASN E 155 6.43 42.57 -10.37
C ASN E 155 7.87 42.32 -9.94
N VAL E 156 8.68 41.73 -10.82
CA VAL E 156 10.08 41.43 -10.51
C VAL E 156 10.99 42.39 -11.26
N LYS E 157 11.83 43.12 -10.53
CA LYS E 157 12.84 43.97 -11.17
C LYS E 157 13.76 43.09 -12.00
N SER E 158 14.11 43.55 -13.20
CA SER E 158 15.00 42.82 -14.10
C SER E 158 16.30 42.31 -13.44
N ILE E 159 16.97 43.14 -12.66
CA ILE E 159 18.22 42.71 -12.04
C ILE E 159 17.97 41.52 -11.08
N ASP E 160 16.79 41.49 -10.47
CA ASP E 160 16.44 40.40 -9.57
C ASP E 160 16.19 39.09 -10.30
N ALA E 161 16.12 39.17 -11.62
CA ALA E 161 16.04 37.98 -12.44
C ALA E 161 17.42 37.38 -12.72
N LEU E 162 18.48 38.02 -12.24
CA LEU E 162 19.84 37.50 -12.49
C LEU E 162 20.03 35.98 -12.20
N PRO E 163 19.44 35.45 -11.11
CA PRO E 163 19.61 34.00 -10.88
C PRO E 163 19.08 33.12 -12.01
N TYR E 164 18.08 33.57 -12.76
CA TYR E 164 17.60 32.79 -13.89
C TYR E 164 18.61 32.76 -15.04
N VAL E 165 19.34 33.87 -15.23
CA VAL E 165 20.33 33.90 -16.32
C VAL E 165 21.44 32.97 -15.89
N GLU E 166 21.74 32.98 -14.59
CA GLU E 166 22.76 32.08 -14.06
C GLU E 166 22.36 30.63 -14.24
N ALA E 167 21.08 30.32 -14.00
CA ALA E 167 20.60 28.95 -14.11
C ALA E 167 20.70 28.45 -15.54
N GLY E 168 20.32 29.30 -16.50
CA GLY E 168 20.42 28.96 -17.91
C GLY E 168 21.87 28.81 -18.35
N SER E 169 22.75 29.66 -17.83
CA SER E 169 24.18 29.53 -18.10
C SER E 169 24.75 28.22 -17.57
N ASN E 170 24.46 27.93 -16.30
CA ASN E 170 24.92 26.70 -15.66
C ASN E 170 24.32 25.43 -16.28
N ALA E 171 23.12 25.53 -16.84
CA ALA E 171 22.52 24.42 -17.56
C ALA E 171 23.34 24.01 -18.79
N ARG E 172 23.96 24.99 -19.43
CA ARG E 172 24.80 24.65 -20.58
C ARG E 172 26.00 23.81 -20.15
N THR E 173 26.54 24.10 -18.97
CA THR E 173 27.62 23.28 -18.44
C THR E 173 27.12 21.86 -18.15
N SER E 174 25.93 21.76 -17.54
CA SER E 174 25.38 20.46 -17.18
C SER E 174 25.05 19.66 -18.43
N ASP E 175 24.49 20.34 -19.43
CA ASP E 175 24.10 19.70 -20.68
C ASP E 175 25.26 19.04 -21.42
N ILE E 176 26.39 19.72 -21.52
CA ILE E 176 27.52 19.11 -22.22
C ILE E 176 28.16 18.01 -21.39
N SER E 177 28.15 18.18 -20.06
CA SER E 177 28.74 17.20 -19.16
C SER E 177 28.02 15.84 -19.24
N SER E 178 26.68 15.88 -19.30
CA SER E 178 25.87 14.68 -19.24
C SER E 178 25.44 14.15 -20.61
N GLY E 179 25.48 15.00 -21.62
CA GLY E 179 25.03 14.62 -22.95
C GLY E 179 23.51 14.64 -23.05
N GLU E 180 22.84 15.13 -22.00
CA GLU E 180 21.39 15.27 -22.01
C GLU E 180 21.04 16.75 -21.94
N TYR E 181 19.76 17.09 -22.16
CA TYR E 181 19.32 18.47 -22.04
C TYR E 181 18.35 18.67 -20.86
N ALA E 182 18.74 19.52 -19.92
CA ALA E 182 17.87 19.84 -18.78
C ALA E 182 16.59 20.52 -19.30
N ILE E 183 15.48 20.26 -18.62
CA ILE E 183 14.22 20.85 -19.06
C ILE E 183 13.63 21.71 -17.97
N MET E 184 12.66 22.52 -18.36
CA MET E 184 12.02 23.45 -17.46
C MET E 184 10.60 23.62 -17.96
N PRO E 185 9.68 23.97 -17.05
CA PRO E 185 8.29 24.16 -17.45
C PRO E 185 8.11 25.38 -18.34
N LEU E 186 7.16 25.28 -19.27
CA LEU E 186 6.61 26.47 -19.88
C LEU E 186 5.31 26.77 -19.10
N ALA E 187 4.20 26.19 -19.54
CA ALA E 187 3.01 26.11 -18.67
C ALA E 187 3.41 25.26 -17.46
N PRO E 188 2.65 25.34 -16.37
CA PRO E 188 2.99 24.46 -15.24
C PRO E 188 2.96 23.00 -15.66
N MET E 189 3.93 22.21 -15.20
CA MET E 189 3.98 20.82 -15.61
C MET E 189 3.16 19.97 -14.65
N LYS E 190 2.61 20.63 -13.63
CA LYS E 190 1.81 19.97 -12.61
C LYS E 190 0.76 20.93 -12.10
N GLU E 191 -0.49 20.47 -11.97
CA GLU E 191 -1.57 21.38 -11.59
C GLU E 191 -1.31 22.15 -10.29
N SER E 192 -0.77 21.46 -9.30
CA SER E 192 -0.54 22.07 -7.99
C SER E 192 0.57 23.11 -8.07
N ASP E 193 1.41 23.02 -9.10
CA ASP E 193 2.49 24.00 -9.26
C ASP E 193 2.01 25.37 -9.75
N ALA E 194 0.77 25.46 -10.21
CA ALA E 194 0.29 26.72 -10.76
C ALA E 194 0.07 27.74 -9.66
N PRO E 195 0.62 28.95 -9.83
CA PRO E 195 0.48 29.99 -8.80
C PRO E 195 -0.84 30.77 -8.85
N ASN E 196 -1.59 30.65 -9.95
CA ASN E 196 -2.92 31.25 -10.02
C ASN E 196 -3.83 30.45 -10.95
N GLU E 197 -5.10 30.84 -11.01
CA GLU E 197 -6.07 30.12 -11.83
C GLU E 197 -5.80 30.19 -13.34
N GLU E 198 -5.29 31.30 -13.83
CA GLU E 198 -4.94 31.39 -15.26
C GLU E 198 -3.85 30.40 -15.64
N LEU E 199 -2.78 30.35 -14.87
CA LEU E 199 -1.74 29.38 -15.13
C LEU E 199 -2.20 27.96 -14.87
N ARG E 200 -3.12 27.79 -13.92
CA ARG E 200 -3.69 26.46 -13.73
C ARG E 200 -4.44 26.05 -14.99
N GLN E 201 -5.13 27.01 -15.61
CA GLN E 201 -5.80 26.77 -16.88
C GLN E 201 -4.81 26.56 -18.03
N ALA E 202 -3.62 27.11 -17.93
CA ALA E 202 -2.57 26.79 -18.93
C ALA E 202 -2.16 25.32 -18.79
N TRP E 203 -1.93 24.91 -17.54
CA TRP E 203 -1.63 23.51 -17.25
C TRP E 203 -2.73 22.63 -17.82
N GLU E 204 -3.97 23.04 -17.57
CA GLU E 204 -5.17 22.33 -17.98
C GLU E 204 -5.21 22.21 -19.51
N TYR E 205 -4.88 23.30 -20.18
CA TYR E 205 -4.83 23.33 -21.64
C TYR E 205 -3.86 22.28 -22.17
N TYR E 206 -2.66 22.22 -21.58
CA TYR E 206 -1.63 21.28 -22.07
C TYR E 206 -1.64 19.81 -21.59
N HIS E 207 -2.28 19.53 -20.45
CA HIS E 207 -2.12 18.25 -19.79
C HIS E 207 -3.45 17.54 -19.43
N THR E 208 -4.55 17.98 -20.05
CA THR E 208 -5.86 17.35 -19.87
C THR E 208 -6.51 17.34 -21.25
N PRO E 209 -7.66 16.66 -21.40
CA PRO E 209 -8.27 16.60 -22.75
C PRO E 209 -8.69 17.95 -23.33
N ARG E 210 -8.60 19.03 -22.55
CA ARG E 210 -8.96 20.35 -23.08
C ARG E 210 -8.25 20.62 -24.40
N ALA E 211 -6.95 20.37 -24.45
CA ALA E 211 -6.20 20.56 -25.70
C ALA E 211 -4.87 19.80 -25.76
N GLN E 212 -4.61 18.92 -24.79
CA GLN E 212 -3.34 18.19 -24.78
C GLN E 212 -3.07 17.53 -26.14
N TYR E 213 -1.81 17.56 -26.57
CA TYR E 213 -1.44 16.95 -27.83
C TYR E 213 -0.04 16.36 -27.72
N PRO E 214 0.17 15.16 -28.26
CA PRO E 214 1.40 14.39 -27.99
C PRO E 214 2.71 15.07 -28.37
N THR E 215 2.69 16.05 -29.27
CA THR E 215 3.93 16.72 -29.69
C THR E 215 4.15 18.03 -28.92
N ALA E 216 3.27 18.30 -27.95
CA ALA E 216 3.38 19.49 -27.11
C ALA E 216 3.48 19.10 -25.62
N PRO E 217 4.68 18.65 -25.20
CA PRO E 217 4.86 18.14 -23.83
C PRO E 217 4.75 19.25 -22.79
N GLY E 218 4.91 20.51 -23.21
CA GLY E 218 4.72 21.61 -22.29
C GLY E 218 5.98 21.98 -21.51
N TYR E 219 7.13 21.52 -21.97
CA TYR E 219 8.40 21.92 -21.37
C TYR E 219 9.39 22.40 -22.43
N ALA E 220 10.43 23.11 -22.00
CA ALA E 220 11.44 23.63 -22.92
C ALA E 220 12.81 23.27 -22.36
N THR E 221 13.86 23.40 -23.16
CA THR E 221 15.21 23.17 -22.63
C THR E 221 15.60 24.32 -21.70
N LEU E 222 16.10 23.98 -20.51
CA LEU E 222 16.54 24.97 -19.52
C LEU E 222 17.65 25.87 -20.06
N ARG E 223 18.47 25.34 -20.98
CA ARG E 223 19.59 26.12 -21.53
C ARG E 223 19.12 27.41 -22.20
N SER E 224 17.85 27.45 -22.60
CA SER E 224 17.28 28.63 -23.25
C SER E 224 17.03 29.79 -22.29
N LEU E 225 16.93 29.47 -21.00
CA LEU E 225 16.52 30.46 -20.00
C LEU E 225 17.35 31.75 -20.04
N ASN E 226 18.67 31.63 -20.18
CA ASN E 226 19.50 32.82 -20.11
C ASN E 226 19.25 33.72 -21.30
N GLN E 227 18.94 33.11 -22.44
CA GLN E 227 18.61 33.93 -23.61
C GLN E 227 17.23 34.51 -23.42
N ILE E 228 16.36 33.79 -22.73
CA ILE E 228 14.99 34.25 -22.66
C ILE E 228 14.91 35.48 -21.75
N ILE E 229 15.65 35.43 -20.65
CA ILE E 229 15.63 36.53 -19.67
C ILE E 229 16.15 37.82 -20.28
N THR E 230 17.13 37.71 -21.17
CA THR E 230 17.76 38.88 -21.76
C THR E 230 17.19 39.17 -23.14
N TYR E 231 15.96 38.71 -23.37
CA TYR E 231 15.27 38.93 -24.64
C TYR E 231 14.13 39.93 -24.49
N ASP E 232 13.88 40.70 -25.54
CA ASP E 232 12.73 41.58 -25.58
C ASP E 232 12.08 41.44 -26.95
N ALA E 233 10.87 40.91 -26.98
CA ALA E 233 10.21 40.63 -28.26
C ALA E 233 9.86 41.90 -29.03
N TYR E 234 9.78 43.02 -28.31
CA TYR E 234 9.39 44.30 -28.93
C TYR E 234 10.61 45.18 -29.10
N HIS E 235 11.79 44.56 -29.15
CA HIS E 235 13.05 45.31 -29.28
C HIS E 235 13.05 46.21 -30.53
N MET E 236 13.32 47.50 -30.32
CA MET E 236 13.27 48.55 -31.37
C MET E 236 11.90 48.75 -32.02
N ALA E 237 10.84 48.38 -31.33
CA ALA E 237 9.49 48.55 -31.88
C ALA E 237 9.22 50.02 -32.17
N GLU E 238 9.79 50.89 -31.35
CA GLU E 238 9.50 52.32 -31.42
C GLU E 238 10.09 52.94 -32.67
N VAL E 239 10.99 52.21 -33.31
CA VAL E 239 11.63 52.67 -34.54
C VAL E 239 11.15 51.90 -35.77
N TYR E 240 11.09 50.57 -35.67
CA TYR E 240 10.84 49.75 -36.85
C TYR E 240 9.46 49.13 -36.97
N LEU E 241 8.73 49.06 -35.85
CA LEU E 241 7.41 48.47 -35.87
C LEU E 241 6.41 49.51 -36.35
N THR E 242 6.30 49.62 -37.66
CA THR E 242 5.51 50.70 -38.26
C THR E 242 4.26 50.15 -38.91
N GLN E 243 4.25 48.84 -39.15
CA GLN E 243 3.15 48.19 -39.83
C GLN E 243 1.85 48.24 -39.01
N PRO E 244 0.70 48.18 -39.69
CA PRO E 244 -0.58 48.09 -38.98
C PRO E 244 -0.62 46.90 -38.01
N THR E 245 -1.09 47.15 -36.79
CA THR E 245 -1.07 46.18 -35.70
C THR E 245 -2.43 46.12 -35.00
N GLN E 246 -3.05 44.93 -34.97
CA GLN E 246 -4.28 44.69 -34.19
C GLN E 246 -4.00 43.86 -32.96
N ILE E 247 -4.18 44.47 -31.80
CA ILE E 247 -4.02 43.79 -30.52
C ILE E 247 -5.39 43.35 -30.00
N VAL E 248 -5.48 42.10 -29.53
CA VAL E 248 -6.70 41.54 -28.94
C VAL E 248 -6.35 40.95 -27.58
N ALA E 249 -7.03 41.41 -26.53
CA ALA E 249 -6.70 41.01 -25.17
C ALA E 249 -7.95 40.91 -24.31
N GLY E 250 -8.01 39.91 -23.43
CA GLY E 250 -9.14 39.75 -22.53
C GLY E 250 -9.10 40.76 -21.38
N SER E 251 -10.26 41.26 -21.00
CA SER E 251 -10.33 42.20 -19.87
C SER E 251 -9.83 41.56 -18.58
N GLN E 252 -9.96 40.24 -18.48
CA GLN E 252 -9.57 39.53 -17.26
C GLN E 252 -8.17 38.92 -17.39
N ALA E 253 -7.49 39.19 -18.49
CA ALA E 253 -6.19 38.59 -18.76
C ALA E 253 -5.12 39.16 -17.83
N GLY E 254 -4.47 38.30 -17.06
CA GLY E 254 -3.40 38.76 -16.18
C GLY E 254 -2.16 39.14 -16.98
N SER E 255 -2.16 38.76 -18.26
CA SER E 255 -1.04 39.01 -19.15
C SER E 255 -1.24 40.28 -19.98
N LYS E 256 -2.34 40.99 -19.72
CA LYS E 256 -2.73 42.13 -20.53
C LYS E 256 -1.65 43.21 -20.64
N TRP E 257 -0.91 43.40 -19.56
CA TRP E 257 0.13 44.44 -19.51
C TRP E 257 1.14 44.37 -20.66
N MET E 258 1.28 43.20 -21.26
CA MET E 258 2.23 43.02 -22.35
C MET E 258 1.63 43.45 -23.68
N SER E 259 0.32 43.30 -23.80
CA SER E 259 -0.41 43.84 -24.94
C SER E 259 -0.39 45.36 -24.82
N ASP E 260 -0.61 45.85 -23.60
CA ASP E 260 -0.45 47.27 -23.31
C ASP E 260 0.93 47.74 -23.78
N ASP E 261 1.97 47.02 -23.37
CA ASP E 261 3.35 47.38 -23.73
C ASP E 261 3.53 47.43 -25.25
N LEU E 262 3.05 46.41 -25.96
CA LEU E 262 3.17 46.38 -27.41
C LEU E 262 2.47 47.56 -28.07
N TYR E 263 1.23 47.82 -27.65
CA TYR E 263 0.48 48.95 -28.18
C TYR E 263 1.22 50.26 -27.95
N ASP E 264 1.71 50.45 -26.72
CA ASP E 264 2.40 51.68 -26.36
C ASP E 264 3.71 51.89 -27.11
N ARG E 265 4.40 50.80 -27.45
CA ARG E 265 5.75 50.96 -28.02
C ARG E 265 5.78 51.01 -29.55
N ALA E 266 4.80 50.39 -30.20
CA ALA E 266 4.79 50.33 -31.66
C ALA E 266 4.77 51.71 -32.27
N SER E 267 5.59 51.92 -33.30
CA SER E 267 5.61 53.21 -33.98
C SER E 267 4.35 53.35 -34.84
N SER E 268 3.78 52.20 -35.22
CA SER E 268 2.61 52.10 -36.09
C SER E 268 1.61 53.25 -35.97
N GLN E 269 1.26 53.85 -37.10
CA GLN E 269 0.23 54.89 -37.13
C GLN E 269 -1.15 54.26 -37.13
N ASP E 270 -1.25 53.05 -37.65
CA ASP E 270 -2.49 52.27 -37.57
C ASP E 270 -2.33 51.17 -36.54
N LYS E 271 -2.53 51.50 -35.26
CA LYS E 271 -2.47 50.49 -34.20
C LYS E 271 -3.84 50.37 -33.49
N ARG E 272 -4.34 49.14 -33.35
CA ARG E 272 -5.66 48.90 -32.78
C ARG E 272 -5.60 47.96 -31.57
N TYR E 273 -6.47 48.20 -30.61
CA TYR E 273 -6.49 47.45 -29.36
C TYR E 273 -7.93 47.09 -29.07
N HIS E 274 -8.30 45.83 -29.33
CA HIS E 274 -9.62 45.37 -28.99
C HIS E 274 -9.60 44.61 -27.67
N ILE E 275 -10.43 45.02 -26.71
CA ILE E 275 -10.55 44.31 -25.44
C ILE E 275 -11.73 43.36 -25.49
N VAL E 276 -11.49 42.10 -25.15
CA VAL E 276 -12.58 41.14 -25.12
C VAL E 276 -13.12 41.07 -23.69
N GLU E 277 -14.30 41.66 -23.46
CA GLU E 277 -14.86 41.74 -22.10
C GLU E 277 -15.14 40.35 -21.54
N GLY E 278 -14.74 40.12 -20.30
CA GLY E 278 -15.08 38.88 -19.62
C GLY E 278 -14.09 37.74 -19.81
N ALA E 279 -13.14 37.91 -20.72
CA ALA E 279 -12.19 36.85 -21.05
C ALA E 279 -10.87 36.99 -20.29
N ASN E 280 -10.29 35.85 -19.89
CA ASN E 280 -8.92 35.88 -19.37
C ASN E 280 -7.93 35.48 -20.46
N HIS E 281 -6.67 35.28 -20.10
CA HIS E 281 -5.63 34.93 -21.06
C HIS E 281 -5.97 33.65 -21.82
N MET E 282 -6.34 32.62 -21.10
CA MET E 282 -6.63 31.31 -21.70
C MET E 282 -7.96 31.27 -22.45
N ASP E 283 -8.93 32.11 -22.05
CA ASP E 283 -10.25 32.07 -22.69
C ASP E 283 -10.16 32.30 -24.19
N LEU E 284 -9.15 33.04 -24.60
CA LEU E 284 -8.97 33.41 -26.00
C LEU E 284 -8.38 32.26 -26.84
N TYR E 285 -7.90 31.21 -26.19
CA TYR E 285 -7.30 30.12 -26.93
C TYR E 285 -8.37 29.28 -27.58
N ASP E 286 -9.47 29.06 -26.85
CA ASP E 286 -10.45 28.08 -27.29
C ASP E 286 -11.90 28.36 -26.83
N GLY E 287 -12.14 29.50 -26.21
CA GLY E 287 -13.49 29.91 -25.89
C GLY E 287 -14.24 30.27 -27.17
N LYS E 288 -15.19 29.43 -27.56
CA LYS E 288 -15.83 29.55 -28.88
C LYS E 288 -16.38 30.94 -29.20
N ALA E 289 -17.10 31.56 -28.26
CA ALA E 289 -17.61 32.90 -28.48
C ALA E 289 -16.46 33.91 -28.46
N TYR E 290 -15.51 33.72 -27.57
CA TYR E 290 -14.35 34.59 -27.48
C TYR E 290 -13.49 34.53 -28.74
N VAL E 291 -13.32 33.32 -29.26
CA VAL E 291 -12.56 33.15 -30.50
C VAL E 291 -13.32 33.79 -31.65
N ALA E 292 -14.63 33.55 -31.66
CA ALA E 292 -15.49 34.14 -32.68
C ALA E 292 -15.30 35.65 -32.71
N GLU E 293 -15.34 36.27 -31.53
CA GLU E 293 -15.15 37.72 -31.42
C GLU E 293 -13.77 38.17 -31.93
N ALA E 294 -12.73 37.48 -31.44
CA ALA E 294 -11.36 37.75 -31.89
C ALA E 294 -11.25 37.75 -33.41
N ILE E 295 -11.80 36.71 -34.05
CA ILE E 295 -11.77 36.61 -35.51
C ILE E 295 -12.58 37.72 -36.17
N SER E 296 -13.71 38.08 -35.57
CA SER E 296 -14.54 39.15 -36.12
C SER E 296 -13.85 40.51 -36.00
N VAL E 297 -12.82 40.60 -35.17
CA VAL E 297 -11.97 41.80 -35.19
C VAL E 297 -10.77 41.68 -36.14
N LEU E 298 -10.06 40.55 -36.06
CA LEU E 298 -8.82 40.36 -36.81
C LEU E 298 -9.05 40.28 -38.32
N ALA E 299 -10.05 39.53 -38.74
CA ALA E 299 -10.25 39.30 -40.17
C ALA E 299 -10.53 40.59 -40.97
N PRO E 300 -11.50 41.41 -40.51
CA PRO E 300 -11.67 42.67 -41.23
C PRO E 300 -10.40 43.52 -41.21
N PHE E 301 -9.63 43.43 -40.12
CA PHE E 301 -8.39 44.19 -40.01
C PHE E 301 -7.38 43.76 -41.08
N PHE E 302 -7.19 42.45 -41.23
CA PHE E 302 -6.29 41.93 -42.25
C PHE E 302 -6.85 42.16 -43.64
N GLU E 303 -8.16 41.97 -43.77
CA GLU E 303 -8.87 42.25 -45.00
C GLU E 303 -8.53 43.64 -45.52
N GLU E 304 -8.43 44.57 -44.59
CA GLU E 304 -8.19 45.97 -44.84
C GLU E 304 -6.71 46.31 -45.02
N THR E 305 -5.83 45.55 -44.37
CA THR E 305 -4.41 45.91 -44.33
C THR E 305 -3.51 45.12 -45.28
N LEU E 306 -3.99 44.00 -45.81
CA LEU E 306 -3.12 43.16 -46.62
C LEU E 306 -3.33 43.38 -48.13
N MET F 1 51.61 21.28 -25.48
CA MET F 1 52.68 22.11 -24.89
C MET F 1 52.62 23.56 -25.40
N MET F 2 52.59 23.77 -26.72
CA MET F 2 52.43 25.14 -27.23
C MET F 2 50.98 25.48 -27.63
N ASN F 3 50.40 24.67 -28.51
CA ASN F 3 48.98 24.82 -28.85
C ASN F 3 48.39 23.52 -29.37
N ASN F 4 47.06 23.44 -29.45
CA ASN F 4 46.35 22.27 -29.96
C ASN F 4 45.34 22.76 -30.95
N LYS F 5 45.38 22.28 -32.18
CA LYS F 5 44.29 22.58 -33.11
C LYS F 5 43.24 21.49 -32.96
N VAL F 6 42.00 21.91 -32.69
CA VAL F 6 40.92 20.98 -32.42
C VAL F 6 39.66 21.30 -33.21
N SER F 7 38.75 20.33 -33.25
CA SER F 7 37.38 20.63 -33.65
C SER F 7 36.48 19.96 -32.63
N PHE F 8 35.32 20.56 -32.38
CA PHE F 8 34.40 20.00 -31.39
C PHE F 8 32.97 20.33 -31.76
N THR F 9 32.04 19.57 -31.20
CA THR F 9 30.64 19.74 -31.56
C THR F 9 30.07 21.02 -30.94
N ASN F 10 29.44 21.83 -31.77
CA ASN F 10 28.76 23.01 -31.26
C ASN F 10 27.52 22.55 -30.50
N SER F 11 27.46 22.82 -29.21
CA SER F 11 26.35 22.35 -28.37
C SER F 11 25.00 22.99 -28.70
N ASN F 12 25.01 24.18 -29.29
CA ASN F 12 23.77 24.87 -29.63
C ASN F 12 23.15 24.28 -30.88
N ASN F 13 23.99 23.69 -31.71
CA ASN F 13 23.55 23.09 -32.97
C ASN F 13 24.51 21.97 -33.28
N PRO F 14 24.18 20.76 -32.84
CA PRO F 14 25.14 19.63 -32.88
C PRO F 14 25.48 19.14 -34.28
N THR F 15 24.84 19.68 -35.32
CA THR F 15 25.23 19.34 -36.68
C THR F 15 26.45 20.13 -37.11
N ILE F 16 26.85 21.11 -36.30
CA ILE F 16 27.99 21.94 -36.63
C ILE F 16 29.19 21.63 -35.74
N SER F 17 30.37 21.47 -36.36
CA SER F 17 31.63 21.38 -35.61
C SER F 17 32.37 22.71 -35.69
N LEU F 18 32.84 23.20 -34.54
CA LEU F 18 33.67 24.39 -34.51
C LEU F 18 35.14 24.01 -34.54
N SER F 19 35.88 24.71 -35.39
CA SER F 19 37.35 24.62 -35.47
C SER F 19 37.97 25.65 -34.52
N ALA F 20 38.98 25.26 -33.75
CA ALA F 20 39.61 26.20 -32.84
C ALA F 20 41.06 25.82 -32.56
N VAL F 21 41.83 26.79 -32.06
CA VAL F 21 43.19 26.55 -31.61
C VAL F 21 43.25 26.96 -30.15
N ILE F 22 43.69 26.02 -29.31
CA ILE F 22 43.90 26.28 -27.89
C ILE F 22 45.37 26.58 -27.65
N TYR F 23 45.68 27.72 -27.05
CA TYR F 23 47.06 28.09 -26.78
C TYR F 23 47.33 27.88 -25.31
N PHE F 24 48.55 27.40 -25.01
CA PHE F 24 48.92 27.08 -23.65
C PHE F 24 49.94 28.05 -23.07
N PRO F 25 49.86 28.28 -21.75
CA PRO F 25 50.81 29.15 -21.05
C PRO F 25 52.18 28.47 -20.87
N PRO F 26 53.21 29.27 -20.54
CA PRO F 26 54.54 28.72 -20.23
C PRO F 26 54.45 27.63 -19.17
N LYS F 27 55.31 26.62 -19.28
CA LYS F 27 55.34 25.50 -18.32
C LYS F 27 53.96 24.90 -18.06
N PHE F 28 53.19 24.74 -19.13
CA PHE F 28 51.84 24.20 -19.03
C PHE F 28 51.85 22.77 -18.47
N ASP F 29 51.04 22.57 -17.43
CA ASP F 29 50.90 21.27 -16.78
C ASP F 29 49.42 20.90 -16.76
N GLU F 30 49.04 19.87 -17.53
CA GLU F 30 47.62 19.54 -17.69
C GLU F 30 46.97 18.98 -16.43
N THR F 31 47.75 18.87 -15.35
CA THR F 31 47.22 18.45 -14.06
C THR F 31 46.80 19.66 -13.21
N ARG F 32 47.06 20.86 -13.72
CA ARG F 32 46.66 22.08 -13.01
C ARG F 32 45.41 22.73 -13.60
N GLN F 33 44.84 23.69 -12.88
CA GLN F 33 43.68 24.45 -13.36
C GLN F 33 44.08 25.89 -13.69
N TYR F 34 43.72 26.35 -14.89
CA TYR F 34 44.13 27.67 -15.32
C TYR F 34 42.97 28.62 -15.54
N GLN F 35 43.24 29.91 -15.45
CA GLN F 35 42.30 30.91 -15.93
C GLN F 35 42.26 30.76 -17.44
N ALA F 36 41.12 31.02 -18.05
CA ALA F 36 40.98 30.77 -19.47
C ALA F 36 40.27 31.93 -20.13
N ILE F 37 40.65 32.23 -21.37
CA ILE F 37 40.04 33.33 -22.09
C ILE F 37 39.61 32.92 -23.49
N VAL F 38 38.37 33.25 -23.85
CA VAL F 38 37.82 32.96 -25.17
C VAL F 38 38.02 34.15 -26.10
N LEU F 39 38.65 33.92 -27.25
CA LEU F 39 38.90 35.00 -28.21
C LEU F 39 37.92 34.93 -29.38
N SER F 40 37.12 35.99 -29.58
CA SER F 40 36.23 36.07 -30.74
C SER F 40 36.74 37.03 -31.81
N HIS F 41 36.59 36.62 -33.07
CA HIS F 41 37.23 37.32 -34.18
C HIS F 41 36.37 38.44 -34.78
N PRO F 42 37.02 39.38 -35.49
CA PRO F 42 36.31 40.45 -36.20
C PRO F 42 35.23 39.94 -37.14
N GLY F 43 34.39 40.83 -37.65
CA GLY F 43 33.42 40.45 -38.65
C GLY F 43 34.15 40.03 -39.92
N GLY F 44 33.92 38.79 -40.34
CA GLY F 44 34.57 38.29 -41.54
C GLY F 44 35.97 37.77 -41.27
N GLY F 45 36.37 37.74 -40.00
CA GLY F 45 37.69 37.28 -39.60
C GLY F 45 37.71 35.80 -39.26
N VAL F 46 38.90 35.25 -39.06
CA VAL F 46 39.06 33.85 -38.65
C VAL F 46 40.13 33.69 -37.59
N LYS F 47 40.24 32.50 -37.01
CA LYS F 47 41.18 32.28 -35.91
C LYS F 47 42.67 32.47 -36.27
N GLU F 48 42.99 32.36 -37.56
CA GLU F 48 44.39 32.48 -38.01
C GLU F 48 44.86 33.92 -38.04
N GLN F 49 43.92 34.85 -37.93
CA GLN F 49 44.23 36.28 -38.05
C GLN F 49 44.42 36.92 -36.68
N THR F 50 44.02 38.18 -36.51
CA THR F 50 44.31 38.90 -35.27
C THR F 50 43.81 38.20 -33.99
N ALA F 51 42.70 37.46 -34.09
CA ALA F 51 42.21 36.75 -32.91
C ALA F 51 43.24 35.73 -32.38
N GLY F 52 43.91 35.05 -33.31
CA GLY F 52 44.93 34.08 -32.93
C GLY F 52 46.16 34.74 -32.34
N THR F 53 46.51 35.90 -32.87
CA THR F 53 47.61 36.71 -32.33
C THR F 53 47.34 37.05 -30.88
N TYR F 54 46.16 37.62 -30.63
CA TYR F 54 45.82 37.99 -29.26
C TYR F 54 45.76 36.78 -28.34
N ALA F 55 45.20 35.69 -28.84
CA ALA F 55 45.08 34.47 -28.03
C ALA F 55 46.46 33.97 -27.64
N LYS F 56 47.37 33.94 -28.61
CA LYS F 56 48.74 33.49 -28.37
C LYS F 56 49.47 34.38 -27.34
N LYS F 57 49.34 35.69 -27.53
CA LYS F 57 50.04 36.66 -26.69
C LYS F 57 49.50 36.60 -25.26
N LEU F 58 48.20 36.38 -25.12
CA LEU F 58 47.60 36.22 -23.80
C LEU F 58 48.04 34.90 -23.17
N ALA F 59 48.19 33.86 -23.99
CA ALA F 59 48.66 32.59 -23.43
C ALA F 59 50.09 32.75 -22.88
N GLU F 60 50.91 33.55 -23.55
CA GLU F 60 52.24 33.84 -23.01
C GLU F 60 52.25 34.45 -21.60
N LYS F 61 51.17 35.13 -21.23
CA LYS F 61 51.08 35.78 -19.91
C LYS F 61 50.48 34.87 -18.84
N GLY F 62 50.22 33.61 -19.18
CA GLY F 62 49.84 32.64 -18.17
C GLY F 62 48.46 32.02 -18.30
N PHE F 63 47.75 32.34 -19.38
CA PHE F 63 46.38 31.88 -19.56
C PHE F 63 46.27 30.74 -20.56
N VAL F 64 45.26 29.89 -20.41
CA VAL F 64 44.92 28.95 -21.47
C VAL F 64 43.99 29.77 -22.32
N THR F 65 44.20 29.86 -23.63
CA THR F 65 43.28 30.66 -24.42
C THR F 65 42.75 29.88 -25.58
N ILE F 66 41.66 30.34 -26.17
CA ILE F 66 41.13 29.63 -27.33
C ILE F 66 40.58 30.58 -28.37
N ALA F 67 41.06 30.42 -29.60
CA ALA F 67 40.60 31.22 -30.74
C ALA F 67 39.85 30.26 -31.64
N TYR F 68 38.58 30.55 -31.93
CA TYR F 68 37.72 29.64 -32.69
C TYR F 68 37.17 30.38 -33.91
N ASP F 69 36.78 29.62 -34.93
CA ASP F 69 36.04 30.17 -36.06
C ASP F 69 34.55 30.08 -35.77
N ALA F 70 33.84 31.19 -35.97
CA ALA F 70 32.39 31.26 -35.81
C ALA F 70 31.66 30.17 -36.62
N SER F 71 30.49 29.75 -36.15
CA SER F 71 29.63 28.88 -36.94
C SER F 71 29.46 29.50 -38.32
N TYR F 72 29.39 28.65 -39.35
CA TYR F 72 29.23 29.05 -40.75
C TYR F 72 30.43 29.79 -41.35
N GLN F 73 31.56 29.83 -40.65
CA GLN F 73 32.68 30.67 -41.04
C GLN F 73 34.01 29.96 -40.82
N GLY F 74 35.08 30.48 -41.42
CA GLY F 74 36.40 29.88 -41.29
C GLY F 74 36.37 28.39 -41.59
N GLU F 75 36.93 27.59 -40.69
CA GLU F 75 36.95 26.15 -40.86
C GLU F 75 35.81 25.45 -40.10
N SER F 76 34.97 26.21 -39.41
CA SER F 76 33.84 25.61 -38.70
C SER F 76 32.76 25.21 -39.71
N GLY F 77 31.85 24.32 -39.30
CA GLY F 77 30.80 23.89 -40.21
C GLY F 77 29.59 24.80 -40.26
N GLY F 78 28.59 24.38 -41.02
CA GLY F 78 27.32 25.07 -41.07
C GLY F 78 27.08 25.72 -42.42
N GLU F 79 25.84 25.68 -42.87
CA GLU F 79 25.43 26.25 -44.16
C GLU F 79 24.18 27.08 -43.91
N PRO F 80 24.04 28.21 -44.61
CA PRO F 80 24.91 28.76 -45.66
C PRO F 80 26.21 29.35 -45.13
N ARG F 81 27.26 29.23 -45.92
CA ARG F 81 28.54 29.78 -45.53
C ARG F 81 28.47 31.30 -45.41
N GLN F 82 29.24 31.83 -44.45
CA GLN F 82 29.38 33.28 -44.22
C GLN F 82 28.11 33.94 -43.68
N LEU F 83 27.22 33.14 -43.11
CA LEU F 83 26.09 33.68 -42.38
C LEU F 83 26.61 34.55 -41.24
N GLU F 84 26.03 35.74 -41.10
CA GLU F 84 26.36 36.62 -40.00
C GLU F 84 25.09 36.87 -39.16
N ASN F 85 24.55 35.80 -38.59
CA ASN F 85 23.47 35.92 -37.62
C ASN F 85 24.09 36.30 -36.28
N PRO F 86 23.86 37.55 -35.84
CA PRO F 86 24.53 38.06 -34.64
C PRO F 86 24.09 37.31 -33.38
N TYR F 87 22.89 36.75 -33.38
CA TYR F 87 22.47 35.97 -32.23
C TYR F 87 23.26 34.67 -32.18
N ILE F 88 23.57 34.11 -33.34
CA ILE F 88 24.38 32.90 -33.43
C ILE F 88 25.85 33.20 -33.13
N ARG F 89 26.38 34.29 -33.68
CA ARG F 89 27.73 34.75 -33.34
C ARG F 89 27.86 34.88 -31.83
N THR F 90 26.84 35.45 -31.20
CA THR F 90 26.86 35.55 -29.75
C THR F 90 26.82 34.18 -29.07
N GLU F 91 25.86 33.33 -29.41
CA GLU F 91 25.76 32.03 -28.72
C GLU F 91 26.97 31.09 -28.94
N ASP F 92 27.70 31.34 -30.03
CA ASP F 92 28.90 30.54 -30.32
C ASP F 92 29.85 30.57 -29.14
N ILE F 93 29.95 31.73 -28.51
CA ILE F 93 30.88 31.92 -27.40
C ILE F 93 30.46 31.00 -26.25
N SER F 94 29.16 30.83 -26.06
CA SER F 94 28.71 29.92 -25.01
C SER F 94 29.03 28.49 -25.41
N ALA F 95 28.97 28.17 -26.71
CA ALA F 95 29.40 26.82 -27.12
C ALA F 95 30.88 26.56 -26.82
N VAL F 96 31.69 27.58 -27.09
CA VAL F 96 33.13 27.51 -26.82
C VAL F 96 33.34 27.33 -25.32
N ILE F 97 32.57 28.05 -24.51
CA ILE F 97 32.71 27.93 -23.07
C ILE F 97 32.33 26.53 -22.62
N ASP F 98 31.25 25.98 -23.17
CA ASP F 98 30.86 24.60 -22.85
C ASP F 98 32.06 23.67 -23.07
N TYR F 99 32.61 23.80 -24.27
CA TYR F 99 33.81 23.03 -24.60
C TYR F 99 34.89 23.18 -23.55
N LEU F 100 35.25 24.42 -23.18
CA LEU F 100 36.27 24.62 -22.15
C LEU F 100 35.90 23.90 -20.84
N THR F 101 34.63 23.92 -20.45
CA THR F 101 34.21 23.26 -19.21
C THR F 101 34.48 21.78 -19.31
N THR F 102 34.57 21.26 -20.53
CA THR F 102 35.00 19.86 -20.62
C THR F 102 36.50 19.58 -20.46
N LEU F 103 37.34 20.61 -20.41
CA LEU F 103 38.79 20.38 -20.31
C LEU F 103 39.22 20.43 -18.85
N SER F 104 39.90 19.39 -18.38
CA SER F 104 40.23 19.28 -16.96
C SER F 104 41.16 20.41 -16.49
N TYR F 105 41.97 20.92 -17.43
CA TYR F 105 42.94 21.96 -17.07
C TYR F 105 42.39 23.41 -17.13
N VAL F 106 41.09 23.54 -17.40
CA VAL F 106 40.44 24.84 -17.34
C VAL F 106 39.67 24.94 -16.03
N ASP F 107 39.82 26.06 -15.33
CA ASP F 107 39.02 26.30 -14.14
C ASP F 107 37.69 26.94 -14.55
N ASN F 108 36.59 26.21 -14.35
CA ASN F 108 35.26 26.70 -14.75
C ASN F 108 34.89 28.04 -14.16
N THR F 109 35.43 28.34 -12.97
CA THR F 109 35.08 29.57 -12.25
C THR F 109 35.98 30.73 -12.62
N ARG F 110 36.88 30.50 -13.58
CA ARG F 110 37.89 31.49 -13.94
C ARG F 110 38.01 31.71 -15.46
N ILE F 111 36.85 31.79 -16.10
CA ILE F 111 36.77 31.99 -17.54
C ILE F 111 36.35 33.42 -17.89
N GLY F 112 37.12 34.03 -18.79
CA GLY F 112 36.80 35.33 -19.33
C GLY F 112 36.74 35.27 -20.85
N ALA F 113 36.53 36.40 -21.37
CA ALA F 113 36.63 36.38 -22.82
C ALA F 113 36.85 37.80 -23.38
N MET F 114 37.38 37.87 -24.59
CA MET F 114 37.64 39.15 -25.24
C MET F 114 37.43 39.03 -26.73
N GLY F 115 37.17 40.15 -27.38
CA GLY F 115 36.94 40.12 -28.81
C GLY F 115 37.57 41.33 -29.46
N ILE F 116 37.73 41.24 -30.79
CA ILE F 116 38.24 42.34 -31.58
C ILE F 116 37.20 42.68 -32.62
N CYS F 117 36.98 43.97 -32.85
CA CYS F 117 36.03 44.42 -33.88
C CYS F 117 34.66 43.86 -33.54
N ALA F 118 33.93 43.36 -34.52
CA ALA F 118 32.57 42.85 -34.26
C ALA F 118 32.58 41.80 -33.12
N GLY F 119 33.66 41.03 -33.04
CA GLY F 119 33.82 40.04 -31.98
C GLY F 119 33.66 40.61 -30.58
N ALA F 120 34.24 41.78 -30.36
CA ALA F 120 34.09 42.47 -29.08
C ALA F 120 32.61 42.65 -28.75
N GLY F 121 31.86 43.13 -29.75
CA GLY F 121 30.44 43.35 -29.58
C GLY F 121 29.81 42.06 -29.11
N TYR F 122 30.16 40.96 -29.79
CA TYR F 122 29.51 39.70 -29.48
C TYR F 122 29.93 39.29 -28.09
N THR F 123 31.19 39.56 -27.75
CA THR F 123 31.68 39.24 -26.42
C THR F 123 30.84 39.97 -25.37
N ALA F 124 30.54 41.25 -25.62
CA ALA F 124 29.74 42.00 -24.66
C ALA F 124 28.39 41.30 -24.54
N ASN F 125 27.80 40.96 -25.67
CA ASN F 125 26.49 40.31 -25.66
C ASN F 125 26.58 39.04 -24.83
N ALA F 126 27.70 38.33 -24.99
CA ALA F 126 27.82 37.03 -24.36
C ALA F 126 27.88 37.24 -22.85
N ALA F 127 28.60 38.29 -22.44
CA ALA F 127 28.76 38.53 -21.01
C ALA F 127 27.40 38.83 -20.40
N ILE F 128 26.51 39.39 -21.21
CA ILE F 128 25.19 39.74 -20.71
C ILE F 128 24.39 38.48 -20.46
N GLN F 129 24.50 37.50 -21.36
CA GLN F 129 23.61 36.34 -21.25
C GLN F 129 24.26 35.07 -20.70
N ASP F 130 25.58 35.06 -20.62
CA ASP F 130 26.28 33.88 -20.13
C ASP F 130 27.07 34.25 -18.90
N ARG F 131 26.55 33.90 -17.73
CA ARG F 131 27.15 34.35 -16.47
C ARG F 131 28.39 33.56 -16.09
N ARG F 132 28.81 32.64 -16.97
CA ARG F 132 30.06 31.93 -16.77
C ARG F 132 31.24 32.81 -17.16
N ILE F 133 30.95 33.88 -17.90
CA ILE F 133 31.97 34.88 -18.23
C ILE F 133 32.16 35.82 -17.05
N LYS F 134 33.37 35.82 -16.50
N LYS F 134 33.37 35.84 -16.53
CA LYS F 134 33.65 36.54 -15.27
CA LYS F 134 33.68 36.52 -15.27
C LYS F 134 34.21 37.93 -15.49
C LYS F 134 34.21 37.93 -15.49
N ALA F 135 34.69 38.19 -16.70
CA ALA F 135 35.30 39.48 -17.04
C ALA F 135 35.47 39.56 -18.56
N ILE F 136 35.41 40.77 -19.14
CA ILE F 136 35.60 40.88 -20.58
C ILE F 136 36.59 41.96 -21.00
N GLY F 137 37.18 41.77 -22.18
CA GLY F 137 38.08 42.76 -22.76
C GLY F 137 37.65 43.02 -24.19
N THR F 138 37.96 44.20 -24.71
CA THR F 138 37.63 44.51 -26.09
C THR F 138 38.77 45.29 -26.71
N VAL F 139 39.03 45.05 -27.98
CA VAL F 139 40.01 45.80 -28.75
C VAL F 139 39.32 46.27 -30.02
N SER F 140 39.39 47.58 -30.30
CA SER F 140 38.72 48.14 -31.47
C SER F 140 37.27 47.68 -31.60
N ALA F 141 36.56 47.71 -30.48
CA ALA F 141 35.22 47.18 -30.37
C ALA F 141 34.26 47.67 -31.44
N VAL F 142 33.58 46.73 -32.08
CA VAL F 142 32.46 47.07 -32.95
C VAL F 142 31.18 46.42 -32.45
N ASN F 143 30.11 47.22 -32.35
CA ASN F 143 28.76 46.71 -32.15
C ASN F 143 28.14 46.67 -33.54
N ILE F 144 28.09 45.47 -34.12
CA ILE F 144 27.81 45.34 -35.54
C ILE F 144 26.47 45.96 -35.95
N GLY F 145 25.52 45.92 -35.02
CA GLY F 145 24.22 46.54 -35.24
C GLY F 145 24.39 48.03 -35.38
N SER F 146 25.18 48.62 -34.48
CA SER F 146 25.40 50.06 -34.50
C SER F 146 26.05 50.48 -35.81
N ILE F 147 27.18 49.85 -36.10
CA ILE F 147 27.94 50.14 -37.32
C ILE F 147 27.12 49.99 -38.61
N PHE F 148 26.27 48.96 -38.71
CA PHE F 148 25.45 48.84 -39.94
C PHE F 148 24.21 49.76 -39.95
N ARG F 149 23.65 50.07 -38.80
CA ARG F 149 22.41 50.85 -38.72
C ARG F 149 22.71 52.35 -38.69
N ASN F 150 23.66 52.75 -37.84
CA ASN F 150 23.96 54.16 -37.68
C ASN F 150 25.24 54.60 -38.40
N GLY F 151 25.84 53.67 -39.12
CA GLY F 151 26.99 53.99 -39.95
C GLY F 151 28.32 53.94 -39.23
N TRP F 152 29.38 53.81 -40.03
CA TRP F 152 30.74 53.79 -39.53
C TRP F 152 31.02 54.96 -38.58
N GLU F 153 30.37 56.09 -38.82
CA GLU F 153 30.62 57.25 -37.97
C GLU F 153 29.40 57.79 -37.22
N ASN F 154 28.46 56.90 -36.90
CA ASN F 154 27.30 57.24 -36.09
C ASN F 154 26.58 58.49 -36.60
N ASN F 155 26.35 58.54 -37.91
CA ASN F 155 25.75 59.71 -38.55
C ASN F 155 24.46 59.37 -39.28
N VAL F 156 24.00 58.13 -39.15
CA VAL F 156 22.75 57.75 -39.80
C VAL F 156 21.66 57.48 -38.77
N LYS F 157 20.46 58.00 -39.02
CA LYS F 157 19.35 57.83 -38.11
C LYS F 157 18.81 56.42 -38.27
N SER F 158 18.56 55.74 -37.16
CA SER F 158 18.05 54.38 -37.22
C SER F 158 16.91 54.17 -38.22
N ILE F 159 15.89 55.04 -38.18
CA ILE F 159 14.76 54.87 -39.10
C ILE F 159 15.21 54.92 -40.57
N ASP F 160 16.20 55.76 -40.83
CA ASP F 160 16.74 55.89 -42.18
C ASP F 160 17.44 54.63 -42.67
N ALA F 161 17.82 53.77 -41.74
CA ALA F 161 18.46 52.50 -42.11
C ALA F 161 17.42 51.48 -42.57
N LEU F 162 16.14 51.85 -42.52
CA LEU F 162 15.06 50.94 -42.97
C LEU F 162 15.25 50.26 -44.35
N PRO F 163 15.80 50.96 -45.36
CA PRO F 163 16.03 50.25 -46.61
C PRO F 163 16.98 49.04 -46.46
N TYR F 164 17.84 49.06 -45.44
CA TYR F 164 18.74 47.93 -45.21
C TYR F 164 17.98 46.74 -44.62
N VAL F 165 17.00 47.03 -43.76
CA VAL F 165 16.13 45.97 -43.25
C VAL F 165 15.37 45.33 -44.41
N GLU F 166 14.88 46.16 -45.32
CA GLU F 166 14.16 45.65 -46.48
C GLU F 166 15.05 44.84 -47.42
N ALA F 167 16.31 45.24 -47.55
CA ALA F 167 17.25 44.49 -48.39
C ALA F 167 17.47 43.09 -47.84
N GLY F 168 17.72 43.01 -46.53
CA GLY F 168 17.83 41.73 -45.85
C GLY F 168 16.59 40.88 -46.04
N SER F 169 15.41 41.51 -45.92
CA SER F 169 14.17 40.76 -46.04
C SER F 169 14.00 40.22 -47.45
N ASN F 170 14.26 41.06 -48.44
CA ASN F 170 14.09 40.63 -49.83
C ASN F 170 15.16 39.65 -50.29
N ALA F 171 16.36 39.76 -49.71
CA ALA F 171 17.38 38.76 -49.96
C ALA F 171 16.87 37.33 -49.67
N ARG F 172 16.06 37.20 -48.61
CA ARG F 172 15.54 35.89 -48.22
C ARG F 172 14.62 35.34 -49.31
N THR F 173 13.81 36.22 -49.90
CA THR F 173 13.00 35.82 -51.04
C THR F 173 13.87 35.42 -52.24
N SER F 174 14.87 36.24 -52.58
CA SER F 174 15.83 35.88 -53.63
C SER F 174 16.54 34.54 -53.37
N ASP F 175 17.03 34.36 -52.14
CA ASP F 175 17.78 33.16 -51.80
C ASP F 175 16.95 31.90 -52.07
N ILE F 176 15.70 31.90 -51.63
CA ILE F 176 14.90 30.69 -51.84
C ILE F 176 14.49 30.50 -53.29
N SER F 177 14.28 31.59 -54.02
CA SER F 177 13.98 31.50 -55.46
C SER F 177 15.17 30.96 -56.22
N SER F 178 16.33 31.57 -55.99
CA SER F 178 17.54 31.26 -56.77
C SER F 178 18.25 30.00 -56.29
N GLY F 179 18.12 29.69 -55.00
CA GLY F 179 18.80 28.54 -54.43
C GLY F 179 20.27 28.84 -54.16
N GLU F 180 20.63 30.12 -54.25
CA GLU F 180 21.95 30.58 -53.87
C GLU F 180 21.81 31.61 -52.75
N TYR F 181 22.93 32.21 -52.33
CA TYR F 181 22.89 33.19 -51.24
C TYR F 181 23.51 34.53 -51.64
N ALA F 182 22.68 35.56 -51.63
CA ALA F 182 23.11 36.92 -51.96
C ALA F 182 24.18 37.31 -50.96
N ILE F 183 25.17 38.08 -51.38
CA ILE F 183 26.23 38.45 -50.45
C ILE F 183 26.40 39.96 -50.31
N MET F 184 27.06 40.37 -49.24
CA MET F 184 27.31 41.79 -48.99
C MET F 184 28.68 41.93 -48.35
N PRO F 185 29.32 43.10 -48.52
CA PRO F 185 30.67 43.22 -47.96
C PRO F 185 30.64 43.34 -46.44
N LEU F 186 31.73 42.92 -45.80
CA LEU F 186 31.95 43.28 -44.40
C LEU F 186 33.01 44.37 -44.47
N ALA F 187 34.28 43.98 -44.48
CA ALA F 187 35.32 44.91 -44.92
C ALA F 187 35.05 45.17 -46.41
N PRO F 188 35.44 46.37 -46.90
CA PRO F 188 35.26 46.68 -48.32
C PRO F 188 35.83 45.54 -49.17
N MET F 189 35.13 45.16 -50.23
CA MET F 189 35.54 44.01 -51.04
C MET F 189 36.46 44.43 -52.18
N LYS F 190 36.75 45.72 -52.24
CA LYS F 190 37.58 46.29 -53.28
C LYS F 190 38.25 47.52 -52.68
N GLU F 191 39.54 47.72 -52.97
CA GLU F 191 40.31 48.83 -52.35
C GLU F 191 39.69 50.21 -52.58
N SER F 192 39.22 50.44 -53.79
CA SER F 192 38.66 51.75 -54.14
C SER F 192 37.27 51.95 -53.56
N ASP F 193 36.67 50.89 -53.00
CA ASP F 193 35.36 51.02 -52.37
C ASP F 193 35.43 51.75 -51.03
N ALA F 194 36.62 51.77 -50.43
CA ALA F 194 36.77 52.32 -49.08
C ALA F 194 36.62 53.84 -49.09
N PRO F 195 35.76 54.38 -48.21
CA PRO F 195 35.55 55.84 -48.14
C PRO F 195 36.68 56.56 -47.41
N ASN F 196 37.46 55.83 -46.61
CA ASN F 196 38.59 56.44 -45.91
C ASN F 196 39.75 55.46 -45.76
N GLU F 197 40.88 55.95 -45.27
CA GLU F 197 42.09 55.14 -45.21
C GLU F 197 41.97 54.00 -44.18
N GLU F 198 41.09 54.15 -43.20
CA GLU F 198 40.94 53.14 -42.15
C GLU F 198 40.25 51.91 -42.72
N LEU F 199 39.16 52.16 -43.43
CA LEU F 199 38.45 51.12 -44.16
C LEU F 199 39.30 50.54 -45.28
N ARG F 200 40.13 51.39 -45.90
CA ARG F 200 41.02 50.89 -46.94
C ARG F 200 41.96 49.90 -46.30
N GLN F 201 42.40 50.23 -45.09
CA GLN F 201 43.24 49.32 -44.31
C GLN F 201 42.51 48.03 -43.93
N ALA F 202 41.20 48.11 -43.71
CA ALA F 202 40.39 46.89 -43.53
C ALA F 202 40.47 45.98 -44.77
N TRP F 203 40.18 46.59 -45.93
CA TRP F 203 40.28 45.89 -47.22
C TRP F 203 41.64 45.25 -47.37
N GLU F 204 42.66 45.98 -46.95
CA GLU F 204 44.03 45.54 -47.11
C GLU F 204 44.29 44.36 -46.20
N TYR F 205 43.70 44.40 -45.02
CA TYR F 205 43.86 43.31 -44.07
C TYR F 205 43.32 42.05 -44.72
N TYR F 206 42.13 42.15 -45.32
CA TYR F 206 41.49 40.92 -45.78
C TYR F 206 41.80 40.44 -47.20
N HIS F 207 42.38 41.31 -48.03
CA HIS F 207 42.53 40.99 -49.45
C HIS F 207 43.95 41.16 -50.03
N THR F 208 44.93 41.37 -49.17
CA THR F 208 46.34 41.36 -49.57
C THR F 208 47.07 40.49 -48.54
N PRO F 209 48.35 40.15 -48.80
CA PRO F 209 49.07 39.32 -47.84
C PRO F 209 49.32 39.95 -46.48
N ARG F 210 48.79 41.16 -46.24
CA ARG F 210 48.85 41.71 -44.90
C ARG F 210 48.29 40.69 -43.91
N ALA F 211 47.15 40.10 -44.25
CA ALA F 211 46.56 39.05 -43.42
C ALA F 211 45.52 38.17 -44.12
N GLN F 212 45.47 38.21 -45.45
CA GLN F 212 44.42 37.47 -46.16
C GLN F 212 44.54 35.97 -45.88
N TYR F 213 43.39 35.31 -45.76
CA TYR F 213 43.35 33.88 -45.49
C TYR F 213 42.20 33.29 -46.26
N PRO F 214 42.40 32.10 -46.86
CA PRO F 214 41.43 31.51 -47.80
C PRO F 214 40.05 31.26 -47.19
N THR F 215 39.98 31.05 -45.88
CA THR F 215 38.70 30.77 -45.21
C THR F 215 37.97 32.05 -44.77
N ALA F 216 38.57 33.19 -45.07
CA ALA F 216 37.95 34.47 -44.75
C ALA F 216 37.85 35.33 -46.00
N PRO F 217 36.77 35.13 -46.77
CA PRO F 217 36.57 35.88 -48.03
C PRO F 217 36.17 37.34 -47.79
N GLY F 218 35.65 37.65 -46.61
CA GLY F 218 35.43 39.04 -46.25
C GLY F 218 34.07 39.58 -46.67
N TYR F 219 33.15 38.67 -46.96
CA TYR F 219 31.76 39.05 -47.18
C TYR F 219 30.84 38.17 -46.32
N ALA F 220 29.58 38.58 -46.19
CA ALA F 220 28.59 37.82 -45.42
C ALA F 220 27.35 37.62 -46.27
N THR F 221 26.44 36.77 -45.82
CA THR F 221 25.18 36.59 -46.56
C THR F 221 24.29 37.79 -46.33
N LEU F 222 23.75 38.36 -47.41
CA LEU F 222 22.93 39.56 -47.34
C LEU F 222 21.66 39.32 -46.51
N ARG F 223 21.21 38.07 -46.49
CA ARG F 223 20.04 37.69 -45.69
C ARG F 223 20.18 38.06 -44.21
N SER F 224 21.41 38.23 -43.73
CA SER F 224 21.63 38.52 -42.32
C SER F 224 21.40 40.00 -42.02
N LEU F 225 21.37 40.82 -43.07
CA LEU F 225 21.33 42.28 -42.90
C LEU F 225 20.14 42.74 -42.05
N ASN F 226 18.96 42.21 -42.33
CA ASN F 226 17.79 42.59 -41.55
C ASN F 226 17.97 42.30 -40.05
N GLN F 227 18.64 41.21 -39.69
CA GLN F 227 18.83 40.95 -38.27
C GLN F 227 19.89 41.88 -37.73
N ILE F 228 20.89 42.16 -38.57
CA ILE F 228 22.00 42.98 -38.08
C ILE F 228 21.51 44.39 -37.79
N ILE F 229 20.66 44.92 -38.66
CA ILE F 229 20.22 46.31 -38.48
C ILE F 229 19.45 46.45 -37.17
N THR F 230 18.61 45.46 -36.90
CA THR F 230 17.79 45.45 -35.70
C THR F 230 18.49 44.75 -34.53
N TYR F 231 19.82 44.75 -34.55
CA TYR F 231 20.60 44.12 -33.49
C TYR F 231 21.35 45.15 -32.64
N ASP F 232 21.46 44.89 -31.35
CA ASP F 232 22.27 45.74 -30.46
C ASP F 232 23.09 44.85 -29.55
N ALA F 233 24.40 44.83 -29.77
CA ALA F 233 25.28 43.93 -29.03
C ALA F 233 25.26 44.21 -27.53
N TYR F 234 24.88 45.43 -27.17
CA TYR F 234 24.97 45.87 -25.80
C TYR F 234 23.58 45.90 -25.16
N HIS F 235 22.62 45.23 -25.78
CA HIS F 235 21.22 45.21 -25.33
C HIS F 235 21.16 44.81 -23.85
N MET F 236 20.57 45.66 -23.02
CA MET F 236 20.44 45.42 -21.57
C MET F 236 21.75 45.46 -20.79
N ALA F 237 22.78 46.11 -21.33
CA ALA F 237 24.03 46.22 -20.59
C ALA F 237 23.84 46.97 -19.28
N GLU F 238 22.89 47.90 -19.27
CA GLU F 238 22.65 48.75 -18.09
C GLU F 238 22.14 47.91 -16.93
N VAL F 239 21.60 46.74 -17.24
CA VAL F 239 21.12 45.87 -16.19
C VAL F 239 22.11 44.76 -15.89
N TYR F 240 22.50 44.03 -16.94
CA TYR F 240 23.15 42.73 -16.78
C TYR F 240 24.66 42.69 -17.01
N LEU F 241 25.21 43.68 -17.69
CA LEU F 241 26.67 43.72 -17.86
C LEU F 241 27.34 44.29 -16.62
N THR F 242 27.64 43.40 -15.67
CA THR F 242 28.15 43.83 -14.38
C THR F 242 29.58 43.36 -14.16
N GLN F 243 30.06 42.47 -15.04
CA GLN F 243 31.38 41.92 -14.90
C GLN F 243 32.42 42.99 -15.19
N PRO F 244 33.61 42.88 -14.56
CA PRO F 244 34.74 43.74 -14.89
C PRO F 244 34.93 43.81 -16.40
N THR F 245 35.08 45.02 -16.93
CA THR F 245 35.18 45.25 -18.37
C THR F 245 36.39 46.12 -18.69
N GLN F 246 37.27 45.63 -19.56
CA GLN F 246 38.45 46.38 -20.00
C GLN F 246 38.33 46.72 -21.47
N ILE F 247 38.26 48.02 -21.77
CA ILE F 247 38.17 48.50 -23.14
C ILE F 247 39.51 49.06 -23.63
N VAL F 248 39.91 48.65 -24.83
CA VAL F 248 41.12 49.16 -25.47
C VAL F 248 40.74 49.68 -26.86
N ALA F 249 41.03 50.95 -27.11
CA ALA F 249 40.76 51.57 -28.39
C ALA F 249 41.86 52.57 -28.74
N GLY F 250 41.96 52.90 -30.02
CA GLY F 250 43.00 53.80 -30.47
C GLY F 250 42.50 55.22 -30.46
N SER F 251 43.38 56.16 -30.13
CA SER F 251 43.02 57.58 -30.12
C SER F 251 42.45 58.02 -31.47
N GLN F 252 42.92 57.37 -32.54
CA GLN F 252 42.53 57.75 -33.90
C GLN F 252 41.47 56.86 -34.52
N ALA F 253 41.01 55.86 -33.78
CA ALA F 253 40.06 54.91 -34.34
C ALA F 253 38.75 55.60 -34.65
N GLY F 254 38.24 55.40 -35.87
CA GLY F 254 36.97 55.97 -36.26
C GLY F 254 35.81 55.24 -35.59
N SER F 255 36.12 54.10 -34.99
CA SER F 255 35.14 53.26 -34.33
C SER F 255 35.10 53.46 -32.82
N LYS F 256 35.91 54.40 -32.33
CA LYS F 256 36.03 54.67 -30.88
C LYS F 256 34.69 54.87 -30.18
N TRP F 257 33.73 55.44 -30.88
CA TRP F 257 32.44 55.78 -30.26
C TRP F 257 31.67 54.56 -29.79
N MET F 258 31.89 53.41 -30.42
CA MET F 258 31.24 52.19 -29.96
C MET F 258 31.85 51.68 -28.65
N SER F 259 33.14 51.94 -28.48
CA SER F 259 33.80 51.69 -27.21
C SER F 259 33.28 52.65 -26.13
N ASP F 260 33.12 53.92 -26.51
CA ASP F 260 32.57 54.91 -25.60
C ASP F 260 31.21 54.44 -25.13
N ASP F 261 30.39 54.01 -26.09
CA ASP F 261 29.03 53.54 -25.87
C ASP F 261 29.00 52.35 -24.91
N LEU F 262 29.87 51.36 -25.17
CA LEU F 262 29.99 50.20 -24.26
C LEU F 262 30.36 50.62 -22.85
N TYR F 263 31.36 51.50 -22.72
CA TYR F 263 31.82 51.95 -21.41
C TYR F 263 30.74 52.70 -20.64
N ASP F 264 29.99 53.55 -21.34
CA ASP F 264 28.92 54.33 -20.74
C ASP F 264 27.73 53.46 -20.33
N ARG F 265 27.43 52.44 -21.13
CA ARG F 265 26.23 51.64 -20.86
C ARG F 265 26.41 50.54 -19.80
N ALA F 266 27.64 50.05 -19.62
CA ALA F 266 27.89 48.94 -18.70
C ALA F 266 27.59 49.27 -17.24
N SER F 267 26.91 48.36 -16.56
CA SER F 267 26.59 48.59 -15.16
C SER F 267 27.81 48.36 -14.28
N SER F 268 28.79 47.65 -14.83
CA SER F 268 30.00 47.23 -14.12
C SER F 268 30.58 48.29 -13.19
N GLN F 269 30.82 47.90 -11.94
CA GLN F 269 31.52 48.75 -11.00
C GLN F 269 33.00 48.86 -11.38
N ASP F 270 33.50 47.81 -12.02
CA ASP F 270 34.91 47.79 -12.42
C ASP F 270 35.01 47.88 -13.95
N LYS F 271 34.77 49.07 -14.50
CA LYS F 271 34.98 49.28 -15.94
C LYS F 271 36.18 50.18 -16.19
N ARG F 272 37.04 49.75 -17.12
CA ARG F 272 38.29 50.42 -17.41
C ARG F 272 38.40 50.73 -18.90
N TYR F 273 39.13 51.80 -19.23
CA TYR F 273 39.21 52.27 -20.61
C TYR F 273 40.63 52.75 -20.87
N HIS F 274 41.35 52.06 -21.76
CA HIS F 274 42.70 52.45 -22.11
C HIS F 274 42.76 52.94 -23.55
N ILE F 275 43.26 54.16 -23.74
CA ILE F 275 43.45 54.70 -25.08
C ILE F 275 44.84 54.28 -25.55
N VAL F 276 44.92 53.83 -26.80
CA VAL F 276 46.21 53.57 -27.44
C VAL F 276 46.55 54.77 -28.31
N GLU F 277 47.44 55.63 -27.82
CA GLU F 277 47.76 56.88 -28.52
C GLU F 277 48.34 56.63 -29.91
N GLY F 278 47.70 57.21 -30.92
CA GLY F 278 48.26 57.20 -32.27
C GLY F 278 47.76 56.08 -33.15
N ALA F 279 47.01 55.15 -32.55
CA ALA F 279 46.48 54.01 -33.31
C ALA F 279 45.09 54.28 -33.84
N ASN F 280 44.82 53.80 -35.05
CA ASN F 280 43.46 53.74 -35.55
C ASN F 280 42.85 52.37 -35.28
N HIS F 281 41.68 52.12 -35.84
CA HIS F 281 40.99 50.84 -35.68
C HIS F 281 41.88 49.64 -36.06
N MET F 282 42.51 49.73 -37.23
CA MET F 282 43.24 48.59 -37.80
C MET F 282 44.62 48.35 -37.20
N ASP F 283 45.25 49.41 -36.69
CA ASP F 283 46.56 49.28 -36.06
C ASP F 283 46.54 48.20 -34.96
N LEU F 284 45.46 48.25 -34.17
CA LEU F 284 45.32 47.34 -33.04
C LEU F 284 45.19 45.88 -33.45
N TYR F 285 44.93 45.63 -34.73
CA TYR F 285 44.88 44.26 -35.23
C TYR F 285 46.29 43.70 -35.24
N ASP F 286 47.25 44.49 -35.70
CA ASP F 286 48.55 43.87 -36.02
C ASP F 286 49.80 44.73 -35.85
N GLY F 287 49.65 45.98 -35.47
CA GLY F 287 50.81 46.81 -35.15
C GLY F 287 51.53 46.19 -33.97
N LYS F 288 52.80 45.83 -34.16
CA LYS F 288 53.53 45.06 -33.13
C LYS F 288 53.50 45.74 -31.78
N ALA F 289 53.81 47.04 -31.77
CA ALA F 289 53.90 47.79 -30.52
C ALA F 289 52.50 48.05 -29.96
N TYR F 290 51.55 48.19 -30.87
CA TYR F 290 50.16 48.42 -30.49
C TYR F 290 49.55 47.18 -29.83
N VAL F 291 49.70 46.03 -30.49
CA VAL F 291 49.31 44.76 -29.88
C VAL F 291 50.03 44.57 -28.54
N ALA F 292 51.32 44.86 -28.51
CA ALA F 292 52.09 44.74 -27.29
C ALA F 292 51.49 45.56 -26.15
N GLU F 293 51.06 46.78 -26.47
CA GLU F 293 50.48 47.67 -25.46
C GLU F 293 49.14 47.12 -24.99
N ALA F 294 48.27 46.79 -25.96
CA ALA F 294 46.98 46.18 -25.65
C ALA F 294 47.15 45.01 -24.69
N ILE F 295 48.07 44.10 -25.00
CA ILE F 295 48.34 42.96 -24.12
C ILE F 295 48.86 43.40 -22.75
N SER F 296 49.70 44.43 -22.72
CA SER F 296 50.24 44.92 -21.44
C SER F 296 49.12 45.45 -20.56
N VAL F 297 48.01 45.86 -21.16
CA VAL F 297 46.84 46.29 -20.38
C VAL F 297 45.89 45.14 -20.03
N LEU F 298 45.57 44.33 -21.03
CA LEU F 298 44.61 43.24 -20.91
C LEU F 298 45.07 42.13 -19.97
N ALA F 299 46.35 41.74 -20.06
CA ALA F 299 46.84 40.60 -19.27
C ALA F 299 46.75 40.82 -17.74
N PRO F 300 47.19 42.00 -17.24
CA PRO F 300 47.07 42.20 -15.80
C PRO F 300 45.62 42.31 -15.36
N PHE F 301 44.78 42.94 -16.20
CA PHE F 301 43.34 43.02 -15.96
C PHE F 301 42.74 41.64 -15.74
N PHE F 302 42.95 40.74 -16.69
CA PHE F 302 42.41 39.39 -16.58
C PHE F 302 43.01 38.70 -15.38
N GLU F 303 44.28 38.97 -15.12
CA GLU F 303 44.99 38.41 -13.98
C GLU F 303 44.35 38.76 -12.64
N GLU F 304 43.90 40.01 -12.45
CA GLU F 304 43.22 40.35 -11.20
C GLU F 304 41.76 39.92 -11.17
N THR F 305 41.13 39.84 -12.34
CA THR F 305 39.68 39.60 -12.39
C THR F 305 39.30 38.13 -12.63
N LEU F 306 40.25 37.30 -13.06
CA LEU F 306 39.97 35.88 -13.22
C LEU F 306 40.69 35.03 -12.18
N MET G 1 54.41 -17.86 73.80
CA MET G 1 53.16 -18.37 73.23
C MET G 1 52.85 -17.65 71.92
N MET G 2 52.81 -18.40 70.82
CA MET G 2 52.59 -17.81 69.51
C MET G 2 51.11 -17.74 69.13
N ASN G 3 50.41 -18.85 69.26
CA ASN G 3 48.98 -18.86 68.98
C ASN G 3 48.31 -20.04 69.64
N ASN G 4 46.99 -20.11 69.66
CA ASN G 4 46.23 -21.30 70.02
C ASN G 4 44.94 -21.44 69.27
N LYS G 5 44.81 -22.73 68.88
CA LYS G 5 43.62 -23.08 68.13
C LYS G 5 42.58 -23.51 69.14
N VAL G 6 41.37 -22.97 68.98
CA VAL G 6 40.31 -23.25 69.91
C VAL G 6 39.02 -23.57 69.18
N SER G 7 38.08 -24.11 69.95
CA SER G 7 36.70 -24.29 69.53
C SER G 7 35.86 -23.75 70.69
N PHE G 8 34.80 -23.00 70.37
CA PHE G 8 33.94 -22.48 71.43
C PHE G 8 32.48 -22.41 71.01
N THR G 9 31.59 -22.55 71.97
CA THR G 9 30.15 -22.50 71.67
C THR G 9 29.76 -21.12 71.13
N ASN G 10 29.04 -21.13 70.02
CA ASN G 10 28.51 -19.90 69.45
C ASN G 10 27.32 -19.47 70.31
N SER G 11 27.46 -18.32 70.98
CA SER G 11 26.44 -17.88 71.93
C SER G 11 25.09 -17.57 71.26
N ASN G 12 25.10 -17.26 69.96
CA ASN G 12 23.86 -16.97 69.24
C ASN G 12 23.09 -18.21 68.88
N ASN G 13 23.80 -19.32 68.78
CA ASN G 13 23.22 -20.61 68.42
C ASN G 13 24.09 -21.67 69.06
N PRO G 14 23.78 -22.05 70.32
CA PRO G 14 24.63 -22.95 71.12
C PRO G 14 24.77 -24.37 70.57
N THR G 15 24.06 -24.72 69.50
CA THR G 15 24.26 -26.03 68.88
C THR G 15 25.52 -26.02 68.01
N ILE G 16 26.00 -24.82 67.70
CA ILE G 16 27.16 -24.66 66.82
C ILE G 16 28.39 -24.26 67.62
N SER G 17 29.52 -24.90 67.33
CA SER G 17 30.82 -24.45 67.83
C SER G 17 31.58 -23.74 66.73
N LEU G 18 32.25 -22.64 67.07
CA LEU G 18 33.13 -21.97 66.13
C LEU G 18 34.58 -22.42 66.33
N SER G 19 35.28 -22.52 65.21
CA SER G 19 36.69 -22.89 65.18
C SER G 19 37.46 -21.61 65.01
N ALA G 20 38.50 -21.39 65.78
CA ALA G 20 39.25 -20.14 65.64
C ALA G 20 40.70 -20.31 66.04
N VAL G 21 41.53 -19.37 65.61
CA VAL G 21 42.91 -19.28 66.05
C VAL G 21 43.16 -17.90 66.66
N ILE G 22 43.65 -17.88 67.89
CA ILE G 22 43.97 -16.63 68.56
C ILE G 22 45.48 -16.45 68.43
N TYR G 23 45.92 -15.29 67.95
CA TYR G 23 47.35 -15.01 67.83
C TYR G 23 47.79 -14.07 68.91
N PHE G 24 48.99 -14.34 69.46
CA PHE G 24 49.49 -13.61 70.61
C PHE G 24 50.60 -12.62 70.24
N PRO G 25 50.64 -11.47 70.93
CA PRO G 25 51.62 -10.41 70.66
C PRO G 25 53.01 -10.77 71.18
N PRO G 26 54.05 -10.05 70.75
CA PRO G 26 55.39 -10.41 71.24
C PRO G 26 55.46 -10.19 72.75
N LYS G 27 56.17 -11.06 73.45
CA LYS G 27 56.33 -10.95 74.89
C LYS G 27 54.97 -10.96 75.59
N PHE G 28 54.08 -11.82 75.09
CA PHE G 28 52.73 -11.92 75.62
C PHE G 28 52.74 -12.24 77.10
N ASP G 29 51.97 -11.48 77.89
CA ASP G 29 51.86 -11.73 79.32
C ASP G 29 50.39 -11.88 79.68
N GLU G 30 50.02 -13.07 80.14
CA GLU G 30 48.62 -13.36 80.39
C GLU G 30 48.07 -12.65 81.62
N THR G 31 48.92 -11.93 82.35
CA THR G 31 48.48 -11.11 83.48
C THR G 31 48.04 -9.73 83.00
N ARG G 32 48.35 -9.40 81.75
CA ARG G 32 47.98 -8.09 81.19
C ARG G 32 46.66 -8.17 80.42
N GLN G 33 46.08 -7.01 80.11
CA GLN G 33 44.80 -6.93 79.41
C GLN G 33 44.95 -6.16 78.10
N TYR G 34 45.00 -6.89 76.99
CA TYR G 34 45.37 -6.35 75.68
C TYR G 34 44.22 -5.80 74.84
N GLN G 35 44.57 -4.87 73.94
CA GLN G 35 43.70 -4.50 72.84
C GLN G 35 43.55 -5.77 72.01
N ALA G 36 42.36 -5.99 71.46
CA ALA G 36 42.12 -7.18 70.65
C ALA G 36 41.35 -6.87 69.37
N ILE G 37 41.58 -7.66 68.34
CA ILE G 37 40.95 -7.45 67.05
C ILE G 37 40.38 -8.76 66.50
N VAL G 38 39.11 -8.73 66.11
CA VAL G 38 38.47 -9.87 65.48
C VAL G 38 38.64 -9.73 63.97
N LEU G 39 39.05 -10.81 63.31
CA LEU G 39 39.29 -10.79 61.87
C LEU G 39 38.22 -11.63 61.17
N SER G 40 37.49 -11.05 60.22
CA SER G 40 36.45 -11.78 59.52
C SER G 40 36.90 -12.07 58.08
N HIS G 41 36.60 -13.27 57.60
CA HIS G 41 37.15 -13.75 56.32
C HIS G 41 36.27 -13.37 55.12
N PRO G 42 36.85 -13.38 53.91
CA PRO G 42 36.11 -13.13 52.68
C PRO G 42 34.95 -14.10 52.46
N GLY G 43 34.12 -13.82 51.46
CA GLY G 43 33.05 -14.74 51.09
C GLY G 43 33.60 -16.04 50.51
N GLY G 44 33.37 -17.14 51.23
CA GLY G 44 33.90 -18.43 50.81
C GLY G 44 35.28 -18.68 51.39
N GLY G 45 35.79 -17.71 52.15
CA GLY G 45 37.12 -17.81 52.74
C GLY G 45 37.11 -18.49 54.09
N VAL G 46 38.29 -18.87 54.58
CA VAL G 46 38.40 -19.50 55.89
C VAL G 46 39.59 -18.91 56.65
N LYS G 47 39.71 -19.27 57.93
CA LYS G 47 40.70 -18.67 58.81
C LYS G 47 42.15 -18.93 58.42
N GLU G 48 42.38 -20.01 57.65
CA GLU G 48 43.73 -20.40 57.22
C GLU G 48 44.22 -19.58 56.04
N GLN G 49 43.31 -18.83 55.43
CA GLN G 49 43.69 -17.99 54.30
C GLN G 49 44.02 -16.55 54.69
N THR G 50 43.65 -15.58 53.85
CA THR G 50 44.11 -14.20 54.04
C THR G 50 43.78 -13.64 55.45
N ALA G 51 42.61 -14.02 55.98
CA ALA G 51 42.21 -13.58 57.32
C ALA G 51 43.26 -13.95 58.38
N GLY G 52 43.81 -15.16 58.26
CA GLY G 52 44.84 -15.62 59.18
C GLY G 52 46.15 -14.85 59.03
N THR G 53 46.48 -14.49 57.80
CA THR G 53 47.67 -13.70 57.54
C THR G 53 47.55 -12.36 58.23
N TYR G 54 46.45 -11.67 57.97
CA TYR G 54 46.23 -10.39 58.64
C TYR G 54 46.20 -10.53 60.17
N ALA G 55 45.52 -11.56 60.69
CA ALA G 55 45.50 -11.76 62.14
C ALA G 55 46.91 -11.93 62.74
N LYS G 56 47.71 -12.77 62.11
CA LYS G 56 49.09 -12.98 62.59
C LYS G 56 49.94 -11.69 62.53
N LYS G 57 49.90 -11.03 61.36
CA LYS G 57 50.65 -9.79 61.13
C LYS G 57 50.26 -8.69 62.11
N LEU G 58 48.96 -8.59 62.40
CA LEU G 58 48.49 -7.63 63.38
C LEU G 58 48.96 -8.01 64.78
N ALA G 59 48.90 -9.29 65.10
CA ALA G 59 49.34 -9.69 66.43
C ALA G 59 50.81 -9.33 66.64
N GLU G 60 51.60 -9.40 65.57
CA GLU G 60 53.01 -8.99 65.64
C GLU G 60 53.20 -7.52 66.08
N LYS G 61 52.19 -6.69 65.84
CA LYS G 61 52.28 -5.27 66.21
C LYS G 61 51.68 -4.97 67.59
N GLY G 62 51.48 -6.01 68.39
CA GLY G 62 51.13 -5.82 69.80
C GLY G 62 49.68 -6.07 70.19
N PHE G 63 48.91 -6.71 69.32
CA PHE G 63 47.51 -7.00 69.60
C PHE G 63 47.26 -8.49 69.81
N VAL G 64 46.28 -8.83 70.63
CA VAL G 64 45.76 -10.20 70.63
C VAL G 64 44.78 -10.23 69.48
N THR G 65 44.91 -11.17 68.56
CA THR G 65 43.96 -11.21 67.44
C THR G 65 43.26 -12.56 67.33
N ILE G 66 42.15 -12.62 66.61
CA ILE G 66 41.47 -13.89 66.47
C ILE G 66 40.86 -14.02 65.08
N ALA G 67 41.23 -15.10 64.38
CA ALA G 67 40.65 -15.38 63.07
C ALA G 67 39.78 -16.62 63.24
N TYR G 68 38.50 -16.49 62.87
CA TYR G 68 37.51 -17.54 63.13
C TYR G 68 36.88 -17.95 61.80
N ASP G 69 36.34 -19.17 61.76
CA ASP G 69 35.55 -19.60 60.63
C ASP G 69 34.09 -19.29 60.94
N ALA G 70 33.38 -18.76 59.96
CA ALA G 70 31.98 -18.43 60.14
C ALA G 70 31.15 -19.69 60.42
N SER G 71 30.03 -19.51 61.11
CA SER G 71 29.05 -20.58 61.23
C SER G 71 28.76 -21.18 59.87
N TYR G 72 28.57 -22.50 59.84
CA TYR G 72 28.25 -23.26 58.64
C TYR G 72 29.42 -23.37 57.68
N GLN G 73 30.61 -22.94 58.09
CA GLN G 73 31.72 -22.82 57.15
C GLN G 73 33.03 -23.24 57.79
N GLY G 74 34.07 -23.45 56.98
CA GLY G 74 35.37 -23.88 57.48
C GLY G 74 35.26 -25.07 58.41
N GLU G 75 35.89 -24.97 59.57
CA GLU G 75 35.84 -26.03 60.56
C GLU G 75 34.77 -25.76 61.62
N SER G 76 34.03 -24.67 61.47
CA SER G 76 32.96 -24.39 62.42
C SER G 76 31.77 -25.28 62.10
N GLY G 77 30.93 -25.51 63.11
CA GLY G 77 29.76 -26.36 62.96
C GLY G 77 28.61 -25.65 62.27
N GLY G 78 27.52 -26.39 62.09
CA GLY G 78 26.31 -25.85 61.51
C GLY G 78 25.94 -26.55 60.20
N GLU G 79 24.66 -26.84 60.03
CA GLU G 79 24.15 -27.38 58.78
C GLU G 79 22.99 -26.51 58.35
N PRO G 80 22.82 -26.29 57.04
CA PRO G 80 23.63 -26.83 55.93
C PRO G 80 24.99 -26.16 55.78
N ARG G 81 25.96 -26.90 55.25
CA ARG G 81 27.29 -26.36 55.01
C ARG G 81 27.24 -25.27 53.96
N GLN G 82 28.10 -24.28 54.15
CA GLN G 82 28.23 -23.14 53.23
C GLN G 82 27.00 -22.22 53.16
N LEU G 83 26.12 -22.32 54.15
CA LEU G 83 25.06 -21.31 54.26
C LEU G 83 25.72 -19.92 54.33
N GLU G 84 25.16 -18.96 53.58
CA GLU G 84 25.68 -17.58 53.57
C GLU G 84 24.54 -16.64 53.92
N ASN G 85 23.98 -16.83 55.10
CA ASN G 85 22.99 -15.92 55.63
C ASN G 85 23.76 -14.72 56.19
N PRO G 86 23.57 -13.53 55.59
CA PRO G 86 24.43 -12.39 55.95
C PRO G 86 24.16 -11.88 57.36
N TYR G 87 22.96 -12.10 57.87
CA TYR G 87 22.61 -11.72 59.25
C TYR G 87 23.35 -12.60 60.26
N ILE G 88 23.54 -13.86 59.89
CA ILE G 88 24.30 -14.79 60.75
C ILE G 88 25.80 -14.51 60.62
N ARG G 89 26.26 -14.24 59.40
CA ARG G 89 27.68 -13.89 59.19
C ARG G 89 28.03 -12.66 60.03
N THR G 90 27.12 -11.69 60.03
CA THR G 90 27.28 -10.53 60.88
C THR G 90 27.25 -10.87 62.37
N GLU G 91 26.23 -11.60 62.82
CA GLU G 91 26.10 -11.87 64.25
C GLU G 91 27.23 -12.77 64.82
N ASP G 92 27.87 -13.51 63.91
CA ASP G 92 28.99 -14.38 64.29
C ASP G 92 30.05 -13.55 65.00
N ILE G 93 30.26 -12.33 64.51
CA ILE G 93 31.30 -11.44 65.06
C ILE G 93 31.01 -11.16 66.53
N SER G 94 29.73 -10.98 66.84
CA SER G 94 29.30 -10.81 68.21
C SER G 94 29.54 -12.05 69.04
N ALA G 95 29.32 -13.23 68.46
CA ALA G 95 29.68 -14.43 69.21
C ALA G 95 31.19 -14.52 69.51
N VAL G 96 32.00 -14.10 68.55
CA VAL G 96 33.46 -14.13 68.71
C VAL G 96 33.86 -13.16 69.81
N ILE G 97 33.25 -11.99 69.80
CA ILE G 97 33.47 -11.01 70.85
C ILE G 97 33.07 -11.59 72.21
N ASP G 98 31.91 -12.25 72.28
CA ASP G 98 31.49 -12.91 73.52
C ASP G 98 32.59 -13.83 74.02
N TYR G 99 33.15 -14.63 73.13
CA TYR G 99 34.26 -15.49 73.52
C TYR G 99 35.44 -14.70 74.04
N LEU G 100 35.79 -13.60 73.37
CA LEU G 100 36.93 -12.80 73.83
C LEU G 100 36.72 -12.25 75.24
N THR G 101 35.48 -11.89 75.57
CA THR G 101 35.20 -11.33 76.90
C THR G 101 35.49 -12.34 78.03
N THR G 102 35.54 -13.62 77.69
CA THR G 102 35.85 -14.64 78.70
C THR G 102 37.34 -14.83 78.94
N LEU G 103 38.19 -14.20 78.11
CA LEU G 103 39.65 -14.30 78.25
C LEU G 103 40.16 -13.17 79.13
N SER G 104 40.86 -13.51 80.20
CA SER G 104 41.23 -12.50 81.19
C SER G 104 42.26 -11.54 80.62
N TYR G 105 43.00 -11.95 79.62
CA TYR G 105 44.00 -11.13 78.95
C TYR G 105 43.52 -10.19 77.82
N VAL G 106 42.22 -10.13 77.65
CA VAL G 106 41.58 -9.28 76.71
C VAL G 106 40.82 -8.25 77.53
N ASP G 107 41.04 -6.99 77.17
CA ASP G 107 40.42 -5.84 77.78
C ASP G 107 39.09 -5.63 77.04
N ASN G 108 37.99 -5.85 77.73
CA ASN G 108 36.68 -5.80 77.06
C ASN G 108 36.41 -4.47 76.39
N THR G 109 37.10 -3.43 76.87
CA THR G 109 36.86 -2.07 76.39
C THR G 109 37.78 -1.68 75.24
N ARG G 110 38.64 -2.60 74.82
CA ARG G 110 39.60 -2.29 73.75
C ARG G 110 39.58 -3.31 72.61
N ILE G 111 38.38 -3.60 72.12
CA ILE G 111 38.18 -4.60 71.08
C ILE G 111 37.80 -3.92 69.78
N GLY G 112 38.50 -4.27 68.71
CA GLY G 112 38.19 -3.76 67.39
C GLY G 112 37.94 -4.93 66.47
N ALA G 113 37.67 -4.63 65.20
CA ALA G 113 37.38 -5.69 64.24
C ALA G 113 37.82 -5.26 62.86
N MET G 114 38.28 -6.20 62.05
CA MET G 114 38.54 -5.87 60.66
C MET G 114 38.14 -7.05 59.79
N GLY G 115 37.87 -6.80 58.51
CA GLY G 115 37.52 -7.89 57.61
C GLY G 115 38.10 -7.68 56.21
N ILE G 116 38.08 -8.75 55.42
CA ILE G 116 38.59 -8.71 54.04
C ILE G 116 37.45 -9.15 53.15
N CYS G 117 37.29 -8.49 52.00
CA CYS G 117 36.24 -8.86 51.05
C CYS G 117 34.90 -8.82 51.80
N ALA G 118 34.03 -9.81 51.62
CA ALA G 118 32.73 -9.79 52.29
C ALA G 118 32.83 -9.59 53.82
N GLY G 119 33.89 -10.12 54.43
CA GLY G 119 34.08 -10.04 55.87
C GLY G 119 34.21 -8.62 56.37
N ALA G 120 34.59 -7.71 55.46
CA ALA G 120 34.64 -6.28 55.73
C ALA G 120 33.23 -5.74 55.85
N GLY G 121 32.39 -6.07 54.87
CA GLY G 121 31.00 -5.67 54.91
C GLY G 121 30.39 -6.10 56.24
N TYR G 122 30.59 -7.36 56.58
CA TYR G 122 30.02 -7.91 57.81
C TYR G 122 30.57 -7.16 59.01
N THR G 123 31.86 -6.82 58.93
CA THR G 123 32.50 -6.09 60.02
C THR G 123 31.77 -4.76 60.22
N ALA G 124 31.48 -4.08 59.10
CA ALA G 124 30.80 -2.79 59.19
C ALA G 124 29.46 -3.02 59.86
N ASN G 125 28.76 -4.07 59.42
CA ASN G 125 27.42 -4.31 59.92
C ASN G 125 27.54 -4.56 61.42
N ALA G 126 28.62 -5.26 61.81
CA ALA G 126 28.75 -5.64 63.21
C ALA G 126 28.95 -4.38 64.02
N ALA G 127 29.78 -3.46 63.48
CA ALA G 127 30.08 -2.25 64.25
C ALA G 127 28.80 -1.49 64.45
N ILE G 128 27.89 -1.60 63.48
CA ILE G 128 26.62 -0.89 63.57
C ILE G 128 25.76 -1.45 64.73
N GLN G 129 25.74 -2.78 64.88
CA GLN G 129 24.81 -3.34 65.86
C GLN G 129 25.47 -3.76 67.18
N ASP G 130 26.80 -3.94 67.16
CA ASP G 130 27.49 -4.37 68.37
C ASP G 130 28.41 -3.26 68.87
N ARG G 131 28.00 -2.59 69.94
CA ARG G 131 28.68 -1.37 70.37
C ARG G 131 29.97 -1.66 71.14
N ARG G 132 30.26 -2.94 71.35
CA ARG G 132 31.51 -3.33 71.97
C ARG G 132 32.67 -3.21 70.98
N ILE G 133 32.33 -3.04 69.71
CA ILE G 133 33.33 -2.79 68.66
C ILE G 133 33.71 -1.30 68.68
N LYS G 134 34.96 -1.03 69.04
N LYS G 134 34.96 -1.01 69.05
CA LYS G 134 35.43 0.33 69.26
CA LYS G 134 35.36 0.38 69.23
C LYS G 134 35.99 1.00 68.00
C LYS G 134 35.98 1.01 67.99
N ALA G 135 36.38 0.19 67.03
CA ALA G 135 36.99 0.69 65.81
C ALA G 135 37.01 -0.42 64.78
N ILE G 136 36.90 -0.07 63.50
CA ILE G 136 36.99 -1.08 62.46
C ILE G 136 37.98 -0.72 61.35
N GLY G 137 38.48 -1.75 60.68
CA GLY G 137 39.34 -1.58 59.51
C GLY G 137 38.83 -2.51 58.43
N THR G 138 39.03 -2.15 57.16
CA THR G 138 38.61 -3.01 56.05
C THR G 138 39.69 -3.12 55.00
N VAL G 139 39.75 -4.27 54.35
CA VAL G 139 40.68 -4.50 53.23
C VAL G 139 39.88 -5.06 52.07
N SER G 140 40.02 -4.47 50.89
CA SER G 140 39.24 -4.88 49.71
C SER G 140 37.76 -5.11 50.07
N ALA G 141 37.18 -4.19 50.83
CA ALA G 141 35.81 -4.34 51.32
C ALA G 141 34.78 -4.72 50.27
N VAL G 142 33.96 -5.71 50.59
CA VAL G 142 32.80 -6.05 49.79
C VAL G 142 31.58 -6.03 50.70
N ASN G 143 30.54 -5.32 50.26
CA ASN G 143 29.22 -5.39 50.84
C ASN G 143 28.50 -6.41 49.96
N ILE G 144 28.29 -7.62 50.49
CA ILE G 144 27.85 -8.76 49.66
C ILE G 144 26.50 -8.50 48.98
N GLY G 145 25.68 -7.72 49.68
CA GLY G 145 24.38 -7.30 49.17
C GLY G 145 24.55 -6.49 47.91
N SER G 146 25.47 -5.51 47.97
CA SER G 146 25.77 -4.64 46.84
C SER G 146 26.27 -5.42 45.63
N ILE G 147 27.24 -6.31 45.78
CA ILE G 147 27.73 -7.01 44.58
C ILE G 147 26.68 -7.94 44.01
N PHE G 148 25.95 -8.67 44.85
CA PHE G 148 24.97 -9.57 44.24
C PHE G 148 23.80 -8.82 43.61
N ARG G 149 23.37 -7.73 44.22
CA ARG G 149 22.22 -6.97 43.72
C ARG G 149 22.57 -6.07 42.54
N ASN G 150 23.66 -5.33 42.65
CA ASN G 150 23.97 -4.30 41.68
C ASN G 150 25.16 -4.64 40.80
N GLY G 151 25.75 -5.82 41.02
CA GLY G 151 26.84 -6.27 40.19
C GLY G 151 28.21 -5.88 40.71
N TRP G 152 29.22 -6.60 40.23
CA TRP G 152 30.60 -6.42 40.67
C TRP G 152 31.07 -5.00 40.40
N GLU G 153 30.47 -4.37 39.39
CA GLU G 153 30.88 -3.05 38.93
C GLU G 153 29.79 -2.02 39.18
N ASN G 154 28.76 -2.44 39.91
CA ASN G 154 27.71 -1.53 40.31
C ASN G 154 27.00 -0.90 39.11
N ASN G 155 26.64 -1.71 38.13
CA ASN G 155 25.89 -1.20 37.00
C ASN G 155 24.57 -1.92 36.73
N VAL G 156 24.10 -2.69 37.72
CA VAL G 156 22.78 -3.31 37.64
C VAL G 156 21.84 -2.59 38.59
N LYS G 157 20.69 -2.16 38.10
CA LYS G 157 19.72 -1.52 38.99
C LYS G 157 19.00 -2.55 39.83
N SER G 158 18.70 -2.17 41.07
CA SER G 158 18.20 -3.11 42.07
C SER G 158 16.98 -3.89 41.61
N ILE G 159 16.02 -3.19 41.00
CA ILE G 159 14.80 -3.86 40.55
C ILE G 159 15.15 -5.01 39.59
N ASP G 160 16.16 -4.80 38.77
CA ASP G 160 16.52 -5.80 37.78
C ASP G 160 17.14 -7.05 38.40
N ALA G 161 17.47 -6.97 39.68
CA ALA G 161 18.05 -8.13 40.36
C ALA G 161 16.95 -9.04 40.87
N LEU G 162 15.71 -8.62 40.65
CA LEU G 162 14.55 -9.39 41.10
C LEU G 162 14.58 -10.91 40.80
N PRO G 163 15.02 -11.32 39.60
CA PRO G 163 15.03 -12.78 39.38
C PRO G 163 16.01 -13.54 40.28
N TYR G 164 17.04 -12.88 40.80
CA TYR G 164 17.93 -13.52 41.76
C TYR G 164 17.22 -13.74 43.09
N VAL G 165 16.31 -12.83 43.42
CA VAL G 165 15.54 -12.99 44.64
C VAL G 165 14.60 -14.16 44.45
N GLU G 166 14.07 -14.30 43.23
CA GLU G 166 13.17 -15.40 42.92
C GLU G 166 13.92 -16.73 42.94
N ALA G 167 15.12 -16.74 42.38
CA ALA G 167 15.97 -17.93 42.39
C ALA G 167 16.22 -18.40 43.82
N GLY G 168 16.53 -17.46 44.70
CA GLY G 168 16.73 -17.78 46.11
C GLY G 168 15.49 -18.37 46.75
N SER G 169 14.33 -17.81 46.45
CA SER G 169 13.09 -18.31 47.06
C SER G 169 12.77 -19.70 46.54
N ASN G 170 12.91 -19.89 45.24
CA ASN G 170 12.58 -21.18 44.62
C ASN G 170 13.52 -22.30 45.05
N ALA G 171 14.78 -21.93 45.25
CA ALA G 171 15.77 -22.87 45.76
C ALA G 171 15.27 -23.51 47.05
N ARG G 172 14.67 -22.69 47.89
CA ARG G 172 14.12 -23.18 49.16
C ARG G 172 13.04 -24.24 48.94
N THR G 173 12.19 -24.03 47.94
CA THR G 173 11.17 -25.02 47.57
C THR G 173 11.87 -26.30 47.10
N SER G 174 12.87 -26.10 46.25
CA SER G 174 13.63 -27.19 45.68
C SER G 174 14.41 -27.95 46.75
N ASP G 175 15.01 -27.21 47.68
CA ASP G 175 15.77 -27.82 48.77
C ASP G 175 14.94 -28.81 49.59
N ILE G 176 13.74 -28.39 49.99
CA ILE G 176 12.95 -29.20 50.91
C ILE G 176 12.40 -30.43 50.19
N SER G 177 12.03 -30.28 48.94
CA SER G 177 11.46 -31.40 48.17
C SER G 177 12.54 -32.41 47.82
N SER G 178 13.73 -31.90 47.51
CA SER G 178 14.86 -32.75 47.13
C SER G 178 15.63 -33.35 48.31
N GLY G 179 15.71 -32.61 49.41
CA GLY G 179 16.48 -33.08 50.55
C GLY G 179 17.96 -32.74 50.43
N GLU G 180 18.33 -32.07 49.35
CA GLU G 180 19.70 -31.59 49.18
C GLU G 180 19.69 -30.06 49.01
N TYR G 181 20.86 -29.44 49.03
CA TYR G 181 20.94 -27.97 48.97
C TYR G 181 21.62 -27.46 47.70
N ALA G 182 20.88 -26.69 46.91
CA ALA G 182 21.44 -26.13 45.68
C ALA G 182 22.54 -25.15 46.05
N ILE G 183 23.59 -25.10 45.22
CA ILE G 183 24.71 -24.21 45.49
C ILE G 183 24.82 -23.10 44.44
N MET G 184 25.62 -22.08 44.74
CA MET G 184 25.93 -21.01 43.80
C MET G 184 27.36 -20.55 44.03
N PRO G 185 28.07 -20.16 42.96
CA PRO G 185 29.46 -19.74 43.07
C PRO G 185 29.64 -18.49 43.93
N LEU G 186 30.70 -18.44 44.71
CA LEU G 186 31.12 -17.19 45.33
C LEU G 186 32.19 -16.63 44.40
N ALA G 187 33.40 -17.18 44.45
CA ALA G 187 34.39 -16.93 43.39
C ALA G 187 33.98 -17.76 42.16
N PRO G 188 34.54 -17.44 40.98
CA PRO G 188 34.23 -18.28 39.82
C PRO G 188 34.73 -19.72 40.05
N MET G 189 33.98 -20.71 39.58
CA MET G 189 34.29 -22.11 39.90
C MET G 189 35.13 -22.76 38.83
N LYS G 190 35.23 -22.08 37.70
CA LYS G 190 36.11 -22.49 36.62
C LYS G 190 36.81 -21.21 36.18
N GLU G 191 38.08 -21.33 35.79
CA GLU G 191 38.87 -20.20 35.33
C GLU G 191 38.20 -19.45 34.18
N SER G 192 37.72 -20.20 33.19
CA SER G 192 37.11 -19.63 31.99
C SER G 192 35.87 -18.83 32.31
N ASP G 193 35.23 -19.15 33.43
CA ASP G 193 34.00 -18.46 33.85
C ASP G 193 34.25 -16.99 34.20
N ALA G 194 35.50 -16.67 34.49
CA ALA G 194 35.87 -15.32 34.91
C ALA G 194 35.82 -14.30 33.77
N PRO G 195 34.96 -13.28 33.90
CA PRO G 195 34.75 -12.23 32.91
C PRO G 195 35.91 -11.25 32.81
N ASN G 196 36.78 -11.23 33.81
CA ASN G 196 37.99 -10.39 33.75
C ASN G 196 39.11 -10.93 34.62
N GLU G 197 40.27 -10.28 34.57
CA GLU G 197 41.48 -10.78 35.22
C GLU G 197 41.44 -10.82 36.76
N GLU G 198 40.79 -9.83 37.37
CA GLU G 198 40.67 -9.77 38.82
C GLU G 198 39.90 -10.99 39.34
N LEU G 199 38.78 -11.26 38.70
CA LEU G 199 37.93 -12.39 39.07
C LEU G 199 38.60 -13.73 38.76
N ARG G 200 39.44 -13.74 37.71
CA ARG G 200 40.20 -14.94 37.39
C ARG G 200 41.19 -15.18 38.51
N GLN G 201 41.72 -14.08 39.06
CA GLN G 201 42.56 -14.22 40.23
C GLN G 201 41.75 -14.70 41.46
N ALA G 202 40.47 -14.35 41.56
CA ALA G 202 39.66 -14.91 42.65
C ALA G 202 39.59 -16.44 42.50
N TRP G 203 39.25 -16.88 41.28
CA TRP G 203 39.23 -18.31 40.97
C TRP G 203 40.57 -18.95 41.32
N GLU G 204 41.64 -18.26 40.99
CA GLU G 204 43.00 -18.75 41.19
C GLU G 204 43.30 -18.91 42.67
N TYR G 205 42.86 -17.94 43.46
CA TYR G 205 43.05 -17.97 44.90
C TYR G 205 42.37 -19.19 45.47
N TYR G 206 41.12 -19.43 45.05
CA TYR G 206 40.38 -20.52 45.72
C TYR G 206 40.57 -21.94 45.17
N HIS G 207 41.04 -22.05 43.94
CA HIS G 207 41.04 -23.32 43.22
C HIS G 207 42.41 -23.71 42.65
N THR G 208 43.45 -23.03 43.10
CA THR G 208 44.82 -23.40 42.78
C THR G 208 45.66 -23.29 44.06
N PRO G 209 46.90 -23.82 44.02
CA PRO G 209 47.70 -23.75 45.24
C PRO G 209 48.06 -22.33 45.70
N ARG G 210 47.66 -21.30 44.95
CA ARG G 210 47.84 -19.93 45.43
C ARG G 210 47.30 -19.81 46.86
N ALA G 211 46.09 -20.31 47.09
CA ALA G 211 45.57 -20.34 48.46
C ALA G 211 44.50 -21.39 48.76
N GLN G 212 44.28 -22.34 47.86
CA GLN G 212 43.18 -23.30 48.05
C GLN G 212 43.29 -24.02 49.39
N TYR G 213 42.15 -24.22 50.04
CA TYR G 213 42.08 -24.92 51.29
C TYR G 213 40.84 -25.83 51.26
N PRO G 214 40.95 -27.03 51.84
CA PRO G 214 39.89 -28.03 51.68
C PRO G 214 38.57 -27.63 52.31
N THR G 215 38.59 -26.79 53.34
CA THR G 215 37.34 -26.37 54.00
C THR G 215 36.69 -25.18 53.30
N ALA G 216 37.31 -24.74 52.20
CA ALA G 216 36.82 -23.56 51.48
C ALA G 216 36.51 -23.88 50.03
N PRO G 217 35.36 -24.52 49.79
CA PRO G 217 34.96 -24.94 48.43
C PRO G 217 34.70 -23.79 47.47
N GLY G 218 34.36 -22.61 47.97
CA GLY G 218 34.16 -21.47 47.09
C GLY G 218 32.74 -21.35 46.54
N TYR G 219 31.79 -22.02 47.18
CA TYR G 219 30.38 -21.80 46.85
C TYR G 219 29.54 -21.68 48.11
N ALA G 220 28.32 -21.17 47.95
CA ALA G 220 27.39 -20.94 49.05
C ALA G 220 26.10 -21.69 48.72
N THR G 221 25.21 -21.84 49.70
CA THR G 221 23.88 -22.38 49.40
C THR G 221 23.08 -21.34 48.63
N LEU G 222 22.49 -21.74 47.51
CA LEU G 222 21.66 -20.85 46.70
C LEU G 222 20.49 -20.25 47.49
N ARG G 223 19.99 -20.97 48.50
CA ARG G 223 18.84 -20.52 49.30
C ARG G 223 19.13 -19.17 49.99
N SER G 224 20.41 -18.84 50.12
CA SER G 224 20.82 -17.61 50.79
C SER G 224 20.65 -16.39 49.91
N LEU G 225 20.56 -16.65 48.59
CA LEU G 225 20.61 -15.57 47.61
C LEU G 225 19.53 -14.49 47.80
N ASN G 226 18.31 -14.91 48.11
CA ASN G 226 17.24 -13.93 48.24
C ASN G 226 17.51 -13.01 49.43
N GLN G 227 18.11 -13.57 50.48
CA GLN G 227 18.49 -12.74 51.62
C GLN G 227 19.64 -11.84 51.21
N ILE G 228 20.55 -12.38 50.41
CA ILE G 228 21.73 -11.60 50.06
C ILE G 228 21.36 -10.38 49.21
N ILE G 229 20.47 -10.58 48.24
CA ILE G 229 20.12 -9.50 47.31
C ILE G 229 19.49 -8.33 48.07
N THR G 230 18.73 -8.67 49.12
CA THR G 230 17.98 -7.67 49.86
C THR G 230 18.71 -7.25 51.12
N TYR G 231 20.03 -7.46 51.13
CA TYR G 231 20.86 -7.14 52.29
C TYR G 231 21.74 -5.94 51.97
N ASP G 232 22.01 -5.13 52.98
CA ASP G 232 22.94 -4.01 52.86
C ASP G 232 23.81 -4.02 54.10
N ALA G 233 25.11 -4.24 53.92
CA ALA G 233 26.02 -4.40 55.05
C ALA G 233 26.21 -3.09 55.80
N TYR G 234 25.99 -1.97 55.11
CA TYR G 234 26.17 -0.63 55.68
C TYR G 234 24.82 -0.02 56.09
N HIS G 235 23.82 -0.87 56.27
CA HIS G 235 22.48 -0.39 56.64
C HIS G 235 22.52 0.45 57.91
N MET G 236 21.99 1.68 57.83
CA MET G 236 21.98 2.63 58.96
C MET G 236 23.35 3.16 59.39
N ALA G 237 24.35 3.04 58.52
CA ALA G 237 25.69 3.56 58.81
C ALA G 237 25.67 5.08 59.10
N GLU G 238 24.81 5.80 58.39
CA GLU G 238 24.75 7.26 58.54
C GLU G 238 24.33 7.63 59.95
N VAL G 239 23.62 6.72 60.60
CA VAL G 239 23.20 6.91 61.99
C VAL G 239 24.15 6.29 63.01
N TYR G 240 24.44 5.01 62.87
CA TYR G 240 25.12 4.24 63.93
C TYR G 240 26.59 3.88 63.72
N LEU G 241 27.07 3.95 62.48
CA LEU G 241 28.50 3.70 62.28
C LEU G 241 29.28 4.95 62.67
N THR G 242 29.64 5.04 63.94
CA THR G 242 30.29 6.23 64.50
C THR G 242 31.72 5.94 64.96
N GLN G 243 32.06 4.65 65.04
CA GLN G 243 33.38 4.28 65.49
C GLN G 243 34.42 4.70 64.46
N PRO G 244 35.66 4.94 64.90
CA PRO G 244 36.75 5.18 63.95
C PRO G 244 36.79 4.05 62.92
N THR G 245 37.04 4.42 61.66
CA THR G 245 36.96 3.50 60.54
C THR G 245 38.13 3.72 59.60
N GLN G 246 38.97 2.70 59.44
CA GLN G 246 40.10 2.75 58.50
C GLN G 246 39.82 1.89 57.28
N ILE G 247 39.79 2.51 56.11
CA ILE G 247 39.58 1.79 54.87
C ILE G 247 40.88 1.62 54.10
N VAL G 248 41.11 0.40 53.60
CA VAL G 248 42.28 0.10 52.76
C VAL G 248 41.77 -0.50 51.48
N ALA G 249 42.14 0.08 50.34
CA ALA G 249 41.70 -0.45 49.05
C ALA G 249 42.77 -0.21 47.99
N GLY G 250 42.82 -1.07 46.98
CA GLY G 250 43.80 -0.92 45.91
C GLY G 250 43.32 0.04 44.85
N SER G 251 44.25 0.84 44.31
CA SER G 251 43.93 1.82 43.26
C SER G 251 43.29 1.16 42.04
N GLN G 252 43.68 -0.09 41.76
CA GLN G 252 43.18 -0.78 40.58
C GLN G 252 42.04 -1.73 40.93
N ALA G 253 41.56 -1.69 42.17
CA ALA G 253 40.50 -2.62 42.58
C ALA G 253 39.18 -2.35 41.89
N GLY G 254 38.61 -3.38 41.27
CA GLY G 254 37.31 -3.24 40.64
C GLY G 254 36.21 -3.03 41.67
N SER G 255 36.50 -3.40 42.91
CA SER G 255 35.52 -3.35 43.99
C SER G 255 35.58 -2.06 44.80
N LYS G 256 36.43 -1.13 44.36
CA LYS G 256 36.77 0.06 45.14
C LYS G 256 35.54 0.88 45.54
N TRP G 257 34.53 0.90 44.69
CA TRP G 257 33.32 1.69 44.93
C TRP G 257 32.58 1.29 46.21
N MET G 258 32.76 0.06 46.67
CA MET G 258 32.12 -0.34 47.92
C MET G 258 32.89 0.20 49.13
N SER G 259 34.19 0.40 48.96
CA SER G 259 34.98 1.05 50.00
C SER G 259 34.61 2.52 50.01
N ASP G 260 34.48 3.09 48.80
CA ASP G 260 34.00 4.46 48.66
C ASP G 260 32.67 4.64 49.39
N ASP G 261 31.74 3.73 49.13
CA ASP G 261 30.40 3.79 49.70
C ASP G 261 30.46 3.70 51.23
N LEU G 262 31.26 2.77 51.74
CA LEU G 262 31.44 2.69 53.19
C LEU G 262 32.01 3.98 53.78
N TYR G 263 33.05 4.52 53.15
CA TYR G 263 33.65 5.77 53.61
C TYR G 263 32.62 6.91 53.64
N ASP G 264 31.86 7.03 52.56
CA ASP G 264 30.89 8.11 52.38
C ASP G 264 29.69 8.01 53.31
N ARG G 265 29.29 6.79 53.62
CA ARG G 265 28.08 6.60 54.43
C ARG G 265 28.33 6.61 55.93
N ALA G 266 29.53 6.24 56.36
CA ALA G 266 29.83 6.17 57.78
C ALA G 266 29.61 7.53 58.44
N SER G 267 29.06 7.51 59.65
CA SER G 267 28.88 8.74 60.41
C SER G 267 30.18 9.15 61.07
N SER G 268 31.09 8.18 61.23
CA SER G 268 32.35 8.36 61.94
C SER G 268 33.03 9.72 61.73
N GLN G 269 33.41 10.36 62.83
CA GLN G 269 34.21 11.59 62.76
C GLN G 269 35.63 11.27 62.34
N ASP G 270 36.13 10.13 62.78
CA ASP G 270 37.47 9.68 62.41
C ASP G 270 37.32 8.58 61.37
N LYS G 271 37.09 8.97 60.11
CA LYS G 271 37.05 8.03 59.00
C LYS G 271 38.30 8.24 58.14
N ARG G 272 38.99 7.15 57.79
CA ARG G 272 40.27 7.23 57.09
C ARG G 272 40.25 6.30 55.88
N TYR G 273 40.84 6.75 54.77
CA TYR G 273 40.86 5.97 53.54
C TYR G 273 42.29 5.94 53.02
N HIS G 274 42.88 4.75 53.00
CA HIS G 274 44.23 4.58 52.47
C HIS G 274 44.20 3.79 51.16
N ILE G 275 44.75 4.37 50.10
CA ILE G 275 44.85 3.66 48.83
C ILE G 275 46.20 2.94 48.65
N VAL G 276 46.15 1.67 48.29
CA VAL G 276 47.38 0.94 47.94
C VAL G 276 47.61 1.07 46.42
N GLU G 277 48.64 1.81 46.04
CA GLU G 277 48.88 2.06 44.62
C GLU G 277 49.34 0.79 43.91
N GLY G 278 48.74 0.53 42.76
CA GLY G 278 49.13 -0.64 41.97
C GLY G 278 48.28 -1.86 42.23
N ALA G 279 47.67 -1.93 43.42
CA ALA G 279 46.95 -3.13 43.82
C ALA G 279 45.55 -3.24 43.26
N ASN G 280 45.17 -4.44 42.87
CA ASN G 280 43.75 -4.72 42.67
C ASN G 280 43.15 -5.37 43.92
N HIS G 281 41.94 -5.89 43.79
CA HIS G 281 41.21 -6.47 44.90
C HIS G 281 41.95 -7.65 45.51
N MET G 282 42.46 -8.52 44.65
CA MET G 282 43.08 -9.76 45.11
C MET G 282 44.50 -9.56 45.62
N ASP G 283 45.16 -8.51 45.15
CA ASP G 283 46.55 -8.26 45.53
C ASP G 283 46.68 -8.04 47.03
N LEU G 284 45.64 -7.47 47.63
CA LEU G 284 45.68 -7.20 49.07
C LEU G 284 45.50 -8.47 49.91
N TYR G 285 45.07 -9.57 49.29
CA TYR G 285 44.91 -10.83 50.04
C TYR G 285 46.24 -11.43 50.44
N ASP G 286 47.19 -11.45 49.51
CA ASP G 286 48.43 -12.19 49.73
C ASP G 286 49.69 -11.57 49.12
N GLY G 287 49.55 -10.49 48.37
CA GLY G 287 50.72 -9.76 47.89
C GLY G 287 51.58 -9.26 49.04
N LYS G 288 52.79 -9.80 49.17
CA LYS G 288 53.65 -9.57 50.34
C LYS G 288 53.84 -8.09 50.75
N ALA G 289 54.28 -7.28 49.80
CA ALA G 289 54.50 -5.86 50.03
C ALA G 289 53.18 -5.16 50.32
N TYR G 290 52.15 -5.49 49.54
CA TYR G 290 50.83 -4.90 49.69
C TYR G 290 50.22 -5.13 51.10
N VAL G 291 50.35 -6.37 51.57
CA VAL G 291 49.91 -6.74 52.90
C VAL G 291 50.72 -5.99 53.91
N ALA G 292 52.03 -5.89 53.67
CA ALA G 292 52.90 -5.14 54.58
C ALA G 292 52.45 -3.69 54.71
N GLU G 293 52.09 -3.07 53.59
CA GLU G 293 51.60 -1.69 53.56
C GLU G 293 50.27 -1.55 54.31
N ALA G 294 49.37 -2.49 54.05
CA ALA G 294 48.05 -2.50 54.69
C ALA G 294 48.20 -2.60 56.21
N ILE G 295 49.08 -3.47 56.66
CA ILE G 295 49.35 -3.63 58.08
C ILE G 295 50.00 -2.37 58.62
N SER G 296 50.87 -1.75 57.83
CA SER G 296 51.57 -0.54 58.27
C SER G 296 50.60 0.62 58.47
N VAL G 297 49.44 0.54 57.80
CA VAL G 297 48.36 1.50 58.04
C VAL G 297 47.42 1.08 59.19
N LEU G 298 46.98 -0.18 59.18
CA LEU G 298 45.98 -0.66 60.13
C LEU G 298 46.50 -0.78 61.55
N ALA G 299 47.73 -1.23 61.73
CA ALA G 299 48.26 -1.38 63.08
C ALA G 299 48.26 -0.07 63.86
N PRO G 300 48.88 0.99 63.31
CA PRO G 300 48.89 2.23 64.12
C PRO G 300 47.48 2.81 64.27
N PHE G 301 46.61 2.58 63.30
CA PHE G 301 45.22 3.00 63.42
C PHE G 301 44.61 2.38 64.67
N PHE G 302 44.71 1.06 64.81
CA PHE G 302 44.12 0.39 65.96
C PHE G 302 44.86 0.73 67.23
N GLU G 303 46.17 0.95 67.13
CA GLU G 303 46.94 1.30 68.31
C GLU G 303 46.40 2.55 69.00
N GLU G 304 45.99 3.54 68.21
CA GLU G 304 45.49 4.77 68.81
C GLU G 304 43.98 4.78 69.06
N THR G 305 43.23 3.93 68.36
CA THR G 305 41.77 3.87 68.55
C THR G 305 41.28 2.83 69.57
N LEU G 306 42.12 1.86 69.91
CA LEU G 306 41.69 0.80 70.83
C LEU G 306 42.17 0.99 72.28
N MET H 1 -9.67 -31.64 56.74
CA MET H 1 -10.50 -32.04 57.88
C MET H 1 -11.09 -30.81 58.57
N MET H 2 -10.51 -30.40 59.71
CA MET H 2 -10.97 -29.19 60.39
C MET H 2 -9.85 -28.35 61.03
N ASN H 3 -9.38 -28.79 62.20
CA ASN H 3 -8.36 -28.08 62.97
C ASN H 3 -7.18 -29.02 63.27
N ASN H 4 -5.99 -28.68 62.76
CA ASN H 4 -4.90 -29.66 62.74
C ASN H 4 -3.54 -29.22 63.33
N LYS H 5 -3.16 -29.78 64.47
CA LYS H 5 -1.91 -29.44 65.16
C LYS H 5 -0.71 -30.18 64.58
N VAL H 6 0.20 -29.45 63.95
CA VAL H 6 1.36 -30.08 63.32
C VAL H 6 2.70 -29.56 63.86
N SER H 7 3.77 -30.34 63.66
CA SER H 7 5.11 -29.85 63.94
C SER H 7 6.03 -30.29 62.82
N PHE H 8 6.98 -29.45 62.45
CA PHE H 8 7.88 -29.78 61.36
C PHE H 8 9.26 -29.15 61.51
N THR H 9 10.25 -29.73 60.85
CA THR H 9 11.61 -29.20 60.91
C THR H 9 11.69 -27.82 60.27
N ASN H 10 12.32 -26.87 60.96
CA ASN H 10 12.60 -25.57 60.34
C ASN H 10 13.73 -25.71 59.34
N SER H 11 13.43 -25.52 58.06
CA SER H 11 14.44 -25.75 57.02
C SER H 11 15.63 -24.78 57.13
N ASN H 12 15.39 -23.59 57.68
CA ASN H 12 16.46 -22.63 57.89
C ASN H 12 17.44 -23.10 58.96
N ASN H 13 16.92 -23.79 59.96
CA ASN H 13 17.71 -24.28 61.09
C ASN H 13 17.17 -25.64 61.55
N PRO H 14 17.65 -26.72 60.94
CA PRO H 14 17.10 -28.07 61.14
C PRO H 14 17.18 -28.59 62.56
N THR H 15 17.89 -27.90 63.45
CA THR H 15 17.92 -28.34 64.83
C THR H 15 16.63 -27.88 65.52
N ILE H 16 15.90 -27.01 64.86
CA ILE H 16 14.70 -26.42 65.46
C ILE H 16 13.44 -26.96 64.79
N SER H 17 12.50 -27.42 65.59
CA SER H 17 11.20 -27.83 65.07
C SER H 17 10.15 -26.75 65.38
N LEU H 18 9.39 -26.35 64.37
CA LEU H 18 8.32 -25.37 64.54
C LEU H 18 7.01 -26.08 64.83
N SER H 19 6.21 -25.48 65.71
CA SER H 19 4.87 -25.96 66.03
C SER H 19 3.84 -25.05 65.39
N ALA H 20 2.82 -25.64 64.80
CA ALA H 20 1.83 -24.86 64.08
C ALA H 20 0.43 -25.49 64.12
N VAL H 21 -0.55 -24.76 63.64
CA VAL H 21 -1.93 -25.24 63.54
C VAL H 21 -2.44 -24.87 62.17
N ILE H 22 -2.88 -25.88 61.43
CA ILE H 22 -3.49 -25.69 60.11
C ILE H 22 -5.02 -25.61 60.24
N TYR H 23 -5.60 -24.62 59.60
CA TYR H 23 -7.05 -24.48 59.55
C TYR H 23 -7.50 -24.77 58.13
N PHE H 24 -8.51 -25.63 58.02
CA PHE H 24 -9.02 -26.08 56.73
C PHE H 24 -10.33 -25.38 56.41
N PRO H 25 -10.58 -25.10 55.12
CA PRO H 25 -11.82 -24.45 54.67
C PRO H 25 -12.99 -25.45 54.64
N PRO H 26 -14.24 -24.94 54.70
CA PRO H 26 -15.43 -25.80 54.62
C PRO H 26 -15.43 -26.60 53.33
N LYS H 27 -16.00 -27.81 53.36
CA LYS H 27 -15.98 -28.72 52.21
C LYS H 27 -14.55 -29.05 51.78
N PHE H 28 -13.62 -29.10 52.73
CA PHE H 28 -12.22 -29.36 52.39
C PHE H 28 -12.06 -30.66 51.64
N ASP H 29 -11.60 -30.54 50.39
CA ASP H 29 -11.36 -31.69 49.53
C ASP H 29 -9.86 -31.77 49.26
N GLU H 30 -9.21 -32.79 49.84
CA GLU H 30 -7.76 -32.87 49.84
C GLU H 30 -7.13 -33.17 48.48
N THR H 31 -7.95 -33.34 47.43
CA THR H 31 -7.42 -33.52 46.08
C THR H 31 -7.52 -32.21 45.30
N ARG H 32 -8.04 -31.18 45.96
CA ARG H 32 -8.02 -29.83 45.41
C ARG H 32 -6.70 -29.17 45.80
N GLN H 33 -6.33 -28.12 45.08
CA GLN H 33 -5.19 -27.27 45.46
C GLN H 33 -5.70 -25.89 45.86
N TYR H 34 -5.70 -25.62 47.17
CA TYR H 34 -6.31 -24.40 47.69
C TYR H 34 -5.35 -23.22 47.73
N GLN H 35 -5.91 -22.03 47.84
CA GLN H 35 -5.14 -20.84 48.18
C GLN H 35 -4.75 -21.01 49.65
N ALA H 36 -3.58 -20.53 50.03
CA ALA H 36 -3.13 -20.67 51.41
C ALA H 36 -2.55 -19.37 51.97
N ILE H 37 -2.71 -19.16 53.29
CA ILE H 37 -2.25 -17.93 53.94
C ILE H 37 -1.44 -18.24 55.21
N VAL H 38 -0.22 -17.72 55.31
CA VAL H 38 0.55 -17.84 56.55
C VAL H 38 0.24 -16.70 57.52
N LEU H 39 -0.14 -17.07 58.74
CA LEU H 39 -0.42 -16.13 59.82
C LEU H 39 0.76 -15.99 60.79
N SER H 40 1.37 -14.81 60.83
CA SER H 40 2.43 -14.52 61.81
C SER H 40 1.88 -13.75 63.01
N HIS H 41 2.39 -14.06 64.20
CA HIS H 41 1.82 -13.52 65.44
C HIS H 41 2.51 -12.23 65.93
N PRO H 42 1.86 -11.48 66.85
CA PRO H 42 2.46 -10.30 67.47
C PRO H 42 3.78 -10.56 68.19
N GLY H 43 4.49 -9.49 68.53
CA GLY H 43 5.70 -9.61 69.32
C GLY H 43 5.32 -10.17 70.67
N GLY H 44 5.83 -11.37 70.98
CA GLY H 44 5.57 -12.01 72.26
C GLY H 44 4.27 -12.80 72.28
N GLY H 45 3.60 -12.86 71.13
CA GLY H 45 2.38 -13.65 71.02
C GLY H 45 2.63 -15.06 70.50
N VAL H 46 1.57 -15.87 70.49
CA VAL H 46 1.65 -17.25 70.02
C VAL H 46 0.47 -17.56 69.11
N LYS H 47 0.49 -18.74 68.49
CA LYS H 47 -0.55 -19.11 67.52
C LYS H 47 -1.94 -19.29 68.15
N GLU H 48 -2.01 -19.60 69.45
CA GLU H 48 -3.31 -19.77 70.10
C GLU H 48 -4.05 -18.45 70.33
N GLN H 49 -3.33 -17.34 70.18
CA GLN H 49 -3.93 -16.03 70.44
C GLN H 49 -4.55 -15.44 69.18
N THR H 50 -4.46 -14.13 69.03
CA THR H 50 -5.13 -13.43 67.92
C THR H 50 -4.78 -13.98 66.52
N ALA H 51 -3.56 -14.46 66.35
CA ALA H 51 -3.14 -14.99 65.05
C ALA H 51 -3.98 -16.23 64.70
N GLY H 52 -4.24 -17.06 65.71
CA GLY H 52 -5.12 -18.21 65.52
C GLY H 52 -6.55 -17.80 65.20
N THR H 53 -7.01 -16.72 65.81
CA THR H 53 -8.34 -16.21 65.53
C THR H 53 -8.43 -15.85 64.07
N TYR H 54 -7.48 -15.04 63.61
CA TYR H 54 -7.50 -14.63 62.22
C TYR H 54 -7.35 -15.80 61.25
N ALA H 55 -6.53 -16.79 61.61
CA ALA H 55 -6.33 -17.96 60.76
C ALA H 55 -7.63 -18.75 60.62
N LYS H 56 -8.27 -18.98 61.75
CA LYS H 56 -9.57 -19.65 61.80
C LYS H 56 -10.61 -18.94 60.92
N LYS H 57 -10.83 -17.66 61.19
CA LYS H 57 -11.88 -16.94 60.49
C LYS H 57 -11.56 -16.79 59.01
N LEU H 58 -10.26 -16.80 58.68
CA LEU H 58 -9.87 -16.75 57.28
C LEU H 58 -10.13 -18.08 56.57
N ALA H 59 -9.85 -19.19 57.27
CA ALA H 59 -10.14 -20.50 56.70
C ALA H 59 -11.64 -20.65 56.48
N GLU H 60 -12.44 -20.06 57.38
CA GLU H 60 -13.89 -20.02 57.18
C GLU H 60 -14.28 -19.49 55.79
N LYS H 61 -13.44 -18.61 55.24
CA LYS H 61 -13.74 -17.97 53.96
C LYS H 61 -13.08 -18.66 52.77
N GLY H 62 -12.74 -19.94 52.92
CA GLY H 62 -12.28 -20.73 51.79
C GLY H 62 -10.78 -20.91 51.63
N PHE H 63 -10.00 -20.52 52.64
CA PHE H 63 -8.54 -20.69 52.54
C PHE H 63 -8.04 -21.82 53.43
N VAL H 64 -6.90 -22.37 53.06
CA VAL H 64 -6.09 -23.17 53.97
C VAL H 64 -5.21 -22.14 54.66
N THR H 65 -5.24 -22.12 55.99
CA THR H 65 -4.43 -21.13 56.69
C THR H 65 -3.57 -21.83 57.70
N ILE H 66 -2.46 -21.22 58.09
CA ILE H 66 -1.62 -21.84 59.10
C ILE H 66 -1.08 -20.79 60.06
N ALA H 67 -1.30 -21.03 61.35
CA ALA H 67 -0.74 -20.15 62.37
C ALA H 67 0.37 -20.91 63.07
N TYR H 68 1.59 -20.38 63.04
CA TYR H 68 2.76 -21.07 63.59
C TYR H 68 3.33 -20.30 64.79
N ASP H 69 4.02 -20.99 65.69
CA ASP H 69 4.84 -20.33 66.69
C ASP H 69 6.26 -20.03 66.16
N ALA H 70 6.72 -18.79 66.30
CA ALA H 70 8.07 -18.39 65.86
C ALA H 70 9.16 -19.27 66.49
N SER H 71 10.30 -19.42 65.80
CA SER H 71 11.46 -20.07 66.42
C SER H 71 11.71 -19.47 67.79
N TYR H 72 12.12 -20.33 68.74
CA TYR H 72 12.44 -19.92 70.11
C TYR H 72 11.22 -19.47 70.92
N GLN H 73 10.02 -19.61 70.36
CA GLN H 73 8.84 -19.07 71.02
C GLN H 73 7.68 -20.05 70.98
N GLY H 74 6.65 -19.79 71.80
CA GLY H 74 5.46 -20.63 71.81
C GLY H 74 5.82 -22.07 72.10
N GLU H 75 5.34 -22.98 71.25
CA GLU H 75 5.68 -24.40 71.39
C GLU H 75 6.76 -24.84 70.40
N SER H 76 7.29 -23.90 69.62
CA SER H 76 8.38 -24.24 68.71
C SER H 76 9.66 -24.42 69.51
N GLY H 77 10.67 -25.05 68.91
CA GLY H 77 11.91 -25.30 69.63
C GLY H 77 12.87 -24.13 69.48
N GLY H 78 14.09 -24.30 69.99
CA GLY H 78 15.07 -23.24 69.97
C GLY H 78 15.42 -22.76 71.35
N GLU H 79 16.72 -22.58 71.59
CA GLU H 79 17.22 -21.98 72.81
C GLU H 79 18.21 -20.90 72.36
N PRO H 80 18.20 -19.74 73.03
CA PRO H 80 17.43 -19.42 74.23
C PRO H 80 15.96 -19.08 73.94
N ARG H 81 15.09 -19.36 74.91
CA ARG H 81 13.67 -19.08 74.75
C ARG H 81 13.43 -17.57 74.69
N GLN H 82 12.46 -17.19 73.87
CA GLN H 82 11.99 -15.80 73.71
C GLN H 82 13.01 -14.92 72.99
N LEU H 83 13.91 -15.55 72.23
CA LEU H 83 14.81 -14.80 71.36
C LEU H 83 13.96 -14.02 70.38
N GLU H 84 14.25 -12.71 70.22
CA GLU H 84 13.56 -11.91 69.21
C GLU H 84 14.57 -11.40 68.17
N ASN H 85 15.12 -12.33 67.41
CA ASN H 85 15.98 -11.99 66.28
C ASN H 85 15.08 -11.70 65.07
N PRO H 86 15.02 -10.43 64.65
CA PRO H 86 14.03 -10.07 63.62
C PRO H 86 14.30 -10.75 62.27
N TYR H 87 15.56 -11.07 61.99
CA TYR H 87 15.93 -11.75 60.74
C TYR H 87 15.47 -13.20 60.77
N ILE H 88 15.49 -13.77 61.97
CA ILE H 88 14.99 -15.12 62.16
C ILE H 88 13.45 -15.11 62.17
N ARG H 89 12.86 -14.15 62.87
CA ARG H 89 11.40 -13.98 62.81
C ARG H 89 10.90 -13.85 61.38
N THR H 90 11.65 -13.14 60.55
CA THR H 90 11.30 -13.02 59.13
C THR H 90 11.52 -14.31 58.35
N GLU H 91 12.67 -14.98 58.52
CA GLU H 91 12.94 -16.22 57.78
C GLU H 91 12.00 -17.39 58.15
N ASP H 92 11.50 -17.38 59.38
CA ASP H 92 10.56 -18.38 59.88
C ASP H 92 9.41 -18.54 58.88
N ILE H 93 8.97 -17.43 58.32
CA ILE H 93 7.83 -17.42 57.42
C ILE H 93 8.17 -18.27 56.21
N SER H 94 9.42 -18.15 55.76
CA SER H 94 9.88 -18.93 54.61
C SER H 94 9.97 -20.41 54.98
N ALA H 95 10.33 -20.69 56.22
CA ALA H 95 10.32 -22.10 56.66
C ALA H 95 8.89 -22.67 56.63
N VAL H 96 7.92 -21.85 57.05
CA VAL H 96 6.51 -22.25 57.02
C VAL H 96 6.02 -22.49 55.58
N ILE H 97 6.35 -21.57 54.68
CA ILE H 97 6.05 -21.74 53.27
C ILE H 97 6.64 -23.04 52.73
N ASP H 98 7.92 -23.29 53.07
CA ASP H 98 8.59 -24.53 52.72
C ASP H 98 7.76 -25.73 53.14
N TYR H 99 7.30 -25.75 54.38
CA TYR H 99 6.40 -26.81 54.84
C TYR H 99 5.12 -26.89 53.99
N LEU H 100 4.53 -25.74 53.67
CA LEU H 100 3.31 -25.74 52.85
C LEU H 100 3.51 -26.41 51.49
N THR H 101 4.63 -26.12 50.84
CA THR H 101 4.91 -26.68 49.52
C THR H 101 4.96 -28.21 49.53
N THR H 102 5.07 -28.79 50.73
CA THR H 102 5.09 -30.25 50.86
C THR H 102 3.69 -30.81 51.03
N LEU H 103 2.70 -29.92 51.07
CA LEU H 103 1.31 -30.35 51.21
C LEU H 103 0.63 -30.33 49.84
N SER H 104 0.14 -31.47 49.40
CA SER H 104 -0.42 -31.60 48.05
C SER H 104 -1.67 -30.76 47.86
N TYR H 105 -2.37 -30.48 48.96
CA TYR H 105 -3.59 -29.67 48.87
C TYR H 105 -3.34 -28.16 48.87
N VAL H 106 -2.07 -27.76 48.83
CA VAL H 106 -1.72 -26.34 48.74
C VAL H 106 -1.18 -26.01 47.35
N ASP H 107 -1.64 -24.90 46.77
CA ASP H 107 -1.09 -24.43 45.50
C ASP H 107 0.11 -23.50 45.77
N ASN H 108 1.31 -23.96 45.41
CA ASN H 108 2.55 -23.19 45.61
C ASN H 108 2.49 -21.79 45.00
N THR H 109 1.61 -21.62 44.02
CA THR H 109 1.52 -20.37 43.29
C THR H 109 0.44 -19.48 43.86
N ARG H 110 -0.22 -19.94 44.93
CA ARG H 110 -1.28 -19.15 45.55
C ARG H 110 -1.14 -19.10 47.06
N ILE H 111 0.02 -18.60 47.50
CA ILE H 111 0.33 -18.43 48.91
C ILE H 111 0.47 -16.96 49.26
N GLY H 112 -0.18 -16.56 50.31
CA GLY H 112 -0.12 -15.20 50.76
C GLY H 112 0.28 -15.18 52.21
N ALA H 113 0.41 -14.00 52.79
CA ALA H 113 0.73 -13.90 54.16
C ALA H 113 0.13 -12.69 54.87
N MET H 114 -0.14 -12.85 56.14
CA MET H 114 -0.61 -11.76 56.93
C MET H 114 -0.05 -11.82 58.34
N GLY H 115 0.07 -10.67 58.95
CA GLY H 115 0.52 -10.66 60.33
C GLY H 115 -0.21 -9.61 61.14
N ILE H 116 -0.08 -9.73 62.45
CA ILE H 116 -0.66 -8.77 63.38
C ILE H 116 0.49 -8.26 64.24
N CYS H 117 0.48 -6.95 64.49
CA CYS H 117 1.51 -6.32 65.32
C CYS H 117 2.86 -6.56 64.66
N ALA H 118 3.87 -6.96 65.43
CA ALA H 118 5.20 -7.16 64.88
C ALA H 118 5.19 -8.18 63.75
N GLY H 119 4.34 -9.20 63.88
CA GLY H 119 4.19 -10.21 62.84
C GLY H 119 3.84 -9.65 61.47
N ALA H 120 3.19 -8.49 61.45
CA ALA H 120 2.88 -7.82 60.19
C ALA H 120 4.16 -7.31 59.55
N GLY H 121 4.99 -6.67 60.37
CA GLY H 121 6.25 -6.14 59.91
C GLY H 121 7.08 -7.27 59.32
N TYR H 122 7.20 -8.36 60.08
CA TYR H 122 7.94 -9.52 59.57
C TYR H 122 7.32 -9.96 58.27
N THR H 123 5.98 -9.97 58.22
CA THR H 123 5.30 -10.41 57.00
C THR H 123 5.77 -9.55 55.82
N ALA H 124 5.83 -8.24 56.05
CA ALA H 124 6.22 -7.35 54.97
C ALA H 124 7.64 -7.72 54.56
N ASN H 125 8.52 -7.88 55.55
CA ASN H 125 9.91 -8.16 55.25
C ASN H 125 9.97 -9.44 54.46
N ALA H 126 9.11 -10.39 54.85
CA ALA H 126 9.17 -11.70 54.21
C ALA H 126 8.81 -11.55 52.72
N ALA H 127 7.82 -10.72 52.43
CA ALA H 127 7.36 -10.60 51.05
C ALA H 127 8.45 -9.92 50.24
N ILE H 128 9.27 -9.13 50.93
CA ILE H 128 10.33 -8.43 50.23
C ILE H 128 11.34 -9.47 49.75
N GLN H 129 11.59 -10.49 50.58
CA GLN H 129 12.69 -11.41 50.24
C GLN H 129 12.24 -12.77 49.72
N ASP H 130 10.97 -13.12 49.93
CA ASP H 130 10.48 -14.43 49.52
C ASP H 130 9.40 -14.25 48.46
N ARG H 131 9.80 -14.40 47.21
CA ARG H 131 8.89 -14.10 46.08
C ARG H 131 7.76 -15.11 45.94
N ARG H 132 7.75 -16.12 46.82
CA ARG H 132 6.64 -17.08 46.86
C ARG H 132 5.44 -16.47 47.58
N ILE H 133 5.66 -15.37 48.29
CA ILE H 133 4.53 -14.65 48.87
C ILE H 133 3.91 -13.79 47.78
N LYS H 134 2.62 -14.00 47.52
N LYS H 134 2.63 -13.99 47.52
CA LYS H 134 1.94 -13.37 46.39
CA LYS H 134 2.00 -13.31 46.39
C LYS H 134 1.15 -12.13 46.79
C LYS H 134 1.16 -12.09 46.80
N ALA H 135 0.68 -12.10 48.03
CA ALA H 135 -0.10 -10.99 48.54
C ALA H 135 0.07 -10.93 50.04
N ILE H 136 0.05 -9.72 50.60
CA ILE H 136 0.16 -9.61 52.06
C ILE H 136 -0.94 -8.74 52.66
N GLY H 137 -1.31 -9.04 53.91
CA GLY H 137 -2.23 -8.20 54.66
C GLY H 137 -1.65 -7.89 56.02
N THR H 138 -2.00 -6.73 56.58
CA THR H 138 -1.52 -6.37 57.92
C THR H 138 -2.67 -5.93 58.82
N VAL H 139 -2.60 -6.28 60.09
CA VAL H 139 -3.57 -5.84 61.09
C VAL H 139 -2.82 -5.25 62.27
N SER H 140 -3.07 -3.97 62.58
CA SER H 140 -2.32 -3.25 63.62
C SER H 140 -0.80 -3.43 63.42
N ALA H 141 -0.34 -3.16 62.22
CA ALA H 141 1.05 -3.40 61.84
C ALA H 141 2.05 -2.73 62.77
N VAL H 142 3.05 -3.50 63.19
CA VAL H 142 4.22 -2.97 63.89
C VAL H 142 5.52 -3.35 63.13
N ASN H 143 6.32 -2.35 62.80
CA ASN H 143 7.70 -2.54 62.34
C ASN H 143 8.50 -2.49 63.63
N ILE H 144 8.89 -3.65 64.14
CA ILE H 144 9.46 -3.74 65.49
C ILE H 144 10.68 -2.83 65.66
N GLY H 145 11.42 -2.65 64.57
CA GLY H 145 12.57 -1.77 64.57
C GLY H 145 12.11 -0.36 64.85
N SER H 146 11.12 0.09 64.09
CA SER H 146 10.61 1.44 64.24
C SER H 146 10.14 1.68 65.66
N ILE H 147 9.33 0.75 66.17
CA ILE H 147 8.75 0.95 67.48
C ILE H 147 9.79 0.96 68.60
N PHE H 148 10.85 0.17 68.48
CA PHE H 148 11.85 0.18 69.55
C PHE H 148 12.83 1.34 69.45
N ARG H 149 13.22 1.66 68.22
CA ARG H 149 14.20 2.73 67.94
C ARG H 149 13.56 4.11 68.04
N ASN H 150 12.41 4.28 67.40
CA ASN H 150 11.79 5.59 67.30
C ASN H 150 10.65 5.79 68.29
N GLY H 151 10.33 4.73 69.02
CA GLY H 151 9.39 4.84 70.12
C GLY H 151 7.97 4.57 69.68
N TRP H 152 7.13 4.23 70.65
CA TRP H 152 5.73 3.92 70.39
C TRP H 152 5.04 5.03 69.62
N GLU H 153 5.45 6.27 69.88
CA GLU H 153 4.82 7.43 69.24
C GLU H 153 5.58 8.00 68.04
N ASN H 154 6.68 7.35 67.66
CA ASN H 154 7.59 7.89 66.64
C ASN H 154 8.18 9.23 67.08
N ASN H 155 8.55 9.32 68.35
CA ASN H 155 9.06 10.57 68.91
C ASN H 155 10.52 10.55 69.34
N VAL H 156 11.22 9.44 69.11
CA VAL H 156 12.62 9.34 69.50
C VAL H 156 13.49 9.36 68.23
N LYS H 157 14.50 10.23 68.21
CA LYS H 157 15.35 10.35 67.04
C LYS H 157 16.28 9.13 67.00
N SER H 158 16.50 8.56 65.82
CA SER H 158 17.25 7.30 65.71
C SER H 158 18.54 7.27 66.50
N ILE H 159 19.38 8.29 66.34
CA ILE H 159 20.65 8.30 67.05
C ILE H 159 20.44 8.25 68.57
N ASP H 160 19.32 8.81 69.05
CA ASP H 160 19.08 8.86 70.48
C ASP H 160 18.74 7.48 71.05
N ALA H 161 18.45 6.53 70.16
CA ALA H 161 18.24 5.15 70.57
C ALA H 161 19.56 4.38 70.73
N LEU H 162 20.69 5.03 70.47
CA LEU H 162 21.99 4.34 70.63
C LEU H 162 22.16 3.56 71.94
N PRO H 163 21.78 4.16 73.10
CA PRO H 163 21.93 3.39 74.33
C PRO H 163 21.20 2.05 74.36
N TYR H 164 20.11 1.92 73.61
CA TYR H 164 19.44 0.62 73.50
C TYR H 164 20.26 -0.38 72.68
N VAL H 165 20.97 0.09 71.65
CA VAL H 165 21.94 -0.77 70.96
C VAL H 165 23.02 -1.23 71.92
N GLU H 166 23.48 -0.30 72.77
CA GLU H 166 24.52 -0.65 73.74
C GLU H 166 24.03 -1.65 74.76
N ALA H 167 22.76 -1.56 75.13
CA ALA H 167 22.21 -2.44 76.16
C ALA H 167 22.11 -3.86 75.62
N GLY H 168 21.66 -4.01 74.37
CA GLY H 168 21.65 -5.33 73.76
C GLY H 168 23.07 -5.88 73.60
N SER H 169 24.02 -5.00 73.34
CA SER H 169 25.40 -5.42 73.14
C SER H 169 26.01 -5.90 74.46
N ASN H 170 25.78 -5.14 75.52
CA ASN H 170 26.33 -5.49 76.83
C ASN H 170 25.62 -6.73 77.41
N ALA H 171 24.36 -6.91 77.04
CA ALA H 171 23.60 -8.10 77.43
C ALA H 171 24.30 -9.38 76.97
N ARG H 172 24.90 -9.33 75.78
CA ARG H 172 25.63 -10.48 75.28
C ARG H 172 26.82 -10.79 76.17
N THR H 173 27.48 -9.74 76.67
CA THR H 173 28.60 -9.94 77.60
C THR H 173 28.08 -10.54 78.88
N SER H 174 27.02 -9.97 79.43
CA SER H 174 26.50 -10.48 80.70
C SER H 174 25.89 -11.88 80.54
N ASP H 175 25.30 -12.18 79.38
CA ASP H 175 24.75 -13.52 79.13
C ASP H 175 25.85 -14.61 79.18
N ILE H 176 26.97 -14.38 78.51
CA ILE H 176 28.02 -15.40 78.44
C ILE H 176 28.69 -15.55 79.80
N SER H 177 28.74 -14.45 80.54
CA SER H 177 29.37 -14.45 81.86
C SER H 177 28.54 -15.21 82.89
N SER H 178 27.22 -15.13 82.77
CA SER H 178 26.32 -15.70 83.78
C SER H 178 25.68 -17.02 83.39
N GLY H 179 25.75 -17.39 82.11
CA GLY H 179 25.12 -18.61 81.63
C GLY H 179 23.61 -18.50 81.47
N GLU H 180 23.05 -17.38 81.93
CA GLU H 180 21.62 -17.11 81.75
C GLU H 180 21.41 -16.01 80.72
N TYR H 181 20.15 -15.60 80.57
CA TYR H 181 19.79 -14.61 79.56
C TYR H 181 18.98 -13.48 80.16
N ALA H 182 19.54 -12.28 80.12
CA ALA H 182 18.81 -11.08 80.52
C ALA H 182 17.58 -10.93 79.62
N ILE H 183 16.51 -10.35 80.14
CA ILE H 183 15.26 -10.19 79.40
C ILE H 183 14.80 -8.74 79.38
N MET H 184 13.87 -8.44 78.49
CA MET H 184 13.24 -7.12 78.39
C MET H 184 11.76 -7.31 78.07
N PRO H 185 10.90 -6.39 78.52
CA PRO H 185 9.48 -6.62 78.24
C PRO H 185 9.16 -6.37 76.78
N LEU H 186 8.06 -6.96 76.32
CA LEU H 186 7.48 -6.58 75.03
C LEU H 186 6.26 -5.70 75.34
N ALA H 187 5.10 -6.32 75.51
CA ALA H 187 4.00 -5.63 76.18
C ALA H 187 4.45 -5.37 77.62
N PRO H 188 3.88 -4.36 78.29
CA PRO H 188 4.24 -4.11 79.69
C PRO H 188 4.02 -5.37 80.53
N MET H 189 4.95 -5.68 81.44
CA MET H 189 4.88 -6.89 82.25
C MET H 189 3.94 -6.69 83.43
N LYS H 190 3.75 -5.44 83.83
CA LYS H 190 2.83 -5.11 84.90
C LYS H 190 1.93 -3.96 84.46
N GLU H 191 0.67 -3.98 84.90
CA GLU H 191 -0.29 -2.96 84.54
C GLU H 191 0.25 -1.57 84.85
N SER H 192 0.93 -1.44 85.99
CA SER H 192 1.45 -0.15 86.42
C SER H 192 2.56 0.38 85.53
N ASP H 193 3.20 -0.52 84.77
CA ASP H 193 4.30 -0.13 83.88
C ASP H 193 3.82 0.59 82.63
N ALA H 194 2.54 0.47 82.31
CA ALA H 194 2.02 0.98 81.03
C ALA H 194 1.92 2.50 81.00
N PRO H 195 2.58 3.13 80.02
CA PRO H 195 2.55 4.58 79.80
C PRO H 195 1.15 5.09 79.49
N ASN H 196 0.40 4.33 78.69
CA ASN H 196 -0.94 4.76 78.28
C ASN H 196 -1.95 3.61 78.25
N GLU H 197 -3.19 3.95 77.89
CA GLU H 197 -4.31 2.99 77.93
C GLU H 197 -4.19 1.84 76.92
N GLU H 198 -3.70 2.15 75.73
CA GLU H 198 -3.50 1.15 74.70
C GLU H 198 -2.51 0.09 75.17
N LEU H 199 -1.37 0.55 75.69
CA LEU H 199 -0.35 -0.36 76.19
C LEU H 199 -0.83 -1.10 77.44
N ARG H 200 -1.71 -0.45 78.20
CA ARG H 200 -2.30 -1.11 79.37
C ARG H 200 -3.17 -2.25 78.89
N GLN H 201 -3.83 -2.05 77.76
CA GLN H 201 -4.64 -3.09 77.16
C GLN H 201 -3.78 -4.20 76.57
N ALA H 202 -2.60 -3.86 76.06
CA ALA H 202 -1.62 -4.89 75.70
C ALA H 202 -1.26 -5.75 76.93
N TRP H 203 -0.93 -5.09 78.04
CA TRP H 203 -0.65 -5.81 79.28
C TRP H 203 -1.81 -6.71 79.66
N GLU H 204 -3.02 -6.19 79.49
CA GLU H 204 -4.22 -6.91 79.89
C GLU H 204 -4.36 -8.15 79.03
N TYR H 205 -4.09 -7.97 77.73
CA TYR H 205 -4.17 -9.07 76.78
C TYR H 205 -3.22 -10.18 77.16
N TYR H 206 -1.96 -9.83 77.42
CA TYR H 206 -0.99 -10.89 77.70
C TYR H 206 -0.95 -11.42 79.12
N HIS H 207 -1.55 -10.70 80.06
CA HIS H 207 -1.33 -11.06 81.48
C HIS H 207 -2.59 -11.16 82.34
N THR H 208 -3.75 -11.24 81.69
CA THR H 208 -5.01 -11.55 82.38
C THR H 208 -5.75 -12.59 81.52
N PRO H 209 -6.85 -13.18 82.06
CA PRO H 209 -7.62 -14.18 81.30
C PRO H 209 -8.17 -13.71 79.97
N ARG H 210 -8.04 -12.43 79.66
CA ARG H 210 -8.46 -11.90 78.37
C ARG H 210 -7.83 -12.66 77.19
N ALA H 211 -6.55 -13.00 77.30
CA ALA H 211 -5.90 -13.84 76.29
C ALA H 211 -4.57 -14.44 76.73
N GLN H 212 -4.27 -14.42 78.02
CA GLN H 212 -2.97 -14.91 78.45
C GLN H 212 -2.84 -16.39 78.12
N TYR H 213 -1.63 -16.80 77.73
CA TYR H 213 -1.34 -18.20 77.40
C TYR H 213 0.05 -18.52 77.94
N PRO H 214 0.19 -19.71 78.55
CA PRO H 214 1.38 -20.00 79.34
C PRO H 214 2.66 -20.11 78.50
N THR H 215 2.54 -20.22 77.19
CA THR H 215 3.72 -20.26 76.33
C THR H 215 4.05 -18.88 75.76
N ALA H 216 3.32 -17.87 76.24
CA ALA H 216 3.55 -16.48 75.84
C ALA H 216 3.85 -15.63 77.07
N PRO H 217 5.07 -15.71 77.60
CA PRO H 217 5.39 -15.00 78.84
C PRO H 217 5.49 -13.49 78.68
N GLY H 218 5.61 -13.01 77.44
CA GLY H 218 5.52 -11.58 77.15
C GLY H 218 6.81 -10.81 77.30
N TYR H 219 7.94 -11.52 77.35
CA TYR H 219 9.24 -10.88 77.36
C TYR H 219 10.12 -11.46 76.25
N ALA H 220 11.20 -10.76 75.92
CA ALA H 220 12.18 -11.24 74.95
C ALA H 220 13.56 -11.23 75.60
N THR H 221 14.53 -11.89 74.96
CA THR H 221 15.89 -11.82 75.44
C THR H 221 16.46 -10.45 75.10
N LEU H 222 17.02 -9.78 76.11
CA LEU H 222 17.58 -8.45 75.94
C LEU H 222 18.67 -8.43 74.87
N ARG H 223 19.32 -9.57 74.63
CA ARG H 223 20.42 -9.64 73.68
C ARG H 223 19.93 -9.29 72.27
N SER H 224 18.64 -9.45 72.04
CA SER H 224 18.09 -9.19 70.71
C SER H 224 17.97 -7.70 70.44
N LEU H 225 18.00 -6.90 71.50
CA LEU H 225 17.69 -5.48 71.38
C LEU H 225 18.58 -4.74 70.36
N ASN H 226 19.87 -5.05 70.35
CA ASN H 226 20.76 -4.36 69.42
C ASN H 226 20.41 -4.67 67.97
N GLN H 227 19.97 -5.89 67.70
CA GLN H 227 19.53 -6.19 66.35
C GLN H 227 18.20 -5.51 66.06
N ILE H 228 17.38 -5.38 67.09
CA ILE H 228 16.06 -4.81 66.88
C ILE H 228 16.16 -3.32 66.57
N ILE H 229 16.96 -2.60 67.34
CA ILE H 229 17.10 -1.17 67.14
C ILE H 229 17.58 -0.86 65.72
N THR H 230 18.49 -1.68 65.21
CA THR H 230 19.07 -1.41 63.90
C THR H 230 18.34 -2.14 62.77
N TYR H 231 17.11 -2.54 63.03
CA TYR H 231 16.29 -3.28 62.07
C TYR H 231 15.20 -2.41 61.44
N ASP H 232 14.88 -2.68 60.18
CA ASP H 232 13.77 -2.02 59.49
C ASP H 232 12.98 -3.07 58.73
N ALA H 233 11.77 -3.35 59.19
CA ALA H 233 10.97 -4.42 58.60
C ALA H 233 10.61 -4.12 57.14
N TYR H 234 10.65 -2.84 56.76
CA TYR H 234 10.23 -2.43 55.42
C TYR H 234 11.43 -2.12 54.55
N HIS H 235 12.60 -2.59 54.98
CA HIS H 235 13.85 -2.35 54.27
C HIS H 235 13.76 -2.76 52.80
N MET H 236 14.01 -1.79 51.90
CA MET H 236 13.93 -1.98 50.44
C MET H 236 12.52 -2.20 49.87
N ALA H 237 11.50 -1.84 50.65
CA ALA H 237 10.11 -1.90 50.20
C ALA H 237 9.90 -1.10 48.91
N GLU H 238 10.52 0.08 48.81
CA GLU H 238 10.39 0.94 47.63
C GLU H 238 10.82 0.23 46.36
N VAL H 239 11.71 -0.75 46.49
CA VAL H 239 12.19 -1.49 45.34
C VAL H 239 11.46 -2.83 45.17
N TYR H 240 11.36 -3.60 46.27
CA TYR H 240 10.95 -5.01 46.16
C TYR H 240 9.55 -5.38 46.66
N LEU H 241 8.94 -4.52 47.46
CA LEU H 241 7.59 -4.82 47.91
C LEU H 241 6.63 -4.37 46.82
N THR H 242 6.35 -5.29 45.90
CA THR H 242 5.52 -5.01 44.73
C THR H 242 4.18 -5.76 44.80
N GLN H 243 4.13 -6.80 45.63
CA GLN H 243 2.94 -7.61 45.77
C GLN H 243 1.76 -6.78 46.26
N PRO H 244 0.53 -7.20 45.90
CA PRO H 244 -0.64 -6.50 46.45
C PRO H 244 -0.67 -6.56 47.98
N THR H 245 -0.91 -5.40 48.57
CA THR H 245 -0.85 -5.22 50.01
C THR H 245 -2.15 -4.62 50.54
N GLN H 246 -2.75 -5.30 51.50
CA GLN H 246 -3.95 -4.82 52.18
C GLN H 246 -3.62 -4.45 53.61
N ILE H 247 -3.59 -3.15 53.90
CA ILE H 247 -3.34 -2.71 55.27
C ILE H 247 -4.64 -2.41 56.00
N VAL H 248 -4.72 -2.85 57.27
CA VAL H 248 -5.89 -2.66 58.13
C VAL H 248 -5.46 -2.12 59.49
N ALA H 249 -6.05 -1.01 59.92
CA ALA H 249 -5.62 -0.35 61.15
C ALA H 249 -6.75 0.46 61.80
N GLY H 250 -6.74 0.52 63.13
CA GLY H 250 -7.76 1.29 63.84
C GLY H 250 -7.53 2.79 63.77
N SER H 251 -8.62 3.57 63.68
CA SER H 251 -8.51 5.02 63.61
C SER H 251 -7.87 5.59 64.88
N GLN H 252 -8.01 4.84 65.99
CA GLN H 252 -7.50 5.28 67.28
C GLN H 252 -6.15 4.67 67.65
N ALA H 253 -5.59 3.85 66.77
CA ALA H 253 -4.35 3.12 67.06
C ALA H 253 -3.14 4.03 67.17
N GLY H 254 -2.47 4.00 68.33
CA GLY H 254 -1.22 4.73 68.49
C GLY H 254 -0.11 4.24 67.54
N SER H 255 -0.36 3.12 66.88
CA SER H 255 0.63 2.48 66.02
C SER H 255 0.38 2.74 64.54
N LYS H 256 -0.68 3.48 64.23
CA LYS H 256 -1.13 3.66 62.84
C LYS H 256 -0.02 4.18 61.91
N TRP H 257 0.82 5.06 62.43
CA TRP H 257 1.94 5.60 61.67
C TRP H 257 2.82 4.54 61.00
N MET H 258 2.94 3.35 61.59
CA MET H 258 3.72 2.28 60.98
C MET H 258 3.01 1.65 59.78
N SER H 259 1.68 1.67 59.82
CA SER H 259 0.85 1.28 58.68
C SER H 259 0.94 2.34 57.58
N ASP H 260 0.93 3.61 57.97
CA ASP H 260 1.07 4.68 56.98
C ASP H 260 2.43 4.56 56.30
N ASP H 261 3.44 4.27 57.10
CA ASP H 261 4.82 4.13 56.61
C ASP H 261 4.86 2.97 55.61
N LEU H 262 4.26 1.84 56.01
CA LEU H 262 4.23 0.68 55.11
C LEU H 262 3.53 1.02 53.78
N TYR H 263 2.39 1.70 53.86
CA TYR H 263 1.62 2.05 52.67
C TYR H 263 2.43 2.97 51.76
N ASP H 264 3.03 3.99 52.35
CA ASP H 264 3.78 4.98 51.57
C ASP H 264 5.02 4.39 50.90
N ARG H 265 5.70 3.49 51.59
CA ARG H 265 6.97 2.95 51.07
C ARG H 265 6.80 1.81 50.05
N ALA H 266 5.70 1.08 50.14
CA ALA H 266 5.48 -0.05 49.23
C ALA H 266 5.44 0.34 47.75
N SER H 267 6.24 -0.35 46.94
CA SER H 267 6.23 -0.14 45.49
C SER H 267 4.91 -0.57 44.88
N SER H 268 4.21 -1.46 45.59
CA SER H 268 2.98 -2.12 45.11
C SER H 268 2.03 -1.22 44.31
N GLN H 269 1.73 -1.64 43.09
CA GLN H 269 0.77 -0.96 42.25
C GLN H 269 -0.60 -1.06 42.90
N ASP H 270 -0.83 -2.20 43.54
CA ASP H 270 -2.07 -2.47 44.22
C ASP H 270 -1.89 -2.47 45.73
N LYS H 271 -1.98 -1.29 46.34
CA LYS H 271 -1.92 -1.17 47.79
C LYS H 271 -3.20 -0.57 48.33
N ARG H 272 -3.76 -1.21 49.37
CA ARG H 272 -5.05 -0.81 49.91
C ARG H 272 -4.92 -0.57 51.40
N TYR H 273 -5.78 0.29 51.92
CA TYR H 273 -5.67 0.75 53.30
C TYR H 273 -7.10 0.91 53.81
N HIS H 274 -7.48 0.07 54.76
CA HIS H 274 -8.79 0.15 55.37
C HIS H 274 -8.68 0.69 56.79
N ILE H 275 -9.40 1.76 57.09
CA ILE H 275 -9.44 2.31 58.44
C ILE H 275 -10.62 1.72 59.19
N VAL H 276 -10.35 1.03 60.30
CA VAL H 276 -11.43 0.54 61.14
C VAL H 276 -11.82 1.63 62.14
N GLU H 277 -12.95 2.29 61.89
CA GLU H 277 -13.35 3.46 62.70
C GLU H 277 -13.63 3.09 64.14
N GLY H 278 -13.02 3.81 65.07
CA GLY H 278 -13.29 3.63 66.49
C GLY H 278 -12.34 2.70 67.23
N ALA H 279 -11.61 1.88 66.49
CA ALA H 279 -10.76 0.86 67.10
C ALA H 279 -9.37 1.38 67.43
N ASN H 280 -8.78 0.90 68.53
CA ASN H 280 -7.36 1.16 68.81
C ASN H 280 -6.49 -0.02 68.33
N HIS H 281 -5.22 -0.04 68.74
CA HIS H 281 -4.30 -1.10 68.34
C HIS H 281 -4.78 -2.45 68.85
N MET H 282 -5.11 -2.52 70.13
CA MET H 282 -5.49 -3.78 70.78
C MET H 282 -6.87 -4.28 70.38
N ASP H 283 -7.75 -3.36 69.96
CA ASP H 283 -9.14 -3.71 69.64
C ASP H 283 -9.21 -4.67 68.46
N LEU H 284 -8.26 -4.57 67.54
CA LEU H 284 -8.24 -5.44 66.36
C LEU H 284 -7.71 -6.84 66.71
N TYR H 285 -7.26 -7.03 67.95
CA TYR H 285 -6.81 -8.34 68.37
C TYR H 285 -7.98 -9.27 68.63
N ASP H 286 -9.00 -8.77 69.34
CA ASP H 286 -10.04 -9.64 69.87
C ASP H 286 -11.42 -8.99 70.07
N GLY H 287 -11.62 -7.77 69.56
CA GLY H 287 -12.95 -7.19 69.56
C GLY H 287 -13.74 -7.84 68.44
N LYS H 288 -14.81 -8.54 68.79
CA LYS H 288 -15.52 -9.38 67.81
C LYS H 288 -15.94 -8.65 66.53
N ALA H 289 -16.55 -7.48 66.67
CA ALA H 289 -17.01 -6.75 65.49
C ALA H 289 -15.82 -6.20 64.71
N TYR H 290 -14.79 -5.79 65.43
CA TYR H 290 -13.59 -5.26 64.77
C TYR H 290 -12.89 -6.35 63.98
N VAL H 291 -12.75 -7.51 64.59
CA VAL H 291 -12.17 -8.66 63.92
C VAL H 291 -13.00 -9.03 62.70
N ALA H 292 -14.32 -9.01 62.87
CA ALA H 292 -15.23 -9.31 61.78
C ALA H 292 -15.05 -8.36 60.60
N GLU H 293 -14.96 -7.06 60.88
CA GLU H 293 -14.76 -6.07 59.84
C GLU H 293 -13.44 -6.30 59.11
N ALA H 294 -12.40 -6.54 59.92
CA ALA H 294 -11.07 -6.85 59.39
C ALA H 294 -11.15 -7.98 58.39
N ILE H 295 -11.73 -9.11 58.82
CA ILE H 295 -11.89 -10.28 57.96
C ILE H 295 -12.70 -9.95 56.71
N SER H 296 -13.74 -9.15 56.90
CA SER H 296 -14.62 -8.73 55.81
C SER H 296 -13.83 -7.95 54.76
N VAL H 297 -12.71 -7.36 55.18
CA VAL H 297 -11.83 -6.71 54.20
C VAL H 297 -10.73 -7.63 53.64
N LEU H 298 -10.13 -8.44 54.51
CA LEU H 298 -8.97 -9.26 54.15
C LEU H 298 -9.32 -10.45 53.27
N ALA H 299 -10.37 -11.18 53.65
CA ALA H 299 -10.79 -12.33 52.86
C ALA H 299 -11.08 -12.00 51.38
N PRO H 300 -11.88 -10.95 51.10
CA PRO H 300 -12.09 -10.62 49.68
C PRO H 300 -10.79 -10.18 49.00
N PHE H 301 -9.88 -9.57 49.74
CA PHE H 301 -8.58 -9.15 49.20
C PHE H 301 -7.78 -10.36 48.71
N PHE H 302 -7.71 -11.39 49.54
CA PHE H 302 -6.94 -12.59 49.20
C PHE H 302 -7.52 -13.40 48.04
N GLU H 303 -8.83 -13.65 48.05
CA GLU H 303 -9.50 -14.30 46.93
C GLU H 303 -9.15 -13.63 45.60
N GLU H 304 -9.07 -12.32 45.66
CA GLU H 304 -8.82 -11.49 44.50
C GLU H 304 -7.35 -11.56 44.06
N THR H 305 -6.45 -11.57 45.04
CA THR H 305 -5.02 -11.46 44.75
C THR H 305 -4.32 -12.82 44.74
N LEU H 306 -4.82 -13.74 45.55
CA LEU H 306 -4.34 -15.13 45.51
C LEU H 306 -5.07 -15.93 44.44
N MET I 1 -72.00 12.26 -43.72
CA MET I 1 -70.54 12.35 -43.85
C MET I 1 -69.97 11.20 -44.68
N MET I 2 -69.63 11.46 -45.94
CA MET I 2 -69.22 10.41 -46.86
C MET I 2 -67.71 10.21 -46.87
N ASN I 3 -66.97 11.29 -47.06
CA ASN I 3 -65.52 11.22 -47.06
C ASN I 3 -64.87 12.55 -46.73
N ASN I 4 -63.57 12.48 -46.43
CA ASN I 4 -62.78 13.65 -46.13
C ASN I 4 -61.51 13.58 -46.93
N LYS I 5 -61.22 14.61 -47.72
CA LYS I 5 -59.92 14.69 -48.36
C LYS I 5 -58.99 15.46 -47.43
N VAL I 6 -57.82 14.87 -47.15
CA VAL I 6 -56.88 15.40 -46.20
C VAL I 6 -55.47 15.43 -46.77
N SER I 7 -54.63 16.18 -46.07
CA SER I 7 -53.21 16.24 -46.33
C SER I 7 -52.56 16.18 -44.96
N PHE I 8 -51.55 15.35 -44.80
CA PHE I 8 -50.89 15.25 -43.49
C PHE I 8 -49.40 15.00 -43.63
N THR I 9 -48.63 15.41 -42.62
CA THR I 9 -47.18 15.23 -42.65
C THR I 9 -46.79 13.76 -42.58
N ASN I 10 -45.87 13.37 -43.46
CA ASN I 10 -45.31 12.02 -43.47
C ASN I 10 -44.28 11.89 -42.33
N SER I 11 -44.59 11.09 -41.33
CA SER I 11 -43.73 11.02 -40.15
C SER I 11 -42.35 10.46 -40.45
N ASN I 12 -42.23 9.71 -41.54
CA ASN I 12 -40.96 9.12 -41.94
C ASN I 12 -40.04 10.16 -42.58
N ASN I 13 -40.66 11.17 -43.18
CA ASN I 13 -39.94 12.25 -43.86
C ASN I 13 -40.82 13.47 -43.80
N PRO I 14 -40.65 14.27 -42.75
CA PRO I 14 -41.61 15.36 -42.49
C PRO I 14 -41.55 16.49 -43.49
N THR I 15 -40.65 16.44 -44.47
CA THR I 15 -40.68 17.45 -45.53
C THR I 15 -41.82 17.15 -46.52
N ILE I 16 -42.36 15.94 -46.43
CA ILE I 16 -43.39 15.50 -47.36
C ILE I 16 -44.77 15.41 -46.70
N SER I 17 -45.79 15.95 -47.37
CA SER I 17 -47.17 15.76 -46.97
C SER I 17 -47.81 14.74 -47.89
N LEU I 18 -48.50 13.76 -47.31
CA LEU I 18 -49.29 12.80 -48.06
C LEU I 18 -50.73 13.28 -48.24
N SER I 19 -51.25 13.00 -49.44
CA SER I 19 -52.62 13.34 -49.82
C SER I 19 -53.46 12.08 -49.69
N ALA I 20 -54.62 12.18 -49.08
CA ALA I 20 -55.42 10.99 -48.89
C ALA I 20 -56.89 11.34 -48.79
N VAL I 21 -57.72 10.32 -48.97
CA VAL I 21 -59.15 10.41 -48.77
C VAL I 21 -59.56 9.33 -47.79
N ILE I 22 -60.26 9.77 -46.75
CA ILE I 22 -60.82 8.89 -45.73
C ILE I 22 -62.29 8.68 -46.05
N TYR I 23 -62.72 7.43 -46.14
CA TYR I 23 -64.11 7.15 -46.43
C TYR I 23 -64.75 6.66 -45.14
N PHE I 24 -65.99 7.08 -44.90
CA PHE I 24 -66.67 6.74 -43.65
C PHE I 24 -67.80 5.74 -43.86
N PRO I 25 -68.02 4.87 -42.86
CA PRO I 25 -69.07 3.86 -42.99
C PRO I 25 -70.46 4.47 -42.84
N PRO I 26 -71.51 3.70 -43.15
CA PRO I 26 -72.88 4.21 -42.95
C PRO I 26 -73.11 4.48 -41.47
N LYS I 27 -73.94 5.48 -41.15
CA LYS I 27 -74.25 5.77 -39.75
C LYS I 27 -72.99 6.01 -38.93
N PHE I 28 -71.98 6.59 -39.57
CA PHE I 28 -70.71 6.86 -38.93
C PHE I 28 -70.92 7.73 -37.71
N ASP I 29 -70.30 7.35 -36.59
CA ASP I 29 -70.43 8.13 -35.36
C ASP I 29 -69.05 8.36 -34.80
N GLU I 30 -68.63 9.62 -34.82
CA GLU I 30 -67.25 9.92 -34.48
C GLU I 30 -66.93 9.75 -33.00
N THR I 31 -67.96 9.48 -32.18
CA THR I 31 -67.72 9.18 -30.76
C THR I 31 -67.45 7.70 -30.60
N ARG I 32 -67.56 6.94 -31.69
CA ARG I 32 -67.27 5.51 -31.67
C ARG I 32 -65.87 5.22 -32.20
N GLN I 33 -65.40 3.99 -32.02
CA GLN I 33 -64.07 3.60 -32.48
C GLN I 33 -64.14 2.46 -33.47
N TYR I 34 -63.71 2.73 -34.71
CA TYR I 34 -63.92 1.81 -35.82
C TYR I 34 -62.72 0.97 -36.22
N GLN I 35 -63.01 -0.18 -36.82
CA GLN I 35 -62.02 -0.94 -37.56
C GLN I 35 -61.62 -0.09 -38.76
N ALA I 36 -60.36 -0.12 -39.16
CA ALA I 36 -59.91 0.73 -40.24
C ALA I 36 -58.99 -0.04 -41.14
N ILE I 37 -58.98 0.32 -42.43
CA ILE I 37 -58.16 -0.33 -43.44
C ILE I 37 -57.43 0.69 -44.29
N VAL I 38 -56.12 0.51 -44.40
CA VAL I 38 -55.27 1.35 -45.26
C VAL I 38 -55.23 0.77 -46.68
N LEU I 39 -55.59 1.58 -47.68
CA LEU I 39 -55.51 1.12 -49.08
C LEU I 39 -54.32 1.64 -49.87
N SER I 40 -53.49 0.71 -50.34
CA SER I 40 -52.31 1.06 -51.14
C SER I 40 -52.52 0.74 -52.63
N HIS I 41 -52.06 1.66 -53.47
CA HIS I 41 -52.39 1.63 -54.90
C HIS I 41 -51.35 0.89 -55.76
N PRO I 42 -51.77 0.46 -56.98
CA PRO I 42 -50.85 -0.16 -57.94
C PRO I 42 -49.60 0.68 -58.21
N GLY I 43 -48.60 0.10 -58.86
CA GLY I 43 -47.45 0.86 -59.31
C GLY I 43 -47.82 1.86 -60.40
N GLY I 44 -47.60 3.14 -60.14
CA GLY I 44 -47.97 4.18 -61.09
C GLY I 44 -49.44 4.55 -60.92
N GLY I 45 -50.08 3.89 -59.97
CA GLY I 45 -51.46 4.19 -59.62
C GLY I 45 -51.63 5.30 -58.61
N VAL I 46 -52.88 5.67 -58.38
CA VAL I 46 -53.19 6.88 -57.64
C VAL I 46 -54.51 6.67 -56.83
N LYS I 47 -54.79 7.49 -55.81
CA LYS I 47 -55.94 7.22 -54.92
C LYS I 47 -57.30 7.41 -55.62
N GLU I 48 -57.32 8.17 -56.70
CA GLU I 48 -58.55 8.41 -57.44
C GLU I 48 -58.95 7.20 -58.29
N GLN I 49 -58.01 6.28 -58.47
CA GLN I 49 -58.26 5.11 -59.31
C GLN I 49 -58.76 3.92 -58.50
N THR I 50 -58.36 2.71 -58.87
CA THR I 50 -58.94 1.50 -58.27
C THR I 50 -58.82 1.42 -56.74
N ALA I 51 -57.75 1.96 -56.18
CA ALA I 51 -57.60 1.94 -54.72
C ALA I 51 -58.72 2.74 -54.05
N GLY I 52 -59.10 3.85 -54.66
CA GLY I 52 -60.18 4.65 -54.12
C GLY I 52 -61.50 3.93 -54.21
N THR I 53 -61.68 3.15 -55.26
CA THR I 53 -62.89 2.35 -55.45
C THR I 53 -63.01 1.31 -54.36
N TYR I 54 -61.92 0.57 -54.15
CA TYR I 54 -61.95 -0.48 -53.15
C TYR I 54 -62.15 0.11 -51.76
N ALA I 55 -61.50 1.25 -51.50
CA ALA I 55 -61.63 1.89 -50.20
C ALA I 55 -63.09 2.31 -49.99
N LYS I 56 -63.69 2.87 -51.03
CA LYS I 56 -65.09 3.32 -50.93
C LYS I 56 -66.04 2.16 -50.64
N LYS I 57 -65.87 1.06 -51.39
CA LYS I 57 -66.74 -0.10 -51.19
C LYS I 57 -66.58 -0.68 -49.78
N LEU I 58 -65.32 -0.86 -49.39
CA LEU I 58 -65.03 -1.33 -48.02
C LEU I 58 -65.69 -0.47 -46.95
N ALA I 59 -65.61 0.85 -47.10
CA ALA I 59 -66.27 1.72 -46.14
C ALA I 59 -67.77 1.45 -46.12
N GLU I 60 -68.37 1.31 -47.30
CA GLU I 60 -69.77 0.89 -47.32
C GLU I 60 -70.02 -0.36 -46.48
N LYS I 61 -69.02 -1.24 -46.40
CA LYS I 61 -69.22 -2.43 -45.58
C LYS I 61 -69.07 -2.25 -44.06
N GLY I 62 -68.78 -1.03 -43.61
CA GLY I 62 -68.72 -0.77 -42.17
C GLY I 62 -67.36 -0.35 -41.62
N PHE I 63 -66.37 -0.15 -42.50
CA PHE I 63 -65.04 0.25 -42.05
C PHE I 63 -64.80 1.72 -42.30
N VAL I 64 -63.86 2.30 -41.56
CA VAL I 64 -63.30 3.59 -41.92
C VAL I 64 -62.16 3.19 -42.83
N THR I 65 -62.05 3.77 -44.03
CA THR I 65 -60.94 3.39 -44.89
C THR I 65 -60.13 4.60 -45.33
N ILE I 66 -58.91 4.38 -45.79
CA ILE I 66 -58.12 5.49 -46.26
C ILE I 66 -57.30 5.09 -47.48
N ALA I 67 -57.50 5.84 -48.56
CA ALA I 67 -56.73 5.69 -49.79
C ALA I 67 -55.79 6.88 -49.91
N TYR I 68 -54.49 6.61 -50.00
CA TYR I 68 -53.48 7.68 -50.00
C TYR I 68 -52.65 7.59 -51.26
N ASP I 69 -52.01 8.70 -51.61
CA ASP I 69 -51.00 8.71 -52.68
C ASP I 69 -49.62 8.52 -52.06
N ALA I 70 -48.84 7.63 -52.64
CA ALA I 70 -47.52 7.30 -52.08
C ALA I 70 -46.64 8.55 -52.10
N SER I 71 -45.58 8.56 -51.28
CA SER I 71 -44.62 9.63 -51.37
C SER I 71 -44.13 9.71 -52.82
N TYR I 72 -43.85 10.95 -53.26
CA TYR I 72 -43.29 11.27 -54.57
C TYR I 72 -44.30 11.08 -55.69
N GLN I 73 -45.54 10.79 -55.33
CA GLN I 73 -46.55 10.36 -56.31
C GLN I 73 -47.90 11.02 -56.08
N GLY I 74 -48.76 10.98 -57.10
CA GLY I 74 -50.09 11.54 -56.98
C GLY I 74 -50.04 12.98 -56.56
N GLU I 75 -50.81 13.32 -55.53
CA GLU I 75 -50.84 14.67 -55.00
C GLU I 75 -49.99 14.80 -53.75
N SER I 76 -49.34 13.70 -53.37
CA SER I 76 -48.38 13.75 -52.27
C SER I 76 -47.10 14.46 -52.67
N GLY I 77 -46.36 14.95 -51.68
CA GLY I 77 -45.15 15.71 -51.94
C GLY I 77 -43.95 14.81 -52.19
N GLY I 78 -42.79 15.46 -52.35
CA GLY I 78 -41.53 14.76 -52.57
C GLY I 78 -40.96 14.89 -53.97
N GLU I 79 -39.64 15.10 -54.04
CA GLU I 79 -38.89 15.07 -55.29
C GLU I 79 -37.74 14.06 -55.11
N PRO I 80 -37.39 13.32 -56.16
CA PRO I 80 -37.86 13.32 -57.55
C PRO I 80 -39.29 12.79 -57.68
N ARG I 81 -40.10 13.45 -58.49
CA ARG I 81 -41.45 12.94 -58.75
C ARG I 81 -41.35 11.54 -59.37
N GLN I 82 -42.31 10.68 -59.03
CA GLN I 82 -42.42 9.34 -59.59
C GLN I 82 -41.32 8.38 -59.15
N LEU I 83 -40.61 8.75 -58.08
CA LEU I 83 -39.66 7.83 -57.47
C LEU I 83 -40.41 6.56 -57.05
N GLU I 84 -39.84 5.40 -57.34
CA GLU I 84 -40.44 4.13 -56.93
C GLU I 84 -39.43 3.40 -56.06
N ASN I 85 -39.14 3.98 -54.89
CA ASN I 85 -38.29 3.32 -53.92
C ASN I 85 -39.16 2.38 -53.11
N PRO I 86 -38.96 1.05 -53.29
CA PRO I 86 -39.88 0.08 -52.69
C PRO I 86 -39.88 0.13 -51.17
N TYR I 87 -38.76 0.53 -50.59
CA TYR I 87 -38.67 0.60 -49.13
C TYR I 87 -39.45 1.81 -48.61
N ILE I 88 -39.51 2.84 -49.45
CA ILE I 88 -40.31 4.03 -49.12
C ILE I 88 -41.78 3.76 -49.37
N ARG I 89 -42.09 3.12 -50.50
CA ARG I 89 -43.47 2.70 -50.77
C ARG I 89 -43.99 1.87 -49.59
N THR I 90 -43.14 0.99 -49.08
CA THR I 90 -43.53 0.20 -47.91
C THR I 90 -43.70 1.06 -46.66
N GLU I 91 -42.70 1.89 -46.34
CA GLU I 91 -42.78 2.66 -45.08
C GLU I 91 -43.94 3.68 -45.05
N ASP I 92 -44.35 4.10 -46.24
CA ASP I 92 -45.47 5.03 -46.42
C ASP I 92 -46.68 4.52 -45.66
N ILE I 93 -46.88 3.21 -45.75
CA ILE I 93 -48.04 2.57 -45.12
C ILE I 93 -48.02 2.80 -43.59
N SER I 94 -46.82 2.75 -43.00
CA SER I 94 -46.69 3.00 -41.57
C SER I 94 -46.92 4.47 -41.27
N ALA I 95 -46.50 5.34 -42.18
CA ALA I 95 -46.84 6.76 -41.99
C ALA I 95 -48.36 7.02 -41.97
N VAL I 96 -49.08 6.36 -42.87
CA VAL I 96 -50.53 6.44 -42.91
C VAL I 96 -51.14 5.86 -41.62
N ILE I 97 -50.63 4.70 -41.19
CA ILE I 97 -51.10 4.16 -39.91
C ILE I 97 -50.90 5.16 -38.76
N ASP I 98 -49.74 5.82 -38.72
CA ASP I 98 -49.47 6.84 -37.69
C ASP I 98 -50.59 7.88 -37.70
N TYR I 99 -50.84 8.40 -38.91
CA TYR I 99 -51.95 9.34 -39.09
C TYR I 99 -53.27 8.81 -38.51
N LEU I 100 -53.64 7.57 -38.87
CA LEU I 100 -54.86 6.96 -38.34
C LEU I 100 -54.86 6.88 -36.80
N THR I 101 -53.71 6.62 -36.20
CA THR I 101 -53.68 6.56 -34.74
C THR I 101 -53.95 7.94 -34.18
N THR I 102 -53.71 9.00 -34.95
CA THR I 102 -54.19 10.30 -34.46
C THR I 102 -55.71 10.59 -34.55
N LEU I 103 -56.48 9.75 -35.23
CA LEU I 103 -57.92 10.01 -35.40
C LEU I 103 -58.69 9.34 -34.27
N SER I 104 -59.51 10.10 -33.54
CA SER I 104 -60.11 9.54 -32.32
C SER I 104 -61.13 8.45 -32.63
N TYR I 105 -61.61 8.41 -33.87
CA TYR I 105 -62.63 7.44 -34.27
C TYR I 105 -62.05 6.16 -34.88
N VAL I 106 -60.72 6.06 -34.91
CA VAL I 106 -60.07 4.82 -35.32
C VAL I 106 -59.66 4.07 -34.07
N ASP I 107 -59.90 2.75 -34.05
CA ASP I 107 -59.43 1.90 -32.96
C ASP I 107 -58.01 1.42 -33.30
N ASN I 108 -57.01 1.88 -32.54
CA ASN I 108 -55.61 1.57 -32.85
C ASN I 108 -55.33 0.09 -32.90
N THR I 109 -56.15 -0.70 -32.22
CA THR I 109 -55.93 -2.14 -32.14
C THR I 109 -56.69 -2.89 -33.23
N ARG I 110 -57.36 -2.16 -34.13
CA ARG I 110 -58.17 -2.82 -35.17
C ARG I 110 -57.89 -2.25 -36.58
N ILE I 111 -56.63 -2.15 -36.93
CA ILE I 111 -56.24 -1.60 -38.22
C ILE I 111 -55.72 -2.70 -39.12
N GLY I 112 -56.22 -2.74 -40.36
CA GLY I 112 -55.75 -3.67 -41.36
C GLY I 112 -55.27 -2.92 -42.58
N ALA I 113 -54.85 -3.64 -43.61
CA ALA I 113 -54.33 -2.99 -44.80
C ALA I 113 -54.56 -3.90 -45.98
N MET I 114 -54.83 -3.30 -47.14
CA MET I 114 -54.92 -4.08 -48.36
C MET I 114 -54.34 -3.30 -49.51
N GLY I 115 -54.02 -4.00 -50.59
CA GLY I 115 -53.40 -3.35 -51.72
C GLY I 115 -53.78 -4.04 -53.01
N ILE I 116 -53.57 -3.33 -54.11
CA ILE I 116 -53.84 -3.84 -55.43
C ILE I 116 -52.54 -3.73 -56.21
N CYS I 117 -52.20 -4.77 -56.97
CA CYS I 117 -51.01 -4.75 -57.82
C CYS I 117 -49.79 -4.60 -56.93
N ALA I 118 -48.88 -3.69 -57.28
CA ALA I 118 -47.68 -3.53 -56.47
C ALA I 118 -48.01 -3.12 -55.02
N GLY I 119 -49.09 -2.36 -54.86
CA GLY I 119 -49.53 -1.95 -53.53
C GLY I 119 -49.81 -3.15 -52.63
N ALA I 120 -50.18 -4.26 -53.24
CA ALA I 120 -50.36 -5.49 -52.47
C ALA I 120 -49.02 -5.97 -51.93
N GLY I 121 -48.01 -6.00 -52.78
CA GLY I 121 -46.68 -6.44 -52.38
C GLY I 121 -46.26 -5.62 -51.19
N TYR I 122 -46.38 -4.30 -51.36
CA TYR I 122 -45.96 -3.36 -50.33
C TYR I 122 -46.75 -3.63 -49.03
N THR I 123 -48.03 -3.94 -49.18
CA THR I 123 -48.87 -4.21 -48.01
C THR I 123 -48.30 -5.39 -47.25
N ALA I 124 -47.92 -6.43 -48.00
CA ALA I 124 -47.40 -7.61 -47.32
C ALA I 124 -46.12 -7.19 -46.59
N ASN I 125 -45.30 -6.39 -47.26
CA ASN I 125 -44.02 -6.01 -46.68
C ASN I 125 -44.33 -5.24 -45.41
N ALA I 126 -45.36 -4.39 -45.50
CA ALA I 126 -45.74 -3.56 -44.37
C ALA I 126 -46.13 -4.46 -43.20
N ALA I 127 -46.91 -5.52 -43.49
CA ALA I 127 -47.41 -6.36 -42.41
C ALA I 127 -46.24 -7.01 -41.73
N ILE I 128 -45.17 -7.22 -42.49
CA ILE I 128 -44.01 -7.90 -41.96
C ILE I 128 -43.30 -7.03 -40.94
N GLN I 129 -43.25 -5.73 -41.21
CA GLN I 129 -42.40 -4.88 -40.37
C GLN I 129 -43.18 -3.99 -39.42
N ASP I 130 -44.48 -3.86 -39.66
CA ASP I 130 -45.32 -3.01 -38.83
C ASP I 130 -46.39 -3.86 -38.17
N ARG I 131 -46.18 -4.17 -36.90
CA ARG I 131 -47.04 -5.08 -36.20
C ARG I 131 -48.36 -4.44 -35.78
N ARG I 132 -48.55 -3.18 -36.12
CA ARG I 132 -49.84 -2.56 -35.90
C ARG I 132 -50.84 -3.00 -36.97
N ILE I 133 -50.35 -3.61 -38.06
CA ILE I 133 -51.27 -4.20 -39.05
C ILE I 133 -51.74 -5.57 -38.56
N LYS I 134 -53.05 -5.71 -38.41
N LYS I 134 -53.05 -5.72 -38.38
CA LYS I 134 -53.67 -6.88 -37.78
CA LYS I 134 -53.60 -6.93 -37.77
C LYS I 134 -54.06 -7.95 -38.79
C LYS I 134 -54.03 -7.97 -38.80
N ALA I 135 -54.28 -7.54 -40.03
CA ALA I 135 -54.71 -8.47 -41.07
C ALA I 135 -54.50 -7.80 -42.43
N ILE I 136 -54.22 -8.59 -43.46
CA ILE I 136 -54.05 -7.98 -44.79
C ILE I 136 -54.87 -8.67 -45.86
N GLY I 137 -55.20 -7.92 -46.91
CA GLY I 137 -55.88 -8.45 -48.08
C GLY I 137 -55.16 -8.00 -49.34
N THR I 138 -55.19 -8.81 -50.40
CA THR I 138 -54.51 -8.44 -51.64
C THR I 138 -55.42 -8.70 -52.84
N VAL I 139 -55.38 -7.81 -53.82
CA VAL I 139 -56.10 -8.00 -55.07
C VAL I 139 -55.10 -7.89 -56.21
N SER I 140 -55.08 -8.88 -57.10
CA SER I 140 -54.15 -8.90 -58.21
C SER I 140 -52.73 -8.57 -57.76
N ALA I 141 -52.30 -9.22 -56.69
CA ALA I 141 -51.02 -8.91 -56.04
C ALA I 141 -49.78 -8.94 -56.95
N VAL I 142 -48.92 -7.96 -56.78
CA VAL I 142 -47.63 -7.93 -57.46
C VAL I 142 -46.51 -7.67 -56.45
N ASN I 143 -45.49 -8.54 -56.44
CA ASN I 143 -44.24 -8.30 -55.74
C ASN I 143 -43.34 -7.61 -56.77
N ILE I 144 -43.25 -6.28 -56.70
CA ILE I 144 -42.63 -5.49 -57.76
C ILE I 144 -41.19 -5.94 -58.06
N GLY I 145 -40.51 -6.43 -57.02
CA GLY I 145 -39.17 -6.96 -57.19
C GLY I 145 -39.23 -8.19 -58.08
N SER I 146 -40.19 -9.07 -57.79
CA SER I 146 -40.36 -10.31 -58.54
C SER I 146 -40.70 -10.02 -59.99
N ILE I 147 -41.61 -9.08 -60.20
CA ILE I 147 -42.07 -8.78 -61.55
C ILE I 147 -40.96 -8.12 -62.39
N PHE I 148 -40.17 -7.22 -61.81
CA PHE I 148 -39.08 -6.63 -62.59
C PHE I 148 -37.87 -7.57 -62.77
N ARG I 149 -37.60 -8.40 -61.77
CA ARG I 149 -36.44 -9.30 -61.78
C ARG I 149 -36.68 -10.58 -62.59
N ASN I 150 -37.73 -11.32 -62.24
CA ASN I 150 -37.99 -12.60 -62.88
C ASN I 150 -38.99 -12.49 -64.03
N GLY I 151 -39.48 -11.28 -64.26
CA GLY I 151 -40.33 -11.01 -65.39
C GLY I 151 -41.79 -11.34 -65.14
N TRP I 152 -42.64 -10.79 -65.99
CA TRP I 152 -44.08 -10.91 -65.87
C TRP I 152 -44.56 -12.37 -65.81
N GLU I 153 -43.85 -13.28 -66.47
CA GLU I 153 -44.23 -14.69 -66.49
C GLU I 153 -43.34 -15.55 -65.60
N ASN I 154 -42.44 -14.92 -64.85
CA ASN I 154 -41.56 -15.65 -63.96
C ASN I 154 -40.69 -16.66 -64.71
N ASN I 155 -40.05 -16.20 -65.78
CA ASN I 155 -39.24 -17.06 -66.63
C ASN I 155 -37.87 -16.47 -66.94
N VAL I 156 -37.50 -15.42 -66.23
CA VAL I 156 -36.14 -14.88 -66.26
C VAL I 156 -35.43 -15.26 -64.96
N LYS I 157 -34.18 -15.69 -65.06
CA LYS I 157 -33.40 -16.04 -63.87
C LYS I 157 -32.79 -14.78 -63.26
N SER I 158 -32.75 -14.71 -61.93
CA SER I 158 -32.32 -13.49 -61.25
C SER I 158 -30.98 -12.92 -61.73
N ILE I 159 -29.98 -13.77 -61.90
CA ILE I 159 -28.67 -13.28 -62.33
C ILE I 159 -28.77 -12.65 -63.71
N ASP I 160 -29.65 -13.20 -64.56
CA ASP I 160 -29.86 -12.67 -65.91
C ASP I 160 -30.56 -11.31 -65.90
N ALA I 161 -31.11 -10.94 -64.76
CA ALA I 161 -31.69 -9.61 -64.60
C ALA I 161 -30.62 -8.57 -64.24
N LEU I 162 -29.36 -9.01 -64.10
CA LEU I 162 -28.28 -8.09 -63.74
C LEU I 162 -28.18 -6.79 -64.58
N PRO I 163 -28.38 -6.86 -65.92
CA PRO I 163 -28.26 -5.61 -66.67
C PRO I 163 -29.25 -4.52 -66.22
N TYR I 164 -30.37 -4.93 -65.64
CA TYR I 164 -31.33 -3.97 -65.07
C TYR I 164 -30.77 -3.25 -63.83
N VAL I 165 -30.08 -3.99 -62.97
CA VAL I 165 -29.41 -3.38 -61.81
C VAL I 165 -28.39 -2.35 -62.29
N GLU I 166 -27.67 -2.71 -63.35
CA GLU I 166 -26.69 -1.81 -63.98
C GLU I 166 -27.34 -0.55 -64.54
N ALA I 167 -28.49 -0.71 -65.19
CA ALA I 167 -29.21 0.42 -65.76
C ALA I 167 -29.67 1.40 -64.68
N GLY I 168 -30.28 0.85 -63.63
CA GLY I 168 -30.61 1.65 -62.46
C GLY I 168 -29.38 2.33 -61.89
N SER I 169 -28.26 1.60 -61.80
CA SER I 169 -27.03 2.18 -61.28
C SER I 169 -26.56 3.31 -62.20
N ASN I 170 -26.53 3.05 -63.50
CA ASN I 170 -26.02 4.04 -64.44
C ASN I 170 -26.95 5.26 -64.54
N ALA I 171 -28.25 5.02 -64.38
CA ALA I 171 -29.22 6.12 -64.36
C ALA I 171 -28.87 7.20 -63.32
N ARG I 172 -28.41 6.75 -62.15
CA ARG I 172 -27.98 7.66 -61.10
C ARG I 172 -26.83 8.56 -61.53
N THR I 173 -25.85 8.00 -62.24
CA THR I 173 -24.78 8.80 -62.82
C THR I 173 -25.36 9.81 -63.81
N SER I 174 -26.24 9.34 -64.69
CA SER I 174 -26.93 10.18 -65.68
C SER I 174 -27.72 11.31 -65.04
N ASP I 175 -28.45 10.96 -63.98
CA ASP I 175 -29.32 11.90 -63.31
C ASP I 175 -28.55 13.10 -62.76
N ILE I 176 -27.46 12.82 -62.05
CA ILE I 176 -26.73 13.90 -61.39
C ILE I 176 -25.98 14.75 -62.40
N SER I 177 -25.53 14.15 -63.48
CA SER I 177 -24.77 14.90 -64.49
C SER I 177 -25.68 15.74 -65.39
N SER I 178 -26.91 15.27 -65.62
CA SER I 178 -27.83 16.01 -66.47
C SER I 178 -28.65 17.01 -65.67
N GLY I 179 -28.98 16.66 -64.43
CA GLY I 179 -29.85 17.50 -63.62
C GLY I 179 -31.31 17.14 -63.82
N GLU I 180 -31.55 16.07 -64.57
CA GLU I 180 -32.90 15.53 -64.76
C GLU I 180 -32.99 14.10 -64.23
N TYR I 181 -34.15 13.48 -64.43
CA TYR I 181 -34.36 12.12 -63.98
C TYR I 181 -34.85 11.25 -65.13
N ALA I 182 -34.05 10.25 -65.47
CA ALA I 182 -34.42 9.28 -66.50
C ALA I 182 -35.70 8.56 -66.05
N ILE I 183 -36.58 8.23 -67.00
CA ILE I 183 -37.79 7.50 -66.62
C ILE I 183 -37.87 6.12 -67.27
N MET I 184 -38.66 5.24 -66.67
CA MET I 184 -38.92 3.92 -67.22
C MET I 184 -40.39 3.67 -67.10
N PRO I 185 -40.95 2.82 -67.98
CA PRO I 185 -42.40 2.56 -67.90
C PRO I 185 -42.73 1.74 -66.67
N LEU I 186 -43.96 1.85 -66.20
CA LEU I 186 -44.50 0.86 -65.28
C LEU I 186 -45.49 0.03 -66.10
N ALA I 187 -46.74 0.48 -66.19
CA ALA I 187 -47.60 0.01 -67.26
C ALA I 187 -46.92 0.40 -68.58
N PRO I 188 -47.17 -0.36 -69.66
CA PRO I 188 -46.58 0.03 -70.95
C PRO I 188 -46.96 1.47 -71.25
N MET I 189 -46.06 2.24 -71.85
CA MET I 189 -46.31 3.66 -72.06
C MET I 189 -46.92 3.93 -73.42
N LYS I 190 -47.03 2.86 -74.21
CA LYS I 190 -47.67 2.95 -75.51
C LYS I 190 -48.39 1.64 -75.78
N GLU I 191 -49.56 1.71 -76.40
CA GLU I 191 -50.42 0.54 -76.58
C GLU I 191 -49.69 -0.57 -77.32
N SER I 192 -49.05 -0.20 -78.42
CA SER I 192 -48.31 -1.15 -79.25
C SER I 192 -47.16 -1.82 -78.50
N ASP I 193 -46.71 -1.20 -77.40
CA ASP I 193 -45.60 -1.75 -76.59
C ASP I 193 -46.03 -2.94 -75.75
N ALA I 194 -47.33 -3.18 -75.62
CA ALA I 194 -47.80 -4.22 -74.72
C ALA I 194 -47.76 -5.59 -75.39
N PRO I 195 -47.07 -6.56 -74.76
CA PRO I 195 -46.93 -7.90 -75.34
C PRO I 195 -48.20 -8.75 -75.29
N ASN I 196 -49.16 -8.43 -74.43
CA ASN I 196 -50.43 -9.17 -74.45
C ASN I 196 -51.62 -8.27 -74.14
N GLU I 197 -52.84 -8.82 -74.27
CA GLU I 197 -54.04 -8.00 -74.04
C GLU I 197 -54.17 -7.56 -72.58
N GLU I 198 -53.50 -8.27 -71.66
CA GLU I 198 -53.54 -7.95 -70.24
C GLU I 198 -52.75 -6.67 -69.97
N LEU I 199 -51.49 -6.68 -70.41
CA LEU I 199 -50.67 -5.48 -70.37
C LEU I 199 -51.24 -4.36 -71.24
N ARG I 200 -51.89 -4.72 -72.35
CA ARG I 200 -52.52 -3.71 -73.19
C ARG I 200 -53.60 -3.03 -72.38
N GLN I 201 -54.31 -3.83 -71.60
CA GLN I 201 -55.34 -3.31 -70.71
C GLN I 201 -54.75 -2.44 -69.61
N ALA I 202 -53.54 -2.77 -69.15
CA ALA I 202 -52.83 -1.87 -68.23
C ALA I 202 -52.59 -0.49 -68.86
N TRP I 203 -52.00 -0.50 -70.07
CA TRP I 203 -51.81 0.72 -70.82
C TRP I 203 -53.12 1.50 -70.92
N GLU I 204 -54.17 0.77 -71.25
CA GLU I 204 -55.50 1.32 -71.45
C GLU I 204 -55.99 2.00 -70.17
N TYR I 205 -55.75 1.35 -69.05
CA TYR I 205 -56.21 1.87 -67.77
C TYR I 205 -55.52 3.21 -67.53
N TYR I 206 -54.22 3.25 -67.79
CA TYR I 206 -53.48 4.48 -67.46
C TYR I 206 -53.43 5.59 -68.52
N HIS I 207 -53.75 5.29 -69.79
CA HIS I 207 -53.56 6.29 -70.84
C HIS I 207 -54.77 6.51 -71.73
N THR I 208 -55.94 6.35 -71.14
CA THR I 208 -57.17 6.32 -71.89
C THR I 208 -58.23 6.61 -70.83
N PRO I 209 -59.39 7.17 -71.23
CA PRO I 209 -60.43 7.55 -70.26
C PRO I 209 -60.98 6.42 -69.39
N ARG I 210 -60.56 5.18 -69.64
CA ARG I 210 -60.91 4.09 -68.74
C ARG I 210 -60.59 4.49 -67.30
N ALA I 211 -59.38 5.01 -67.07
CA ALA I 211 -59.04 5.47 -65.73
C ALA I 211 -57.88 6.45 -65.66
N GLN I 212 -57.44 6.96 -66.81
CA GLN I 212 -56.30 7.87 -66.81
C GLN I 212 -56.56 9.05 -65.88
N TYR I 213 -55.53 9.45 -65.16
CA TYR I 213 -55.61 10.58 -64.25
C TYR I 213 -54.31 11.36 -64.33
N PRO I 214 -54.39 12.70 -64.32
CA PRO I 214 -53.22 13.55 -64.60
C PRO I 214 -52.08 13.42 -63.59
N THR I 215 -52.35 12.94 -62.37
CA THR I 215 -51.26 12.78 -61.40
C THR I 215 -50.65 11.38 -61.49
N ALA I 216 -51.13 10.60 -62.46
CA ALA I 216 -50.63 9.24 -62.63
C ALA I 216 -50.12 9.06 -64.05
N PRO I 217 -48.89 9.56 -64.34
CA PRO I 217 -48.31 9.54 -65.68
C PRO I 217 -47.95 8.12 -66.12
N GLY I 218 -47.83 7.20 -65.18
CA GLY I 218 -47.62 5.81 -65.55
C GLY I 218 -46.15 5.43 -65.81
N TYR I 219 -45.23 6.28 -65.36
CA TYR I 219 -43.82 5.91 -65.35
C TYR I 219 -43.18 6.16 -63.99
N ALA I 220 -41.95 5.68 -63.85
CA ALA I 220 -41.21 5.81 -62.61
C ALA I 220 -39.81 6.30 -62.95
N THR I 221 -39.06 6.72 -61.95
CA THR I 221 -37.68 7.10 -62.19
C THR I 221 -36.87 5.84 -62.40
N LEU I 222 -36.14 5.77 -63.51
CA LEU I 222 -35.22 4.67 -63.80
C LEU I 222 -34.21 4.44 -62.67
N ARG I 223 -33.77 5.51 -62.00
CA ARG I 223 -32.85 5.33 -60.86
C ARG I 223 -33.34 4.30 -59.82
N SER I 224 -34.64 4.05 -59.78
CA SER I 224 -35.20 3.13 -58.78
C SER I 224 -35.01 1.67 -59.16
N LEU I 225 -34.74 1.43 -60.45
CA LEU I 225 -34.75 0.06 -60.97
C LEU I 225 -33.83 -0.87 -60.19
N ASN I 226 -32.66 -0.37 -59.84
CA ASN I 226 -31.68 -1.21 -59.16
C ASN I 226 -32.17 -1.65 -57.77
N GLN I 227 -32.92 -0.79 -57.10
CA GLN I 227 -33.43 -1.19 -55.78
C GLN I 227 -34.54 -2.18 -56.01
N ILE I 228 -35.28 -1.98 -57.09
CA ILE I 228 -36.42 -2.82 -57.35
C ILE I 228 -35.96 -4.24 -57.70
N ILE I 229 -34.94 -4.36 -58.55
CA ILE I 229 -34.50 -5.69 -58.97
C ILE I 229 -34.05 -6.49 -57.74
N THR I 230 -33.38 -5.79 -56.81
CA THR I 230 -32.87 -6.43 -55.61
C THR I 230 -33.89 -6.45 -54.45
N TYR I 231 -35.16 -6.18 -54.75
CA TYR I 231 -36.21 -6.12 -53.74
C TYR I 231 -37.08 -7.38 -53.71
N ASP I 232 -37.54 -7.76 -52.52
CA ASP I 232 -38.53 -8.82 -52.34
C ASP I 232 -39.59 -8.36 -51.35
N ALA I 233 -40.82 -8.14 -51.82
CA ALA I 233 -41.90 -7.64 -50.96
C ALA I 233 -42.29 -8.62 -49.87
N TYR I 234 -41.89 -9.88 -50.01
CA TYR I 234 -42.27 -10.93 -49.08
C TYR I 234 -41.09 -11.35 -48.22
N HIS I 235 -40.04 -10.52 -48.20
CA HIS I 235 -38.80 -10.86 -47.50
C HIS I 235 -39.08 -11.17 -46.03
N MET I 236 -38.67 -12.37 -45.59
CA MET I 236 -38.91 -12.88 -44.24
C MET I 236 -40.36 -13.20 -43.91
N ALA I 237 -41.21 -13.37 -44.94
CA ALA I 237 -42.60 -13.73 -44.69
C ALA I 237 -42.74 -15.05 -43.91
N GLU I 238 -41.80 -15.97 -44.14
CA GLU I 238 -41.82 -17.28 -43.47
C GLU I 238 -41.62 -17.19 -41.96
N VAL I 239 -41.14 -16.04 -41.49
CA VAL I 239 -40.96 -15.82 -40.06
C VAL I 239 -42.01 -14.87 -39.50
N TYR I 240 -42.15 -13.70 -40.13
CA TYR I 240 -42.93 -12.60 -39.57
C TYR I 240 -44.34 -12.37 -40.11
N LEU I 241 -44.63 -12.84 -41.32
CA LEU I 241 -45.99 -12.64 -41.85
C LEU I 241 -46.92 -13.65 -41.18
N THR I 242 -47.43 -13.26 -40.01
CA THR I 242 -48.20 -14.18 -39.17
C THR I 242 -49.67 -13.78 -39.15
N GLN I 243 -49.94 -12.54 -39.55
CA GLN I 243 -51.29 -12.02 -39.54
C GLN I 243 -52.17 -12.71 -40.56
N PRO I 244 -53.47 -12.81 -40.26
CA PRO I 244 -54.48 -13.31 -41.18
C PRO I 244 -54.32 -12.65 -42.55
N THR I 245 -54.31 -13.48 -43.59
CA THR I 245 -54.04 -12.99 -44.94
C THR I 245 -55.09 -13.49 -45.91
N GLN I 246 -55.75 -12.55 -46.61
CA GLN I 246 -56.73 -12.88 -47.62
C GLN I 246 -56.21 -12.52 -49.02
N ILE I 247 -55.98 -13.54 -49.84
CA ILE I 247 -55.54 -13.30 -51.22
C ILE I 247 -56.74 -13.39 -52.16
N VAL I 248 -56.81 -12.44 -53.09
CA VAL I 248 -57.82 -12.45 -54.14
C VAL I 248 -57.09 -12.33 -55.48
N ALA I 249 -57.33 -13.27 -56.40
CA ALA I 249 -56.65 -13.29 -57.69
C ALA I 249 -57.58 -13.85 -58.77
N GLY I 250 -57.38 -13.41 -60.01
CA GLY I 250 -58.21 -13.88 -61.10
C GLY I 250 -57.69 -15.18 -61.69
N SER I 251 -58.60 -16.09 -62.04
CA SER I 251 -58.22 -17.36 -62.65
C SER I 251 -57.34 -17.13 -63.89
N GLN I 252 -57.58 -16.03 -64.60
CA GLN I 252 -56.88 -15.76 -65.84
C GLN I 252 -55.67 -14.85 -65.67
N ALA I 253 -55.38 -14.42 -64.43
CA ALA I 253 -54.36 -13.41 -64.24
C ALA I 253 -52.95 -13.91 -64.54
N GLY I 254 -52.24 -13.20 -65.41
CA GLY I 254 -50.86 -13.55 -65.70
C GLY I 254 -49.96 -13.37 -64.49
N SER I 255 -50.44 -12.62 -63.51
CA SER I 255 -49.66 -12.27 -62.31
C SER I 255 -49.98 -13.17 -61.11
N LYS I 256 -50.72 -14.25 -61.35
CA LYS I 256 -51.21 -15.10 -60.28
C LYS I 256 -50.12 -15.80 -59.49
N TRP I 257 -49.00 -16.09 -60.15
CA TRP I 257 -47.91 -16.80 -59.48
C TRP I 257 -47.41 -16.03 -58.26
N MET I 258 -47.50 -14.69 -58.29
CA MET I 258 -47.04 -13.90 -57.16
C MET I 258 -47.98 -13.99 -55.95
N SER I 259 -49.27 -14.17 -56.22
CA SER I 259 -50.25 -14.44 -55.18
C SER I 259 -50.05 -15.84 -54.62
N ASP I 260 -49.78 -16.77 -55.51
CA ASP I 260 -49.43 -18.13 -55.10
C ASP I 260 -48.22 -18.08 -54.18
N ASP I 261 -47.23 -17.28 -54.56
CA ASP I 261 -45.98 -17.14 -53.82
C ASP I 261 -46.28 -16.58 -52.43
N LEU I 262 -47.09 -15.53 -52.37
CA LEU I 262 -47.45 -14.93 -51.09
C LEU I 262 -48.16 -15.93 -50.17
N TYR I 263 -49.11 -16.68 -50.73
CA TYR I 263 -49.82 -17.68 -49.96
C TYR I 263 -48.84 -18.72 -49.43
N ASP I 264 -48.00 -19.24 -50.31
CA ASP I 264 -47.06 -20.28 -49.93
C ASP I 264 -46.09 -19.85 -48.85
N ARG I 265 -45.56 -18.64 -48.96
CA ARG I 265 -44.49 -18.20 -48.05
C ARG I 265 -44.96 -17.72 -46.68
N ALA I 266 -46.19 -17.24 -46.60
CA ALA I 266 -46.73 -16.67 -45.37
C ALA I 266 -46.79 -17.69 -44.24
N SER I 267 -46.36 -17.27 -43.05
CA SER I 267 -46.41 -18.13 -41.87
C SER I 267 -47.84 -18.21 -41.30
N SER I 268 -48.69 -17.27 -41.69
CA SER I 268 -50.05 -17.14 -41.16
C SER I 268 -50.80 -18.46 -40.97
N GLN I 269 -51.31 -18.68 -39.76
CA GLN I 269 -52.19 -19.81 -39.50
C GLN I 269 -53.52 -19.62 -40.18
N ASP I 270 -53.89 -18.35 -40.39
CA ASP I 270 -55.11 -18.00 -41.09
C ASP I 270 -54.77 -17.36 -42.43
N LYS I 271 -54.57 -18.19 -43.45
CA LYS I 271 -54.34 -17.65 -44.78
C LYS I 271 -55.40 -18.16 -45.75
N ARG I 272 -55.95 -17.24 -46.53
CA ARG I 272 -57.07 -17.55 -47.41
C ARG I 272 -56.76 -17.15 -48.84
N TYR I 273 -57.31 -17.91 -49.79
CA TYR I 273 -57.08 -17.69 -51.21
C TYR I 273 -58.39 -17.82 -51.95
N HIS I 274 -58.84 -16.72 -52.53
CA HIS I 274 -60.05 -16.75 -53.33
C HIS I 274 -59.71 -16.51 -54.82
N ILE I 275 -60.12 -17.45 -55.67
CA ILE I 275 -59.97 -17.29 -57.11
C ILE I 275 -61.20 -16.62 -57.67
N VAL I 276 -61.00 -15.53 -58.41
CA VAL I 276 -62.11 -14.90 -59.09
C VAL I 276 -62.19 -15.48 -60.51
N GLU I 277 -63.24 -16.26 -60.76
CA GLU I 277 -63.31 -17.05 -61.99
C GLU I 277 -63.54 -16.19 -63.22
N GLY I 278 -62.69 -16.39 -64.23
CA GLY I 278 -62.86 -15.71 -65.51
C GLY I 278 -62.29 -14.31 -65.55
N ALA I 279 -61.64 -13.89 -64.47
CA ALA I 279 -61.09 -12.54 -64.39
C ALA I 279 -59.58 -12.56 -64.61
N ASN I 280 -59.06 -11.56 -65.32
CA ASN I 280 -57.61 -11.41 -65.42
C ASN I 280 -57.09 -10.41 -64.39
N HIS I 281 -55.79 -10.13 -64.44
CA HIS I 281 -55.19 -9.14 -63.54
C HIS I 281 -55.95 -7.81 -63.54
N MET I 282 -56.26 -7.28 -64.72
CA MET I 282 -56.84 -5.95 -64.83
C MET I 282 -58.33 -5.91 -64.54
N ASP I 283 -58.99 -7.06 -64.69
CA ASP I 283 -60.42 -7.11 -64.47
C ASP I 283 -60.79 -6.71 -63.03
N LEU I 284 -59.89 -7.02 -62.09
CA LEU I 284 -60.18 -6.76 -60.68
C LEU I 284 -59.97 -5.31 -60.29
N TYR I 285 -59.45 -4.50 -61.21
CA TYR I 285 -59.34 -3.07 -60.97
C TYR I 285 -60.72 -2.41 -61.04
N ASP I 286 -61.50 -2.77 -62.06
CA ASP I 286 -62.70 -1.99 -62.34
C ASP I 286 -63.90 -2.72 -62.98
N GLY I 287 -63.81 -4.03 -63.20
CA GLY I 287 -65.01 -4.75 -63.63
C GLY I 287 -66.00 -4.79 -62.47
N LYS I 288 -67.19 -4.23 -62.65
CA LYS I 288 -68.15 -4.04 -61.56
C LYS I 288 -68.39 -5.31 -60.75
N ALA I 289 -68.67 -6.41 -61.46
CA ALA I 289 -69.01 -7.67 -60.83
C ALA I 289 -67.81 -8.30 -60.15
N TYR I 290 -66.65 -8.18 -60.78
CA TYR I 290 -65.42 -8.73 -60.21
C TYR I 290 -65.04 -8.00 -58.93
N VAL I 291 -65.21 -6.67 -58.94
CA VAL I 291 -64.89 -5.87 -57.78
C VAL I 291 -65.90 -6.18 -56.69
N ALA I 292 -67.15 -6.37 -57.10
CA ALA I 292 -68.20 -6.72 -56.15
C ALA I 292 -67.88 -8.04 -55.45
N GLU I 293 -67.47 -9.04 -56.22
CA GLU I 293 -67.07 -10.34 -55.66
C GLU I 293 -65.87 -10.20 -54.71
N ALA I 294 -64.84 -9.51 -55.19
CA ALA I 294 -63.67 -9.25 -54.35
C ALA I 294 -64.09 -8.66 -53.00
N ILE I 295 -64.90 -7.60 -53.02
CA ILE I 295 -65.39 -6.98 -51.79
C ILE I 295 -66.21 -7.96 -50.93
N SER I 296 -66.98 -8.80 -51.61
CA SER I 296 -67.82 -9.79 -50.94
C SER I 296 -66.96 -10.81 -50.22
N VAL I 297 -65.69 -10.89 -50.62
CA VAL I 297 -64.74 -11.74 -49.90
C VAL I 297 -63.97 -10.98 -48.81
N LEU I 298 -63.46 -9.82 -49.18
CA LEU I 298 -62.55 -9.04 -48.35
C LEU I 298 -63.26 -8.47 -47.11
N ALA I 299 -64.45 -7.92 -47.30
CA ALA I 299 -65.16 -7.30 -46.19
C ALA I 299 -65.46 -8.28 -45.04
N PRO I 300 -66.02 -9.47 -45.34
CA PRO I 300 -66.24 -10.38 -44.21
C PRO I 300 -64.94 -10.85 -43.60
N PHE I 301 -63.88 -10.89 -44.40
CA PHE I 301 -62.57 -11.28 -43.89
C PHE I 301 -62.10 -10.29 -42.83
N PHE I 302 -62.15 -9.01 -43.16
CA PHE I 302 -61.68 -7.98 -42.23
C PHE I 302 -62.62 -7.88 -41.04
N GLU I 303 -63.89 -8.17 -41.25
CA GLU I 303 -64.86 -8.17 -40.16
C GLU I 303 -64.52 -9.23 -39.11
N GLU I 304 -64.03 -10.38 -39.57
CA GLU I 304 -63.62 -11.44 -38.65
C GLU I 304 -62.29 -11.12 -37.98
N THR I 305 -61.39 -10.48 -38.72
CA THR I 305 -60.00 -10.40 -38.26
C THR I 305 -59.63 -9.06 -37.65
N LEU I 306 -60.47 -8.04 -37.86
CA LEU I 306 -60.23 -6.74 -37.23
C LEU I 306 -61.19 -6.48 -36.05
N MET J 2 -4.09 18.07 -49.37
CA MET J 2 -4.16 17.01 -48.44
C MET J 2 -5.64 16.56 -48.37
N ASN J 3 -6.52 17.41 -47.89
CA ASN J 3 -7.96 17.07 -47.84
C ASN J 3 -8.93 18.22 -48.02
N ASN J 4 -10.17 17.91 -48.28
CA ASN J 4 -11.17 18.93 -48.58
C ASN J 4 -12.48 18.58 -47.91
N LYS J 5 -12.99 19.49 -47.08
CA LYS J 5 -14.25 19.27 -46.41
C LYS J 5 -15.36 19.89 -47.23
N VAL J 6 -16.33 19.06 -47.62
CA VAL J 6 -17.40 19.47 -48.51
C VAL J 6 -18.79 19.17 -47.94
N SER J 7 -19.81 19.76 -48.55
CA SER J 7 -21.18 19.37 -48.30
C SER J 7 -21.88 19.35 -49.65
N PHE J 8 -22.64 18.30 -49.92
CA PHE J 8 -23.28 18.20 -51.22
C PHE J 8 -24.70 17.65 -51.13
N THR J 9 -25.54 18.03 -52.06
CA THR J 9 -26.93 17.57 -52.05
C THR J 9 -27.00 16.06 -52.21
N ASN J 10 -27.80 15.44 -51.35
CA ASN J 10 -28.06 14.00 -51.46
C ASN J 10 -29.00 13.78 -52.64
N SER J 11 -28.52 13.13 -53.70
CA SER J 11 -29.34 12.93 -54.90
C SER J 11 -30.58 12.06 -54.65
N ASN J 12 -30.58 11.27 -53.59
CA ASN J 12 -31.78 10.45 -53.29
C ASN J 12 -32.83 11.29 -52.59
N ASN J 13 -32.38 12.33 -51.90
CA ASN J 13 -33.28 13.18 -51.16
C ASN J 13 -32.69 14.58 -51.13
N PRO J 14 -33.00 15.37 -52.17
CA PRO J 14 -32.36 16.67 -52.36
C PRO J 14 -32.64 17.69 -51.25
N THR J 15 -33.54 17.37 -50.31
CA THR J 15 -33.71 18.21 -49.13
C THR J 15 -32.53 18.05 -48.16
N ILE J 16 -31.75 16.99 -48.33
CA ILE J 16 -30.63 16.70 -47.43
C ILE J 16 -29.26 16.95 -48.08
N SER J 17 -28.39 17.68 -47.37
CA SER J 17 -26.98 17.76 -47.73
C SER J 17 -26.15 16.81 -46.86
N LEU J 18 -25.26 16.05 -47.51
CA LEU J 18 -24.30 15.20 -46.83
C LEU J 18 -23.01 15.96 -46.61
N SER J 19 -22.47 15.81 -45.40
CA SER J 19 -21.19 16.42 -45.04
C SER J 19 -20.10 15.37 -45.22
N ALA J 20 -18.97 15.73 -45.82
CA ALA J 20 -17.96 14.72 -46.10
C ALA J 20 -16.58 15.32 -46.18
N VAL J 21 -15.56 14.47 -46.03
CA VAL J 21 -14.17 14.89 -46.15
C VAL J 21 -13.54 14.01 -47.19
N ILE J 22 -12.91 14.63 -48.20
CA ILE J 22 -12.24 13.91 -49.26
C ILE J 22 -10.75 13.96 -48.94
N TYR J 23 -10.10 12.79 -48.97
CA TYR J 23 -8.66 12.69 -48.72
C TYR J 23 -7.92 12.40 -50.02
N PHE J 24 -6.85 13.15 -50.26
CA PHE J 24 -6.09 13.04 -51.50
C PHE J 24 -4.76 12.32 -51.28
N PRO J 25 -4.33 11.52 -52.26
CA PRO J 25 -3.09 10.74 -52.14
C PRO J 25 -1.83 11.60 -52.27
N PRO J 26 -0.68 11.05 -51.87
CA PRO J 26 0.57 11.81 -52.04
C PRO J 26 0.88 12.03 -53.51
N LYS J 27 1.31 13.23 -53.87
CA LYS J 27 1.57 13.59 -55.28
C LYS J 27 0.31 13.48 -56.12
N PHE J 28 -0.81 13.83 -55.51
CA PHE J 28 -2.06 14.00 -56.21
C PHE J 28 -1.88 15.04 -57.31
N ASP J 29 -2.25 14.66 -58.52
CA ASP J 29 -2.25 15.56 -59.67
C ASP J 29 -3.66 15.69 -60.21
N GLU J 30 -4.21 16.90 -60.14
CA GLU J 30 -5.62 17.12 -60.48
C GLU J 30 -5.95 16.80 -61.95
N THR J 31 -4.94 16.77 -62.82
CA THR J 31 -5.17 16.42 -64.23
C THR J 31 -5.35 14.92 -64.40
N ARG J 32 -5.08 14.17 -63.35
CA ARG J 32 -5.22 12.71 -63.40
C ARG J 32 -6.57 12.25 -62.85
N GLN J 33 -7.01 11.06 -63.26
CA GLN J 33 -8.18 10.44 -62.68
C GLN J 33 -7.79 9.27 -61.80
N TYR J 34 -8.16 9.34 -60.53
CA TYR J 34 -7.69 8.37 -59.55
C TYR J 34 -8.73 7.32 -59.19
N GLN J 35 -8.26 6.20 -58.68
CA GLN J 35 -9.13 5.22 -58.04
C GLN J 35 -9.71 5.90 -56.82
N ALA J 36 -10.95 5.55 -56.45
CA ALA J 36 -11.60 6.17 -55.31
C ALA J 36 -12.27 5.14 -54.42
N ILE J 37 -12.26 5.39 -53.11
CA ILE J 37 -12.91 4.50 -52.15
C ILE J 37 -13.85 5.28 -51.24
N VAL J 38 -15.09 4.79 -51.13
CA VAL J 38 -16.08 5.36 -50.22
C VAL J 38 -16.04 4.65 -48.87
N LEU J 39 -15.87 5.44 -47.81
CA LEU J 39 -15.79 4.90 -46.45
C LEU J 39 -17.08 5.10 -45.70
N SER J 40 -17.71 4.00 -45.26
CA SER J 40 -18.94 4.11 -44.47
C SER J 40 -18.68 3.81 -42.98
N HIS J 41 -19.24 4.64 -42.10
CA HIS J 41 -18.99 4.56 -40.65
C HIS J 41 -19.87 3.55 -39.90
N PRO J 42 -19.41 3.12 -38.69
CA PRO J 42 -20.19 2.24 -37.80
C PRO J 42 -21.55 2.82 -37.42
N GLY J 43 -22.42 1.99 -36.82
CA GLY J 43 -23.70 2.49 -36.31
C GLY J 43 -23.51 3.49 -35.18
N GLY J 44 -23.97 4.72 -35.38
CA GLY J 44 -23.77 5.77 -34.39
C GLY J 44 -22.44 6.51 -34.52
N GLY J 45 -21.58 6.07 -35.44
CA GLY J 45 -20.30 6.74 -35.66
C GLY J 45 -20.38 7.89 -36.64
N VAL J 46 -19.25 8.56 -36.84
CA VAL J 46 -19.20 9.66 -37.79
C VAL J 46 -17.87 9.63 -38.55
N LYS J 47 -17.77 10.49 -39.56
CA LYS J 47 -16.58 10.52 -40.41
C LYS J 47 -15.32 10.89 -39.65
N GLU J 48 -15.46 11.56 -38.50
CA GLU J 48 -14.30 12.02 -37.73
C GLU J 48 -13.67 10.89 -36.94
N GLN J 49 -14.38 9.78 -36.81
CA GLN J 49 -13.88 8.67 -36.01
C GLN J 49 -13.14 7.66 -36.87
N THR J 50 -13.35 6.38 -36.61
CA THR J 50 -12.58 5.35 -37.31
C THR J 50 -12.66 5.44 -38.83
N ALA J 51 -13.83 5.80 -39.37
CA ALA J 51 -13.99 5.89 -40.83
C ALA J 51 -12.99 6.88 -41.45
N GLY J 52 -12.81 8.01 -40.77
CA GLY J 52 -11.87 9.03 -41.22
C GLY J 52 -10.44 8.53 -41.14
N THR J 53 -10.15 7.74 -40.10
CA THR J 53 -8.83 7.13 -39.93
C THR J 53 -8.51 6.21 -41.09
N TYR J 54 -9.43 5.31 -41.40
CA TYR J 54 -9.21 4.40 -42.52
C TYR J 54 -9.17 5.15 -43.87
N ALA J 55 -9.99 6.19 -44.01
CA ALA J 55 -10.00 6.95 -45.27
C ALA J 55 -8.65 7.63 -45.48
N LYS J 56 -8.11 8.17 -44.40
CA LYS J 56 -6.82 8.88 -44.44
C LYS J 56 -5.67 7.93 -44.72
N LYS J 57 -5.63 6.83 -43.98
CA LYS J 57 -4.61 5.81 -44.20
C LYS J 57 -4.66 5.27 -45.64
N LEU J 58 -5.86 5.08 -46.15
CA LEU J 58 -6.02 4.56 -47.51
C LEU J 58 -5.59 5.58 -48.55
N ALA J 59 -5.93 6.85 -48.32
CA ALA J 59 -5.47 7.90 -49.23
C ALA J 59 -3.94 8.05 -49.18
N GLU J 60 -3.34 7.63 -48.07
CA GLU J 60 -1.88 7.61 -48.01
C GLU J 60 -1.30 6.57 -48.95
N LYS J 61 -2.08 5.54 -49.27
CA LYS J 61 -1.55 4.47 -50.11
C LYS J 61 -1.85 4.67 -51.60
N GLY J 62 -2.32 5.87 -51.94
CA GLY J 62 -2.48 6.25 -53.35
C GLY J 62 -3.88 6.43 -53.89
N PHE J 63 -4.89 6.38 -53.02
CA PHE J 63 -6.28 6.54 -53.46
C PHE J 63 -6.85 7.91 -53.14
N VAL J 64 -7.91 8.28 -53.86
CA VAL J 64 -8.75 9.39 -53.44
C VAL J 64 -9.80 8.71 -52.59
N THR J 65 -10.01 9.17 -51.36
CA THR J 65 -11.01 8.52 -50.52
C THR J 65 -12.00 9.54 -50.01
N ILE J 66 -13.15 9.07 -49.54
CA ILE J 66 -14.14 9.99 -49.01
C ILE J 66 -14.82 9.38 -47.79
N ALA J 67 -14.85 10.16 -46.70
CA ALA J 67 -15.56 9.74 -45.51
C ALA J 67 -16.72 10.70 -45.30
N TYR J 68 -17.94 10.17 -45.37
CA TYR J 68 -19.14 10.98 -45.29
C TYR J 68 -19.92 10.62 -44.04
N ASP J 69 -20.74 11.56 -43.56
CA ASP J 69 -21.69 11.28 -42.49
C ASP J 69 -23.03 10.89 -43.12
N ALA J 70 -23.57 9.75 -42.69
CA ALA J 70 -24.89 9.29 -43.14
C ALA J 70 -25.97 10.36 -43.05
N SER J 71 -26.98 10.26 -43.92
CA SER J 71 -28.18 11.07 -43.76
C SER J 71 -28.67 10.92 -42.31
N TYR J 72 -29.20 12.02 -41.76
CA TYR J 72 -29.79 12.08 -40.42
C TYR J 72 -28.77 11.98 -39.30
N GLN J 73 -27.49 12.07 -39.65
CA GLN J 73 -26.45 11.76 -38.69
C GLN J 73 -25.24 12.65 -38.89
N GLY J 74 -24.35 12.69 -37.90
CA GLY J 74 -23.15 13.50 -38.00
C GLY J 74 -23.50 14.94 -38.29
N GLU J 75 -22.79 15.52 -39.26
CA GLU J 75 -23.04 16.89 -39.71
C GLU J 75 -23.97 16.97 -40.91
N SER J 76 -24.33 15.81 -41.46
CA SER J 76 -25.30 15.74 -42.58
C SER J 76 -26.72 16.15 -42.15
N GLY J 77 -27.49 16.68 -43.10
CA GLY J 77 -28.85 17.13 -42.80
C GLY J 77 -29.84 15.98 -42.62
N GLY J 78 -31.10 16.34 -42.41
CA GLY J 78 -32.17 15.37 -42.33
C GLY J 78 -32.79 15.24 -40.96
N GLU J 79 -34.12 15.24 -40.91
CA GLU J 79 -34.89 15.01 -39.67
C GLU J 79 -35.83 13.82 -39.89
N PRO J 80 -35.99 12.96 -38.86
CA PRO J 80 -35.47 13.08 -37.49
C PRO J 80 -33.99 12.72 -37.34
N ARG J 81 -33.33 13.42 -36.44
CA ARG J 81 -31.91 13.17 -36.21
C ARG J 81 -31.70 11.77 -35.68
N GLN J 82 -30.59 11.16 -36.10
CA GLN J 82 -30.18 9.83 -35.64
C GLN J 82 -31.07 8.68 -36.14
N LEU J 83 -31.87 8.94 -37.18
CA LEU J 83 -32.62 7.88 -37.83
C LEU J 83 -31.65 6.79 -38.30
N GLU J 84 -32.03 5.53 -38.12
CA GLU J 84 -31.21 4.42 -38.60
C GLU J 84 -32.04 3.51 -39.51
N ASN J 85 -32.49 4.10 -40.62
CA ASN J 85 -33.17 3.36 -41.67
C ASN J 85 -32.09 2.68 -42.51
N PRO J 86 -32.01 1.35 -42.46
CA PRO J 86 -30.92 0.63 -43.11
C PRO J 86 -30.99 0.80 -44.64
N TYR J 87 -32.17 1.00 -45.19
CA TYR J 87 -32.30 1.20 -46.64
C TYR J 87 -31.75 2.57 -47.05
N ILE J 88 -31.95 3.54 -46.17
CA ILE J 88 -31.39 4.86 -46.40
C ILE J 88 -29.88 4.85 -46.17
N ARG J 89 -29.43 4.17 -45.11
CA ARG J 89 -28.00 4.04 -44.88
C ARG J 89 -27.30 3.41 -46.08
N THR J 90 -27.91 2.35 -46.62
CA THR J 90 -27.36 1.72 -47.83
C THR J 90 -27.36 2.69 -49.02
N GLU J 91 -28.50 3.34 -49.29
CA GLU J 91 -28.58 4.23 -50.47
C GLU J 91 -27.70 5.51 -50.40
N ASP J 92 -27.37 5.94 -49.18
CA ASP J 92 -26.43 7.05 -48.97
C ASP J 92 -25.14 6.81 -49.76
N ILE J 93 -24.74 5.54 -49.83
CA ILE J 93 -23.48 5.20 -50.48
C ILE J 93 -23.59 5.55 -51.96
N SER J 94 -24.76 5.26 -52.55
CA SER J 94 -25.00 5.59 -53.96
C SER J 94 -25.04 7.10 -54.16
N ALA J 95 -25.59 7.82 -53.18
CA ALA J 95 -25.51 9.28 -53.25
C ALA J 95 -24.03 9.77 -53.27
N VAL J 96 -23.20 9.14 -52.44
CA VAL J 96 -21.79 9.53 -52.39
C VAL J 96 -21.10 9.24 -53.71
N ILE J 97 -21.35 8.06 -54.27
CA ILE J 97 -20.80 7.70 -55.58
C ILE J 97 -21.24 8.69 -56.66
N ASP J 98 -22.53 9.06 -56.64
CA ASP J 98 -23.04 10.05 -57.57
C ASP J 98 -22.16 11.28 -57.45
N TYR J 99 -21.93 11.72 -56.22
CA TYR J 99 -21.08 12.89 -56.03
C TYR J 99 -19.68 12.67 -56.62
N LEU J 100 -19.13 11.47 -56.45
CA LEU J 100 -17.78 11.20 -56.93
C LEU J 100 -17.72 11.29 -58.45
N THR J 101 -18.83 10.96 -59.12
CA THR J 101 -18.81 11.02 -60.58
C THR J 101 -18.74 12.46 -61.10
N THR J 102 -19.06 13.42 -60.25
CA THR J 102 -18.98 14.82 -60.68
C THR J 102 -17.56 15.38 -60.56
N LEU J 103 -16.69 14.66 -59.86
CA LEU J 103 -15.31 15.13 -59.63
C LEU J 103 -14.39 14.73 -60.78
N SER J 104 -13.76 15.71 -61.41
CA SER J 104 -12.97 15.46 -62.62
C SER J 104 -11.78 14.55 -62.35
N TYR J 105 -11.34 14.55 -61.09
CA TYR J 105 -10.17 13.77 -60.68
C TYR J 105 -10.45 12.32 -60.22
N VAL J 106 -11.71 11.89 -60.25
CA VAL J 106 -11.95 10.47 -60.02
C VAL J 106 -12.35 9.73 -61.30
N ASP J 107 -11.88 8.49 -61.39
CA ASP J 107 -12.24 7.60 -62.49
C ASP J 107 -13.48 6.85 -62.08
N ASN J 108 -14.60 7.11 -62.79
CA ASN J 108 -15.89 6.50 -62.47
C ASN J 108 -15.86 4.99 -62.58
N THR J 109 -14.93 4.47 -63.37
CA THR J 109 -14.87 3.03 -63.59
C THR J 109 -13.98 2.36 -62.55
N ARG J 110 -13.43 3.15 -61.64
CA ARG J 110 -12.52 2.60 -60.62
C ARG J 110 -12.94 2.97 -59.21
N ILE J 111 -14.23 2.81 -58.92
CA ILE J 111 -14.76 3.17 -57.61
C ILE J 111 -15.03 1.95 -56.73
N GLY J 112 -14.51 2.03 -55.54
CA GLY J 112 -14.75 1.00 -54.55
C GLY J 112 -15.37 1.50 -53.25
N ALA J 113 -15.67 0.57 -52.37
CA ALA J 113 -16.22 0.87 -51.08
C ALA J 113 -15.84 -0.05 -49.94
N MET J 114 -15.62 0.56 -48.80
CA MET J 114 -15.34 -0.15 -47.59
C MET J 114 -16.12 0.43 -46.41
N GLY J 115 -16.34 -0.40 -45.39
CA GLY J 115 -17.07 0.05 -44.24
C GLY J 115 -16.58 -0.66 -42.99
N ILE J 116 -16.89 -0.07 -41.84
CA ILE J 116 -16.51 -0.61 -40.56
C ILE J 116 -17.79 -0.83 -39.76
N CYS J 117 -17.90 -1.97 -39.09
CA CYS J 117 -19.04 -2.25 -38.22
C CYS J 117 -20.29 -2.29 -39.09
N ALA J 118 -21.35 -1.60 -38.69
CA ALA J 118 -22.59 -1.60 -39.48
C ALA J 118 -22.35 -1.08 -40.91
N GLY J 119 -21.46 -0.09 -41.04
CA GLY J 119 -21.10 0.46 -42.34
C GLY J 119 -20.60 -0.60 -43.30
N ALA J 120 -20.04 -1.68 -42.76
CA ALA J 120 -19.59 -2.78 -43.61
C ALA J 120 -20.79 -3.50 -44.19
N GLY J 121 -21.77 -3.82 -43.34
CA GLY J 121 -22.98 -4.48 -43.81
C GLY J 121 -23.61 -3.66 -44.93
N TYR J 122 -23.70 -2.35 -44.67
CA TYR J 122 -24.32 -1.46 -45.63
C TYR J 122 -23.51 -1.48 -46.91
N THR J 123 -22.18 -1.50 -46.77
CA THR J 123 -21.30 -1.53 -47.93
C THR J 123 -21.69 -2.73 -48.78
N ALA J 124 -21.87 -3.88 -48.14
CA ALA J 124 -22.17 -5.08 -48.91
C ALA J 124 -23.47 -4.82 -49.65
N ASN J 125 -24.45 -4.30 -48.92
CA ASN J 125 -25.78 -4.10 -49.49
C ASN J 125 -25.62 -3.21 -50.71
N ALA J 126 -24.78 -2.19 -50.59
CA ALA J 126 -24.65 -1.23 -51.67
C ALA J 126 -24.05 -1.90 -52.90
N ALA J 127 -23.03 -2.74 -52.67
CA ALA J 127 -22.40 -3.40 -53.79
C ALA J 127 -23.43 -4.29 -54.46
N ILE J 128 -24.38 -4.78 -53.68
CA ILE J 128 -25.41 -5.64 -54.26
C ILE J 128 -26.25 -4.85 -55.25
N GLN J 129 -26.60 -3.62 -54.91
CA GLN J 129 -27.57 -2.92 -55.74
C GLN J 129 -26.96 -1.85 -56.65
N ASP J 130 -25.73 -1.43 -56.33
CA ASP J 130 -25.08 -0.38 -57.07
C ASP J 130 -23.90 -0.97 -57.81
N ARG J 131 -24.03 -1.12 -59.12
CA ARG J 131 -23.02 -1.83 -59.90
C ARG J 131 -21.85 -0.96 -60.27
N ARG J 132 -21.86 0.29 -59.80
CA ARG J 132 -20.71 1.15 -60.00
C ARG J 132 -19.64 0.86 -58.95
N ILE J 133 -20.00 0.08 -57.94
CA ILE J 133 -19.04 -0.37 -56.93
C ILE J 133 -18.33 -1.60 -57.49
N LYS J 134 -17.02 -1.47 -57.71
N LYS J 134 -17.02 -1.48 -57.72
CA LYS J 134 -16.22 -2.51 -58.35
CA LYS J 134 -16.27 -2.55 -58.36
C LYS J 134 -15.65 -3.52 -57.36
C LYS J 134 -15.60 -3.51 -57.37
N ALA J 135 -15.41 -3.06 -56.13
CA ALA J 135 -14.84 -3.90 -55.08
C ALA J 135 -15.18 -3.40 -53.70
N ILE J 136 -15.31 -4.31 -52.73
CA ILE J 136 -15.60 -3.92 -51.36
C ILE J 136 -14.64 -4.51 -50.31
N GLY J 137 -14.38 -3.74 -49.26
CA GLY J 137 -13.65 -4.22 -48.09
C GLY J 137 -14.51 -4.06 -46.84
N THR J 138 -14.24 -4.86 -45.81
CA THR J 138 -14.97 -4.73 -44.54
C THR J 138 -14.01 -4.88 -43.36
N VAL J 139 -14.20 -4.06 -42.33
CA VAL J 139 -13.46 -4.17 -41.08
C VAL J 139 -14.47 -4.39 -39.96
N SER J 140 -14.27 -5.44 -39.16
CA SER J 140 -15.20 -5.76 -38.07
C SER J 140 -16.66 -5.70 -38.52
N ALA J 141 -16.97 -6.37 -39.63
CA ALA J 141 -18.26 -6.23 -40.30
C ALA J 141 -19.44 -6.49 -39.37
N VAL J 142 -20.47 -5.65 -39.46
CA VAL J 142 -21.74 -5.90 -38.79
C VAL J 142 -22.88 -5.82 -39.80
N ASN J 143 -23.69 -6.87 -39.87
CA ASN J 143 -24.99 -6.83 -40.55
C ASN J 143 -25.98 -6.40 -39.47
N ILE J 144 -26.42 -5.15 -39.50
CA ILE J 144 -27.18 -4.59 -38.37
C ILE J 144 -28.47 -5.38 -38.10
N GLY J 145 -29.06 -5.89 -39.19
CA GLY J 145 -30.22 -6.74 -39.10
C GLY J 145 -29.90 -7.96 -38.25
N SER J 146 -28.81 -8.65 -38.59
CA SER J 146 -28.42 -9.87 -37.88
C SER J 146 -28.18 -9.58 -36.41
N ILE J 147 -27.49 -8.48 -36.12
CA ILE J 147 -27.06 -8.21 -34.76
C ILE J 147 -28.24 -7.80 -33.87
N PHE J 148 -29.20 -7.06 -34.40
CA PHE J 148 -30.40 -6.76 -33.59
C PHE J 148 -31.36 -7.95 -33.52
N ARG J 149 -31.44 -8.73 -34.59
CA ARG J 149 -32.45 -9.79 -34.67
C ARG J 149 -32.01 -11.06 -33.97
N ASN J 150 -30.77 -11.43 -34.23
CA ASN J 150 -30.28 -12.72 -33.77
C ASN J 150 -29.31 -12.58 -32.61
N GLY J 151 -29.06 -11.33 -32.22
CA GLY J 151 -28.22 -11.06 -31.07
C GLY J 151 -26.75 -10.99 -31.41
N TRP J 152 -26.00 -10.28 -30.57
CA TRP J 152 -24.55 -10.15 -30.68
C TRP J 152 -23.85 -11.50 -30.81
N GLU J 153 -24.44 -12.53 -30.22
CA GLU J 153 -23.84 -13.86 -30.24
C GLU J 153 -24.54 -14.81 -31.20
N ASN J 154 -25.44 -14.27 -32.01
CA ASN J 154 -26.23 -15.10 -32.93
C ASN J 154 -26.90 -16.27 -32.22
N ASN J 155 -27.47 -16.01 -31.06
CA ASN J 155 -28.13 -17.06 -30.27
C ASN J 155 -29.63 -16.84 -30.07
N VAL J 156 -30.19 -15.86 -30.76
CA VAL J 156 -31.62 -15.58 -30.68
C VAL J 156 -32.29 -15.96 -31.98
N LYS J 157 -33.25 -16.88 -31.91
CA LYS J 157 -34.02 -17.27 -33.07
C LYS J 157 -34.86 -16.08 -33.58
N SER J 158 -34.88 -15.86 -34.89
CA SER J 158 -35.58 -14.72 -35.49
C SER J 158 -36.99 -14.46 -34.94
N ILE J 159 -37.83 -15.49 -34.85
CA ILE J 159 -39.22 -15.30 -34.41
C ILE J 159 -39.26 -14.72 -32.99
N ASP J 160 -38.27 -15.08 -32.18
CA ASP J 160 -38.20 -14.64 -30.79
C ASP J 160 -37.84 -13.16 -30.70
N ALA J 161 -37.47 -12.59 -31.85
CA ALA J 161 -37.15 -11.18 -31.91
C ALA J 161 -38.41 -10.38 -32.24
N LEU J 162 -39.54 -11.07 -32.44
CA LEU J 162 -40.79 -10.36 -32.74
C LEU J 162 -41.10 -9.18 -31.78
N PRO J 163 -40.82 -9.32 -30.47
CA PRO J 163 -41.14 -8.16 -29.61
C PRO J 163 -40.38 -6.88 -29.95
N TYR J 164 -39.21 -6.99 -30.57
CA TYR J 164 -38.50 -5.78 -31.00
C TYR J 164 -39.19 -5.12 -32.20
N VAL J 165 -39.78 -5.93 -33.08
CA VAL J 165 -40.49 -5.40 -34.23
C VAL J 165 -41.72 -4.68 -33.71
N GLU J 166 -42.35 -5.29 -32.73
CA GLU J 166 -43.50 -4.69 -32.07
C GLU J 166 -43.11 -3.36 -31.43
N ALA J 167 -41.98 -3.34 -30.72
CA ALA J 167 -41.54 -2.09 -30.08
C ALA J 167 -41.25 -0.97 -31.08
N GLY J 168 -40.56 -1.28 -32.17
CA GLY J 168 -40.33 -0.30 -33.23
C GLY J 168 -41.65 0.20 -33.81
N SER J 169 -42.63 -0.71 -33.93
CA SER J 169 -43.92 -0.32 -34.51
C SER J 169 -44.66 0.64 -33.58
N ASN J 170 -44.66 0.28 -32.30
CA ASN J 170 -45.34 1.09 -31.28
C ASN J 170 -44.67 2.44 -31.07
N ALA J 171 -43.35 2.49 -31.26
CA ALA J 171 -42.62 3.75 -31.22
C ALA J 171 -43.14 4.77 -32.23
N ARG J 172 -43.55 4.30 -33.41
CA ARG J 172 -44.13 5.17 -34.42
C ARG J 172 -45.43 5.80 -33.91
N THR J 173 -46.23 5.02 -33.21
CA THR J 173 -47.43 5.57 -32.58
C THR J 173 -47.05 6.59 -31.52
N SER J 174 -46.02 6.29 -30.73
CA SER J 174 -45.54 7.19 -29.67
C SER J 174 -45.01 8.50 -30.24
N ASP J 175 -44.18 8.38 -31.27
CA ASP J 175 -43.55 9.53 -31.89
C ASP J 175 -44.56 10.54 -32.42
N ILE J 176 -45.61 10.07 -33.07
CA ILE J 176 -46.55 11.03 -33.65
C ILE J 176 -47.48 11.60 -32.57
N SER J 177 -47.77 10.79 -31.56
CA SER J 177 -48.61 11.27 -30.46
C SER J 177 -47.91 12.39 -29.69
N SER J 178 -46.62 12.22 -29.42
CA SER J 178 -45.88 13.15 -28.60
C SER J 178 -45.15 14.25 -29.38
N GLY J 179 -44.89 14.01 -30.67
CA GLY J 179 -44.13 14.96 -31.47
C GLY J 179 -42.65 14.86 -31.17
N GLU J 180 -42.28 13.84 -30.40
CA GLU J 180 -40.89 13.57 -30.06
C GLU J 180 -40.43 12.34 -30.83
N TYR J 181 -39.15 12.02 -30.75
CA TYR J 181 -38.65 10.78 -31.33
C TYR J 181 -38.02 9.92 -30.25
N ALA J 182 -38.64 8.78 -29.95
CA ALA J 182 -38.07 7.88 -28.94
C ALA J 182 -36.69 7.43 -29.42
N ILE J 183 -35.78 7.21 -28.47
CA ILE J 183 -34.42 6.78 -28.81
C ILE J 183 -34.06 5.43 -28.19
N MET J 184 -33.06 4.78 -28.78
CA MET J 184 -32.59 3.48 -28.33
C MET J 184 -31.07 3.47 -28.46
N PRO J 185 -30.40 2.70 -27.60
CA PRO J 185 -28.93 2.64 -27.67
C PRO J 185 -28.47 2.03 -28.98
N LEU J 186 -27.33 2.49 -29.47
CA LEU J 186 -26.60 1.74 -30.48
C LEU J 186 -25.50 1.01 -29.71
N ALA J 187 -24.34 1.63 -29.53
CA ALA J 187 -23.43 1.17 -28.48
C ALA J 187 -24.15 1.37 -27.16
N PRO J 188 -23.69 0.73 -26.07
CA PRO J 188 -24.35 0.97 -24.79
C PRO J 188 -24.24 2.43 -24.42
N MET J 189 -25.27 2.97 -23.78
CA MET J 189 -25.28 4.40 -23.47
C MET J 189 -24.77 4.61 -22.06
N LYS J 190 -24.45 3.50 -21.41
CA LYS J 190 -23.93 3.57 -20.05
C LYS J 190 -22.98 2.39 -19.87
N GLU J 191 -21.84 2.63 -19.22
CA GLU J 191 -20.82 1.58 -19.12
C GLU J 191 -21.38 0.29 -18.51
N SER J 192 -22.18 0.43 -17.44
CA SER J 192 -22.66 -0.76 -16.74
C SER J 192 -23.72 -1.56 -17.53
N ASP J 193 -24.31 -0.95 -18.56
CA ASP J 193 -25.26 -1.70 -19.39
C ASP J 193 -24.57 -2.73 -20.27
N ALA J 194 -23.27 -2.61 -20.47
CA ALA J 194 -22.57 -3.50 -21.40
C ALA J 194 -22.58 -4.93 -20.85
N PRO J 195 -22.97 -5.89 -21.69
CA PRO J 195 -23.06 -7.31 -21.34
C PRO J 195 -21.70 -7.98 -21.38
N ASN J 196 -20.75 -7.39 -22.09
CA ASN J 196 -19.41 -7.96 -22.18
C ASN J 196 -18.34 -6.89 -22.30
N GLU J 197 -17.07 -7.30 -22.27
CA GLU J 197 -15.99 -6.33 -22.38
C GLU J 197 -15.95 -5.64 -23.76
N GLU J 198 -16.28 -6.35 -24.83
CA GLU J 198 -16.24 -5.73 -26.17
C GLU J 198 -17.26 -4.61 -26.29
N LEU J 199 -18.44 -4.85 -25.74
CA LEU J 199 -19.49 -3.85 -25.80
C LEU J 199 -19.17 -2.73 -24.81
N ARG J 200 -18.46 -3.08 -23.73
CA ARG J 200 -18.00 -2.06 -22.80
C ARG J 200 -17.05 -1.14 -23.56
N GLN J 201 -16.23 -1.72 -24.42
CA GLN J 201 -15.28 -0.93 -25.21
C GLN J 201 -15.98 -0.14 -26.30
N ALA J 202 -17.11 -0.64 -26.80
CA ALA J 202 -17.94 0.19 -27.69
C ALA J 202 -18.43 1.44 -26.94
N TRP J 203 -18.97 1.21 -25.73
CA TRP J 203 -19.39 2.31 -24.88
C TRP J 203 -18.26 3.30 -24.72
N GLU J 204 -17.09 2.77 -24.40
CA GLU J 204 -15.91 3.59 -24.09
C GLU J 204 -15.48 4.41 -25.30
N TYR J 205 -15.51 3.77 -26.46
CA TYR J 205 -15.22 4.44 -27.74
C TYR J 205 -16.13 5.64 -27.93
N TYR J 206 -17.43 5.49 -27.62
CA TYR J 206 -18.35 6.62 -27.86
C TYR J 206 -18.56 7.64 -26.72
N HIS J 207 -18.19 7.29 -25.50
CA HIS J 207 -18.57 8.08 -24.34
C HIS J 207 -17.40 8.43 -23.40
N THR J 208 -16.18 8.19 -23.88
CA THR J 208 -14.95 8.56 -23.18
C THR J 208 -14.02 9.16 -24.22
N PRO J 209 -12.92 9.81 -23.78
CA PRO J 209 -11.97 10.42 -24.71
C PRO J 209 -11.37 9.47 -25.74
N ARG J 210 -11.57 8.17 -25.58
CA ARG J 210 -11.07 7.21 -26.57
C ARG J 210 -11.44 7.68 -27.99
N ALA J 211 -12.69 8.09 -28.18
CA ALA J 211 -13.09 8.63 -29.50
C ALA J 211 -14.37 9.45 -29.52
N GLN J 212 -14.90 9.82 -28.36
CA GLN J 212 -16.17 10.55 -28.33
C GLN J 212 -16.14 11.80 -29.20
N TYR J 213 -17.23 12.04 -29.91
CA TYR J 213 -17.34 13.21 -30.77
C TYR J 213 -18.76 13.73 -30.69
N PRO J 214 -18.91 15.06 -30.57
CA PRO J 214 -20.20 15.69 -30.26
C PRO J 214 -21.33 15.42 -31.26
N THR J 215 -21.01 15.00 -32.48
CA THR J 215 -22.07 14.72 -33.45
C THR J 215 -22.45 13.23 -33.46
N ALA J 216 -21.79 12.45 -32.61
CA ALA J 216 -22.01 11.01 -32.49
C ALA J 216 -22.50 10.62 -31.09
N PRO J 217 -23.80 10.86 -30.81
CA PRO J 217 -24.33 10.67 -29.46
C PRO J 217 -24.47 9.20 -29.06
N GLY J 218 -24.44 8.31 -30.04
CA GLY J 218 -24.44 6.89 -29.75
C GLY J 218 -25.80 6.28 -29.57
N TYR J 219 -26.84 6.99 -30.01
CA TYR J 219 -28.19 6.44 -30.00
C TYR J 219 -28.89 6.64 -31.35
N ALA J 220 -29.95 5.86 -31.57
CA ALA J 220 -30.71 5.90 -32.81
C ALA J 220 -32.17 6.11 -32.47
N THR J 221 -32.99 6.48 -33.44
CA THR J 221 -34.42 6.56 -33.21
C THR J 221 -35.00 5.14 -33.09
N LEU J 222 -35.76 4.90 -32.02
CA LEU J 222 -36.38 3.60 -31.78
C LEU J 222 -37.30 3.17 -32.93
N ARG J 223 -37.89 4.15 -33.61
CA ARG J 223 -38.78 3.84 -34.73
C ARG J 223 -38.12 2.98 -35.80
N SER J 224 -36.79 3.06 -35.91
CA SER J 224 -36.07 2.33 -36.96
C SER J 224 -35.97 0.83 -36.67
N LEU J 225 -36.20 0.49 -35.40
CA LEU J 225 -36.00 -0.88 -34.92
C LEU J 225 -36.77 -1.92 -35.72
N ASN J 226 -38.03 -1.64 -36.05
CA ASN J 226 -38.79 -2.65 -36.77
C ASN J 226 -38.25 -2.87 -38.19
N GLN J 227 -37.71 -1.83 -38.81
CA GLN J 227 -37.05 -2.05 -40.09
C GLN J 227 -35.72 -2.77 -39.88
N ILE J 228 -35.06 -2.50 -38.76
CA ILE J 228 -33.75 -3.10 -38.58
C ILE J 228 -33.89 -4.61 -38.38
N ILE J 229 -34.83 -4.99 -37.53
CA ILE J 229 -35.03 -6.41 -37.24
C ILE J 229 -35.37 -7.20 -38.51
N THR J 230 -36.09 -6.57 -39.43
CA THR J 230 -36.52 -7.28 -40.63
C THR J 230 -35.61 -6.95 -41.81
N TYR J 231 -34.37 -6.56 -41.53
CA TYR J 231 -33.39 -6.20 -42.55
C TYR J 231 -32.27 -7.23 -42.63
N ASP J 232 -31.70 -7.42 -43.82
CA ASP J 232 -30.55 -8.28 -44.00
C ASP J 232 -29.61 -7.61 -44.97
N ALA J 233 -28.43 -7.21 -44.50
CA ALA J 233 -27.53 -6.43 -45.34
C ALA J 233 -26.95 -7.26 -46.49
N TYR J 234 -27.10 -8.59 -46.41
CA TYR J 234 -26.51 -9.46 -47.41
C TYR J 234 -27.58 -10.05 -48.31
N HIS J 235 -28.78 -9.48 -48.23
CA HIS J 235 -29.90 -9.96 -49.03
C HIS J 235 -29.51 -10.11 -50.52
N MET J 236 -29.70 -11.32 -51.07
CA MET J 236 -29.36 -11.65 -52.45
C MET J 236 -27.86 -11.53 -52.80
N ALA J 237 -27.01 -11.65 -51.80
CA ALA J 237 -25.57 -11.63 -52.06
C ALA J 237 -25.17 -12.87 -52.87
N GLU J 238 -25.91 -13.96 -52.66
CA GLU J 238 -25.65 -15.20 -53.39
C GLU J 238 -25.83 -15.05 -54.90
N VAL J 239 -26.60 -14.05 -55.31
CA VAL J 239 -26.85 -13.83 -56.73
C VAL J 239 -26.08 -12.63 -57.25
N TYR J 240 -26.13 -11.52 -56.53
CA TYR J 240 -25.63 -10.24 -57.05
C TYR J 240 -24.29 -9.72 -56.51
N LEU J 241 -23.87 -10.22 -55.34
CA LEU J 241 -22.60 -9.78 -54.78
C LEU J 241 -21.46 -10.55 -55.44
N THR J 242 -21.04 -10.04 -56.60
CA THR J 242 -20.07 -10.74 -57.44
C THR J 242 -18.73 -10.04 -57.43
N GLN J 243 -18.71 -8.80 -56.95
CA GLN J 243 -17.49 -8.00 -56.91
C GLN J 243 -16.47 -8.61 -55.96
N PRO J 244 -15.17 -8.41 -56.24
CA PRO J 244 -14.15 -8.78 -55.26
C PRO J 244 -14.44 -8.17 -53.89
N THR J 245 -14.15 -8.96 -52.86
CA THR J 245 -14.53 -8.63 -51.50
C THR J 245 -13.44 -9.04 -50.52
N GLN J 246 -12.84 -8.07 -49.82
CA GLN J 246 -11.84 -8.34 -48.79
C GLN J 246 -12.41 -8.15 -47.39
N ILE J 247 -12.55 -9.25 -46.66
CA ILE J 247 -13.03 -9.21 -45.28
C ILE J 247 -11.84 -9.18 -44.32
N VAL J 248 -11.95 -8.33 -43.29
CA VAL J 248 -10.93 -8.20 -42.25
C VAL J 248 -11.65 -8.23 -40.90
N ALA J 249 -11.16 -9.06 -39.97
CA ALA J 249 -11.79 -9.19 -38.66
C ALA J 249 -10.76 -9.73 -37.70
N GLY J 250 -10.98 -9.52 -36.40
CA GLY J 250 -10.08 -10.06 -35.40
C GLY J 250 -10.49 -11.48 -35.04
N SER J 251 -9.52 -12.31 -34.66
CA SER J 251 -9.79 -13.70 -34.25
C SER J 251 -10.55 -13.71 -32.94
N GLN J 252 -10.43 -12.62 -32.19
CA GLN J 252 -11.08 -12.52 -30.89
C GLN J 252 -12.40 -11.75 -30.96
N ALA J 253 -12.92 -11.51 -32.17
CA ALA J 253 -14.13 -10.71 -32.34
C ALA J 253 -15.41 -11.50 -32.12
N GLY J 254 -16.25 -11.04 -31.20
CA GLY J 254 -17.53 -11.67 -30.95
C GLY J 254 -18.45 -11.57 -32.14
N SER J 255 -18.17 -10.59 -33.00
CA SER J 255 -18.96 -10.29 -34.19
C SER J 255 -18.44 -10.99 -35.45
N LYS J 256 -17.41 -11.81 -35.29
CA LYS J 256 -16.76 -12.49 -36.41
C LYS J 256 -17.74 -13.25 -37.30
N TRP J 257 -18.72 -13.89 -36.67
CA TRP J 257 -19.70 -14.71 -37.41
C TRP J 257 -20.41 -14.00 -38.56
N MET J 258 -20.55 -12.67 -38.50
CA MET J 258 -21.18 -11.92 -39.58
C MET J 258 -20.21 -11.70 -40.76
N SER J 259 -18.92 -11.59 -40.45
CA SER J 259 -17.89 -11.61 -41.49
C SER J 259 -17.86 -12.99 -42.14
N ASP J 260 -17.95 -14.03 -41.31
CA ASP J 260 -18.11 -15.39 -41.81
C ASP J 260 -19.29 -15.51 -42.76
N ASP J 261 -20.45 -14.99 -42.34
CA ASP J 261 -21.66 -15.07 -43.12
C ASP J 261 -21.47 -14.37 -44.46
N LEU J 262 -20.94 -13.16 -44.40
CA LEU J 262 -20.68 -12.39 -45.62
C LEU J 262 -19.81 -13.21 -46.58
N TYR J 263 -18.70 -13.75 -46.06
CA TYR J 263 -17.81 -14.56 -46.88
C TYR J 263 -18.55 -15.73 -47.54
N ASP J 264 -19.24 -16.52 -46.73
CA ASP J 264 -19.94 -17.70 -47.21
C ASP J 264 -21.03 -17.40 -48.24
N ARG J 265 -21.72 -16.28 -48.07
CA ARG J 265 -22.87 -15.99 -48.93
C ARG J 265 -22.51 -15.33 -50.25
N ALA J 266 -21.47 -14.52 -50.23
CA ALA J 266 -21.07 -13.77 -51.43
C ALA J 266 -20.90 -14.68 -52.64
N SER J 267 -21.30 -14.20 -53.81
CA SER J 267 -21.10 -14.96 -55.04
C SER J 267 -19.66 -14.81 -55.52
N SER J 268 -19.02 -13.74 -55.07
CA SER J 268 -17.67 -13.33 -55.51
C SER J 268 -16.69 -14.46 -55.82
N GLN J 269 -16.03 -14.35 -56.97
CA GLN J 269 -15.00 -15.29 -57.39
C GLN J 269 -13.75 -14.98 -56.63
N ASP J 270 -13.51 -13.69 -56.45
CA ASP J 270 -12.39 -13.22 -55.66
C ASP J 270 -12.88 -12.71 -54.31
N LYS J 271 -13.15 -13.62 -53.39
CA LYS J 271 -13.44 -13.24 -51.99
C LYS J 271 -12.34 -13.70 -51.04
N ARG J 272 -11.84 -12.75 -50.25
CA ARG J 272 -10.72 -12.99 -49.34
C ARG J 272 -11.08 -12.62 -47.91
N TYR J 273 -10.39 -13.25 -46.96
CA TYR J 273 -10.73 -13.13 -45.53
C TYR J 273 -9.42 -13.09 -44.74
N HIS J 274 -9.16 -11.97 -44.09
CA HIS J 274 -7.97 -11.82 -43.27
C HIS J 274 -8.27 -11.75 -41.78
N ILE J 275 -7.68 -12.66 -41.01
CA ILE J 275 -7.76 -12.62 -39.54
C ILE J 275 -6.66 -11.70 -39.00
N VAL J 276 -7.01 -10.83 -38.05
CA VAL J 276 -6.03 -9.91 -37.45
C VAL J 276 -5.70 -10.42 -36.06
N GLU J 277 -4.74 -11.34 -35.96
CA GLU J 277 -4.50 -12.12 -34.73
C GLU J 277 -4.50 -11.30 -33.44
N GLY J 278 -5.24 -11.79 -32.45
CA GLY J 278 -5.28 -11.14 -31.16
C GLY J 278 -6.34 -10.07 -31.01
N ALA J 279 -6.87 -9.57 -32.13
CA ALA J 279 -7.78 -8.41 -32.11
C ALA J 279 -9.23 -8.79 -31.83
N ASN J 280 -9.92 -7.96 -31.04
CA ASN J 280 -11.37 -8.09 -30.91
C ASN J 280 -12.06 -7.10 -31.84
N HIS J 281 -13.39 -7.04 -31.77
CA HIS J 281 -14.18 -6.16 -32.63
C HIS J 281 -13.69 -4.70 -32.58
N MET J 282 -13.56 -4.16 -31.37
CA MET J 282 -13.20 -2.75 -31.23
C MET J 282 -11.74 -2.44 -31.57
N ASP J 283 -10.87 -3.44 -31.40
CA ASP J 283 -9.43 -3.26 -31.62
C ASP J 283 -9.09 -2.74 -33.02
N LEU J 284 -9.93 -3.11 -33.99
CA LEU J 284 -9.72 -2.69 -35.38
C LEU J 284 -10.16 -1.27 -35.67
N TYR J 285 -10.90 -0.65 -34.76
CA TYR J 285 -11.29 0.75 -34.96
C TYR J 285 -10.09 1.68 -34.84
N ASP J 286 -9.25 1.44 -33.82
CA ASP J 286 -8.25 2.44 -33.46
C ASP J 286 -6.93 1.90 -32.91
N GLY J 287 -6.77 0.58 -32.88
CA GLY J 287 -5.51 0.00 -32.48
C GLY J 287 -4.47 0.29 -33.54
N LYS J 288 -3.45 1.07 -33.20
CA LYS J 288 -2.39 1.48 -34.14
C LYS J 288 -1.85 0.33 -35.01
N ALA J 289 -1.31 -0.70 -34.37
CA ALA J 289 -0.74 -1.82 -35.13
C ALA J 289 -1.84 -2.58 -35.88
N TYR J 290 -3.00 -2.72 -35.23
CA TYR J 290 -4.15 -3.40 -35.81
C TYR J 290 -4.67 -2.71 -37.09
N VAL J 291 -4.83 -1.39 -37.01
CA VAL J 291 -5.27 -0.60 -38.14
C VAL J 291 -4.21 -0.64 -39.24
N ALA J 292 -2.95 -0.55 -38.83
CA ALA J 292 -1.84 -0.62 -39.78
C ALA J 292 -1.92 -1.92 -40.57
N GLU J 293 -2.18 -3.03 -39.86
CA GLU J 293 -2.28 -4.35 -40.49
C GLU J 293 -3.46 -4.40 -41.45
N ALA J 294 -4.63 -3.93 -40.97
CA ALA J 294 -5.82 -3.85 -41.81
C ALA J 294 -5.49 -3.17 -43.12
N ILE J 295 -4.94 -1.96 -43.03
CA ILE J 295 -4.56 -1.20 -44.21
C ILE J 295 -3.60 -1.99 -45.08
N SER J 296 -2.64 -2.66 -44.45
CA SER J 296 -1.65 -3.44 -45.18
C SER J 296 -2.32 -4.55 -45.99
N VAL J 297 -3.50 -4.99 -45.57
CA VAL J 297 -4.26 -5.95 -46.38
C VAL J 297 -5.24 -5.30 -47.39
N LEU J 298 -5.82 -4.16 -46.99
CA LEU J 298 -6.87 -3.50 -47.76
C LEU J 298 -6.33 -2.79 -48.99
N ALA J 299 -5.22 -2.09 -48.80
CA ALA J 299 -4.65 -1.28 -49.87
C ALA J 299 -4.18 -2.12 -51.07
N PRO J 300 -3.33 -3.14 -50.84
CA PRO J 300 -2.95 -4.00 -51.96
C PRO J 300 -4.18 -4.59 -52.63
N PHE J 301 -5.22 -4.82 -51.85
CA PHE J 301 -6.44 -5.40 -52.40
C PHE J 301 -7.12 -4.43 -53.37
N PHE J 302 -7.22 -3.18 -52.97
CA PHE J 302 -7.93 -2.20 -53.80
C PHE J 302 -7.11 -1.77 -55.01
N GLU J 303 -5.80 -1.70 -54.85
CA GLU J 303 -4.89 -1.41 -55.97
C GLU J 303 -5.09 -2.40 -57.10
N GLU J 304 -5.36 -3.64 -56.72
CA GLU J 304 -5.51 -4.75 -57.65
C GLU J 304 -6.90 -4.84 -58.26
N THR J 305 -7.92 -4.45 -57.50
CA THR J 305 -9.30 -4.72 -57.91
C THR J 305 -9.97 -3.52 -58.58
N LEU J 306 -9.42 -2.34 -58.32
CA LEU J 306 -9.92 -1.09 -58.89
C LEU J 306 -9.11 -0.64 -60.11
N MET K 1 61.22 -37.00 17.41
CA MET K 1 59.78 -36.74 17.36
C MET K 1 59.01 -37.50 18.46
N MET K 2 58.65 -36.80 19.54
CA MET K 2 58.01 -37.43 20.70
C MET K 2 56.48 -37.32 20.66
N ASN K 3 55.98 -36.10 20.47
CA ASN K 3 54.55 -35.89 20.30
C ASN K 3 54.19 -34.64 19.50
N ASN K 4 52.92 -34.53 19.11
CA ASN K 4 52.43 -33.34 18.43
C ASN K 4 51.16 -32.91 19.09
N LYS K 5 51.08 -31.64 19.48
CA LYS K 5 49.81 -31.12 19.93
C LYS K 5 49.09 -30.53 18.73
N VAL K 6 47.82 -30.94 18.56
CA VAL K 6 47.03 -30.55 17.39
C VAL K 6 45.59 -30.20 17.78
N SER K 7 44.87 -29.66 16.81
CA SER K 7 43.44 -29.51 16.93
C SER K 7 42.88 -29.87 15.57
N PHE K 8 41.72 -30.52 15.53
CA PHE K 8 41.12 -30.88 14.26
C PHE K 8 39.62 -30.79 14.32
N THR K 9 39.00 -30.60 13.16
CA THR K 9 37.55 -30.49 13.10
C THR K 9 36.87 -31.79 13.52
N ASN K 10 35.91 -31.69 14.42
CA ASN K 10 35.10 -32.87 14.80
C ASN K 10 34.14 -33.18 13.65
N SER K 11 34.34 -34.33 13.02
CA SER K 11 33.54 -34.69 11.84
C SER K 11 32.06 -34.84 12.16
N ASN K 12 31.75 -35.11 13.43
CA ASN K 12 30.36 -35.31 13.87
C ASN K 12 29.63 -33.98 14.03
N ASN K 13 30.38 -32.97 14.44
CA ASN K 13 29.86 -31.61 14.60
C ASN K 13 30.97 -30.63 14.21
N PRO K 14 30.99 -30.22 12.93
CA PRO K 14 32.11 -29.46 12.38
C PRO K 14 32.25 -28.06 12.97
N THR K 15 31.28 -27.62 13.77
CA THR K 15 31.46 -26.38 14.50
C THR K 15 32.43 -26.57 15.67
N ILE K 16 32.81 -27.82 15.95
CA ILE K 16 33.71 -28.09 17.08
C ILE K 16 35.08 -28.55 16.62
N SER K 17 36.14 -27.97 17.20
CA SER K 17 37.50 -28.49 17.05
C SER K 17 37.89 -29.26 18.31
N LEU K 18 38.41 -30.48 18.12
CA LEU K 18 38.93 -31.26 19.21
C LEU K 18 40.40 -30.93 19.39
N SER K 19 40.83 -30.88 20.66
CA SER K 19 42.21 -30.64 21.01
C SER K 19 42.80 -31.98 21.38
N ALA K 20 44.00 -32.27 20.91
CA ALA K 20 44.56 -33.58 21.14
C ALA K 20 46.09 -33.56 21.10
N VAL K 21 46.70 -34.58 21.68
CA VAL K 21 48.13 -34.80 21.54
C VAL K 21 48.34 -36.21 21.01
N ILE K 22 49.10 -36.29 19.91
CA ILE K 22 49.50 -37.57 19.32
C ILE K 22 50.88 -37.94 19.81
N TYR K 23 51.06 -39.18 20.28
CA TYR K 23 52.37 -39.64 20.76
C TYR K 23 52.94 -40.66 19.79
N PHE K 24 54.25 -40.59 19.56
CA PHE K 24 54.91 -41.42 18.55
C PHE K 24 55.82 -42.50 19.16
N PRO K 25 55.88 -43.67 18.52
CA PRO K 25 56.67 -44.78 19.08
C PRO K 25 58.16 -44.53 18.90
N PRO K 26 59.02 -45.34 19.55
CA PRO K 26 60.47 -45.19 19.33
C PRO K 26 60.85 -45.36 17.86
N LYS K 27 61.79 -44.55 17.38
CA LYS K 27 62.26 -44.66 16.00
C LYS K 27 61.12 -44.49 15.02
N PHE K 28 60.25 -43.53 15.31
CA PHE K 28 59.11 -43.21 14.46
C PHE K 28 59.56 -42.92 13.02
N ASP K 29 58.96 -43.64 12.08
CA ASP K 29 59.22 -43.44 10.65
C ASP K 29 57.88 -43.25 9.95
N GLU K 30 57.66 -42.07 9.40
CA GLU K 30 56.35 -41.73 8.87
C GLU K 30 56.06 -42.38 7.53
N THR K 31 57.04 -43.06 6.95
CA THR K 31 56.81 -43.82 5.73
C THR K 31 56.21 -45.17 6.10
N ARG K 32 56.21 -45.46 7.40
CA ARG K 32 55.57 -46.66 7.92
C ARG K 32 54.12 -46.38 8.32
N GLN K 33 53.32 -47.44 8.41
CA GLN K 33 51.94 -47.33 8.86
C GLN K 33 51.71 -48.16 10.12
N TYR K 34 51.47 -47.45 11.23
CA TYR K 34 51.51 -48.06 12.55
C TYR K 34 50.15 -48.52 13.10
N GLN K 35 50.20 -49.43 14.08
CA GLN K 35 49.07 -49.73 14.93
C GLN K 35 48.81 -48.47 15.75
N ALA K 36 47.54 -48.13 15.97
CA ALA K 36 47.24 -46.91 16.71
C ALA K 36 46.19 -47.16 17.78
N ILE K 37 46.23 -46.38 18.85
CA ILE K 37 45.26 -46.52 19.95
C ILE K 37 44.74 -45.15 20.37
N VAL K 38 43.40 -45.04 20.39
CA VAL K 38 42.69 -43.86 20.88
C VAL K 38 42.46 -43.96 22.40
N LEU K 39 42.82 -42.90 23.13
CA LEU K 39 42.75 -42.90 24.58
C LEU K 39 41.67 -41.93 25.03
N SER K 40 40.66 -42.44 25.73
CA SER K 40 39.57 -41.61 26.23
C SER K 40 39.71 -41.36 27.73
N HIS K 41 39.49 -40.13 28.17
CA HIS K 41 39.73 -39.73 29.57
C HIS K 41 38.56 -40.01 30.52
N PRO K 42 38.83 -40.04 31.83
CA PRO K 42 37.80 -40.22 32.85
C PRO K 42 36.68 -39.16 32.78
N GLY K 43 35.61 -39.38 33.54
CA GLY K 43 34.52 -38.41 33.59
C GLY K 43 35.02 -37.16 34.29
N GLY K 44 35.06 -36.04 33.57
CA GLY K 44 35.58 -34.81 34.13
C GLY K 44 37.08 -34.65 33.92
N GLY K 45 37.70 -35.63 33.25
CA GLY K 45 39.14 -35.61 33.06
C GLY K 45 39.53 -34.96 31.75
N VAL K 46 40.83 -34.71 31.56
CA VAL K 46 41.33 -34.13 30.32
C VAL K 46 42.59 -34.84 29.87
N LYS K 47 43.01 -34.56 28.64
CA LYS K 47 44.15 -35.24 28.03
C LYS K 47 45.46 -35.08 28.80
N GLU K 48 45.59 -34.00 29.57
CA GLU K 48 46.84 -33.74 30.29
C GLU K 48 47.02 -34.66 31.51
N GLN K 49 45.95 -35.36 31.88
CA GLN K 49 45.97 -36.19 33.09
C GLN K 49 46.24 -37.65 32.74
N THR K 50 45.61 -38.58 33.45
CA THR K 50 45.93 -40.01 33.31
C THR K 50 45.85 -40.55 31.88
N ALA K 51 44.89 -40.05 31.10
CA ALA K 51 44.79 -40.48 29.71
C ALA K 51 46.10 -40.17 28.96
N GLY K 52 46.70 -39.02 29.24
CA GLY K 52 47.95 -38.66 28.58
C GLY K 52 49.09 -39.59 29.01
N THR K 53 49.09 -39.94 30.30
CA THR K 53 50.10 -40.84 30.84
C THR K 53 50.05 -42.18 30.11
N TYR K 54 48.84 -42.72 30.02
CA TYR K 54 48.63 -44.00 29.35
C TYR K 54 48.96 -43.94 27.87
N ALA K 55 48.58 -42.85 27.22
CA ALA K 55 48.89 -42.69 25.81
C ALA K 55 50.42 -42.68 25.59
N LYS K 56 51.13 -41.94 26.42
CA LYS K 56 52.59 -41.84 26.30
C LYS K 56 53.25 -43.20 26.52
N LYS K 57 52.80 -43.89 27.57
CA LYS K 57 53.39 -45.18 27.94
C LYS K 57 53.10 -46.25 26.90
N LEU K 58 51.94 -46.17 26.26
CA LEU K 58 51.62 -47.07 25.18
C LEU K 58 52.49 -46.77 23.97
N ALA K 59 52.72 -45.48 23.70
CA ALA K 59 53.53 -45.10 22.56
C ALA K 59 54.95 -45.62 22.73
N GLU K 60 55.46 -45.62 23.97
CA GLU K 60 56.78 -46.22 24.20
C GLU K 60 56.87 -47.69 23.76
N LYS K 61 55.73 -48.36 23.69
CA LYS K 61 55.75 -49.79 23.38
C LYS K 61 55.54 -50.09 21.90
N GLY K 62 55.55 -49.04 21.07
CA GLY K 62 55.58 -49.22 19.63
C GLY K 62 54.33 -48.76 18.90
N PHE K 63 53.41 -48.11 19.60
CA PHE K 63 52.15 -47.69 19.00
C PHE K 63 52.18 -46.21 18.70
N VAL K 64 51.38 -45.77 17.73
CA VAL K 64 51.03 -44.36 17.62
C VAL K 64 49.80 -44.22 18.53
N THR K 65 49.77 -43.22 19.41
CA THR K 65 48.61 -43.12 20.29
C THR K 65 48.07 -41.71 20.25
N ILE K 66 46.84 -41.53 20.70
CA ILE K 66 46.26 -40.19 20.70
C ILE K 66 45.37 -39.96 21.92
N ALA K 67 45.64 -38.87 22.64
CA ALA K 67 44.81 -38.48 23.78
C ALA K 67 44.13 -37.17 23.46
N TYR K 68 42.81 -37.15 23.50
CA TYR K 68 42.05 -35.99 23.04
C TYR K 68 41.14 -35.51 24.18
N ASP K 69 40.74 -34.26 24.12
CA ASP K 69 39.72 -33.75 25.04
C ASP K 69 38.36 -33.89 24.40
N ALA K 70 37.38 -34.41 25.15
CA ALA K 70 36.01 -34.56 24.65
C ALA K 70 35.42 -33.21 24.19
N SER K 71 34.49 -33.26 23.24
CA SER K 71 33.71 -32.07 22.87
C SER K 71 33.18 -31.46 24.16
N TYR K 72 33.11 -30.13 24.19
CA TYR K 72 32.56 -29.34 25.30
C TYR K 72 33.49 -29.37 26.51
N GLN K 73 34.66 -29.98 26.34
CA GLN K 73 35.52 -30.20 27.51
C GLN K 73 36.99 -29.92 27.22
N GLY K 74 37.78 -29.82 28.28
CA GLY K 74 39.20 -29.50 28.15
C GLY K 74 39.45 -28.28 27.28
N GLU K 75 40.34 -28.46 26.30
CA GLU K 75 40.63 -27.41 25.34
C GLU K 75 39.85 -27.63 24.07
N SER K 76 38.98 -28.63 24.03
CA SER K 76 38.18 -28.80 22.82
C SER K 76 37.06 -27.78 22.79
N GLY K 77 36.52 -27.53 21.60
CA GLY K 77 35.45 -26.56 21.43
C GLY K 77 34.11 -27.11 21.88
N GLY K 78 33.09 -26.24 21.83
CA GLY K 78 31.72 -26.61 22.11
C GLY K 78 31.11 -25.91 23.31
N GLU K 79 29.85 -25.49 23.17
CA GLU K 79 29.09 -24.91 24.29
C GLU K 79 27.75 -25.62 24.40
N PRO K 80 27.27 -25.85 25.64
CA PRO K 80 27.82 -25.37 26.92
C PRO K 80 29.01 -26.18 27.41
N ARG K 81 29.88 -25.56 28.19
CA ARG K 81 31.06 -26.26 28.69
C ARG K 81 30.64 -27.32 29.68
N GLN K 82 31.41 -28.42 29.71
CA GLN K 82 31.19 -29.52 30.65
C GLN K 82 29.94 -30.36 30.38
N LEU K 83 29.32 -30.16 29.23
CA LEU K 83 28.26 -31.07 28.78
C LEU K 83 28.77 -32.51 28.82
N GLU K 84 28.01 -33.38 29.48
CA GLU K 84 28.35 -34.80 29.55
C GLU K 84 27.24 -35.60 28.91
N ASN K 85 27.05 -35.38 27.61
CA ASN K 85 26.11 -36.17 26.85
C ASN K 85 26.81 -37.49 26.46
N PRO K 86 26.34 -38.63 27.02
CA PRO K 86 27.11 -39.87 26.87
C PRO K 86 27.21 -40.35 25.41
N TYR K 87 26.22 -39.96 24.61
CA TYR K 87 26.17 -40.35 23.20
C TYR K 87 27.19 -39.57 22.39
N ILE K 88 27.42 -38.33 22.79
CA ILE K 88 28.44 -37.51 22.16
C ILE K 88 29.82 -37.94 22.65
N ARG K 89 29.94 -38.20 23.94
CA ARG K 89 31.21 -38.65 24.50
C ARG K 89 31.65 -39.91 23.75
N THR K 90 30.69 -40.80 23.50
CA THR K 90 30.98 -41.98 22.70
C THR K 90 31.32 -41.64 21.24
N GLU K 91 30.50 -40.80 20.60
CA GLU K 91 30.75 -40.51 19.17
C GLU K 91 32.09 -39.78 18.90
N ASP K 92 32.57 -39.09 19.93
CA ASP K 92 33.84 -38.38 19.86
C ASP K 92 34.92 -39.32 19.41
N ILE K 93 34.92 -40.51 19.98
CA ILE K 93 35.91 -41.53 19.63
C ILE K 93 35.92 -41.79 18.12
N SER K 94 34.73 -41.86 17.52
CA SER K 94 34.65 -42.03 16.07
C SER K 94 35.24 -40.82 15.36
N ALA K 95 35.01 -39.62 15.88
CA ALA K 95 35.64 -38.45 15.22
C ALA K 95 37.18 -38.51 15.28
N VAL K 96 37.68 -39.00 16.39
CA VAL K 96 39.12 -39.11 16.57
C VAL K 96 39.69 -40.17 15.62
N ILE K 97 38.94 -41.26 15.45
CA ILE K 97 39.34 -42.27 14.46
C ILE K 97 39.35 -41.69 13.06
N ASP K 98 38.31 -40.91 12.73
CA ASP K 98 38.24 -40.25 11.43
C ASP K 98 39.52 -39.46 11.21
N TYR K 99 39.88 -38.66 12.21
CA TYR K 99 41.12 -37.89 12.11
C TYR K 99 42.33 -38.81 11.90
N LEU K 100 42.38 -39.92 12.63
CA LEU K 100 43.48 -40.86 12.46
C LEU K 100 43.57 -41.41 11.03
N THR K 101 42.42 -41.57 10.37
CA THR K 101 42.42 -42.13 9.01
C THR K 101 43.06 -41.19 7.99
N THR K 102 43.22 -39.93 8.37
CA THR K 102 43.82 -38.94 7.46
C THR K 102 45.34 -38.91 7.60
N LEU K 103 45.85 -39.58 8.64
CA LEU K 103 47.30 -39.63 8.87
C LEU K 103 47.91 -40.80 8.12
N SER K 104 48.82 -40.51 7.19
CA SER K 104 49.45 -41.53 6.36
C SER K 104 50.24 -42.56 7.17
N TYR K 105 50.68 -42.18 8.37
CA TYR K 105 51.47 -43.08 9.19
C TYR K 105 50.65 -43.98 10.12
N VAL K 106 49.32 -43.90 10.08
CA VAL K 106 48.57 -44.94 10.78
C VAL K 106 47.90 -45.90 9.81
N ASP K 107 47.84 -47.16 10.20
CA ASP K 107 47.16 -48.18 9.40
C ASP K 107 45.68 -48.21 9.78
N ASN K 108 44.81 -47.86 8.85
CA ASN K 108 43.37 -47.82 9.13
C ASN K 108 42.80 -49.13 9.65
N THR K 109 43.46 -50.24 9.34
CA THR K 109 42.93 -51.54 9.73
C THR K 109 43.56 -52.04 11.02
N ARG K 110 44.39 -51.20 11.65
CA ARG K 110 45.05 -51.59 12.90
C ARG K 110 44.81 -50.59 14.04
N ILE K 111 43.56 -50.19 14.23
CA ILE K 111 43.22 -49.19 15.23
C ILE K 111 42.49 -49.79 16.43
N GLY K 112 43.01 -49.54 17.64
CA GLY K 112 42.34 -49.95 18.86
C GLY K 112 41.97 -48.76 19.72
N ALA K 113 41.34 -49.02 20.87
CA ALA K 113 40.98 -47.90 21.75
C ALA K 113 41.01 -48.36 23.18
N MET K 114 41.38 -47.46 24.08
CA MET K 114 41.27 -47.76 25.50
C MET K 114 40.79 -46.56 26.29
N GLY K 115 40.17 -46.82 27.45
CA GLY K 115 39.74 -45.71 28.28
C GLY K 115 39.96 -45.93 29.76
N ILE K 116 39.93 -44.84 30.53
CA ILE K 116 40.06 -44.92 31.99
C ILE K 116 38.77 -44.35 32.55
N CYS K 117 38.26 -44.97 33.62
CA CYS K 117 37.05 -44.48 34.27
C CYS K 117 35.90 -44.38 33.26
N ALA K 118 35.19 -43.26 33.21
CA ALA K 118 34.06 -43.17 32.28
C ALA K 118 34.51 -43.33 30.83
N GLY K 119 35.72 -42.89 30.53
CA GLY K 119 36.31 -43.05 29.22
C GLY K 119 36.36 -44.50 28.76
N ALA K 120 36.46 -45.42 29.70
CA ALA K 120 36.38 -46.86 29.40
C ALA K 120 34.98 -47.27 28.95
N GLY K 121 33.98 -46.81 29.68
CA GLY K 121 32.59 -47.10 29.32
C GLY K 121 32.35 -46.66 27.88
N TYR K 122 32.70 -45.42 27.60
CA TYR K 122 32.50 -44.84 26.27
C TYR K 122 33.27 -45.67 25.25
N THR K 123 34.46 -46.12 25.65
CA THR K 123 35.28 -46.90 24.72
C THR K 123 34.50 -48.15 24.34
N ALA K 124 33.92 -48.79 25.35
CA ALA K 124 33.12 -49.99 25.08
C ALA K 124 31.99 -49.64 24.11
N ASN K 125 31.28 -48.54 24.40
CA ASN K 125 30.16 -48.17 23.55
C ASN K 125 30.68 -47.94 22.13
N ALA K 126 31.86 -47.34 22.03
CA ALA K 126 32.38 -47.02 20.70
C ALA K 126 32.64 -48.32 19.97
N ALA K 127 33.21 -49.30 20.68
CA ALA K 127 33.58 -50.53 19.99
C ALA K 127 32.31 -51.17 19.46
N ILE K 128 31.21 -50.96 20.16
CA ILE K 128 29.96 -51.58 19.77
C ILE K 128 29.48 -50.96 18.46
N GLN K 129 29.59 -49.64 18.33
CA GLN K 129 28.98 -49.00 17.19
C GLN K 129 29.98 -48.65 16.07
N ASP K 130 31.27 -48.58 16.41
CA ASP K 130 32.26 -48.20 15.41
C ASP K 130 33.16 -49.39 15.11
N ARG K 131 32.91 -50.08 14.00
CA ARG K 131 33.63 -51.31 13.70
C ARG K 131 35.07 -51.09 13.26
N ARG K 132 35.51 -49.84 13.15
CA ARG K 132 36.92 -49.59 12.85
C ARG K 132 37.78 -49.81 14.09
N ILE K 133 37.14 -49.99 15.24
CA ILE K 133 37.86 -50.38 16.46
C ILE K 133 38.07 -51.89 16.50
N LYS K 134 39.34 -52.30 16.42
N LYS K 134 39.33 -52.31 16.38
CA LYS K 134 39.71 -53.69 16.27
CA LYS K 134 39.69 -53.72 16.26
C LYS K 134 39.85 -54.41 17.62
C LYS K 134 39.85 -54.41 17.62
N ALA K 135 40.17 -53.62 18.65
CA ALA K 135 40.36 -54.16 20.00
C ALA K 135 40.24 -53.05 21.03
N ILE K 136 39.82 -53.40 22.24
CA ILE K 136 39.70 -52.39 23.30
C ILE K 136 40.36 -52.76 24.63
N GLY K 137 40.74 -51.73 25.37
CA GLY K 137 41.30 -51.89 26.72
C GLY K 137 40.60 -50.96 27.69
N THR K 138 40.42 -51.41 28.93
CA THR K 138 39.82 -50.54 29.94
C THR K 138 40.67 -50.55 31.20
N VAL K 139 40.82 -49.38 31.84
CA VAL K 139 41.44 -49.31 33.17
C VAL K 139 40.43 -48.66 34.10
N SER K 140 40.19 -49.27 35.26
CA SER K 140 39.20 -48.79 36.22
C SER K 140 37.88 -48.40 35.54
N ALA K 141 37.34 -49.29 34.71
CA ALA K 141 36.18 -48.96 33.89
C ALA K 141 35.02 -48.42 34.70
N VAL K 142 34.42 -47.35 34.17
CA VAL K 142 33.16 -46.87 34.71
C VAL K 142 32.16 -46.80 33.56
N ASN K 143 31.01 -47.44 33.76
CA ASN K 143 29.85 -47.25 32.89
C ASN K 143 29.08 -46.12 33.57
N ILE K 144 29.11 -44.92 32.99
CA ILE K 144 28.66 -43.73 33.71
C ILE K 144 27.17 -43.83 34.05
N GLY K 145 26.43 -44.51 33.18
CA GLY K 145 25.02 -44.74 33.42
C GLY K 145 24.81 -45.60 34.65
N SER K 146 25.61 -46.66 34.78
CA SER K 146 25.46 -47.58 35.90
C SER K 146 25.78 -46.87 37.19
N ILE K 147 26.83 -46.07 37.16
CA ILE K 147 27.30 -45.43 38.37
C ILE K 147 26.34 -44.35 38.82
N PHE K 148 25.73 -43.62 37.89
CA PHE K 148 24.73 -42.64 38.33
C PHE K 148 23.37 -43.24 38.69
N ARG K 149 22.93 -44.23 37.93
CA ARG K 149 21.61 -44.84 38.14
C ARG K 149 21.59 -45.76 39.37
N ASN K 150 22.61 -46.60 39.48
CA ASN K 150 22.65 -47.64 40.50
C ASN K 150 23.64 -47.36 41.63
N GLY K 151 24.33 -46.22 41.58
CA GLY K 151 25.24 -45.81 42.64
C GLY K 151 26.63 -46.37 42.47
N TRP K 152 27.64 -45.71 43.07
CA TRP K 152 29.04 -46.12 42.97
C TRP K 152 29.28 -47.57 43.37
N GLU K 153 28.52 -48.02 44.38
CA GLU K 153 28.66 -49.40 44.83
C GLU K 153 27.45 -50.27 44.47
N ASN K 154 26.74 -49.91 43.41
CA ASN K 154 25.65 -50.74 42.90
C ASN K 154 24.63 -51.08 43.99
N ASN K 155 24.25 -50.09 44.79
CA ASN K 155 23.33 -50.32 45.90
C ASN K 155 21.96 -49.74 45.66
N VAL K 156 21.75 -49.14 44.49
CA VAL K 156 20.48 -48.47 44.18
C VAL K 156 19.75 -49.17 43.04
N LYS K 157 18.48 -49.53 43.26
CA LYS K 157 17.63 -50.08 42.21
C LYS K 157 17.31 -49.00 41.17
N SER K 158 17.23 -49.39 39.89
CA SER K 158 17.06 -48.41 38.81
C SER K 158 15.85 -47.50 38.99
N ILE K 159 14.68 -48.05 39.30
CA ILE K 159 13.48 -47.23 39.42
C ILE K 159 13.63 -46.15 40.51
N ASP K 160 14.42 -46.47 41.53
CA ASP K 160 14.63 -45.57 42.66
C ASP K 160 15.50 -44.38 42.27
N ALA K 161 16.06 -44.44 41.08
CA ALA K 161 16.88 -43.36 40.55
C ALA K 161 16.00 -42.42 39.75
N LEU K 162 14.73 -42.76 39.59
CA LEU K 162 13.82 -41.89 38.82
C LEU K 162 13.86 -40.39 39.18
N PRO K 163 14.03 -40.05 40.48
CA PRO K 163 14.17 -38.62 40.80
C PRO K 163 15.35 -37.92 40.11
N TYR K 164 16.41 -38.66 39.76
CA TYR K 164 17.54 -38.05 39.06
C TYR K 164 17.20 -37.78 37.59
N VAL K 165 16.33 -38.59 37.01
CA VAL K 165 15.92 -38.33 35.65
C VAL K 165 15.10 -37.05 35.68
N GLU K 166 14.36 -36.88 36.78
CA GLU K 166 13.52 -35.70 36.94
C GLU K 166 14.39 -34.43 37.12
N ALA K 167 15.44 -34.56 37.92
CA ALA K 167 16.40 -33.47 38.14
C ALA K 167 17.02 -33.02 36.82
N GLY K 168 17.45 -33.98 36.00
CA GLY K 168 17.97 -33.64 34.67
C GLY K 168 16.95 -32.97 33.78
N SER K 169 15.70 -33.43 33.84
CA SER K 169 14.66 -32.85 32.99
C SER K 169 14.39 -31.41 33.38
N ASN K 170 14.19 -31.19 34.67
CA ASN K 170 13.93 -29.87 35.24
C ASN K 170 15.07 -28.85 35.08
N ALA K 171 16.31 -29.34 35.10
CA ALA K 171 17.45 -28.47 34.87
C ALA K 171 17.40 -27.87 33.47
N ARG K 172 16.79 -28.59 32.53
CA ARG K 172 16.63 -28.09 31.17
C ARG K 172 15.67 -26.90 31.14
N THR K 173 14.59 -26.98 31.91
CA THR K 173 13.65 -25.87 32.05
C THR K 173 14.36 -24.67 32.70
N SER K 174 15.08 -24.95 33.79
CA SER K 174 15.86 -23.93 34.50
C SER K 174 16.98 -23.28 33.69
N ASP K 175 17.76 -24.07 32.95
CA ASP K 175 18.82 -23.52 32.11
C ASP K 175 18.27 -22.49 31.13
N ILE K 176 17.19 -22.84 30.44
CA ILE K 176 16.65 -21.92 29.43
C ILE K 176 16.03 -20.69 30.08
N SER K 177 15.49 -20.84 31.27
CA SER K 177 14.95 -19.71 32.01
C SER K 177 16.06 -18.77 32.48
N SER K 178 17.19 -19.36 32.86
CA SER K 178 18.22 -18.64 33.58
C SER K 178 19.30 -18.05 32.68
N GLY K 179 19.47 -18.62 31.49
CA GLY K 179 20.55 -18.23 30.61
C GLY K 179 21.88 -18.89 31.00
N GLU K 180 21.91 -19.51 32.18
CA GLU K 180 23.09 -20.21 32.66
C GLU K 180 22.85 -21.71 32.76
N TYR K 181 23.91 -22.47 33.07
CA TYR K 181 23.80 -23.93 33.13
C TYR K 181 24.03 -24.47 34.53
N ALA K 182 23.03 -25.17 35.07
CA ALA K 182 23.17 -25.81 36.37
C ALA K 182 24.24 -26.89 36.27
N ILE K 183 24.93 -27.16 37.38
CA ILE K 183 26.02 -28.11 37.36
C ILE K 183 25.80 -29.25 38.37
N MET K 184 26.60 -30.30 38.24
CA MET K 184 26.58 -31.40 39.19
C MET K 184 27.99 -31.94 39.29
N PRO K 185 28.38 -32.40 40.48
CA PRO K 185 29.72 -32.95 40.71
C PRO K 185 29.98 -34.21 39.90
N LEU K 186 31.22 -34.44 39.46
CA LEU K 186 31.64 -35.70 38.84
C LEU K 186 32.63 -36.45 39.76
N ALA K 187 33.38 -35.68 40.53
CA ALA K 187 34.14 -36.20 41.64
C ALA K 187 33.64 -35.29 42.74
N PRO K 188 33.79 -35.67 44.02
CA PRO K 188 33.37 -34.76 45.09
C PRO K 188 34.06 -33.42 44.94
N MET K 189 33.35 -32.34 45.23
CA MET K 189 33.90 -31.00 45.04
C MET K 189 34.49 -30.42 46.32
N LYS K 190 34.27 -31.13 47.43
CA LYS K 190 34.84 -30.75 48.70
C LYS K 190 35.34 -32.03 49.35
N GLU K 191 36.52 -31.98 49.95
CA GLU K 191 37.12 -33.19 50.49
C GLU K 191 36.20 -33.93 51.46
N SER K 192 35.52 -33.18 52.32
CA SER K 192 34.68 -33.78 53.35
C SER K 192 33.41 -34.38 52.76
N ASP K 193 33.04 -33.96 51.55
CA ASP K 193 31.86 -34.53 50.89
C ASP K 193 32.09 -35.97 50.42
N ALA K 194 33.36 -36.38 50.35
CA ALA K 194 33.67 -37.76 49.96
C ALA K 194 33.22 -38.75 51.04
N PRO K 195 32.39 -39.74 50.67
CA PRO K 195 31.87 -40.70 51.65
C PRO K 195 32.84 -41.84 51.98
N ASN K 196 33.93 -41.96 51.23
CA ASN K 196 34.96 -42.95 51.55
C ASN K 196 36.33 -42.54 50.98
N GLU K 197 37.39 -43.22 51.39
CA GLU K 197 38.74 -42.82 50.98
C GLU K 197 38.98 -42.85 49.47
N GLU K 198 38.37 -43.79 48.76
CA GLU K 198 38.56 -43.91 47.32
C GLU K 198 38.01 -42.66 46.62
N LEU K 199 36.79 -42.29 46.99
CA LEU K 199 36.20 -41.08 46.44
C LEU K 199 36.95 -39.83 46.93
N ARG K 200 37.46 -39.87 48.17
CA ARG K 200 38.27 -38.77 48.67
C ARG K 200 39.48 -38.61 47.78
N GLN K 201 40.02 -39.72 47.27
CA GLN K 201 41.18 -39.65 46.40
C GLN K 201 40.77 -39.15 45.02
N ALA K 202 39.52 -39.41 44.62
CA ALA K 202 39.01 -38.76 43.39
C ALA K 202 39.06 -37.22 43.55
N TRP K 203 38.50 -36.75 44.68
CA TRP K 203 38.58 -35.33 45.02
C TRP K 203 40.03 -34.86 44.95
N GLU K 204 40.91 -35.61 45.57
CA GLU K 204 42.31 -35.23 45.67
C GLU K 204 42.96 -35.13 44.29
N TYR K 205 42.53 -36.01 43.39
CA TYR K 205 43.08 -36.05 42.05
C TYR K 205 42.69 -34.79 41.30
N TYR K 206 41.40 -34.43 41.38
CA TYR K 206 40.96 -33.28 40.60
C TYR K 206 41.13 -31.88 41.22
N HIS K 207 41.31 -31.82 42.54
CA HIS K 207 41.29 -30.54 43.25
C HIS K 207 42.53 -30.20 44.09
N THR K 208 43.60 -30.99 43.94
CA THR K 208 44.89 -30.71 44.58
C THR K 208 45.94 -30.90 43.50
N PRO K 209 47.20 -30.50 43.77
CA PRO K 209 48.23 -30.69 42.75
C PRO K 209 48.54 -32.14 42.41
N ARG K 210 47.90 -33.13 43.04
CA ARG K 210 48.06 -34.51 42.58
C ARG K 210 47.82 -34.62 41.07
N ALA K 211 46.77 -33.97 40.56
CA ALA K 211 46.57 -33.91 39.11
C ALA K 211 45.72 -32.77 38.63
N GLN K 212 45.44 -31.79 39.48
CA GLN K 212 44.49 -30.75 39.07
C GLN K 212 44.94 -30.01 37.82
N TYR K 213 43.97 -29.64 36.98
CA TYR K 213 44.29 -28.90 35.78
C TYR K 213 43.15 -27.92 35.49
N PRO K 214 43.48 -26.67 35.10
CA PRO K 214 42.46 -25.62 34.99
C PRO K 214 41.34 -25.90 33.99
N THR K 215 41.56 -26.74 32.99
CA THR K 215 40.50 -27.05 32.03
C THR K 215 39.61 -28.20 32.53
N ALA K 216 39.89 -28.67 33.73
CA ALA K 216 39.20 -29.84 34.29
C ALA K 216 38.59 -29.54 35.65
N PRO K 217 37.47 -28.80 35.64
CA PRO K 217 36.88 -28.29 36.88
C PRO K 217 36.22 -29.36 37.73
N GLY K 218 35.96 -30.53 37.16
CA GLY K 218 35.43 -31.63 37.95
C GLY K 218 33.91 -31.70 38.12
N TYR K 219 33.18 -31.02 37.25
CA TYR K 219 31.72 -31.11 37.26
C TYR K 219 31.16 -31.09 35.85
N ALA K 220 29.88 -31.44 35.72
CA ALA K 220 29.22 -31.60 34.42
C ALA K 220 27.94 -30.79 34.46
N THR K 221 27.36 -30.51 33.30
CA THR K 221 26.07 -29.84 33.27
C THR K 221 24.98 -30.79 33.77
N LEU K 222 24.22 -30.34 34.76
CA LEU K 222 23.08 -31.09 35.32
C LEU K 222 22.10 -31.60 34.26
N ARG K 223 21.96 -30.84 33.17
CA ARG K 223 21.01 -31.17 32.11
C ARG K 223 21.31 -32.53 31.46
N SER K 224 22.57 -32.98 31.61
CA SER K 224 22.99 -34.28 31.07
C SER K 224 22.48 -35.46 31.91
N LEU K 225 22.17 -35.19 33.18
CA LEU K 225 21.79 -36.24 34.13
C LEU K 225 20.69 -37.18 33.63
N ASN K 226 19.63 -36.63 33.03
CA ASN K 226 18.55 -37.50 32.59
C ASN K 226 19.02 -38.46 31.52
N GLN K 227 19.91 -38.00 30.64
CA GLN K 227 20.46 -38.90 29.64
C GLN K 227 21.38 -39.90 30.30
N ILE K 228 22.13 -39.46 31.29
CA ILE K 228 23.09 -40.37 31.91
C ILE K 228 22.36 -41.52 32.63
N ILE K 229 21.36 -41.17 33.43
CA ILE K 229 20.59 -42.18 34.17
C ILE K 229 19.99 -43.24 33.23
N THR K 230 19.60 -42.83 32.03
CA THR K 230 18.97 -43.75 31.09
C THR K 230 19.94 -44.24 30.01
N TYR K 231 21.23 -44.30 30.38
CA TYR K 231 22.30 -44.69 29.47
C TYR K 231 22.98 -45.96 29.97
N ASP K 232 23.43 -46.77 29.02
CA ASP K 232 24.19 -47.97 29.34
C ASP K 232 25.34 -48.09 28.35
N ALA K 233 26.56 -47.91 28.84
CA ALA K 233 27.72 -47.91 27.95
C ALA K 233 27.91 -49.25 27.24
N TYR K 234 27.33 -50.31 27.80
CA TYR K 234 27.52 -51.67 27.29
C TYR K 234 26.27 -52.14 26.54
N HIS K 235 25.41 -51.20 26.17
CA HIS K 235 24.16 -51.52 25.49
C HIS K 235 24.39 -52.37 24.25
N MET K 236 23.76 -53.55 24.21
CA MET K 236 23.91 -54.54 23.14
C MET K 236 25.29 -55.20 23.04
N ALA K 237 26.06 -55.15 24.12
CA ALA K 237 27.39 -55.76 24.11
C ALA K 237 27.28 -57.28 23.88
N GLU K 238 26.16 -57.87 24.29
CA GLU K 238 25.94 -59.30 24.12
C GLU K 238 25.86 -59.69 22.64
N VAL K 239 25.52 -58.71 21.80
CA VAL K 239 25.44 -58.93 20.36
C VAL K 239 26.69 -58.46 19.61
N TYR K 240 27.04 -57.20 19.79
CA TYR K 240 28.03 -56.56 18.93
C TYR K 240 29.45 -56.37 19.48
N LEU K 241 29.63 -56.43 20.80
CA LEU K 241 30.98 -56.28 21.33
C LEU K 241 31.73 -57.58 21.16
N THR K 242 32.35 -57.75 20.00
CA THR K 242 32.96 -59.02 19.61
C THR K 242 34.48 -58.91 19.56
N GLN K 243 34.98 -57.67 19.57
CA GLN K 243 36.42 -57.43 19.45
C GLN K 243 37.14 -57.93 20.69
N PRO K 244 38.43 -58.27 20.55
CA PRO K 244 39.23 -58.63 21.72
C PRO K 244 39.15 -57.51 22.75
N THR K 245 38.93 -57.92 24.00
CA THR K 245 38.75 -56.97 25.09
C THR K 245 39.68 -57.29 26.26
N GLN K 246 40.52 -56.32 26.63
CA GLN K 246 41.37 -56.45 27.80
C GLN K 246 40.95 -55.51 28.92
N ILE K 247 40.53 -56.10 30.04
CA ILE K 247 40.07 -55.35 31.20
C ILE K 247 41.14 -55.33 32.30
N VAL K 248 41.38 -54.16 32.89
CA VAL K 248 42.28 -54.02 34.01
C VAL K 248 41.54 -53.32 35.15
N ALA K 249 41.57 -53.95 36.33
CA ALA K 249 40.90 -53.41 37.51
C ALA K 249 41.67 -53.78 38.78
N GLY K 250 41.69 -52.90 39.77
CA GLY K 250 42.39 -53.21 41.01
C GLY K 250 41.51 -54.08 41.90
N SER K 251 42.15 -54.97 42.66
CA SER K 251 41.43 -55.83 43.59
C SER K 251 40.65 -55.00 44.60
N GLN K 252 41.15 -53.82 44.91
CA GLN K 252 40.50 -53.02 45.96
C GLN K 252 39.50 -51.99 45.42
N ALA K 253 39.29 -52.00 44.10
CA ALA K 253 38.47 -50.95 43.46
C ALA K 253 36.99 -51.12 43.76
N GLY K 254 36.36 -50.06 44.25
CA GLY K 254 34.93 -50.08 44.53
C GLY K 254 34.13 -50.11 43.24
N SER K 255 34.77 -49.75 42.13
CA SER K 255 34.10 -49.69 40.83
C SER K 255 34.22 -51.01 40.05
N LYS K 256 34.88 -51.99 40.66
CA LYS K 256 35.29 -53.20 39.95
C LYS K 256 34.10 -53.96 39.35
N TRP K 257 32.93 -53.81 39.97
CA TRP K 257 31.73 -54.45 39.46
C TRP K 257 31.36 -54.04 38.03
N MET K 258 31.74 -52.85 37.62
CA MET K 258 31.44 -52.43 36.25
C MET K 258 32.37 -53.09 35.21
N SER K 259 33.56 -53.43 35.66
CA SER K 259 34.49 -54.23 34.87
C SER K 259 33.96 -55.66 34.81
N ASP K 260 33.48 -56.17 35.95
CA ASP K 260 32.84 -57.49 35.96
C ASP K 260 31.68 -57.51 34.96
N ASP K 261 30.89 -56.45 34.95
CA ASP K 261 29.74 -56.34 34.05
C ASP K 261 30.21 -56.34 32.58
N LEU K 262 31.22 -55.54 32.28
CA LEU K 262 31.74 -55.48 30.90
C LEU K 262 32.21 -56.85 30.44
N TYR K 263 32.96 -57.53 31.31
CA TYR K 263 33.51 -58.84 30.97
C TYR K 263 32.37 -59.84 30.76
N ASP K 264 31.41 -59.86 31.67
CA ASP K 264 30.28 -60.80 31.60
C ASP K 264 29.40 -60.58 30.38
N ARG K 265 29.28 -59.32 29.94
CA ARG K 265 28.30 -58.99 28.91
C ARG K 265 28.85 -59.03 27.49
N ALA K 266 30.14 -58.81 27.35
CA ALA K 266 30.76 -58.84 26.02
C ALA K 266 30.62 -60.20 25.32
N SER K 267 30.48 -60.18 24.00
CA SER K 267 30.38 -61.41 23.23
C SER K 267 31.77 -61.96 22.86
N SER K 268 32.79 -61.12 23.00
CA SER K 268 34.17 -61.45 22.59
C SER K 268 34.65 -62.82 23.05
N GLN K 269 35.16 -63.61 22.11
CA GLN K 269 35.78 -64.88 22.45
C GLN K 269 37.14 -64.66 23.07
N ASP K 270 37.77 -63.55 22.72
CA ASP K 270 39.03 -63.15 23.33
C ASP K 270 38.83 -61.98 24.30
N LYS K 271 38.18 -62.25 25.43
CA LYS K 271 38.07 -61.24 26.47
C LYS K 271 38.93 -61.62 27.67
N ARG K 272 39.70 -60.65 28.17
CA ARG K 272 40.69 -60.90 29.20
C ARG K 272 40.49 -59.94 30.38
N TYR K 273 40.82 -60.39 31.58
CA TYR K 273 40.56 -59.62 32.78
C TYR K 273 41.78 -59.72 33.69
N HIS K 274 42.52 -58.62 33.84
CA HIS K 274 43.67 -58.60 34.73
C HIS K 274 43.41 -57.82 36.02
N ILE K 275 43.65 -58.45 37.16
CA ILE K 275 43.53 -57.80 38.45
C ILE K 275 44.87 -57.18 38.88
N VAL K 276 44.84 -55.89 39.24
CA VAL K 276 46.02 -55.28 39.85
C VAL K 276 45.86 -55.46 41.37
N GLU K 277 46.63 -56.38 41.95
CA GLU K 277 46.48 -56.70 43.38
C GLU K 277 46.78 -55.51 44.26
N GLY K 278 45.87 -55.20 45.18
CA GLY K 278 46.10 -54.16 46.15
C GLY K 278 45.92 -52.73 45.66
N ALA K 279 45.45 -52.55 44.44
CA ALA K 279 45.14 -51.22 43.90
C ALA K 279 43.64 -50.91 44.02
N ASN K 280 43.31 -49.67 44.36
CA ASN K 280 41.91 -49.22 44.29
C ASN K 280 41.64 -48.54 42.94
N HIS K 281 40.45 -47.95 42.79
CA HIS K 281 40.08 -47.30 41.53
C HIS K 281 41.10 -46.22 41.12
N MET K 282 41.48 -45.38 42.08
CA MET K 282 42.33 -44.22 41.79
C MET K 282 43.80 -44.58 41.61
N ASP K 283 44.24 -45.67 42.24
CA ASP K 283 45.64 -46.08 42.15
C ASP K 283 46.10 -46.27 40.71
N LEU K 284 45.19 -46.67 39.84
CA LEU K 284 45.55 -46.93 38.44
C LEU K 284 45.62 -45.68 37.58
N TYR K 285 45.17 -44.54 38.10
CA TYR K 285 45.33 -43.31 37.34
C TYR K 285 46.80 -42.94 37.28
N ASP K 286 47.50 -43.09 38.41
CA ASP K 286 48.83 -42.50 38.49
C ASP K 286 49.84 -43.17 39.44
N GLY K 287 49.46 -44.27 40.07
CA GLY K 287 50.43 -45.01 40.87
C GLY K 287 51.47 -45.62 39.95
N LYS K 288 52.75 -45.28 40.16
CA LYS K 288 53.83 -45.67 39.23
C LYS K 288 53.88 -47.17 38.89
N ALA K 289 53.93 -48.00 39.93
CA ALA K 289 54.01 -49.46 39.75
C ALA K 289 52.73 -50.03 39.17
N TYR K 290 51.61 -49.46 39.57
CA TYR K 290 50.31 -49.90 39.07
C TYR K 290 50.13 -49.56 37.59
N VAL K 291 50.50 -48.34 37.21
CA VAL K 291 50.40 -47.92 35.81
C VAL K 291 51.34 -48.76 34.98
N ALA K 292 52.54 -48.98 35.50
CA ALA K 292 53.49 -49.86 34.83
C ALA K 292 52.92 -51.26 34.63
N GLU K 293 52.24 -51.81 35.63
CA GLU K 293 51.65 -53.15 35.49
C GLU K 293 50.54 -53.16 34.42
N ALA K 294 49.67 -52.15 34.50
CA ALA K 294 48.58 -52.03 33.54
C ALA K 294 49.16 -52.01 32.13
N ILE K 295 50.19 -51.19 31.92
CA ILE K 295 50.83 -51.08 30.60
C ILE K 295 51.48 -52.40 30.19
N SER K 296 52.06 -53.10 31.16
CA SER K 296 52.69 -54.39 30.93
C SER K 296 51.68 -55.43 30.48
N VAL K 297 50.40 -55.21 30.81
CA VAL K 297 49.34 -56.10 30.31
C VAL K 297 48.75 -55.62 28.97
N LEU K 298 48.49 -54.32 28.87
CA LEU K 298 47.81 -53.76 27.72
C LEU K 298 48.65 -53.74 26.46
N ALA K 299 49.94 -53.46 26.60
CA ALA K 299 50.77 -53.33 25.41
C ALA K 299 50.89 -54.65 24.64
N PRO K 300 51.20 -55.76 25.32
CA PRO K 300 51.24 -57.04 24.59
C PRO K 300 49.87 -57.42 24.03
N PHE K 301 48.81 -57.07 24.74
CA PHE K 301 47.46 -57.35 24.26
C PHE K 301 47.19 -56.66 22.91
N PHE K 302 47.57 -55.39 22.80
CA PHE K 302 47.28 -54.63 21.60
C PHE K 302 48.22 -55.04 20.48
N GLU K 303 49.44 -55.39 20.84
CA GLU K 303 50.40 -55.93 19.90
C GLU K 303 49.87 -57.20 19.20
N GLU K 304 49.17 -58.04 19.97
CA GLU K 304 48.60 -59.26 19.41
C GLU K 304 47.36 -59.00 18.54
N THR K 305 46.55 -58.03 18.93
CA THR K 305 45.19 -57.88 18.37
C THR K 305 45.05 -56.76 17.35
N LEU K 306 46.05 -55.90 17.24
CA LEU K 306 46.06 -54.86 16.23
C LEU K 306 47.04 -55.21 15.12
N MET L 1 -4.28 -15.21 15.02
CA MET L 1 -3.75 -16.40 15.69
C MET L 1 -4.44 -17.70 15.25
N MET L 2 -3.84 -18.36 14.26
CA MET L 2 -4.25 -19.70 13.87
C MET L 2 -3.01 -20.60 13.99
N ASN L 3 -2.00 -20.31 13.19
CA ASN L 3 -0.67 -20.85 13.44
C ASN L 3 0.45 -19.82 13.23
N ASN L 4 1.48 -19.91 14.07
CA ASN L 4 2.64 -19.04 13.96
C ASN L 4 3.88 -19.84 13.56
N LYS L 5 4.55 -19.39 12.53
CA LYS L 5 5.82 -20.00 12.15
C LYS L 5 6.94 -19.39 12.97
N VAL L 6 7.62 -20.23 13.76
CA VAL L 6 8.70 -19.74 14.61
C VAL L 6 10.03 -20.44 14.35
N SER L 7 11.08 -19.82 14.86
CA SER L 7 12.39 -20.43 14.88
C SER L 7 13.02 -20.10 16.22
N PHE L 8 13.69 -21.08 16.83
CA PHE L 8 14.33 -20.80 18.12
C PHE L 8 15.61 -21.61 18.25
N THR L 9 16.54 -21.12 19.06
CA THR L 9 17.83 -21.79 19.19
C THR L 9 17.66 -23.10 19.93
N ASN L 10 18.24 -24.18 19.39
CA ASN L 10 18.21 -25.48 20.05
C ASN L 10 19.06 -25.49 21.32
N SER L 11 18.40 -25.66 22.47
CA SER L 11 19.09 -25.57 23.76
C SER L 11 20.18 -26.62 23.93
N ASN L 12 20.04 -27.75 23.24
CA ASN L 12 21.01 -28.84 23.33
C ASN L 12 22.24 -28.53 22.51
N ASN L 13 22.04 -27.76 21.45
CA ASN L 13 23.13 -27.35 20.57
C ASN L 13 22.85 -25.95 20.02
N PRO L 14 23.22 -24.92 20.80
CA PRO L 14 22.86 -23.52 20.48
C PRO L 14 23.31 -23.02 19.11
N THR L 15 24.21 -23.71 18.42
CA THR L 15 24.56 -23.31 17.05
C THR L 15 23.49 -23.71 16.03
N ILE L 16 22.56 -24.58 16.44
CA ILE L 16 21.50 -25.03 15.55
C ILE L 16 20.17 -24.36 15.91
N SER L 17 19.45 -23.86 14.91
CA SER L 17 18.11 -23.32 15.16
C SER L 17 17.03 -24.26 14.62
N LEU L 18 16.03 -24.49 15.47
CA LEU L 18 14.88 -25.31 15.12
C LEU L 18 13.81 -24.47 14.45
N SER L 19 13.23 -25.02 13.40
CA SER L 19 12.10 -24.41 12.70
C SER L 19 10.84 -25.14 13.11
N ALA L 20 9.80 -24.40 13.48
CA ALA L 20 8.56 -25.04 13.89
C ALA L 20 7.33 -24.22 13.51
N VAL L 21 6.17 -24.86 13.62
CA VAL L 21 4.89 -24.16 13.50
C VAL L 21 4.08 -24.48 14.74
N ILE L 22 3.63 -23.43 15.43
CA ILE L 22 2.79 -23.57 16.61
C ILE L 22 1.32 -23.33 16.26
N TYR L 23 0.48 -24.32 16.52
CA TYR L 23 -0.94 -24.23 16.24
C TYR L 23 -1.71 -23.88 17.51
N PHE L 24 -2.68 -22.97 17.35
CA PHE L 24 -3.44 -22.40 18.46
C PHE L 24 -4.88 -22.90 18.52
N PRO L 25 -5.37 -23.21 19.74
CA PRO L 25 -6.72 -23.76 19.88
C PRO L 25 -7.79 -22.70 19.56
N PRO L 26 -9.03 -23.14 19.30
CA PRO L 26 -10.14 -22.19 19.11
C PRO L 26 -10.36 -21.33 20.36
N LYS L 27 -10.72 -20.06 20.14
CA LYS L 27 -10.92 -19.11 21.22
C LYS L 27 -9.68 -19.01 22.10
N PHE L 28 -8.52 -19.17 21.48
CA PHE L 28 -7.24 -19.12 22.16
C PHE L 28 -7.08 -17.82 22.94
N ASP L 29 -6.75 -17.95 24.21
CA ASP L 29 -6.60 -16.80 25.10
C ASP L 29 -5.20 -16.79 25.73
N GLU L 30 -4.35 -15.89 25.24
CA GLU L 30 -2.94 -15.82 25.67
C GLU L 30 -2.75 -15.61 27.17
N THR L 31 -3.85 -15.37 27.90
CA THR L 31 -3.79 -15.17 29.33
C THR L 31 -4.17 -16.46 30.06
N ARG L 32 -4.63 -17.45 29.31
CA ARG L 32 -4.88 -18.77 29.85
C ARG L 32 -3.58 -19.58 29.86
N GLN L 33 -3.68 -20.83 30.31
CA GLN L 33 -2.55 -21.74 30.31
C GLN L 33 -2.96 -23.11 29.80
N TYR L 34 -2.49 -23.45 28.60
CA TYR L 34 -3.02 -24.60 27.88
C TYR L 34 -2.22 -25.88 28.04
N GLN L 35 -2.91 -27.00 27.83
CA GLN L 35 -2.26 -28.28 27.62
C GLN L 35 -1.50 -28.16 26.30
N ALA L 36 -0.27 -28.68 26.28
CA ALA L 36 0.54 -28.61 25.07
C ALA L 36 0.96 -30.00 24.60
N ILE L 37 1.00 -30.18 23.29
CA ILE L 37 1.48 -31.44 22.72
C ILE L 37 2.60 -31.18 21.71
N VAL L 38 3.71 -31.90 21.87
CA VAL L 38 4.81 -31.84 20.91
C VAL L 38 4.67 -32.94 19.87
N LEU L 39 4.75 -32.56 18.59
CA LEU L 39 4.57 -33.49 17.49
C LEU L 39 5.90 -33.75 16.78
N SER L 40 6.32 -35.02 16.73
CA SER L 40 7.55 -35.36 16.02
C SER L 40 7.20 -36.05 14.72
N HIS L 41 7.90 -35.67 13.66
CA HIS L 41 7.62 -36.16 12.32
C HIS L 41 8.31 -37.51 12.07
N PRO L 42 7.84 -38.24 11.04
CA PRO L 42 8.44 -39.48 10.53
C PRO L 42 9.91 -39.35 10.13
N GLY L 43 10.55 -40.49 9.89
CA GLY L 43 11.92 -40.51 9.39
C GLY L 43 12.01 -40.04 7.97
N GLY L 44 12.68 -38.90 7.76
CA GLY L 44 12.77 -38.30 6.43
C GLY L 44 11.63 -37.35 6.19
N GLY L 45 10.69 -37.34 7.12
CA GLY L 45 9.52 -36.47 7.04
C GLY L 45 9.78 -35.10 7.65
N VAL L 46 8.82 -34.20 7.50
CA VAL L 46 8.99 -32.80 7.88
C VAL L 46 7.68 -32.24 8.45
N LYS L 47 7.73 -31.10 9.16
CA LYS L 47 6.56 -30.54 9.84
C LYS L 47 5.38 -30.18 8.90
N GLU L 48 5.67 -29.82 7.64
CA GLU L 48 4.59 -29.49 6.71
C GLU L 48 3.76 -30.70 6.30
N GLN L 49 4.28 -31.90 6.53
CA GLN L 49 3.59 -33.13 6.15
C GLN L 49 2.70 -33.61 7.30
N THR L 50 2.46 -34.92 7.36
CA THR L 50 1.50 -35.49 8.32
C THR L 50 1.60 -34.99 9.78
N ALA L 51 2.81 -34.62 10.22
CA ALA L 51 3.03 -34.12 11.57
C ALA L 51 2.23 -32.83 11.76
N GLY L 52 2.27 -31.96 10.77
CA GLY L 52 1.52 -30.71 10.80
C GLY L 52 0.02 -30.96 10.77
N THR L 53 -0.38 -32.00 10.05
CA THR L 53 -1.79 -32.37 9.98
C THR L 53 -2.27 -32.72 11.38
N TYR L 54 -1.57 -33.66 12.02
CA TYR L 54 -1.93 -34.04 13.38
C TYR L 54 -1.87 -32.88 14.36
N ALA L 55 -0.86 -32.01 14.22
CA ALA L 55 -0.73 -30.88 15.13
C ALA L 55 -1.93 -29.92 14.99
N LYS L 56 -2.33 -29.66 13.76
CA LYS L 56 -3.46 -28.77 13.47
C LYS L 56 -4.75 -29.37 14.00
N LYS L 57 -5.05 -30.59 13.55
CA LYS L 57 -6.23 -31.34 13.98
C LYS L 57 -6.33 -31.41 15.50
N LEU L 58 -5.19 -31.59 16.17
CA LEU L 58 -5.21 -31.67 17.63
C LEU L 58 -5.42 -30.30 18.25
N ALA L 59 -4.89 -29.26 17.59
CA ALA L 59 -5.09 -27.89 18.09
C ALA L 59 -6.57 -27.54 18.06
N GLU L 60 -7.26 -28.03 17.04
CA GLU L 60 -8.72 -27.84 16.93
C GLU L 60 -9.46 -28.29 18.20
N LYS L 61 -8.88 -29.24 18.92
CA LYS L 61 -9.54 -29.81 20.11
C LYS L 61 -9.14 -29.16 21.42
N GLY L 62 -8.54 -27.96 21.36
CA GLY L 62 -8.26 -27.22 22.57
C GLY L 62 -6.82 -27.21 23.08
N PHE L 63 -5.91 -27.85 22.34
CA PHE L 63 -4.50 -27.84 22.75
C PHE L 63 -3.68 -26.80 21.99
N VAL L 64 -2.64 -26.29 22.63
CA VAL L 64 -1.55 -25.62 21.91
C VAL L 64 -0.65 -26.74 21.41
N THR L 65 -0.33 -26.72 20.13
CA THR L 65 0.52 -27.79 19.60
C THR L 65 1.68 -27.18 18.86
N ILE L 66 2.72 -27.99 18.63
CA ILE L 66 3.88 -27.53 17.90
C ILE L 66 4.48 -28.68 17.09
N ALA L 67 4.63 -28.44 15.78
CA ALA L 67 5.29 -29.40 14.92
C ALA L 67 6.61 -28.81 14.48
N TYR L 68 7.69 -29.56 14.65
CA TYR L 68 9.03 -29.04 14.40
C TYR L 68 9.79 -29.85 13.35
N ASP L 69 10.76 -29.21 12.69
CA ASP L 69 11.71 -29.92 11.86
C ASP L 69 12.88 -30.33 12.76
N ALA L 70 13.22 -31.62 12.76
CA ALA L 70 14.34 -32.13 13.55
C ALA L 70 15.65 -31.44 13.14
N SER L 71 16.61 -31.36 14.05
CA SER L 71 17.95 -30.83 13.74
C SER L 71 18.48 -31.47 12.46
N TYR L 72 19.23 -30.69 11.68
CA TYR L 72 19.83 -31.15 10.43
C TYR L 72 18.81 -31.46 9.34
N GLN L 73 17.53 -31.26 9.63
CA GLN L 73 16.48 -31.59 8.65
C GLN L 73 15.50 -30.42 8.45
N GLY L 74 14.72 -30.49 7.36
CA GLY L 74 13.74 -29.46 7.05
C GLY L 74 14.33 -28.06 6.95
N GLU L 75 13.68 -27.11 7.63
CA GLU L 75 14.17 -25.74 7.65
C GLU L 75 15.03 -25.53 8.88
N SER L 76 15.14 -26.56 9.70
CA SER L 76 15.99 -26.47 10.87
C SER L 76 17.45 -26.46 10.44
N GLY L 77 18.30 -25.84 11.25
CA GLY L 77 19.72 -25.70 10.93
C GLY L 77 20.54 -26.93 11.22
N GLY L 78 21.85 -26.85 10.95
CA GLY L 78 22.75 -27.97 11.21
C GLY L 78 23.33 -28.63 9.98
N GLU L 79 24.61 -28.98 10.07
CA GLU L 79 25.32 -29.69 9.02
C GLU L 79 26.00 -30.89 9.65
N PRO L 80 26.04 -32.03 8.94
CA PRO L 80 25.58 -32.25 7.57
C PRO L 80 24.07 -32.44 7.47
N ARG L 81 23.49 -31.98 6.37
CA ARG L 81 22.04 -32.11 6.18
C ARG L 81 21.65 -33.58 6.17
N GLN L 82 20.44 -33.87 6.68
CA GLN L 82 19.87 -35.22 6.68
C GLN L 82 20.56 -36.20 7.63
N LEU L 83 21.29 -35.64 8.60
CA LEU L 83 21.86 -36.48 9.66
C LEU L 83 20.73 -37.13 10.43
N GLU L 84 20.77 -38.45 10.55
CA GLU L 84 19.80 -39.16 11.37
C GLU L 84 20.51 -39.77 12.60
N ASN L 85 20.92 -38.90 13.52
CA ASN L 85 21.44 -39.37 14.81
C ASN L 85 20.28 -39.55 15.79
N PRO L 86 19.94 -40.82 16.11
CA PRO L 86 18.75 -41.13 16.93
C PRO L 86 18.75 -40.47 18.31
N TYR L 87 19.94 -40.26 18.87
CA TYR L 87 20.06 -39.63 20.18
C TYR L 87 19.76 -38.13 20.09
N ILE L 88 20.12 -37.55 18.96
CA ILE L 88 19.84 -36.15 18.67
C ILE L 88 18.35 -35.99 18.32
N ARG L 89 17.82 -36.90 17.51
CA ARG L 89 16.38 -36.90 17.20
C ARG L 89 15.59 -36.97 18.48
N THR L 90 16.07 -37.77 19.43
CA THR L 90 15.39 -37.89 20.71
C THR L 90 15.51 -36.61 21.54
N GLU L 91 16.71 -36.07 21.66
CA GLU L 91 16.91 -34.86 22.49
C GLU L 91 16.20 -33.60 21.95
N ASP L 92 16.02 -33.58 20.63
CA ASP L 92 15.34 -32.49 19.94
C ASP L 92 14.00 -32.21 20.60
N ILE L 93 13.29 -33.28 20.95
CA ILE L 93 12.00 -33.16 21.62
C ILE L 93 12.15 -32.35 22.89
N SER L 94 13.20 -32.63 23.66
CA SER L 94 13.48 -31.87 24.88
C SER L 94 13.82 -30.41 24.59
N ALA L 95 14.42 -30.15 23.42
CA ALA L 95 14.69 -28.77 23.04
C ALA L 95 13.36 -28.04 22.73
N VAL L 96 12.46 -28.73 22.05
CA VAL L 96 11.15 -28.16 21.73
C VAL L 96 10.41 -27.86 23.02
N ILE L 97 10.41 -28.81 23.94
CA ILE L 97 9.78 -28.62 25.25
C ILE L 97 10.39 -27.44 25.98
N ASP L 98 11.71 -27.32 25.91
CA ASP L 98 12.38 -26.15 26.47
C ASP L 98 11.74 -24.89 25.91
N TYR L 99 11.64 -24.82 24.58
CA TYR L 99 10.99 -23.67 23.95
C TYR L 99 9.57 -23.44 24.51
N LEU L 100 8.79 -24.51 24.66
CA LEU L 100 7.42 -24.38 25.16
C LEU L 100 7.38 -23.77 26.55
N THR L 101 8.36 -24.12 27.38
CA THR L 101 8.37 -23.61 28.74
C THR L 101 8.55 -22.09 28.80
N THR L 102 9.02 -21.51 27.70
CA THR L 102 9.18 -20.06 27.60
C THR L 102 7.88 -19.34 27.20
N LEU L 103 6.92 -20.09 26.69
CA LEU L 103 5.65 -19.53 26.27
C LEU L 103 4.65 -19.53 27.41
N SER L 104 4.31 -18.34 27.92
CA SER L 104 3.45 -18.21 29.10
C SER L 104 2.05 -18.82 28.97
N TYR L 105 1.64 -19.17 27.76
CA TYR L 105 0.34 -19.80 27.54
C TYR L 105 0.34 -21.33 27.62
N VAL L 106 1.51 -21.93 27.77
CA VAL L 106 1.57 -23.37 28.01
C VAL L 106 1.80 -23.67 29.48
N ASP L 107 1.08 -24.66 29.99
CA ASP L 107 1.31 -25.11 31.36
C ASP L 107 2.47 -26.08 31.29
N ASN L 108 3.54 -25.78 32.03
CA ASN L 108 4.71 -26.66 32.00
C ASN L 108 4.35 -28.05 32.49
N THR L 109 3.31 -28.14 33.31
CA THR L 109 2.91 -29.39 33.94
C THR L 109 1.91 -30.19 33.10
N ARG L 110 1.56 -29.67 31.93
CA ARG L 110 0.56 -30.31 31.09
C ARG L 110 1.04 -30.50 29.65
N ILE L 111 2.29 -30.95 29.52
CA ILE L 111 2.88 -31.21 28.21
C ILE L 111 2.91 -32.69 27.91
N GLY L 112 2.50 -33.04 26.74
CA GLY L 112 2.52 -34.38 26.24
C GLY L 112 3.21 -34.36 24.92
N ALA L 113 3.37 -35.51 24.32
CA ALA L 113 4.03 -35.61 23.06
C ALA L 113 3.54 -36.75 22.23
N MET L 114 3.58 -36.62 20.92
CA MET L 114 3.20 -37.70 20.05
C MET L 114 4.04 -37.70 18.81
N GLY L 115 4.18 -38.86 18.18
CA GLY L 115 4.93 -38.93 16.95
C GLY L 115 4.29 -39.89 15.96
N ILE L 116 4.71 -39.76 14.71
CA ILE L 116 4.32 -40.67 13.66
C ILE L 116 5.60 -41.32 13.15
N CYS L 117 5.54 -42.61 12.84
CA CYS L 117 6.68 -43.33 12.29
C CYS L 117 7.87 -43.24 13.26
N ALA L 118 9.05 -42.88 12.76
CA ALA L 118 10.25 -42.74 13.59
C ALA L 118 10.01 -41.81 14.77
N GLY L 119 9.29 -40.72 14.51
CA GLY L 119 8.97 -39.74 15.54
C GLY L 119 8.29 -40.36 16.74
N ALA L 120 7.59 -41.47 16.53
CA ALA L 120 6.91 -42.15 17.63
C ALA L 120 7.95 -42.81 18.51
N GLY L 121 8.86 -43.52 17.87
CA GLY L 121 9.95 -44.18 18.56
C GLY L 121 10.69 -43.14 19.37
N TYR L 122 11.13 -42.08 18.69
CA TYR L 122 11.80 -40.98 19.36
C TYR L 122 10.95 -40.49 20.51
N THR L 123 9.64 -40.36 20.27
CA THR L 123 8.74 -39.88 21.30
C THR L 123 8.81 -40.77 22.54
N ALA L 124 8.75 -42.08 22.32
CA ALA L 124 8.85 -43.01 23.44
C ALA L 124 10.18 -42.78 24.14
N ASN L 125 11.25 -42.69 23.35
CA ASN L 125 12.57 -42.54 23.96
C ASN L 125 12.56 -41.27 24.79
N ALA L 126 11.95 -40.21 24.23
CA ALA L 126 11.98 -38.92 24.93
C ALA L 126 11.27 -39.07 26.27
N ALA L 127 10.15 -39.81 26.25
CA ALA L 127 9.37 -39.97 27.46
C ALA L 127 10.19 -40.68 28.50
N ILE L 128 11.01 -41.62 28.06
CA ILE L 128 11.83 -42.36 29.00
C ILE L 128 12.77 -41.41 29.72
N GLN L 129 13.33 -40.43 29.01
CA GLN L 129 14.41 -39.63 29.62
C GLN L 129 13.96 -38.23 30.06
N ASP L 130 12.89 -37.74 29.46
CA ASP L 130 12.41 -36.40 29.78
C ASP L 130 11.11 -36.51 30.57
N ARG L 131 11.20 -36.33 31.89
CA ARG L 131 10.04 -36.55 32.75
C ARG L 131 9.02 -35.43 32.67
N ARG L 132 9.32 -34.40 31.90
CA ARG L 132 8.35 -33.32 31.70
C ARG L 132 7.28 -33.76 30.71
N ILE L 133 7.55 -34.85 29.99
CA ILE L 133 6.54 -35.43 29.13
C ILE L 133 5.58 -36.17 30.05
N LYS L 134 4.31 -35.78 30.01
CA LYS L 134 3.33 -36.29 30.96
C LYS L 134 2.56 -37.49 30.43
N ALA L 135 2.44 -37.56 29.10
CA ALA L 135 1.77 -38.66 28.43
C ALA L 135 2.21 -38.67 26.98
N ILE L 136 2.16 -39.83 26.35
CA ILE L 136 2.48 -39.88 24.93
C ILE L 136 1.44 -40.62 24.09
N GLY L 137 1.46 -40.35 22.79
CA GLY L 137 0.69 -41.10 21.83
C GLY L 137 1.53 -41.43 20.60
N THR L 138 1.20 -42.50 19.91
CA THR L 138 1.98 -42.90 18.74
C THR L 138 1.06 -43.28 17.59
N VAL L 139 1.48 -42.98 16.36
CA VAL L 139 0.72 -43.36 15.17
C VAL L 139 1.66 -44.04 14.18
N SER L 140 1.36 -45.28 13.82
CA SER L 140 2.24 -46.08 12.96
C SER L 140 3.65 -46.03 13.53
N ALA L 141 3.78 -46.41 14.79
CA ALA L 141 5.03 -46.26 15.52
C ALA L 141 6.17 -47.01 14.85
N VAL L 142 7.31 -46.33 14.71
CA VAL L 142 8.54 -46.99 14.27
C VAL L 142 9.65 -46.81 15.32
N ASN L 143 10.29 -47.93 15.68
CA ASN L 143 11.53 -47.91 16.45
C ASN L 143 12.61 -48.03 15.39
N ILE L 144 13.19 -46.91 14.98
CA ILE L 144 14.09 -46.90 13.81
C ILE L 144 15.23 -47.94 13.93
N GLY L 145 15.66 -48.18 15.17
CA GLY L 145 16.68 -49.17 15.44
C GLY L 145 16.18 -50.52 15.02
N SER L 146 14.95 -50.83 15.44
CA SER L 146 14.29 -52.06 15.04
C SER L 146 14.17 -52.23 13.52
N ILE L 147 13.65 -51.23 12.79
CA ILE L 147 13.51 -51.40 11.34
C ILE L 147 14.86 -51.68 10.73
N PHE L 148 15.83 -50.81 11.00
CA PHE L 148 17.10 -50.97 10.31
C PHE L 148 17.88 -52.24 10.70
N ARG L 149 17.79 -52.65 11.95
CA ARG L 149 18.59 -53.79 12.43
C ARG L 149 17.95 -55.13 12.15
N ASN L 150 16.64 -55.20 12.37
CA ASN L 150 15.91 -56.46 12.30
C ASN L 150 15.02 -56.53 11.05
N GLY L 151 15.05 -55.48 10.23
CA GLY L 151 14.32 -55.48 8.99
C GLY L 151 12.86 -55.05 9.16
N TRP L 152 12.29 -54.49 8.10
CA TRP L 152 10.89 -54.03 8.09
C TRP L 152 9.90 -55.11 8.56
N GLU L 153 10.24 -56.37 8.29
CA GLU L 153 9.39 -57.49 8.68
C GLU L 153 9.86 -58.15 9.97
N ASN L 154 10.81 -57.52 10.67
CA ASN L 154 11.43 -58.11 11.86
C ASN L 154 11.90 -59.53 11.58
N ASN L 155 12.63 -59.72 10.48
CA ASN L 155 13.06 -61.05 10.08
C ASN L 155 14.58 -61.23 10.03
N VAL L 156 15.33 -60.15 10.26
CA VAL L 156 16.79 -60.26 10.31
C VAL L 156 17.29 -60.34 11.76
N LYS L 157 18.11 -61.35 12.03
CA LYS L 157 18.67 -61.53 13.36
C LYS L 157 19.67 -60.39 13.61
N SER L 158 19.63 -59.81 14.80
CA SER L 158 20.46 -58.66 15.14
C SER L 158 21.94 -58.79 14.75
N ILE L 159 22.56 -59.92 15.07
CA ILE L 159 23.98 -60.12 14.77
C ILE L 159 24.27 -60.05 13.26
N ASP L 160 23.30 -60.51 12.46
CA ASP L 160 23.42 -60.50 11.00
C ASP L 160 23.35 -59.08 10.44
N ALA L 161 22.93 -58.14 11.26
CA ALA L 161 22.93 -56.75 10.84
C ALA L 161 24.33 -56.14 11.00
N LEU L 162 25.27 -56.90 11.57
CA LEU L 162 26.62 -56.33 11.77
C LEU L 162 27.25 -55.64 10.54
N PRO L 163 27.12 -56.25 9.33
CA PRO L 163 27.70 -55.52 8.18
C PRO L 163 27.08 -54.15 7.92
N TYR L 164 25.89 -53.88 8.45
CA TYR L 164 25.33 -52.54 8.33
C TYR L 164 26.02 -51.58 9.31
N VAL L 165 26.40 -52.09 10.48
CA VAL L 165 27.22 -51.30 11.40
C VAL L 165 28.54 -50.97 10.71
N GLU L 166 29.17 -51.97 10.10
CA GLU L 166 30.44 -51.79 9.41
C GLU L 166 30.31 -50.75 8.29
N ALA L 167 29.19 -50.77 7.58
CA ALA L 167 28.96 -49.81 6.50
C ALA L 167 28.86 -48.38 7.04
N GLY L 168 28.15 -48.22 8.15
CA GLY L 168 28.05 -46.92 8.79
C GLY L 168 29.41 -46.43 9.28
N SER L 169 30.21 -47.36 9.79
CA SER L 169 31.54 -47.01 10.29
C SER L 169 32.44 -46.56 9.13
N ASN L 170 32.47 -47.35 8.07
CA ASN L 170 33.34 -47.02 6.93
C ASN L 170 32.89 -45.75 6.20
N ALA L 171 31.61 -45.42 6.32
CA ALA L 171 31.09 -44.20 5.72
C ALA L 171 31.78 -42.99 6.34
N ARG L 172 32.08 -43.09 7.63
CA ARG L 172 32.79 -42.02 8.32
C ARG L 172 34.21 -41.83 7.76
N THR L 173 34.88 -42.93 7.42
CA THR L 173 36.20 -42.86 6.79
C THR L 173 36.10 -42.20 5.40
N SER L 174 35.06 -42.55 4.66
CA SER L 174 34.94 -42.05 3.29
C SER L 174 34.47 -40.61 3.28
N ASP L 175 33.55 -40.27 4.18
CA ASP L 175 33.12 -38.88 4.33
C ASP L 175 34.30 -37.92 4.56
N ILE L 176 35.17 -38.23 5.52
CA ILE L 176 36.25 -37.31 5.90
C ILE L 176 37.27 -37.10 4.77
N SER L 177 37.62 -38.16 4.05
CA SER L 177 38.59 -38.04 2.97
C SER L 177 37.99 -37.33 1.75
N SER L 178 36.69 -37.53 1.51
CA SER L 178 36.08 -36.98 0.30
C SER L 178 35.57 -35.57 0.52
N GLY L 179 35.13 -35.27 1.73
CA GLY L 179 34.54 -33.98 2.02
C GLY L 179 33.05 -33.97 1.73
N GLU L 180 32.56 -35.07 1.18
CA GLU L 180 31.12 -35.25 0.93
C GLU L 180 30.52 -36.28 1.88
N TYR L 181 29.20 -36.32 1.93
CA TYR L 181 28.51 -37.23 2.83
C TYR L 181 27.74 -38.32 2.10
N ALA L 182 28.21 -39.55 2.21
CA ALA L 182 27.47 -40.70 1.70
C ALA L 182 26.05 -40.74 2.26
N ILE L 183 25.11 -41.24 1.45
CA ILE L 183 23.71 -41.26 1.86
C ILE L 183 23.06 -42.64 1.72
N MET L 184 21.87 -42.77 2.30
CA MET L 184 21.10 -44.00 2.22
C MET L 184 19.64 -43.59 2.23
N PRO L 185 18.78 -44.41 1.61
CA PRO L 185 17.35 -44.07 1.60
C PRO L 185 16.62 -44.34 2.91
N LEU L 186 15.60 -43.53 3.19
CA LEU L 186 14.68 -43.84 4.27
C LEU L 186 13.48 -44.55 3.66
N ALA L 187 12.49 -43.79 3.22
CA ALA L 187 11.52 -44.34 2.28
C ALA L 187 12.27 -44.49 0.98
N PRO L 188 11.84 -45.41 0.10
CA PRO L 188 12.52 -45.57 -1.19
C PRO L 188 12.63 -44.27 -1.99
N MET L 189 13.74 -44.09 -2.71
CA MET L 189 13.94 -42.87 -3.49
C MET L 189 13.38 -43.03 -4.90
N LYS L 190 13.26 -44.29 -5.32
CA LYS L 190 12.58 -44.66 -6.56
C LYS L 190 11.36 -45.51 -6.21
N GLU L 191 10.29 -45.34 -6.97
CA GLU L 191 9.12 -46.19 -6.87
C GLU L 191 9.50 -47.63 -7.20
N SER L 192 10.42 -47.77 -8.15
CA SER L 192 10.88 -49.07 -8.63
C SER L 192 11.55 -49.88 -7.51
N ASP L 193 12.01 -49.19 -6.47
CA ASP L 193 12.86 -49.79 -5.44
C ASP L 193 12.11 -50.34 -4.23
N ALA L 194 10.80 -50.14 -4.16
CA ALA L 194 10.01 -50.65 -3.03
C ALA L 194 9.87 -52.18 -3.08
N PRO L 195 9.96 -52.82 -1.89
CA PRO L 195 9.70 -54.26 -1.74
C PRO L 195 8.20 -54.55 -1.62
N ASN L 196 7.43 -53.61 -1.06
CA ASN L 196 5.99 -53.81 -0.92
C ASN L 196 5.12 -52.56 -1.11
N GLU L 197 3.81 -52.76 -1.05
CA GLU L 197 2.85 -51.70 -1.34
C GLU L 197 2.82 -50.61 -0.27
N GLU L 198 2.99 -51.00 0.99
CA GLU L 198 3.03 -50.04 2.07
C GLU L 198 4.22 -49.09 1.82
N LEU L 199 5.34 -49.69 1.43
CA LEU L 199 6.56 -48.94 1.16
C LEU L 199 6.51 -48.18 -0.16
N ARG L 200 5.77 -48.72 -1.13
CA ARG L 200 5.60 -48.03 -2.40
C ARG L 200 4.77 -46.77 -2.13
N GLN L 201 3.82 -46.91 -1.21
CA GLN L 201 3.00 -45.79 -0.74
C GLN L 201 3.85 -44.80 0.05
N ALA L 202 4.84 -45.31 0.78
CA ALA L 202 5.79 -44.42 1.46
C ALA L 202 6.56 -43.58 0.41
N TRP L 203 7.11 -44.27 -0.58
CA TRP L 203 7.78 -43.60 -1.70
C TRP L 203 6.89 -42.52 -2.28
N GLU L 204 5.64 -42.88 -2.52
CA GLU L 204 4.71 -41.99 -3.18
C GLU L 204 4.42 -40.79 -2.30
N TYR L 205 4.39 -41.05 -0.99
CA TYR L 205 4.14 -39.99 -0.04
C TYR L 205 5.24 -38.97 -0.15
N TYR L 206 6.49 -39.46 -0.18
CA TYR L 206 7.63 -38.53 -0.18
C TYR L 206 8.08 -37.98 -1.53
N HIS L 207 7.60 -38.53 -2.64
CA HIS L 207 8.17 -38.21 -3.94
C HIS L 207 7.20 -37.78 -5.06
N THR L 208 5.92 -37.63 -4.73
CA THR L 208 4.92 -37.15 -5.70
C THR L 208 4.08 -36.10 -4.99
N PRO L 209 3.22 -35.35 -5.74
CA PRO L 209 2.48 -34.29 -5.05
C PRO L 209 1.46 -34.78 -4.02
N ARG L 210 1.45 -36.08 -3.71
CA ARG L 210 0.65 -36.57 -2.60
C ARG L 210 0.99 -35.73 -1.37
N ALA L 211 2.27 -35.68 -1.02
CA ALA L 211 2.76 -34.85 0.07
C ALA L 211 4.24 -34.50 -0.02
N GLN L 212 4.78 -34.48 -1.23
CA GLN L 212 6.20 -34.20 -1.38
C GLN L 212 6.53 -32.76 -0.99
N TYR L 213 7.65 -32.58 -0.31
CA TYR L 213 8.07 -31.26 0.11
C TYR L 213 9.55 -31.06 -0.19
N PRO L 214 9.93 -29.84 -0.60
CA PRO L 214 11.33 -29.57 -0.98
C PRO L 214 12.36 -29.66 0.17
N THR L 215 11.93 -29.55 1.42
CA THR L 215 12.87 -29.68 2.54
C THR L 215 12.90 -31.12 3.06
N ALA L 216 12.44 -32.05 2.23
CA ALA L 216 12.29 -33.45 2.63
C ALA L 216 12.74 -34.41 1.54
N PRO L 217 14.06 -34.48 1.29
CA PRO L 217 14.59 -35.28 0.19
C PRO L 217 14.46 -36.79 0.40
N GLY L 218 14.14 -37.22 1.62
CA GLY L 218 13.87 -38.62 1.88
C GLY L 218 15.07 -39.54 1.92
N TYR L 219 16.25 -38.97 2.17
CA TYR L 219 17.42 -39.80 2.47
C TYR L 219 18.10 -39.31 3.75
N ALA L 220 18.97 -40.15 4.30
CA ALA L 220 19.76 -39.80 5.48
C ALA L 220 21.25 -40.01 5.21
N THR L 221 22.09 -39.38 6.02
CA THR L 221 23.52 -39.61 5.89
C THR L 221 23.81 -41.05 6.30
N LEU L 222 24.55 -41.77 5.46
CA LEU L 222 24.90 -43.17 5.74
C LEU L 222 25.74 -43.31 7.00
N ARG L 223 26.44 -42.25 7.39
CA ARG L 223 27.31 -42.27 8.57
C ARG L 223 26.49 -42.52 9.84
N SER L 224 25.19 -42.26 9.76
CA SER L 224 24.31 -42.47 10.90
C SER L 224 23.95 -43.94 11.10
N LEU L 225 24.15 -44.73 10.05
CA LEU L 225 23.71 -46.13 10.07
C LEU L 225 24.22 -46.90 11.28
N ASN L 226 25.51 -46.77 11.59
CA ASN L 226 26.06 -47.51 12.72
C ASN L 226 25.36 -47.18 14.03
N GLN L 227 25.00 -45.93 14.24
CA GLN L 227 24.30 -45.62 15.48
C GLN L 227 22.89 -46.16 15.42
N ILE L 228 22.29 -46.15 14.23
CA ILE L 228 20.89 -46.58 14.13
C ILE L 228 20.77 -48.06 14.44
N ILE L 229 21.64 -48.88 13.87
CA ILE L 229 21.59 -50.32 14.10
C ILE L 229 21.73 -50.64 15.58
N THR L 230 22.52 -49.85 16.30
CA THR L 230 22.80 -50.14 17.71
C THR L 230 21.90 -49.33 18.65
N TYR L 231 20.79 -48.81 18.10
CA TYR L 231 19.81 -48.01 18.83
C TYR L 231 18.52 -48.80 19.12
N ASP L 232 17.89 -48.49 20.25
CA ASP L 232 16.61 -49.06 20.63
C ASP L 232 15.76 -47.92 21.20
N ALA L 233 14.76 -47.47 20.44
CA ALA L 233 13.94 -46.34 20.89
C ALA L 233 13.25 -46.59 22.23
N TYR L 234 13.09 -47.85 22.62
CA TYR L 234 12.36 -48.19 23.85
C TYR L 234 13.31 -48.65 24.94
N HIS L 235 14.59 -48.29 24.77
CA HIS L 235 15.63 -48.65 25.74
C HIS L 235 15.19 -48.32 27.15
N MET L 236 15.12 -49.36 28.00
CA MET L 236 14.71 -49.25 29.41
C MET L 236 13.24 -48.90 29.64
N ALA L 237 12.38 -49.07 28.63
CA ALA L 237 10.95 -48.80 28.81
C ALA L 237 10.35 -49.56 29.99
N GLU L 238 10.81 -50.78 30.22
CA GLU L 238 10.30 -51.59 31.34
C GLU L 238 10.50 -50.94 32.69
N VAL L 239 11.49 -50.04 32.79
CA VAL L 239 11.72 -49.36 34.06
C VAL L 239 11.10 -47.96 34.05
N TYR L 240 11.47 -47.14 33.08
CA TYR L 240 11.17 -45.71 33.12
C TYR L 240 9.96 -45.25 32.30
N LEU L 241 9.52 -46.04 31.33
CA LEU L 241 8.36 -45.62 30.56
C LEU L 241 7.10 -45.95 31.34
N THR L 242 6.68 -44.99 32.15
CA THR L 242 5.59 -45.20 33.09
C THR L 242 4.42 -44.30 32.78
N GLN L 243 4.60 -43.37 31.84
CA GLN L 243 3.56 -42.40 31.53
C GLN L 243 2.41 -43.03 30.75
N PRO L 244 1.19 -42.47 30.89
CA PRO L 244 0.08 -42.90 30.05
C PRO L 244 0.50 -42.90 28.59
N THR L 245 0.17 -43.99 27.90
CA THR L 245 0.64 -44.20 26.53
C THR L 245 -0.48 -44.69 25.61
N GLN L 246 -0.89 -43.85 24.66
CA GLN L 246 -1.89 -44.26 23.68
C GLN L 246 -1.23 -44.69 22.39
N ILE L 247 -1.30 -45.98 22.08
CA ILE L 247 -0.80 -46.48 20.82
C ILE L 247 -1.93 -46.59 19.80
N VAL L 248 -1.74 -46.00 18.62
CA VAL L 248 -2.70 -46.06 17.55
C VAL L 248 -2.02 -46.65 16.33
N ALA L 249 -2.50 -47.80 15.88
CA ALA L 249 -1.92 -48.46 14.72
C ALA L 249 -2.99 -48.97 13.75
N GLY L 250 -2.56 -49.37 12.56
CA GLY L 250 -3.44 -49.95 11.56
C GLY L 250 -3.42 -51.47 11.55
N SER L 251 -4.60 -52.07 11.48
CA SER L 251 -4.76 -53.52 11.47
C SER L 251 -3.88 -54.22 10.44
N GLN L 252 -3.72 -53.61 9.27
CA GLN L 252 -2.89 -54.21 8.24
C GLN L 252 -1.52 -53.53 8.09
N ALA L 253 -1.09 -52.82 9.13
CA ALA L 253 0.22 -52.17 9.11
C ALA L 253 1.35 -53.18 9.33
N GLY L 254 2.22 -53.31 8.33
CA GLY L 254 3.37 -54.20 8.42
C GLY L 254 4.38 -53.79 9.49
N SER L 255 4.14 -52.63 10.11
CA SER L 255 5.01 -52.09 11.14
C SER L 255 4.31 -52.17 12.50
N LYS L 256 3.14 -52.81 12.53
CA LYS L 256 2.37 -52.90 13.76
C LYS L 256 3.15 -53.56 14.90
N TRP L 257 4.03 -54.50 14.55
CA TRP L 257 4.84 -55.21 15.54
C TRP L 257 5.68 -54.31 16.46
N MET L 258 5.98 -53.10 15.99
CA MET L 258 6.74 -52.16 16.80
C MET L 258 5.84 -51.49 17.81
N SER L 259 4.59 -51.30 17.42
CA SER L 259 3.59 -50.78 18.32
C SER L 259 3.27 -51.86 19.36
N ASP L 260 3.36 -53.12 18.94
CA ASP L 260 3.16 -54.25 19.83
C ASP L 260 4.29 -54.31 20.86
N ASP L 261 5.52 -54.20 20.36
CA ASP L 261 6.71 -54.27 21.20
C ASP L 261 6.67 -53.13 22.22
N LEU L 262 6.32 -51.94 21.73
CA LEU L 262 6.13 -50.79 22.60
C LEU L 262 5.04 -51.03 23.67
N TYR L 263 3.92 -51.62 23.27
CA TYR L 263 2.85 -51.91 24.22
C TYR L 263 3.33 -52.88 25.30
N ASP L 264 4.00 -53.94 24.87
CA ASP L 264 4.50 -54.97 25.79
C ASP L 264 5.53 -54.45 26.77
N ARG L 265 6.43 -53.59 26.29
CA ARG L 265 7.59 -53.20 27.11
C ARG L 265 7.33 -52.07 28.09
N ALA L 266 6.34 -51.22 27.80
CA ALA L 266 6.04 -50.08 28.68
C ALA L 266 5.61 -50.49 30.08
N SER L 267 6.19 -49.87 31.09
CA SER L 267 5.83 -50.14 32.48
C SER L 267 4.46 -49.52 32.80
N SER L 268 4.03 -48.59 31.97
CA SER L 268 2.83 -47.79 32.21
C SER L 268 1.62 -48.58 32.69
N GLN L 269 1.02 -48.14 33.80
CA GLN L 269 -0.23 -48.73 34.28
C GLN L 269 -1.33 -48.43 33.26
N ASP L 270 -1.25 -47.24 32.68
CA ASP L 270 -2.25 -46.77 31.73
C ASP L 270 -1.71 -46.81 30.32
N LYS L 271 -1.57 -48.01 29.76
CA LYS L 271 -1.26 -48.13 28.35
C LYS L 271 -2.47 -48.59 27.56
N ARG L 272 -2.68 -47.95 26.42
CA ARG L 272 -3.85 -48.18 25.60
C ARG L 272 -3.40 -48.45 24.17
N TYR L 273 -4.26 -49.13 23.42
CA TYR L 273 -3.90 -49.59 22.10
C TYR L 273 -5.15 -49.57 21.23
N HIS L 274 -5.18 -48.67 20.26
CA HIS L 274 -6.30 -48.59 19.34
C HIS L 274 -5.89 -49.03 17.95
N ILE L 275 -6.56 -50.06 17.46
CA ILE L 275 -6.38 -50.51 16.08
C ILE L 275 -7.32 -49.74 15.16
N VAL L 276 -6.79 -49.28 14.04
CA VAL L 276 -7.62 -48.62 13.03
C VAL L 276 -7.82 -49.60 11.89
N GLU L 277 -9.00 -50.24 11.87
CA GLU L 277 -9.32 -51.28 10.89
C GLU L 277 -9.26 -50.77 9.46
N GLY L 278 -8.60 -51.54 8.59
CA GLY L 278 -8.55 -51.21 7.17
C GLY L 278 -7.44 -50.23 6.80
N ALA L 279 -6.88 -49.56 7.79
CA ALA L 279 -5.80 -48.61 7.53
C ALA L 279 -4.45 -49.31 7.64
N ASN L 280 -3.55 -49.02 6.72
CA ASN L 280 -2.18 -49.51 6.80
C ASN L 280 -1.28 -48.51 7.52
N HIS L 281 0.03 -48.67 7.35
CA HIS L 281 1.01 -47.75 7.92
C HIS L 281 0.89 -46.35 7.32
N MET L 282 0.85 -46.27 6.00
CA MET L 282 0.77 -44.99 5.31
C MET L 282 -0.61 -44.34 5.38
N ASP L 283 -1.65 -45.15 5.54
CA ASP L 283 -3.01 -44.63 5.58
C ASP L 283 -3.21 -43.65 6.72
N LEU L 284 -2.43 -43.81 7.78
CA LEU L 284 -2.59 -42.96 8.95
C LEU L 284 -1.90 -41.62 8.76
N TYR L 285 -1.18 -41.48 7.65
CA TYR L 285 -0.51 -40.22 7.34
C TYR L 285 -1.51 -39.15 6.93
N ASP L 286 -2.36 -39.45 5.95
CA ASP L 286 -3.23 -38.44 5.36
C ASP L 286 -4.61 -38.95 4.91
N GLY L 287 -4.88 -40.24 5.13
CA GLY L 287 -6.21 -40.77 4.91
C GLY L 287 -7.17 -40.05 5.84
N LYS L 288 -8.03 -39.21 5.26
CA LYS L 288 -8.82 -38.25 6.04
C LYS L 288 -9.65 -38.87 7.15
N ALA L 289 -10.35 -39.96 6.86
CA ALA L 289 -11.19 -40.61 7.87
C ALA L 289 -10.34 -41.36 8.89
N TYR L 290 -9.21 -41.87 8.42
CA TYR L 290 -8.26 -42.58 9.28
C TYR L 290 -7.61 -41.63 10.28
N VAL L 291 -7.12 -40.50 9.77
CA VAL L 291 -6.63 -39.42 10.61
C VAL L 291 -7.73 -38.99 11.58
N ALA L 292 -8.94 -38.79 11.04
CA ALA L 292 -10.09 -38.39 11.86
C ALA L 292 -10.33 -39.33 13.04
N GLU L 293 -10.21 -40.64 12.78
CA GLU L 293 -10.38 -41.65 13.83
C GLU L 293 -9.24 -41.56 14.86
N ALA L 294 -8.02 -41.61 14.34
CA ALA L 294 -6.81 -41.51 15.15
C ALA L 294 -6.95 -40.35 16.14
N ILE L 295 -7.31 -39.19 15.63
CA ILE L 295 -7.55 -38.00 16.45
C ILE L 295 -8.71 -38.22 17.43
N SER L 296 -9.75 -38.92 16.97
CA SER L 296 -10.92 -39.19 17.83
C SER L 296 -10.54 -40.06 19.02
N VAL L 297 -9.38 -40.72 18.93
CA VAL L 297 -8.86 -41.45 20.09
C VAL L 297 -7.82 -40.64 20.89
N LEU L 298 -6.87 -40.05 20.17
CA LEU L 298 -5.77 -39.30 20.78
C LEU L 298 -6.24 -38.11 21.60
N ALA L 299 -7.18 -37.34 21.05
CA ALA L 299 -7.66 -36.14 21.73
C ALA L 299 -8.32 -36.40 23.09
N PRO L 300 -9.29 -37.35 23.16
CA PRO L 300 -9.81 -37.70 24.49
C PRO L 300 -8.69 -38.16 25.44
N PHE L 301 -7.74 -38.92 24.92
CA PHE L 301 -6.65 -39.44 25.73
C PHE L 301 -5.80 -38.33 26.37
N PHE L 302 -5.31 -37.41 25.55
CA PHE L 302 -4.53 -36.28 26.05
C PHE L 302 -5.37 -35.36 26.92
N GLU L 303 -6.65 -35.24 26.56
CA GLU L 303 -7.58 -34.47 27.36
C GLU L 303 -7.68 -35.06 28.77
N GLU L 304 -7.58 -36.38 28.83
CA GLU L 304 -7.69 -37.14 30.06
C GLU L 304 -6.38 -37.13 30.87
N THR L 305 -5.25 -37.05 30.17
CA THR L 305 -3.95 -37.26 30.80
C THR L 305 -3.09 -36.00 30.96
N LEU L 306 -3.42 -34.95 30.22
CA LEU L 306 -2.73 -33.67 30.36
C LEU L 306 -3.58 -32.68 31.14
#